data_7WTE
#
_entry.id   7WTE
#
_cell.length_a   1.00
_cell.length_b   1.00
_cell.length_c   1.00
_cell.angle_alpha   90.00
_cell.angle_beta   90.00
_cell.angle_gamma   90.00
#
_symmetry.space_group_name_H-M   'P 1'
#
loop_
_entity.id
_entity.type
_entity.pdbx_description
1 polymer 'Pyruvate carboxylase, mitochondrial'
2 non-polymer "ADENOSINE-5'-TRIPHOSPHATE"
3 non-polymer 'ACETYL COENZYME *A'
#
_entity_poly.entity_id   1
_entity_poly.type   'polypeptide(L)'
_entity_poly.pdbx_seq_one_letter_code
;MLKFRTVHGGLRLLGIRRTSTAPAASPNVRRLEYKPIKKVMVANRGEIAIRVFRACTELGIRTVAIYSEQDTGQMHRQKA
DEAYLIGRGLAPVQAYLHIPDIIKVAKENNVDAVHPGYGFLSERADFAQACQDAGVRFIGPSPEVVRKMGDKVEARAIAI
AAGVPVVPGTDAPITSLHEAHEFSNTYGFPIIFKAAYGGGGRGMRVVHSYEELEENYTRAYSEALAAFGNGALFVEKFIE
KPRHIEVQILGDQYGNILHLYERDCSIQRRHQKVVEIAPAAHLDPQLRTRLTSDSVKLAKQVGYENAGTVEFLVDRHGKH
YFIEVNSRLQVEHTVTEEITDVDLVHAQIHVAEGRSLPDLGLRQENIRINGCAIQCRVTTEDPARSFQPDTGRIEVFRSG
EGMGIRLDNASAFQGAVISPHYDSLLVKVIAHGKDHPTAATKMSRALAEFRVRGVKTNIAFLQNVLNNQQFLAGTVDTQF
IDENPELFQLRPAQNRAQKLLHYLGHVMVNGPTTPIPVKASPSPTDPVVPAVPIGPPPAGFRDILLREGPEGFARAVRNH
PGLLLMDTTFRDAHQSLLATRVRTHDLKKIAPYVAHNFSKLFSMENWGGATFDVAMRFLYECPWRRLQELRELIPNIPFQ
MLLRGANAVGYTNYPDNVVFKFCEVAKENGMDVFRVFDSLNYLPNMLLGMEAAGSAGGVVEAAISYTGDVADPSRTKYSL
QYYMGLAEELVRAGTHILCIKDMAGLLKPTACTMLVSSLRDRFPDLPLHIHTHDTSGAGVAAMLACAQAGADVVDVAADS
MSGMTSQPSMGALVACTRGTPLDTEVPMERVFDYSEYWEGARGLYAAFDCTATMKSGNSDVYENEIPGGQYTNLHFQAHS
MGLGSKFKEVKKAYVEANQMLGDLIKVTPSSKIVGDLAQFMVQNGLSRAEAEAQAEELSFPRSVVEFLQGYIGVPHGGFP
EPFRSKVLKDLPRVEGRPGASLPPLDLQALEKELVDRHGEEVTPEDVLSAAMYPDVFAHFKDFTATFGPLDSLNTRLFLQ
GPKIAEEFEVELERGKTLHIKALAVSDLNRAGQRQVFFELNGQLRSILVKDTQAMKEMHFHPKALKDVKGQIGAPMPGKV
IDIKVVAGAKVAKGQPLCVLSAMKMETVVTSPMEGTVRKVHVTKDMTLEGDDLILEIE
;
_entity_poly.pdbx_strand_id   A,B,C,D
#
# COMPACT_ATOMS: atom_id res chain seq x y z
N ASN A 495 -3.01 -17.37 55.96
CA ASN A 495 -3.02 -16.39 54.87
C ASN A 495 -1.80 -16.59 53.98
N ARG A 496 -1.81 -17.66 53.19
CA ARG A 496 -0.73 -17.95 52.27
C ARG A 496 -1.18 -17.96 50.81
N ALA A 497 -2.34 -18.53 50.52
CA ALA A 497 -2.80 -18.62 49.14
C ALA A 497 -3.05 -17.24 48.55
N GLN A 498 -3.41 -16.27 49.39
CA GLN A 498 -3.69 -14.93 48.89
C GLN A 498 -2.47 -14.32 48.22
N LYS A 499 -1.31 -14.43 48.86
CA LYS A 499 -0.09 -13.90 48.26
C LYS A 499 0.28 -14.66 46.99
N LEU A 500 0.04 -15.98 46.97
CA LEU A 500 0.32 -16.75 45.78
C LEU A 500 -0.53 -16.29 44.60
N LEU A 501 -1.82 -16.11 44.83
CA LEU A 501 -2.70 -15.63 43.76
C LEU A 501 -2.33 -14.20 43.37
N HIS A 502 -1.92 -13.38 44.32
CA HIS A 502 -1.47 -12.03 44.00
C HIS A 502 -0.26 -12.08 43.07
N TYR A 503 0.70 -12.96 43.37
CA TYR A 503 1.87 -13.10 42.52
C TYR A 503 1.49 -13.60 41.12
N LEU A 504 0.59 -14.58 41.06
CA LEU A 504 0.17 -15.11 39.76
C LEU A 504 -0.50 -14.03 38.92
N GLY A 505 -1.40 -13.24 39.54
CA GLY A 505 -2.02 -12.16 38.81
C GLY A 505 -1.02 -11.11 38.38
N HIS A 506 -0.07 -10.77 39.26
CA HIS A 506 0.95 -9.80 38.91
C HIS A 506 1.76 -10.27 37.71
N VAL A 507 2.14 -11.55 37.69
CA VAL A 507 2.90 -12.08 36.57
C VAL A 507 2.08 -12.06 35.30
N MET A 508 0.82 -12.51 35.38
CA MET A 508 0.03 -12.65 34.16
C MET A 508 -0.37 -11.30 33.59
N VAL A 509 -0.48 -10.28 34.44
CA VAL A 509 -0.83 -8.95 33.95
C VAL A 509 0.41 -8.20 33.49
N ASN A 510 1.37 -8.01 34.38
CA ASN A 510 2.55 -7.19 34.12
C ASN A 510 3.62 -7.91 33.33
N GLY A 511 3.48 -9.22 33.11
CA GLY A 511 4.52 -9.99 32.48
C GLY A 511 5.52 -10.50 33.51
N PRO A 512 6.56 -11.18 33.06
CA PRO A 512 7.57 -11.69 33.99
C PRO A 512 8.37 -10.57 34.64
N THR A 513 8.82 -10.83 35.87
CA THR A 513 9.58 -9.83 36.60
C THR A 513 11.05 -9.84 36.20
N THR A 514 11.66 -11.02 36.18
CA THR A 514 13.06 -11.13 35.80
C THR A 514 13.23 -10.79 34.32
N PRO A 515 14.37 -10.20 33.95
CA PRO A 515 14.61 -9.88 32.54
C PRO A 515 14.66 -11.14 31.68
N ILE A 516 14.18 -11.01 30.45
CA ILE A 516 14.19 -12.10 29.47
C ILE A 516 15.08 -11.67 28.31
N PRO A 517 16.23 -12.32 28.12
CA PRO A 517 17.15 -11.86 27.06
C PRO A 517 16.60 -12.04 25.65
N VAL A 518 16.13 -13.25 25.32
CA VAL A 518 15.59 -13.54 23.99
C VAL A 518 14.15 -14.00 24.14
N LYS A 519 13.30 -13.55 23.20
CA LYS A 519 11.87 -13.82 23.26
C LYS A 519 11.60 -15.22 22.73
N ALA A 520 11.32 -16.16 23.63
CA ALA A 520 10.99 -17.53 23.26
C ALA A 520 10.13 -18.12 24.36
N SER A 521 9.43 -19.20 24.03
CA SER A 521 8.53 -19.81 24.98
C SER A 521 8.98 -21.23 25.31
N PRO A 522 8.83 -21.65 26.56
CA PRO A 522 9.15 -23.04 26.91
C PRO A 522 8.27 -24.02 26.15
N SER A 523 8.85 -25.16 25.79
CA SER A 523 8.10 -26.16 25.05
C SER A 523 6.99 -26.74 25.93
N PRO A 524 5.83 -27.08 25.36
CA PRO A 524 4.75 -27.69 26.13
C PRO A 524 4.91 -29.20 26.26
N THR A 525 6.11 -29.64 26.61
CA THR A 525 6.42 -31.05 26.77
C THR A 525 7.03 -31.27 28.15
N ASP A 526 6.49 -32.25 28.87
CA ASP A 526 7.03 -32.50 30.20
C ASP A 526 8.15 -33.53 30.15
N PRO A 527 9.27 -33.25 30.81
CA PRO A 527 10.37 -34.22 30.83
C PRO A 527 9.95 -35.52 31.52
N VAL A 528 10.56 -36.61 31.08
CA VAL A 528 10.21 -37.96 31.53
C VAL A 528 11.08 -38.33 32.71
N VAL A 529 10.46 -38.85 33.77
CA VAL A 529 11.16 -39.29 34.97
C VAL A 529 11.34 -40.80 34.87
N PRO A 530 12.57 -41.32 34.81
CA PRO A 530 12.76 -42.77 34.79
C PRO A 530 12.44 -43.38 36.15
N ALA A 531 12.16 -44.68 36.11
CA ALA A 531 11.79 -45.41 37.33
C ALA A 531 12.98 -45.55 38.26
N VAL A 532 12.68 -45.70 39.55
CA VAL A 532 13.72 -45.85 40.57
C VAL A 532 13.39 -47.05 41.45
N PRO A 533 14.38 -47.73 42.02
CA PRO A 533 14.09 -48.80 42.98
C PRO A 533 13.45 -48.25 44.24
N ILE A 534 12.62 -49.09 44.87
CA ILE A 534 11.96 -48.70 46.11
C ILE A 534 12.82 -48.95 47.34
N GLY A 535 13.83 -49.80 47.23
CA GLY A 535 14.70 -50.11 48.36
C GLY A 535 15.58 -48.94 48.74
N PRO A 536 16.19 -49.00 49.92
CA PRO A 536 17.08 -47.94 50.34
C PRO A 536 18.26 -47.82 49.40
N PRO A 537 18.79 -46.61 49.21
CA PRO A 537 19.89 -46.43 48.27
C PRO A 537 21.14 -47.15 48.78
N PRO A 538 21.98 -47.64 47.87
CA PRO A 538 23.19 -48.36 48.30
C PRO A 538 24.20 -47.42 48.94
N ALA A 539 25.06 -48.01 49.78
CA ALA A 539 26.09 -47.25 50.46
C ALA A 539 27.16 -46.79 49.48
N GLY A 540 27.79 -45.67 49.80
CA GLY A 540 28.81 -45.09 48.96
C GLY A 540 30.03 -44.62 49.71
N PHE A 541 30.80 -43.71 49.10
CA PHE A 541 32.03 -43.23 49.71
C PHE A 541 31.78 -42.37 50.94
N ARG A 542 30.55 -41.90 51.14
CA ARG A 542 30.27 -41.06 52.30
C ARG A 542 30.48 -41.82 53.60
N ASP A 543 30.07 -43.10 53.64
CA ASP A 543 30.26 -43.88 54.85
C ASP A 543 31.74 -44.08 55.14
N ILE A 544 32.54 -44.34 54.10
CA ILE A 544 33.98 -44.50 54.29
C ILE A 544 34.59 -43.20 54.81
N LEU A 545 34.18 -42.07 54.24
CA LEU A 545 34.70 -40.79 54.70
C LEU A 545 34.30 -40.53 56.16
N LEU A 546 33.07 -40.88 56.52
CA LEU A 546 32.61 -40.65 57.89
C LEU A 546 33.37 -41.52 58.89
N ARG A 547 33.56 -42.80 58.57
CA ARG A 547 34.21 -43.70 59.52
C ARG A 547 35.73 -43.57 59.45
N GLU A 548 36.31 -43.87 58.30
CA GLU A 548 37.76 -43.90 58.17
C GLU A 548 38.38 -42.52 58.31
N GLY A 549 37.70 -41.48 57.81
CA GLY A 549 38.20 -40.14 57.92
C GLY A 549 38.84 -39.66 56.63
N PRO A 550 39.15 -38.36 56.56
CA PRO A 550 39.71 -37.81 55.33
C PRO A 550 41.01 -38.46 54.89
N GLU A 551 41.87 -38.83 55.83
CA GLU A 551 43.14 -39.47 55.47
C GLU A 551 42.89 -40.87 54.91
N GLY A 552 42.07 -41.65 55.59
CA GLY A 552 41.70 -42.96 55.06
C GLY A 552 40.95 -42.84 53.74
N PHE A 553 40.12 -41.81 53.62
CA PHE A 553 39.41 -41.57 52.37
C PHE A 553 40.38 -41.33 51.21
N ALA A 554 41.36 -40.45 51.44
CA ALA A 554 42.35 -40.16 50.40
C ALA A 554 43.19 -41.40 50.07
N ARG A 555 43.56 -42.17 51.10
CA ARG A 555 44.31 -43.39 50.86
C ARG A 555 43.51 -44.38 50.02
N ALA A 556 42.23 -44.54 50.33
CA ALA A 556 41.38 -45.43 49.55
C ALA A 556 41.25 -44.94 48.12
N VAL A 557 41.12 -43.63 47.92
CA VAL A 557 41.03 -43.09 46.57
C VAL A 557 42.31 -43.38 45.79
N ARG A 558 43.46 -43.16 46.42
CA ARG A 558 44.72 -43.40 45.74
C ARG A 558 44.90 -44.88 45.41
N ASN A 559 44.52 -45.76 46.33
CA ASN A 559 44.73 -47.19 46.14
C ASN A 559 43.66 -47.83 45.25
N HIS A 560 42.63 -47.10 44.88
CA HIS A 560 41.58 -47.68 44.04
C HIS A 560 42.13 -48.04 42.67
N PRO A 561 41.89 -49.25 42.18
CA PRO A 561 42.44 -49.68 40.89
C PRO A 561 41.52 -49.34 39.72
N GLY A 562 41.15 -48.08 39.62
CA GLY A 562 40.29 -47.64 38.53
C GLY A 562 40.12 -46.13 38.57
N LEU A 563 39.78 -45.58 37.41
CA LEU A 563 39.53 -44.15 37.30
C LEU A 563 38.22 -43.80 37.99
N LEU A 564 38.15 -42.60 38.55
CA LEU A 564 36.97 -42.11 39.24
C LEU A 564 36.31 -40.98 38.46
N LEU A 565 35.01 -40.83 38.67
CA LEU A 565 34.21 -39.82 38.00
C LEU A 565 33.59 -38.87 39.03
N MET A 566 33.46 -37.60 38.64
CA MET A 566 32.69 -36.64 39.41
C MET A 566 31.79 -35.87 38.46
N ASP A 567 30.48 -36.03 38.64
CA ASP A 567 29.51 -35.33 37.80
C ASP A 567 29.43 -33.88 38.24
N THR A 568 29.52 -32.97 37.27
CA THR A 568 29.36 -31.54 37.51
C THR A 568 28.17 -30.97 36.75
N THR A 569 27.16 -31.79 36.47
CA THR A 569 25.97 -31.31 35.77
C THR A 569 25.22 -30.29 36.61
N PHE A 570 25.22 -30.46 37.94
CA PHE A 570 24.35 -29.67 38.79
C PHE A 570 24.81 -28.22 38.91
N ARG A 571 26.12 -27.94 38.79
CA ARG A 571 26.60 -26.60 39.04
C ARG A 571 27.20 -25.94 37.80
N ASP A 572 28.24 -26.53 37.20
CA ASP A 572 28.97 -25.84 36.14
C ASP A 572 28.31 -25.97 34.79
N ALA A 573 27.60 -27.07 34.54
CA ALA A 573 26.99 -27.29 33.23
C ALA A 573 26.02 -26.17 32.86
N HIS A 574 25.07 -25.88 33.75
CA HIS A 574 24.11 -24.83 33.49
C HIS A 574 24.67 -23.44 33.74
N GLN A 575 25.68 -23.33 34.60
CA GLN A 575 26.35 -22.03 34.77
C GLN A 575 27.03 -21.60 33.49
N SER A 576 27.62 -22.54 32.76
CA SER A 576 28.26 -22.21 31.50
C SER A 576 27.24 -22.10 30.37
N LEU A 577 26.38 -23.10 30.23
CA LEU A 577 25.42 -23.11 29.13
C LEU A 577 24.33 -22.06 29.35
N LEU A 578 23.55 -22.21 30.41
CA LEU A 578 22.48 -21.29 30.71
C LEU A 578 23.05 -20.07 31.43
N ALA A 579 22.17 -19.25 32.00
CA ALA A 579 22.56 -18.15 32.88
C ALA A 579 22.43 -18.57 34.34
N THR A 580 22.76 -19.83 34.62
CA THR A 580 22.58 -20.48 35.93
C THR A 580 21.27 -20.09 36.59
N ARG A 581 20.18 -20.27 35.85
CA ARG A 581 18.84 -20.00 36.34
C ARG A 581 18.03 -21.27 36.58
N VAL A 582 18.69 -22.40 36.81
CA VAL A 582 17.99 -23.63 37.10
C VAL A 582 17.40 -23.56 38.50
N ARG A 583 16.13 -23.91 38.64
CA ARG A 583 15.46 -23.87 39.92
C ARG A 583 15.64 -25.20 40.66
N THR A 584 15.51 -25.15 41.97
CA THR A 584 15.70 -26.34 42.80
C THR A 584 14.66 -27.41 42.49
N HIS A 585 13.45 -27.00 42.11
CA HIS A 585 12.39 -27.96 41.83
C HIS A 585 12.80 -28.92 40.72
N ASP A 586 13.59 -28.45 39.75
CA ASP A 586 14.06 -29.32 38.69
C ASP A 586 14.95 -30.44 39.24
N LEU A 587 15.85 -30.10 40.15
CA LEU A 587 16.78 -31.09 40.69
C LEU A 587 16.11 -32.02 41.67
N LYS A 588 15.06 -31.55 42.34
CA LYS A 588 14.34 -32.39 43.30
C LYS A 588 13.70 -33.58 42.61
N LYS A 589 13.35 -33.43 41.33
CA LYS A 589 12.71 -34.53 40.61
C LYS A 589 13.69 -35.64 40.27
N ILE A 590 14.97 -35.30 40.16
CA ILE A 590 15.97 -36.24 39.66
C ILE A 590 16.90 -36.77 40.75
N ALA A 591 16.95 -36.13 41.92
CA ALA A 591 17.88 -36.57 42.96
C ALA A 591 17.77 -38.06 43.31
N PRO A 592 16.58 -38.63 43.56
CA PRO A 592 16.54 -40.04 43.97
C PRO A 592 17.11 -41.00 42.94
N TYR A 593 16.96 -40.70 41.65
CA TYR A 593 17.48 -41.58 40.62
C TYR A 593 19.00 -41.70 40.71
N VAL A 594 19.68 -40.56 40.83
CA VAL A 594 21.13 -40.59 40.98
C VAL A 594 21.53 -41.24 42.30
N ALA A 595 20.75 -40.98 43.36
CA ALA A 595 21.08 -41.56 44.66
C ALA A 595 21.05 -43.08 44.61
N HIS A 596 20.03 -43.65 43.98
CA HIS A 596 19.90 -45.10 43.95
C HIS A 596 20.77 -45.74 42.86
N ASN A 597 21.09 -44.99 41.81
CA ASN A 597 21.77 -45.58 40.66
C ASN A 597 23.27 -45.25 40.66
N PHE A 598 23.61 -43.96 40.66
CA PHE A 598 25.00 -43.53 40.62
C PHE A 598 25.59 -43.52 42.03
N SER A 599 26.00 -44.71 42.46
CA SER A 599 26.64 -44.85 43.77
C SER A 599 28.15 -44.89 43.69
N LYS A 600 28.72 -45.06 42.50
CA LYS A 600 30.16 -45.16 42.34
C LYS A 600 30.83 -43.81 42.08
N LEU A 601 30.06 -42.73 42.03
CA LEU A 601 30.65 -41.42 41.77
C LEU A 601 31.53 -40.99 42.93
N PHE A 602 32.59 -40.25 42.61
CA PHE A 602 33.49 -39.77 43.65
C PHE A 602 32.81 -38.72 44.53
N SER A 603 32.18 -37.73 43.91
CA SER A 603 31.48 -36.68 44.64
C SER A 603 30.51 -36.00 43.68
N MET A 604 29.93 -34.89 44.12
CA MET A 604 28.99 -34.14 43.30
C MET A 604 29.17 -32.65 43.58
N GLU A 605 29.09 -31.85 42.53
CA GLU A 605 29.25 -30.40 42.61
C GLU A 605 27.90 -29.73 42.56
N ASN A 606 27.55 -29.01 43.63
CA ASN A 606 26.25 -28.34 43.71
C ASN A 606 26.37 -26.84 43.93
N TRP A 607 27.27 -26.40 44.80
CA TRP A 607 27.51 -24.98 44.98
C TRP A 607 28.66 -24.48 44.11
N GLY A 608 28.74 -23.17 43.96
CA GLY A 608 29.77 -22.58 43.14
C GLY A 608 29.75 -21.07 43.25
N GLY A 609 30.53 -20.44 42.38
CA GLY A 609 30.69 -18.99 42.41
C GLY A 609 29.41 -18.23 42.14
N ALA A 610 28.91 -18.29 40.92
CA ALA A 610 27.71 -17.54 40.54
C ALA A 610 26.45 -18.35 40.78
N THR A 611 26.32 -18.90 41.97
CA THR A 611 25.11 -19.58 42.39
C THR A 611 24.47 -18.94 43.61
N PHE A 612 25.27 -18.64 44.64
CA PHE A 612 24.73 -18.01 45.85
C PHE A 612 24.15 -16.63 45.53
N ASP A 613 24.81 -15.88 44.65
CA ASP A 613 24.30 -14.58 44.23
C ASP A 613 22.97 -14.73 43.50
N VAL A 614 22.93 -15.58 42.49
CA VAL A 614 21.75 -15.67 41.63
C VAL A 614 20.56 -16.25 42.40
N ALA A 615 20.85 -17.08 43.41
CA ALA A 615 19.76 -17.67 44.18
C ALA A 615 18.89 -16.62 44.85
N MET A 616 19.41 -15.42 45.07
CA MET A 616 18.62 -14.35 45.68
C MET A 616 18.49 -13.10 44.80
N ARG A 617 19.28 -12.97 43.75
CA ARG A 617 19.21 -11.77 42.93
C ARG A 617 18.11 -11.87 41.88
N PHE A 618 18.19 -12.85 40.99
CA PHE A 618 17.13 -13.08 40.02
C PHE A 618 16.14 -14.12 40.51
N LEU A 619 16.61 -15.30 40.86
CA LEU A 619 15.78 -16.27 41.55
C LEU A 619 15.59 -15.82 43.00
N TYR A 620 14.56 -16.36 43.64
CA TYR A 620 14.25 -16.03 45.02
C TYR A 620 14.18 -17.33 45.80
N GLU A 621 15.34 -17.81 46.26
CA GLU A 621 15.44 -19.02 47.06
C GLU A 621 16.64 -18.90 47.97
N CYS A 622 16.48 -19.43 49.19
CA CYS A 622 17.57 -19.46 50.15
C CYS A 622 18.39 -20.73 49.96
N PRO A 623 19.68 -20.63 49.61
CA PRO A 623 20.47 -21.85 49.38
C PRO A 623 20.59 -22.75 50.60
N TRP A 624 20.49 -22.20 51.81
CA TRP A 624 20.64 -23.03 53.00
C TRP A 624 19.56 -24.09 53.09
N ARG A 625 18.31 -23.73 52.79
CA ARG A 625 17.27 -24.74 52.76
C ARG A 625 17.52 -25.75 51.65
N ARG A 626 18.07 -25.28 50.53
CA ARG A 626 18.43 -26.19 49.45
C ARG A 626 19.39 -27.27 49.95
N LEU A 627 20.47 -26.86 50.61
CA LEU A 627 21.43 -27.85 51.10
C LEU A 627 20.82 -28.73 52.19
N GLN A 628 20.07 -28.12 53.12
CA GLN A 628 19.49 -28.91 54.21
C GLN A 628 18.53 -29.96 53.68
N GLU A 629 17.82 -29.64 52.60
CA GLU A 629 16.92 -30.60 51.98
C GLU A 629 17.67 -31.65 51.19
N LEU A 630 18.70 -31.25 50.42
CA LEU A 630 19.40 -32.20 49.57
C LEU A 630 20.25 -33.19 50.36
N ARG A 631 20.94 -32.71 51.40
CA ARG A 631 21.90 -33.56 52.10
C ARG A 631 21.24 -34.76 52.73
N GLU A 632 20.08 -34.57 53.37
CA GLU A 632 19.39 -35.68 54.00
C GLU A 632 18.87 -36.69 52.98
N LEU A 633 18.48 -36.23 51.79
CA LEU A 633 18.02 -37.16 50.75
C LEU A 633 19.16 -37.87 50.05
N ILE A 634 20.39 -37.39 50.18
CA ILE A 634 21.51 -37.97 49.45
C ILE A 634 22.61 -38.34 50.45
N PRO A 635 22.41 -39.33 51.32
CA PRO A 635 23.50 -39.73 52.22
C PRO A 635 24.43 -40.75 51.59
N ASN A 636 24.80 -40.54 50.35
CA ASN A 636 25.67 -41.50 49.66
C ASN A 636 26.85 -40.85 48.97
N ILE A 637 26.70 -39.66 48.42
CA ILE A 637 27.71 -39.01 47.60
C ILE A 637 28.17 -37.75 48.32
N PRO A 638 29.46 -37.59 48.60
CA PRO A 638 29.94 -36.33 49.19
C PRO A 638 29.78 -35.18 48.21
N PHE A 639 29.63 -33.97 48.78
CA PHE A 639 29.34 -32.78 48.01
C PHE A 639 30.59 -31.91 47.85
N GLN A 640 30.54 -31.04 46.84
CA GLN A 640 31.64 -30.13 46.54
C GLN A 640 31.11 -28.72 46.30
N MET A 641 31.79 -27.73 46.88
CA MET A 641 31.46 -26.32 46.68
C MET A 641 32.73 -25.58 46.30
N LEU A 642 32.59 -24.59 45.42
CA LEU A 642 33.72 -23.79 44.99
C LEU A 642 33.90 -22.61 45.94
N LEU A 643 35.05 -22.54 46.61
CA LEU A 643 35.33 -21.52 47.60
C LEU A 643 36.58 -20.76 47.17
N ARG A 644 36.50 -19.43 47.17
CA ARG A 644 37.67 -18.62 46.89
C ARG A 644 38.46 -18.38 48.18
N GLY A 645 39.65 -17.79 48.02
CA GLY A 645 40.59 -17.66 49.11
C GLY A 645 40.15 -16.75 50.24
N ALA A 646 40.08 -15.44 49.97
CA ALA A 646 39.70 -14.48 50.99
C ALA A 646 38.20 -14.21 50.95
N ASN A 647 37.69 -13.72 49.82
CA ASN A 647 36.26 -13.58 49.65
C ASN A 647 35.61 -14.96 49.54
N ALA A 648 34.55 -15.16 50.31
CA ALA A 648 33.90 -16.46 50.32
C ALA A 648 33.21 -16.75 49.00
N VAL A 649 32.20 -15.94 48.66
CA VAL A 649 31.51 -16.09 47.38
C VAL A 649 31.41 -14.73 46.72
N GLY A 650 31.86 -13.70 47.42
CA GLY A 650 31.76 -12.33 46.96
C GLY A 650 32.96 -11.89 46.17
N TYR A 651 33.13 -10.57 46.06
CA TYR A 651 34.21 -9.97 45.29
C TYR A 651 35.18 -9.18 46.14
N THR A 652 34.97 -9.11 47.45
CA THR A 652 35.78 -8.27 48.32
C THR A 652 36.29 -9.08 49.51
N ASN A 653 37.50 -8.75 49.95
CA ASN A 653 38.09 -9.42 51.08
C ASN A 653 37.29 -9.14 52.36
N TYR A 654 37.33 -10.08 53.28
CA TYR A 654 36.51 -10.05 54.48
C TYR A 654 37.35 -10.37 55.69
N PRO A 655 36.89 -9.99 56.89
CA PRO A 655 37.58 -10.42 58.11
C PRO A 655 37.56 -11.93 58.26
N ASP A 656 38.55 -12.44 58.98
CA ASP A 656 38.71 -13.89 59.09
C ASP A 656 37.57 -14.54 59.86
N ASN A 657 36.99 -13.84 60.84
CA ASN A 657 35.98 -14.47 61.69
C ASN A 657 34.74 -14.87 60.89
N VAL A 658 34.32 -14.02 59.95
CA VAL A 658 33.13 -14.36 59.17
C VAL A 658 33.40 -15.56 58.26
N VAL A 659 34.62 -15.65 57.71
CA VAL A 659 34.97 -16.79 56.86
C VAL A 659 34.98 -18.07 57.70
N PHE A 660 35.54 -18.00 58.90
CA PHE A 660 35.54 -19.16 59.78
C PHE A 660 34.12 -19.58 60.14
N LYS A 661 33.25 -18.61 60.43
CA LYS A 661 31.86 -18.93 60.74
C LYS A 661 31.17 -19.56 59.54
N PHE A 662 31.44 -19.05 58.34
CA PHE A 662 30.84 -19.62 57.14
C PHE A 662 31.27 -21.07 56.98
N CYS A 663 32.57 -21.35 57.14
CA CYS A 663 33.05 -22.71 56.98
C CYS A 663 32.45 -23.64 58.02
N GLU A 664 32.41 -23.20 59.28
CA GLU A 664 31.89 -24.07 60.33
C GLU A 664 30.40 -24.33 60.15
N VAL A 665 29.65 -23.32 59.70
CA VAL A 665 28.22 -23.52 59.47
C VAL A 665 27.99 -24.45 58.28
N ALA A 666 28.78 -24.28 57.22
CA ALA A 666 28.65 -25.18 56.07
C ALA A 666 28.93 -26.61 56.46
N LYS A 667 29.97 -26.83 57.27
CA LYS A 667 30.21 -28.17 57.78
C LYS A 667 29.08 -28.66 58.67
N GLU A 668 28.50 -27.75 59.47
CA GLU A 668 27.40 -28.13 60.34
C GLU A 668 26.20 -28.61 59.55
N ASN A 669 25.93 -27.99 58.40
CA ASN A 669 24.85 -28.45 57.55
C ASN A 669 25.03 -29.91 57.12
N GLY A 670 26.26 -30.40 57.07
CA GLY A 670 26.51 -31.80 56.77
C GLY A 670 27.35 -31.97 55.51
N MET A 671 27.86 -30.86 54.98
CA MET A 671 28.61 -30.90 53.73
C MET A 671 30.02 -31.37 54.00
N ASP A 672 30.68 -31.89 52.96
CA ASP A 672 31.89 -32.68 53.14
C ASP A 672 33.15 -32.01 52.63
N VAL A 673 33.22 -31.63 51.37
CA VAL A 673 34.47 -31.28 50.71
C VAL A 673 34.40 -29.85 50.20
N PHE A 674 35.48 -29.09 50.42
CA PHE A 674 35.60 -27.71 49.96
C PHE A 674 36.72 -27.61 48.95
N ARG A 675 36.42 -27.03 47.79
CA ARG A 675 37.42 -26.78 46.75
C ARG A 675 37.87 -25.32 46.90
N VAL A 676 39.15 -25.12 47.19
CA VAL A 676 39.68 -23.81 47.54
C VAL A 676 40.70 -23.38 46.49
N PHE A 677 40.57 -22.16 45.99
CA PHE A 677 41.50 -21.58 45.05
C PHE A 677 41.42 -20.06 45.16
N ASP A 678 42.12 -19.37 44.27
CA ASP A 678 41.99 -17.92 44.15
C ASP A 678 42.35 -17.48 42.74
N SER A 679 41.95 -16.26 42.39
CA SER A 679 42.16 -15.77 41.04
C SER A 679 43.65 -15.67 40.71
N LEU A 680 44.44 -15.14 41.64
CA LEU A 680 45.88 -15.09 41.51
C LEU A 680 46.50 -15.85 42.68
N ASN A 681 47.52 -16.64 42.38
CA ASN A 681 48.01 -17.61 43.36
C ASN A 681 48.71 -16.91 44.51
N TYR A 682 47.92 -16.34 45.41
CA TYR A 682 48.43 -15.63 46.58
C TYR A 682 48.39 -16.58 47.77
N LEU A 683 49.57 -16.98 48.24
CA LEU A 683 49.67 -18.08 49.21
C LEU A 683 48.85 -17.86 50.47
N PRO A 684 48.85 -16.68 51.11
CA PRO A 684 48.04 -16.54 52.33
C PRO A 684 46.57 -16.79 52.12
N ASN A 685 46.05 -16.56 50.92
CA ASN A 685 44.65 -16.86 50.65
C ASN A 685 44.37 -18.35 50.78
N MET A 686 45.20 -19.17 50.13
CA MET A 686 45.05 -20.62 50.28
C MET A 686 45.29 -21.05 51.72
N LEU A 687 46.25 -20.43 52.40
CA LEU A 687 46.51 -20.80 53.78
C LEU A 687 45.29 -20.55 54.66
N LEU A 688 44.67 -19.38 54.52
CA LEU A 688 43.47 -19.07 55.29
C LEU A 688 42.34 -20.02 54.94
N GLY A 689 42.16 -20.30 53.64
CA GLY A 689 41.10 -21.21 53.24
C GLY A 689 41.28 -22.60 53.82
N MET A 690 42.50 -23.13 53.74
CA MET A 690 42.75 -24.48 54.23
C MET A 690 42.64 -24.55 55.74
N GLU A 691 43.13 -23.53 56.45
CA GLU A 691 43.00 -23.56 57.91
C GLU A 691 41.55 -23.45 58.33
N ALA A 692 40.75 -22.65 57.61
CA ALA A 692 39.33 -22.58 57.90
C ALA A 692 38.65 -23.92 57.66
N ALA A 693 38.97 -24.58 56.54
CA ALA A 693 38.38 -25.87 56.26
C ALA A 693 38.77 -26.91 57.31
N GLY A 694 40.03 -26.88 57.74
CA GLY A 694 40.46 -27.81 58.78
C GLY A 694 39.78 -27.56 60.12
N SER A 695 39.68 -26.28 60.51
CA SER A 695 39.01 -25.95 61.76
C SER A 695 37.53 -26.32 61.69
N ALA A 696 36.94 -26.27 60.50
CA ALA A 696 35.57 -26.74 60.34
C ALA A 696 35.47 -28.23 60.63
N GLY A 697 36.50 -29.00 60.26
CA GLY A 697 36.52 -30.42 60.51
C GLY A 697 36.11 -31.24 59.30
N GLY A 698 36.36 -30.70 58.11
CA GLY A 698 36.01 -31.37 56.87
C GLY A 698 37.23 -31.54 55.98
N VAL A 699 37.00 -32.21 54.85
CA VAL A 699 38.07 -32.47 53.91
C VAL A 699 38.58 -31.16 53.34
N VAL A 700 39.89 -30.98 53.39
CA VAL A 700 40.55 -29.80 52.84
C VAL A 700 41.08 -30.17 51.47
N GLU A 701 40.64 -29.43 50.44
CA GLU A 701 41.00 -29.74 49.06
C GLU A 701 41.46 -28.44 48.40
N ALA A 702 42.76 -28.34 48.14
CA ALA A 702 43.32 -27.16 47.52
C ALA A 702 43.32 -27.30 46.00
N ALA A 703 43.27 -26.18 45.30
CA ALA A 703 43.28 -26.17 43.85
C ALA A 703 44.31 -25.16 43.34
N ILE A 704 44.91 -25.48 42.20
CA ILE A 704 45.86 -24.60 41.53
C ILE A 704 45.24 -24.17 40.22
N SER A 705 45.17 -22.85 40.00
CA SER A 705 44.73 -22.35 38.72
C SER A 705 45.82 -22.55 37.68
N TYR A 706 45.40 -22.87 36.45
CA TYR A 706 46.33 -23.16 35.37
C TYR A 706 46.07 -22.25 34.19
N THR A 707 47.13 -21.90 33.48
CA THR A 707 47.04 -21.11 32.26
C THR A 707 48.30 -21.32 31.44
N GLY A 708 48.24 -20.91 30.19
CA GLY A 708 49.39 -21.05 29.32
C GLY A 708 49.61 -22.50 28.91
N ASP A 709 50.76 -22.72 28.28
CA ASP A 709 51.15 -24.03 27.77
C ASP A 709 52.56 -24.34 28.26
N VAL A 710 52.66 -25.34 29.16
CA VAL A 710 53.96 -25.77 29.62
C VAL A 710 54.75 -26.43 28.50
N ALA A 711 54.07 -26.96 27.49
CA ALA A 711 54.75 -27.62 26.38
C ALA A 711 55.62 -26.65 25.59
N ASP A 712 55.15 -25.44 25.37
CA ASP A 712 55.89 -24.48 24.56
C ASP A 712 57.06 -23.92 25.36
N PRO A 713 58.31 -24.12 24.91
CA PRO A 713 59.44 -23.52 25.64
C PRO A 713 59.53 -22.02 25.47
N SER A 714 58.88 -21.44 24.46
CA SER A 714 58.94 -20.00 24.25
C SER A 714 58.33 -19.25 25.41
N ARG A 715 57.21 -19.73 25.94
CA ARG A 715 56.54 -19.09 27.07
C ARG A 715 57.31 -19.42 28.34
N THR A 716 57.75 -18.38 29.05
CA THR A 716 58.58 -18.56 30.23
C THR A 716 58.01 -17.91 31.49
N LYS A 717 56.94 -17.12 31.39
CA LYS A 717 56.38 -16.48 32.57
C LYS A 717 55.85 -17.51 33.56
N TYR A 718 55.15 -18.53 33.05
CA TYR A 718 54.65 -19.63 33.87
C TYR A 718 55.23 -20.92 33.31
N SER A 719 56.08 -21.58 34.11
CA SER A 719 56.74 -22.80 33.68
C SER A 719 56.49 -23.91 34.70
N LEU A 720 56.95 -25.12 34.32
CA LEU A 720 56.65 -26.31 35.11
C LEU A 720 57.28 -26.23 36.50
N GLN A 721 58.47 -25.65 36.60
CA GLN A 721 59.11 -25.52 37.92
C GLN A 721 58.30 -24.61 38.83
N TYR A 722 57.68 -23.57 38.28
CA TYR A 722 56.82 -22.70 39.08
C TYR A 722 55.64 -23.50 39.65
N TYR A 723 55.05 -24.33 38.81
CA TYR A 723 53.94 -25.17 39.27
C TYR A 723 54.38 -26.16 40.34
N MET A 724 55.54 -26.79 40.16
CA MET A 724 55.97 -27.77 41.16
C MET A 724 56.34 -27.08 42.47
N GLY A 725 56.89 -25.88 42.40
CA GLY A 725 57.14 -25.12 43.61
C GLY A 725 55.86 -24.78 44.34
N LEU A 726 54.83 -24.35 43.60
CA LEU A 726 53.54 -24.08 44.21
C LEU A 726 52.98 -25.33 44.87
N ALA A 727 53.07 -26.47 44.18
CA ALA A 727 52.56 -27.72 44.72
C ALA A 727 53.31 -28.12 45.98
N GLU A 728 54.64 -27.95 45.99
CA GLU A 728 55.42 -28.26 47.17
C GLU A 728 55.01 -27.39 48.35
N GLU A 729 54.81 -26.09 48.11
CA GLU A 729 54.36 -25.22 49.19
C GLU A 729 52.99 -25.66 49.70
N LEU A 730 52.07 -25.98 48.80
CA LEU A 730 50.72 -26.37 49.21
C LEU A 730 50.74 -27.66 50.02
N VAL A 731 51.50 -28.66 49.58
CA VAL A 731 51.53 -29.93 50.29
C VAL A 731 52.25 -29.78 51.61
N ARG A 732 53.26 -28.90 51.68
CA ARG A 732 53.92 -28.62 52.95
C ARG A 732 52.95 -27.95 53.91
N ALA A 733 52.06 -27.09 53.40
CA ALA A 733 51.01 -26.52 54.23
C ALA A 733 50.08 -27.60 54.76
N GLY A 734 49.84 -28.64 53.98
CA GLY A 734 48.99 -29.74 54.41
C GLY A 734 47.65 -29.77 53.72
N THR A 735 47.50 -30.63 52.72
CA THR A 735 46.25 -30.77 51.98
C THR A 735 45.97 -32.24 51.75
N HIS A 736 44.68 -32.56 51.60
CA HIS A 736 44.28 -33.92 51.32
C HIS A 736 44.37 -34.27 49.85
N ILE A 737 43.90 -33.39 48.98
CA ILE A 737 43.85 -33.65 47.54
C ILE A 737 44.32 -32.40 46.80
N LEU A 738 45.13 -32.61 45.77
CA LEU A 738 45.60 -31.54 44.90
C LEU A 738 44.75 -31.49 43.64
N CYS A 739 44.52 -30.28 43.14
CA CYS A 739 43.68 -30.09 41.96
C CYS A 739 44.37 -29.15 40.98
N ILE A 740 44.04 -29.35 39.70
CA ILE A 740 44.43 -28.45 38.62
C ILE A 740 43.14 -28.02 37.92
N LYS A 741 42.91 -26.73 37.82
CA LYS A 741 41.70 -26.19 37.22
C LYS A 741 42.03 -25.50 35.91
N ASP A 742 41.30 -25.85 34.86
CA ASP A 742 41.42 -25.20 33.56
C ASP A 742 40.03 -24.66 33.21
N MET A 743 39.75 -23.44 33.67
CA MET A 743 38.45 -22.84 33.43
C MET A 743 38.20 -22.56 31.95
N ALA A 744 39.27 -22.33 31.18
CA ALA A 744 39.14 -22.03 29.76
C ALA A 744 39.61 -23.15 28.85
N GLY A 745 39.93 -24.32 29.40
CA GLY A 745 40.24 -25.47 28.56
C GLY A 745 41.47 -25.31 27.67
N LEU A 746 42.57 -24.82 28.22
CA LEU A 746 43.81 -24.66 27.47
C LEU A 746 44.67 -25.91 27.47
N LEU A 747 44.23 -26.98 28.12
CA LEU A 747 45.06 -28.17 28.26
C LEU A 747 45.22 -28.87 26.92
N LYS A 748 46.37 -29.49 26.74
CA LYS A 748 46.70 -30.32 25.58
C LYS A 748 47.22 -31.66 26.08
N PRO A 749 47.14 -32.70 25.25
CA PRO A 749 47.55 -34.03 25.73
C PRO A 749 48.98 -34.10 26.26
N THR A 750 49.96 -33.73 25.44
CA THR A 750 51.36 -33.90 25.85
C THR A 750 51.73 -33.03 27.05
N ALA A 751 51.22 -31.79 27.09
CA ALA A 751 51.59 -30.88 28.16
C ALA A 751 51.11 -31.40 29.51
N CYS A 752 49.82 -31.70 29.61
CA CYS A 752 49.30 -32.23 30.87
C CYS A 752 49.83 -33.64 31.14
N THR A 753 50.23 -34.36 30.09
CA THR A 753 50.85 -35.65 30.30
C THR A 753 52.15 -35.51 31.08
N MET A 754 53.03 -34.61 30.63
CA MET A 754 54.29 -34.44 31.34
C MET A 754 54.07 -33.76 32.69
N LEU A 755 53.05 -32.91 32.80
CA LEU A 755 52.70 -32.34 34.10
C LEU A 755 52.31 -33.42 35.08
N VAL A 756 51.43 -34.33 34.66
CA VAL A 756 50.98 -35.41 35.52
C VAL A 756 52.14 -36.31 35.89
N SER A 757 53.04 -36.57 34.94
CA SER A 757 54.24 -37.35 35.27
C SER A 757 55.08 -36.64 36.33
N SER A 758 55.36 -35.36 36.13
CA SER A 758 56.25 -34.62 37.01
C SER A 758 55.64 -34.45 38.40
N LEU A 759 54.32 -34.51 38.51
CA LEU A 759 53.71 -34.42 39.84
C LEU A 759 53.56 -35.79 40.48
N ARG A 760 53.29 -36.83 39.68
CA ARG A 760 53.01 -38.14 40.23
C ARG A 760 54.30 -38.82 40.69
N ASP A 761 55.38 -38.67 39.93
CA ASP A 761 56.63 -39.30 40.33
C ASP A 761 57.11 -38.77 41.67
N ARG A 762 56.99 -37.46 41.90
CA ARG A 762 57.41 -36.88 43.16
C ARG A 762 56.46 -37.22 44.30
N PHE A 763 55.16 -37.40 44.00
CA PHE A 763 54.14 -37.67 45.01
C PHE A 763 53.36 -38.90 44.59
N PRO A 764 53.91 -40.10 44.80
CA PRO A 764 53.19 -41.32 44.42
C PRO A 764 51.87 -41.51 45.15
N ASP A 765 51.77 -41.05 46.40
CA ASP A 765 50.59 -41.30 47.21
C ASP A 765 49.56 -40.17 47.16
N LEU A 766 49.89 -39.05 46.55
CA LEU A 766 48.99 -37.91 46.56
C LEU A 766 47.84 -38.12 45.59
N PRO A 767 46.58 -38.00 46.02
CA PRO A 767 45.46 -38.06 45.09
C PRO A 767 45.46 -36.86 44.15
N LEU A 768 44.90 -37.05 42.96
CA LEU A 768 44.84 -36.01 41.93
C LEU A 768 43.41 -35.72 41.51
N HIS A 769 43.17 -34.48 41.11
CA HIS A 769 41.90 -34.04 40.57
C HIS A 769 42.16 -33.11 39.40
N ILE A 770 41.29 -33.16 38.39
CA ILE A 770 41.46 -32.37 37.18
C ILE A 770 40.09 -31.80 36.78
N HIS A 771 40.10 -30.60 36.23
CA HIS A 771 38.89 -29.92 35.78
C HIS A 771 39.20 -29.18 34.49
N THR A 772 38.27 -29.20 33.54
CA THR A 772 38.51 -28.60 32.24
C THR A 772 37.16 -28.30 31.58
N HIS A 773 37.21 -27.47 30.54
CA HIS A 773 36.06 -27.09 29.75
C HIS A 773 36.33 -27.38 28.28
N ASP A 774 35.29 -27.78 27.56
CA ASP A 774 35.42 -28.18 26.16
C ASP A 774 35.29 -27.02 25.19
N THR A 775 35.49 -25.79 25.65
CA THR A 775 35.38 -24.65 24.76
C THR A 775 36.42 -24.73 23.64
N SER A 776 37.56 -25.35 23.91
CA SER A 776 38.56 -25.53 22.86
C SER A 776 38.07 -26.49 21.78
N GLY A 777 37.35 -27.54 22.17
CA GLY A 777 36.91 -28.55 21.25
C GLY A 777 37.75 -29.82 21.24
N ALA A 778 38.76 -29.91 22.09
CA ALA A 778 39.62 -31.09 22.17
C ALA A 778 39.70 -31.62 23.60
N GLY A 779 38.61 -31.46 24.35
CA GLY A 779 38.63 -31.89 25.74
C GLY A 779 38.73 -33.39 25.91
N VAL A 780 37.99 -34.15 25.09
CA VAL A 780 37.91 -35.59 25.30
C VAL A 780 39.27 -36.24 25.06
N ALA A 781 39.94 -35.86 23.96
CA ALA A 781 41.20 -36.50 23.61
C ALA A 781 42.28 -36.23 24.66
N ALA A 782 42.45 -34.97 25.04
CA ALA A 782 43.42 -34.63 26.07
C ALA A 782 43.07 -35.30 27.38
N MET A 783 41.78 -35.31 27.72
CA MET A 783 41.35 -35.87 28.99
C MET A 783 41.67 -37.36 29.06
N LEU A 784 41.39 -38.10 27.99
CA LEU A 784 41.70 -39.52 27.94
C LEU A 784 43.21 -39.76 28.00
N ALA A 785 43.95 -39.11 27.10
CA ALA A 785 45.40 -39.34 27.04
C ALA A 785 46.08 -38.84 28.31
N CYS A 786 45.37 -38.05 29.11
CA CYS A 786 45.99 -37.42 30.25
C CYS A 786 45.67 -38.19 31.52
N ALA A 787 44.49 -38.80 31.58
CA ALA A 787 44.19 -39.78 32.61
C ALA A 787 44.84 -41.12 32.30
N GLN A 788 45.41 -41.27 31.10
CA GLN A 788 46.20 -42.46 30.81
C GLN A 788 47.37 -42.59 31.77
N ALA A 789 48.00 -41.46 32.10
CA ALA A 789 48.99 -41.44 33.17
C ALA A 789 48.28 -41.49 34.52
N GLY A 790 49.05 -41.33 35.60
CA GLY A 790 48.48 -41.44 36.92
C GLY A 790 47.53 -40.31 37.28
N ALA A 791 46.24 -40.61 37.31
CA ALA A 791 45.23 -39.62 37.69
C ALA A 791 44.12 -40.34 38.45
N ASP A 792 43.47 -39.61 39.36
CA ASP A 792 42.46 -40.21 40.23
C ASP A 792 41.04 -39.79 39.86
N VAL A 793 40.76 -38.49 39.82
CA VAL A 793 39.40 -37.98 39.64
C VAL A 793 39.37 -37.10 38.41
N VAL A 794 38.29 -37.23 37.63
CA VAL A 794 38.05 -36.39 36.46
C VAL A 794 36.63 -35.86 36.52
N ASP A 795 36.39 -34.75 35.84
CA ASP A 795 35.11 -34.08 35.84
C ASP A 795 34.38 -34.35 34.53
N VAL A 796 33.13 -34.81 34.63
CA VAL A 796 32.32 -35.13 33.47
C VAL A 796 30.94 -34.51 33.66
N ALA A 797 30.20 -34.41 32.55
CA ALA A 797 28.87 -33.85 32.55
C ALA A 797 27.95 -34.77 31.77
N ALA A 798 26.65 -34.51 31.88
CA ALA A 798 25.65 -35.29 31.17
C ALA A 798 25.78 -35.08 29.67
N ASP A 799 25.46 -36.13 28.90
CA ASP A 799 25.62 -36.08 27.46
C ASP A 799 24.77 -34.99 26.83
N SER A 800 23.52 -34.85 27.31
CA SER A 800 22.63 -33.83 26.77
C SER A 800 23.13 -32.42 27.00
N MET A 801 23.69 -32.13 28.18
CA MET A 801 24.28 -30.83 28.48
C MET A 801 25.79 -30.84 28.39
N SER A 802 26.35 -31.62 27.48
CA SER A 802 27.79 -31.67 27.24
C SER A 802 28.16 -30.75 26.08
N GLY A 803 29.43 -30.83 25.68
CA GLY A 803 29.89 -30.04 24.56
C GLY A 803 29.87 -28.56 24.88
N MET A 804 29.85 -27.75 23.81
CA MET A 804 29.73 -26.30 23.90
C MET A 804 30.90 -25.79 24.73
N THR A 805 30.68 -25.19 25.89
CA THR A 805 31.74 -24.80 26.79
C THR A 805 31.64 -25.49 28.15
N SER A 806 30.90 -26.59 28.23
CA SER A 806 30.72 -27.31 29.48
C SER A 806 31.79 -28.40 29.61
N GLN A 807 31.63 -29.27 30.58
CA GLN A 807 32.57 -30.35 30.85
C GLN A 807 32.34 -31.51 29.88
N PRO A 808 33.35 -32.35 29.68
CA PRO A 808 33.21 -33.45 28.71
C PRO A 808 32.10 -34.41 29.07
N SER A 809 31.48 -34.97 28.03
CA SER A 809 30.39 -35.92 28.21
C SER A 809 30.89 -37.18 28.90
N MET A 810 30.16 -37.61 29.93
CA MET A 810 30.54 -38.82 30.65
C MET A 810 30.40 -40.06 29.76
N GLY A 811 29.43 -40.04 28.84
CA GLY A 811 29.22 -41.19 27.99
C GLY A 811 30.42 -41.49 27.11
N ALA A 812 31.03 -40.44 26.53
CA ALA A 812 32.19 -40.66 25.67
C ALA A 812 33.35 -41.26 26.45
N LEU A 813 33.63 -40.75 27.64
CA LEU A 813 34.73 -41.29 28.43
C LEU A 813 34.44 -42.71 28.88
N VAL A 814 33.20 -43.00 29.25
CA VAL A 814 32.86 -44.35 29.67
C VAL A 814 33.01 -45.33 28.51
N ALA A 815 32.55 -44.93 27.32
CA ALA A 815 32.58 -45.83 26.17
C ALA A 815 34.00 -46.05 25.67
N CYS A 816 34.80 -44.98 25.59
CA CYS A 816 36.15 -45.10 25.05
C CYS A 816 37.01 -46.02 25.90
N THR A 817 36.70 -46.12 27.19
CA THR A 817 37.39 -47.01 28.10
C THR A 817 36.44 -48.12 28.53
N ARG A 818 36.39 -49.18 27.73
CA ARG A 818 35.60 -50.36 28.07
C ARG A 818 36.46 -51.58 28.30
N GLY A 819 37.29 -51.97 27.33
CA GLY A 819 38.18 -53.11 27.50
C GLY A 819 39.57 -52.70 27.92
N THR A 820 39.67 -51.95 29.02
CA THR A 820 40.93 -51.41 29.48
C THR A 820 41.07 -51.65 30.98
N PRO A 821 42.30 -51.87 31.47
CA PRO A 821 42.48 -52.04 32.92
C PRO A 821 42.04 -50.83 33.72
N LEU A 822 41.97 -49.65 33.12
CA LEU A 822 41.50 -48.44 33.78
C LEU A 822 40.03 -48.16 33.47
N ASP A 823 39.24 -49.23 33.36
CA ASP A 823 37.83 -49.12 33.05
C ASP A 823 37.08 -48.38 34.15
N THR A 824 35.95 -47.78 33.76
CA THR A 824 35.13 -47.01 34.68
C THR A 824 34.08 -47.85 35.41
N GLU A 825 33.63 -48.95 34.79
CA GLU A 825 32.65 -49.87 35.38
C GLU A 825 31.36 -49.13 35.74
N VAL A 826 30.73 -48.58 34.70
CA VAL A 826 29.48 -47.85 34.85
C VAL A 826 28.46 -48.36 33.83
N PRO A 827 27.26 -48.75 34.26
CA PRO A 827 26.22 -49.12 33.29
C PRO A 827 25.87 -47.94 32.39
N MET A 828 25.64 -48.25 31.12
CA MET A 828 25.38 -47.22 30.12
C MET A 828 23.92 -46.80 30.08
N GLU A 829 23.01 -47.68 30.50
CA GLU A 829 21.59 -47.35 30.49
C GLU A 829 21.28 -46.20 31.44
N ARG A 830 21.90 -46.18 32.61
CA ARG A 830 21.69 -45.08 33.55
C ARG A 830 22.18 -43.76 32.95
N VAL A 831 23.33 -43.80 32.28
CA VAL A 831 23.83 -42.60 31.60
C VAL A 831 22.83 -42.13 30.56
N PHE A 832 22.28 -43.08 29.79
CA PHE A 832 21.27 -42.71 28.80
C PHE A 832 20.07 -42.04 29.46
N ASP A 833 19.55 -42.63 30.52
CA ASP A 833 18.34 -42.13 31.16
C ASP A 833 18.58 -40.71 31.70
N TYR A 834 19.72 -40.51 32.36
CA TYR A 834 20.12 -39.18 32.79
C TYR A 834 20.13 -38.23 31.60
N SER A 835 20.60 -38.71 30.45
CA SER A 835 20.72 -37.85 29.28
C SER A 835 19.35 -37.39 28.77
N GLU A 836 18.38 -38.30 28.61
CA GLU A 836 17.11 -37.78 28.08
C GLU A 836 16.40 -36.94 29.13
N TYR A 837 16.55 -37.26 30.41
CA TYR A 837 15.93 -36.40 31.41
C TYR A 837 16.47 -34.97 31.31
N TRP A 838 17.79 -34.83 31.21
CA TRP A 838 18.34 -33.47 31.13
C TRP A 838 18.03 -32.82 29.79
N GLU A 839 17.94 -33.59 28.71
CA GLU A 839 17.56 -32.99 27.44
C GLU A 839 16.14 -32.46 27.49
N GLY A 840 15.23 -33.20 28.11
CA GLY A 840 13.87 -32.70 28.29
C GLY A 840 13.81 -31.49 29.19
N ALA A 841 14.61 -31.48 30.25
CA ALA A 841 14.60 -30.35 31.17
C ALA A 841 15.19 -29.09 30.53
N ARG A 842 16.15 -29.26 29.62
CA ARG A 842 16.79 -28.11 29.01
C ARG A 842 15.82 -27.31 28.15
N GLY A 843 14.79 -27.95 27.62
CA GLY A 843 13.84 -27.25 26.76
C GLY A 843 13.05 -26.18 27.48
N LEU A 844 12.92 -26.28 28.80
CA LEU A 844 12.13 -25.30 29.54
C LEU A 844 12.78 -23.92 29.50
N TYR A 845 14.08 -23.85 29.71
CA TYR A 845 14.78 -22.56 29.78
C TYR A 845 15.18 -22.07 28.40
N ALA A 846 14.21 -22.04 27.48
CA ALA A 846 14.48 -21.56 26.13
C ALA A 846 14.49 -20.05 26.03
N ALA A 847 13.97 -19.34 27.05
CA ALA A 847 13.98 -17.89 27.05
C ALA A 847 15.38 -17.31 27.18
N PHE A 848 16.36 -18.13 27.51
CA PHE A 848 17.76 -17.72 27.56
C PHE A 848 18.65 -18.95 27.44
N ASP A 849 19.44 -19.00 26.37
CA ASP A 849 20.20 -20.21 26.06
C ASP A 849 21.37 -19.84 25.16
N CYS A 850 22.51 -20.46 25.44
CA CYS A 850 23.71 -20.22 24.66
C CYS A 850 23.58 -20.72 23.22
N THR A 851 22.69 -21.69 22.96
CA THR A 851 22.55 -22.24 21.62
C THR A 851 22.06 -21.20 20.62
N ALA A 852 21.12 -20.36 21.04
CA ALA A 852 20.54 -19.38 20.11
C ALA A 852 21.61 -18.44 19.56
N THR A 853 22.61 -18.10 20.37
CA THR A 853 23.64 -17.18 19.93
C THR A 853 24.74 -17.89 19.17
N MET A 854 25.44 -18.82 19.83
CA MET A 854 26.56 -19.51 19.23
C MET A 854 26.21 -20.99 19.11
N LYS A 855 26.75 -21.65 18.09
CA LYS A 855 26.21 -22.93 17.65
C LYS A 855 26.94 -24.12 18.25
N SER A 856 28.23 -24.27 17.96
CA SER A 856 28.95 -25.48 18.34
C SER A 856 30.36 -25.15 18.85
N GLY A 857 30.49 -24.04 19.56
CA GLY A 857 31.77 -23.64 20.08
C GLY A 857 32.75 -23.25 19.00
N ASN A 858 34.00 -22.96 19.36
CA ASN A 858 34.98 -22.52 18.38
C ASN A 858 36.37 -22.53 19.02
N SER A 859 37.37 -22.27 18.18
CA SER A 859 38.72 -22.00 18.61
C SER A 859 38.82 -20.54 19.06
N ASP A 860 40.04 -20.02 19.15
CA ASP A 860 40.42 -18.69 19.62
C ASP A 860 40.52 -18.61 21.13
N VAL A 861 40.24 -19.70 21.85
CA VAL A 861 40.47 -19.69 23.29
C VAL A 861 41.96 -19.62 23.59
N TYR A 862 42.79 -20.12 22.67
CA TYR A 862 44.24 -20.03 22.84
C TYR A 862 44.75 -18.60 22.71
N GLU A 863 43.92 -17.67 22.26
CA GLU A 863 44.30 -16.27 22.16
C GLU A 863 43.46 -15.40 23.09
N ASN A 864 42.21 -15.81 23.36
CA ASN A 864 41.36 -15.03 24.24
C ASN A 864 41.53 -15.44 25.71
N GLU A 865 41.68 -16.74 25.96
CA GLU A 865 41.73 -17.30 27.31
C GLU A 865 40.54 -16.87 28.16
N ILE A 866 39.42 -16.56 27.51
CA ILE A 866 38.23 -16.18 28.27
C ILE A 866 37.66 -17.42 28.95
N PRO A 867 37.32 -17.35 30.24
CA PRO A 867 36.77 -18.52 30.92
C PRO A 867 35.46 -18.97 30.29
N GLY A 868 35.15 -20.26 30.35
CA GLY A 868 33.93 -20.77 29.67
C GLY A 868 32.68 -19.95 29.98
N GLY A 869 32.31 -19.88 31.27
CA GLY A 869 31.09 -19.14 31.66
C GLY A 869 31.16 -17.68 31.27
N GLN A 870 32.28 -17.01 31.57
CA GLN A 870 32.46 -15.59 31.19
C GLN A 870 32.27 -15.45 29.67
N TYR A 871 32.88 -16.35 28.88
CA TYR A 871 32.72 -16.32 27.40
C TYR A 871 31.23 -16.35 27.07
N THR A 872 30.53 -17.39 27.51
CA THR A 872 29.07 -17.50 27.23
C THR A 872 28.37 -16.18 27.56
N ASN A 873 28.60 -15.63 28.76
CA ASN A 873 27.93 -14.39 29.19
C ASN A 873 28.21 -13.25 28.20
N LEU A 874 29.49 -12.92 27.97
CA LEU A 874 29.87 -11.81 27.07
C LEU A 874 29.22 -12.02 25.69
N HIS A 875 29.15 -13.27 25.24
CA HIS A 875 28.57 -13.59 23.92
C HIS A 875 27.15 -13.03 23.77
N PHE A 876 26.19 -13.47 24.59
CA PHE A 876 24.82 -13.06 24.36
C PHE A 876 24.59 -11.65 24.89
N GLN A 877 25.46 -11.15 25.78
CA GLN A 877 25.39 -9.74 26.14
C GLN A 877 25.69 -8.86 24.94
N ALA A 878 26.67 -9.26 24.13
CA ALA A 878 26.98 -8.55 22.90
C ALA A 878 25.87 -8.67 21.87
N HIS A 879 25.20 -9.83 21.81
CA HIS A 879 24.03 -9.93 20.95
C HIS A 879 22.90 -9.01 21.41
N SER A 880 22.58 -9.02 22.70
CA SER A 880 21.42 -8.31 23.19
C SER A 880 21.63 -6.79 23.19
N MET A 881 22.77 -6.31 23.67
CA MET A 881 23.04 -4.88 23.68
C MET A 881 23.18 -4.37 22.26
N GLY A 882 24.03 -5.02 21.47
CA GLY A 882 24.18 -4.68 20.07
C GLY A 882 23.78 -5.79 19.14
N LEU A 883 24.77 -6.43 18.51
CA LEU A 883 24.54 -7.56 17.63
C LEU A 883 25.73 -8.50 17.76
N GLY A 884 25.68 -9.62 17.02
CA GLY A 884 26.77 -10.57 17.02
C GLY A 884 27.98 -10.15 16.24
N SER A 885 27.82 -9.18 15.32
CA SER A 885 28.97 -8.62 14.63
C SER A 885 29.83 -7.76 15.56
N LYS A 886 29.24 -7.27 16.66
CA LYS A 886 29.95 -6.40 17.59
C LYS A 886 30.56 -7.17 18.76
N PHE A 887 30.54 -8.49 18.72
CA PHE A 887 31.32 -9.27 19.67
C PHE A 887 32.81 -9.21 19.38
N LYS A 888 33.18 -9.12 18.10
CA LYS A 888 34.55 -9.39 17.68
C LYS A 888 35.53 -8.31 18.11
N GLU A 889 35.09 -7.05 18.20
CA GLU A 889 36.01 -6.00 18.63
C GLU A 889 36.30 -6.10 20.12
N VAL A 890 35.33 -6.60 20.89
CA VAL A 890 35.55 -6.83 22.32
C VAL A 890 36.70 -7.79 22.53
N LYS A 891 36.80 -8.83 21.69
CA LYS A 891 37.79 -9.88 21.90
C LYS A 891 39.20 -9.46 21.48
N LYS A 892 39.37 -8.53 20.53
CA LYS A 892 40.74 -8.09 20.26
C LYS A 892 41.26 -7.21 21.37
N ALA A 893 40.38 -6.44 22.01
CA ALA A 893 40.79 -5.59 23.12
C ALA A 893 40.98 -6.38 24.40
N TYR A 894 40.49 -7.62 24.46
CA TYR A 894 40.65 -8.41 25.67
C TYR A 894 42.10 -8.79 25.90
N VAL A 895 42.81 -9.17 24.84
CA VAL A 895 44.22 -9.51 24.99
C VAL A 895 45.04 -8.27 25.35
N GLU A 896 44.67 -7.12 24.79
CA GLU A 896 45.31 -5.86 25.17
C GLU A 896 45.09 -5.54 26.64
N ALA A 897 43.84 -5.69 27.11
CA ALA A 897 43.54 -5.44 28.51
C ALA A 897 44.33 -6.38 29.42
N ASN A 898 44.46 -7.64 29.01
CA ASN A 898 45.31 -8.57 29.75
C ASN A 898 46.75 -8.10 29.75
N GLN A 899 47.25 -7.62 28.61
CA GLN A 899 48.64 -7.19 28.51
C GLN A 899 48.92 -5.97 29.38
N MET A 900 47.92 -5.14 29.62
CA MET A 900 48.15 -3.95 30.45
C MET A 900 48.60 -4.32 31.86
N LEU A 901 47.94 -5.30 32.47
CA LEU A 901 48.29 -5.71 33.81
C LEU A 901 49.33 -6.83 33.82
N GLY A 902 49.97 -7.08 32.68
CA GLY A 902 50.91 -8.18 32.57
C GLY A 902 50.21 -9.50 32.33
N ASP A 903 51.02 -10.52 32.08
CA ASP A 903 50.47 -11.86 31.87
C ASP A 903 50.01 -12.41 33.20
N LEU A 904 48.73 -12.24 33.51
CA LEU A 904 48.18 -12.71 34.77
C LEU A 904 47.04 -13.70 34.49
N ILE A 905 46.80 -14.58 35.46
CA ILE A 905 45.77 -15.60 35.32
C ILE A 905 44.41 -14.92 35.38
N LYS A 906 43.55 -15.22 34.40
CA LYS A 906 42.24 -14.59 34.29
C LYS A 906 41.19 -15.53 34.88
N VAL A 907 40.72 -15.19 36.07
CA VAL A 907 39.68 -15.94 36.77
C VAL A 907 38.61 -14.93 37.13
N THR A 908 37.46 -15.39 37.65
CA THR A 908 36.24 -14.62 37.88
C THR A 908 36.52 -13.17 38.29
N PRO A 909 37.30 -12.90 39.37
CA PRO A 909 37.60 -11.50 39.70
C PRO A 909 38.45 -10.85 38.63
N SER A 910 39.58 -11.48 38.31
CA SER A 910 40.46 -10.93 37.29
C SER A 910 39.75 -10.87 35.93
N SER A 911 38.94 -11.89 35.62
CA SER A 911 38.24 -11.92 34.35
C SER A 911 37.26 -10.76 34.25
N LYS A 912 36.49 -10.50 35.32
CA LYS A 912 35.54 -9.39 35.26
C LYS A 912 36.27 -8.06 35.20
N ILE A 913 37.41 -7.94 35.88
CA ILE A 913 38.19 -6.70 35.80
C ILE A 913 38.65 -6.46 34.37
N VAL A 914 39.19 -7.50 33.72
CA VAL A 914 39.67 -7.36 32.35
C VAL A 914 38.50 -7.06 31.41
N GLY A 915 37.35 -7.67 31.66
CA GLY A 915 36.19 -7.41 30.82
C GLY A 915 35.70 -5.99 30.94
N ASP A 916 35.67 -5.46 32.17
CA ASP A 916 35.26 -4.07 32.35
C ASP A 916 36.26 -3.12 31.72
N LEU A 917 37.55 -3.43 31.81
CA LEU A 917 38.55 -2.58 31.15
C LEU A 917 38.37 -2.61 29.64
N ALA A 918 38.10 -3.79 29.08
CA ALA A 918 37.85 -3.89 27.64
C ALA A 918 36.62 -3.12 27.24
N GLN A 919 35.56 -3.17 28.05
CA GLN A 919 34.38 -2.36 27.79
C GLN A 919 34.73 -0.88 27.83
N PHE A 920 35.53 -0.46 28.81
CA PHE A 920 36.02 0.91 28.85
C PHE A 920 36.66 1.28 27.52
N MET A 921 37.57 0.44 27.03
CA MET A 921 38.24 0.71 25.76
C MET A 921 37.24 0.80 24.61
N VAL A 922 36.25 -0.07 24.59
CA VAL A 922 35.42 -0.16 23.38
C VAL A 922 34.34 0.93 23.36
N GLN A 923 33.51 1.04 24.41
CA GLN A 923 32.46 2.06 24.33
C GLN A 923 32.99 3.44 24.71
N ASN A 924 34.23 3.53 25.19
CA ASN A 924 34.86 4.84 25.26
C ASN A 924 35.52 5.23 23.94
N GLY A 925 35.67 4.29 23.01
CA GLY A 925 36.15 4.59 21.68
C GLY A 925 37.51 5.26 21.66
N LEU A 926 38.41 4.81 22.52
CA LEU A 926 39.71 5.43 22.68
C LEU A 926 40.82 4.50 22.22
N SER A 927 41.86 5.10 21.67
CA SER A 927 43.01 4.38 21.15
C SER A 927 43.93 3.98 22.30
N ARG A 928 45.04 3.31 21.97
CA ARG A 928 45.91 2.78 23.00
C ARG A 928 46.92 3.81 23.48
N ALA A 929 47.64 4.44 22.53
CA ALA A 929 48.82 5.21 22.89
C ALA A 929 48.49 6.40 23.77
N GLU A 930 47.53 7.24 23.35
CA GLU A 930 47.24 8.46 24.09
C GLU A 930 46.65 8.16 25.47
N ALA A 931 45.80 7.13 25.55
CA ALA A 931 45.22 6.77 26.85
C ALA A 931 46.28 6.22 27.80
N GLU A 932 47.22 5.45 27.28
CA GLU A 932 48.21 4.79 28.13
C GLU A 932 49.39 5.68 28.46
N ALA A 933 49.62 6.74 27.67
CA ALA A 933 50.66 7.69 28.01
C ALA A 933 50.21 8.61 29.15
N GLN A 934 49.03 9.20 29.00
CA GLN A 934 48.40 9.97 30.07
C GLN A 934 47.12 9.24 30.47
N ALA A 935 47.17 8.55 31.63
CA ALA A 935 46.02 7.84 32.15
C ALA A 935 45.53 8.40 33.47
N GLU A 936 46.24 9.38 34.04
CA GLU A 936 45.82 9.99 35.31
C GLU A 936 44.46 10.67 35.17
N GLU A 937 44.22 11.34 34.05
CA GLU A 937 42.99 12.08 33.85
C GLU A 937 41.79 11.15 33.62
N LEU A 938 42.03 9.98 33.04
CA LEU A 938 40.95 9.10 32.65
C LEU A 938 40.20 8.57 33.87
N SER A 939 38.90 8.38 33.70
CA SER A 939 38.02 7.95 34.78
C SER A 939 37.75 6.46 34.65
N PHE A 940 38.53 5.65 35.36
CA PHE A 940 38.38 4.21 35.37
C PHE A 940 37.32 3.78 36.37
N PRO A 941 36.68 2.63 36.16
CA PRO A 941 35.57 2.24 37.03
C PRO A 941 36.05 1.76 38.39
N ARG A 942 35.08 1.56 39.30
CA ARG A 942 35.40 1.28 40.69
C ARG A 942 36.15 -0.03 40.86
N SER A 943 35.77 -1.06 40.11
CA SER A 943 36.40 -2.37 40.27
C SER A 943 37.88 -2.32 39.94
N VAL A 944 38.24 -1.63 38.85
CA VAL A 944 39.65 -1.52 38.48
C VAL A 944 40.43 -0.78 39.56
N VAL A 945 39.84 0.29 40.11
CA VAL A 945 40.50 1.04 41.17
C VAL A 945 40.71 0.16 42.39
N GLU A 946 39.70 -0.62 42.76
CA GLU A 946 39.83 -1.49 43.92
C GLU A 946 40.90 -2.55 43.71
N PHE A 947 40.97 -3.11 42.50
CA PHE A 947 42.02 -4.09 42.20
C PHE A 947 43.39 -3.43 42.29
N LEU A 948 43.53 -2.24 41.71
CA LEU A 948 44.80 -1.52 41.80
C LEU A 948 45.14 -1.15 43.23
N GLN A 949 44.14 -1.07 44.11
CA GLN A 949 44.39 -0.84 45.53
C GLN A 949 45.06 -2.02 46.21
N GLY A 950 45.14 -3.17 45.54
CA GLY A 950 45.76 -4.34 46.13
C GLY A 950 44.90 -5.08 47.12
N TYR A 951 43.57 -4.90 47.06
CA TYR A 951 42.69 -5.59 48.00
C TYR A 951 42.74 -7.10 47.80
N ILE A 952 42.54 -7.56 46.57
CA ILE A 952 42.41 -9.00 46.34
C ILE A 952 43.75 -9.71 46.52
N GLY A 953 44.83 -9.09 46.06
CA GLY A 953 46.13 -9.71 46.20
C GLY A 953 47.14 -9.07 45.27
N VAL A 954 48.35 -9.61 45.30
CA VAL A 954 49.47 -9.12 44.51
C VAL A 954 49.68 -10.08 43.34
N PRO A 955 49.91 -9.57 42.13
CA PRO A 955 50.25 -10.45 41.01
C PRO A 955 51.64 -11.05 41.18
N HIS A 956 51.83 -12.20 40.53
CA HIS A 956 53.14 -12.85 40.56
C HIS A 956 54.19 -11.98 39.88
N GLY A 957 53.86 -11.43 38.71
CA GLY A 957 54.80 -10.54 38.05
C GLY A 957 55.00 -9.23 38.78
N GLY A 958 53.93 -8.72 39.37
CA GLY A 958 53.97 -7.44 40.06
C GLY A 958 53.16 -6.38 39.33
N PHE A 959 52.69 -5.41 40.10
CA PHE A 959 51.88 -4.34 39.54
C PHE A 959 52.71 -3.53 38.54
N PRO A 960 52.07 -2.99 37.50
CA PRO A 960 52.78 -2.07 36.61
C PRO A 960 53.03 -0.74 37.32
N GLU A 961 54.29 -0.51 37.70
CA GLU A 961 54.61 0.64 38.53
C GLU A 961 54.25 1.97 37.88
N PRO A 962 54.62 2.26 36.63
CA PRO A 962 54.20 3.54 36.05
C PRO A 962 52.69 3.69 35.96
N PHE A 963 52.00 2.64 35.52
CA PHE A 963 50.54 2.70 35.44
C PHE A 963 49.91 2.86 36.83
N ARG A 964 50.43 2.12 37.81
CA ARG A 964 49.89 2.22 39.17
C ARG A 964 50.09 3.63 39.73
N SER A 965 51.28 4.19 39.54
CA SER A 965 51.53 5.55 40.01
C SER A 965 50.62 6.55 39.30
N LYS A 966 50.45 6.40 37.98
CA LYS A 966 49.62 7.34 37.23
C LYS A 966 48.17 7.28 37.66
N VAL A 967 47.64 6.07 37.89
CA VAL A 967 46.22 5.93 38.12
C VAL A 967 45.88 6.18 39.59
N LEU A 968 46.64 5.57 40.50
CA LEU A 968 46.30 5.66 41.92
C LEU A 968 46.48 7.07 42.45
N LYS A 969 47.48 7.79 41.96
CA LYS A 969 47.85 9.12 42.46
C LYS A 969 48.18 8.95 43.94
N ASP A 970 47.42 9.53 44.87
CA ASP A 970 47.66 9.38 46.29
C ASP A 970 46.39 8.84 46.95
N LEU A 971 46.25 7.52 46.94
CA LEU A 971 45.18 6.81 47.62
C LEU A 971 45.79 5.70 48.45
N PRO A 972 45.12 5.30 49.54
CA PRO A 972 45.69 4.28 50.42
C PRO A 972 45.92 2.96 49.68
N ARG A 973 47.03 2.31 50.00
CA ARG A 973 47.38 1.01 49.44
C ARG A 973 47.55 0.00 50.57
N VAL A 974 46.83 -1.10 50.48
CA VAL A 974 46.86 -2.13 51.52
C VAL A 974 48.07 -3.02 51.30
N GLU A 975 48.76 -3.38 52.37
CA GLU A 975 49.96 -4.19 52.31
C GLU A 975 49.70 -5.55 52.94
N GLY A 976 50.38 -6.57 52.42
CA GLY A 976 50.21 -7.91 52.95
C GLY A 976 48.83 -8.47 52.63
N ARG A 977 48.42 -9.45 53.42
CA ARG A 977 47.10 -10.04 53.26
C ARG A 977 46.06 -9.13 53.91
N PRO A 978 45.13 -8.55 53.16
CA PRO A 978 44.23 -7.55 53.74
C PRO A 978 43.17 -8.15 54.67
N GLY A 979 43.09 -9.47 54.78
CA GLY A 979 42.12 -10.06 55.69
C GLY A 979 42.34 -9.64 57.14
N ALA A 980 43.60 -9.60 57.57
CA ALA A 980 43.91 -9.14 58.91
C ALA A 980 43.83 -7.62 59.01
N SER A 981 44.18 -6.91 57.94
CA SER A 981 44.15 -5.45 57.97
C SER A 981 42.74 -4.91 58.15
N LEU A 982 41.75 -5.56 57.54
CA LEU A 982 40.38 -5.08 57.65
C LEU A 982 39.87 -5.27 59.08
N PRO A 983 39.07 -4.35 59.60
CA PRO A 983 38.55 -4.50 60.95
C PRO A 983 37.41 -5.51 61.01
N PRO A 984 37.46 -6.46 61.94
CA PRO A 984 36.35 -7.40 62.09
C PRO A 984 35.08 -6.67 62.54
N LEU A 985 33.95 -7.19 62.08
CA LEU A 985 32.64 -6.64 62.42
C LEU A 985 31.92 -7.55 63.41
N ASP A 986 30.86 -7.00 64.01
CA ASP A 986 30.06 -7.71 64.99
C ASP A 986 28.93 -8.44 64.31
N LEU A 987 28.87 -9.76 64.53
CA LEU A 987 27.73 -10.54 64.05
C LEU A 987 26.51 -10.33 64.94
N GLN A 988 26.71 -10.14 66.24
CA GLN A 988 25.58 -9.97 67.15
C GLN A 988 24.83 -8.68 66.87
N ALA A 989 25.55 -7.60 66.54
CA ALA A 989 24.89 -6.34 66.24
C ALA A 989 23.98 -6.46 65.03
N LEU A 990 24.50 -7.00 63.93
CA LEU A 990 23.68 -7.18 62.73
C LEU A 990 22.54 -8.16 62.99
N GLU A 991 22.80 -9.20 63.79
CA GLU A 991 21.76 -10.18 64.10
C GLU A 991 20.61 -9.53 64.85
N LYS A 992 20.91 -8.72 65.86
CA LYS A 992 19.84 -8.08 66.62
C LYS A 992 19.13 -7.03 65.78
N GLU A 993 19.87 -6.31 64.94
CA GLU A 993 19.23 -5.36 64.03
C GLU A 993 18.24 -6.05 63.12
N LEU A 994 18.65 -7.16 62.51
CA LEU A 994 17.77 -7.87 61.59
C LEU A 994 16.57 -8.48 62.31
N VAL A 995 16.80 -9.05 63.49
CA VAL A 995 15.68 -9.69 64.20
C VAL A 995 14.67 -8.64 64.65
N ASP A 996 15.13 -7.45 65.03
CA ASP A 996 14.21 -6.39 65.39
C ASP A 996 13.56 -5.75 64.18
N ARG A 997 14.21 -5.81 63.01
CA ARG A 997 13.70 -5.12 61.84
C ARG A 997 12.72 -5.97 61.05
N HIS A 998 12.94 -7.28 60.97
CA HIS A 998 12.13 -8.16 60.14
C HIS A 998 11.76 -9.42 60.91
N GLY A 999 11.30 -9.26 62.15
CA GLY A 999 10.77 -10.37 62.91
C GLY A 999 11.84 -11.32 63.41
N GLU A 1000 11.39 -12.31 64.18
CA GLU A 1000 12.28 -13.28 64.80
C GLU A 1000 12.58 -14.47 63.90
N GLU A 1001 11.95 -14.56 62.74
CA GLU A 1001 12.15 -15.68 61.82
C GLU A 1001 13.48 -15.55 61.08
N VAL A 1002 14.58 -15.48 61.84
CA VAL A 1002 15.91 -15.30 61.28
C VAL A 1002 16.84 -16.32 61.90
N THR A 1003 17.62 -17.00 61.06
CA THR A 1003 18.56 -18.04 61.47
C THR A 1003 19.98 -17.58 61.22
N PRO A 1004 20.97 -18.18 61.92
CA PRO A 1004 22.36 -17.73 61.75
C PRO A 1004 22.83 -17.77 60.31
N GLU A 1005 22.42 -18.77 59.53
CA GLU A 1005 22.79 -18.80 58.12
C GLU A 1005 22.21 -17.60 57.37
N ASP A 1006 20.97 -17.23 57.71
CA ASP A 1006 20.38 -16.03 57.11
C ASP A 1006 21.17 -14.79 57.50
N VAL A 1007 21.60 -14.71 58.76
CA VAL A 1007 22.41 -13.57 59.20
C VAL A 1007 23.70 -13.51 58.40
N LEU A 1008 24.35 -14.65 58.22
CA LEU A 1008 25.59 -14.71 57.46
C LEU A 1008 25.37 -14.27 56.02
N SER A 1009 24.30 -14.77 55.39
CA SER A 1009 24.00 -14.40 54.02
C SER A 1009 23.72 -12.91 53.89
N ALA A 1010 22.97 -12.35 54.84
CA ALA A 1010 22.70 -10.92 54.81
C ALA A 1010 23.98 -10.11 54.98
N ALA A 1011 24.86 -10.55 55.89
CA ALA A 1011 26.14 -9.87 56.06
C ALA A 1011 26.96 -9.94 54.78
N MET A 1012 26.88 -11.05 54.06
CA MET A 1012 27.59 -11.17 52.80
C MET A 1012 27.06 -10.18 51.78
N TYR A 1013 25.74 -9.98 51.74
CA TYR A 1013 25.11 -9.08 50.76
C TYR A 1013 23.86 -8.48 51.38
N PRO A 1014 23.99 -7.28 51.97
CA PRO A 1014 22.84 -6.68 52.67
C PRO A 1014 21.68 -6.26 51.77
N ASP A 1015 21.98 -5.47 50.74
CA ASP A 1015 20.91 -4.82 49.98
C ASP A 1015 20.08 -5.83 49.20
N VAL A 1016 20.73 -6.77 48.53
CA VAL A 1016 19.97 -7.77 47.78
C VAL A 1016 19.23 -8.69 48.75
N PHE A 1017 19.77 -8.90 49.95
CA PHE A 1017 19.01 -9.62 50.97
C PHE A 1017 17.74 -8.87 51.34
N ALA A 1018 17.83 -7.55 51.48
CA ALA A 1018 16.64 -6.76 51.78
C ALA A 1018 15.62 -6.88 50.65
N HIS A 1019 16.09 -6.77 49.41
CA HIS A 1019 15.18 -6.93 48.27
C HIS A 1019 14.50 -8.29 48.29
N PHE A 1020 15.29 -9.36 48.51
CA PHE A 1020 14.74 -10.70 48.48
C PHE A 1020 13.74 -10.92 49.61
N LYS A 1021 14.06 -10.45 50.81
CA LYS A 1021 13.16 -10.66 51.94
C LYS A 1021 11.87 -9.86 51.75
N ASP A 1022 11.97 -8.64 51.23
CA ASP A 1022 10.77 -7.85 50.97
C ASP A 1022 9.91 -8.50 49.89
N PHE A 1023 10.54 -9.01 48.83
CA PHE A 1023 9.79 -9.68 47.77
C PHE A 1023 9.10 -10.93 48.29
N THR A 1024 9.80 -11.71 49.13
CA THR A 1024 9.19 -12.89 49.73
C THR A 1024 8.02 -12.51 50.62
N ALA A 1025 8.17 -11.43 51.39
CA ALA A 1025 7.08 -11.00 52.26
C ALA A 1025 5.86 -10.57 51.45
N THR A 1026 6.07 -9.80 50.38
CA THR A 1026 4.93 -9.27 49.63
C THR A 1026 4.27 -10.31 48.74
N PHE A 1027 5.03 -11.28 48.23
CA PHE A 1027 4.48 -12.26 47.30
C PHE A 1027 4.39 -13.66 47.88
N GLY A 1028 4.68 -13.83 49.17
CA GLY A 1028 4.56 -15.11 49.81
C GLY A 1028 5.71 -16.05 49.47
N PRO A 1029 5.61 -17.29 49.94
CA PRO A 1029 6.66 -18.27 49.64
C PRO A 1029 6.68 -18.67 48.18
N LEU A 1030 7.85 -19.10 47.72
CA LEU A 1030 8.06 -19.53 46.34
C LEU A 1030 8.68 -20.91 46.32
N ASP A 1031 9.18 -21.33 45.16
CA ASP A 1031 9.91 -22.58 44.90
C ASP A 1031 8.88 -23.70 44.70
N SER A 1032 7.65 -23.56 45.20
CA SER A 1032 6.64 -24.57 45.04
C SER A 1032 5.93 -24.52 43.69
N LEU A 1033 6.45 -23.74 42.75
CA LEU A 1033 5.84 -23.56 41.45
C LEU A 1033 6.72 -24.13 40.35
N ASN A 1034 6.08 -24.56 39.26
CA ASN A 1034 6.81 -25.06 38.11
C ASN A 1034 7.51 -23.92 37.38
N THR A 1035 8.38 -24.29 36.45
CA THR A 1035 9.06 -23.28 35.64
C THR A 1035 8.08 -22.52 34.76
N ARG A 1036 7.09 -23.22 34.19
CA ARG A 1036 6.08 -22.56 33.37
C ARG A 1036 5.36 -21.48 34.17
N LEU A 1037 4.88 -21.84 35.36
CA LEU A 1037 4.15 -20.89 36.18
C LEU A 1037 5.04 -19.75 36.63
N PHE A 1038 6.28 -20.06 37.03
CA PHE A 1038 7.17 -19.03 37.54
C PHE A 1038 7.54 -18.03 36.47
N LEU A 1039 7.78 -18.51 35.25
CA LEU A 1039 8.31 -17.63 34.20
C LEU A 1039 7.20 -17.10 33.29
N GLN A 1040 6.35 -17.99 32.79
CA GLN A 1040 5.27 -17.56 31.91
C GLN A 1040 3.96 -17.37 32.65
N GLY A 1041 3.64 -18.27 33.58
CA GLY A 1041 2.40 -18.20 34.30
C GLY A 1041 1.32 -19.01 33.61
N PRO A 1042 0.13 -19.05 34.21
CA PRO A 1042 -0.95 -19.83 33.61
C PRO A 1042 -1.45 -19.20 32.33
N LYS A 1043 -1.90 -20.06 31.41
CA LYS A 1043 -2.56 -19.63 30.20
C LYS A 1043 -4.05 -19.86 30.36
N ILE A 1044 -4.86 -19.17 29.55
CA ILE A 1044 -6.30 -19.13 29.76
C ILE A 1044 -6.90 -20.52 29.58
N ALA A 1045 -7.85 -20.86 30.46
CA ALA A 1045 -8.65 -22.08 30.36
C ALA A 1045 -7.79 -23.34 30.40
N GLU A 1046 -7.10 -23.54 31.52
CA GLU A 1046 -6.38 -24.78 31.77
C GLU A 1046 -6.21 -24.95 33.28
N GLU A 1047 -6.29 -26.19 33.74
CA GLU A 1047 -6.16 -26.50 35.15
C GLU A 1047 -4.77 -27.03 35.46
N PHE A 1048 -4.16 -26.50 36.51
CA PHE A 1048 -2.88 -26.99 36.99
C PHE A 1048 -2.95 -27.14 38.50
N GLU A 1049 -2.17 -28.07 39.02
CA GLU A 1049 -2.17 -28.38 40.44
C GLU A 1049 -0.92 -27.82 41.09
N VAL A 1050 -1.11 -27.08 42.19
CA VAL A 1050 -0.02 -26.55 42.99
C VAL A 1050 -0.13 -27.13 44.38
N GLU A 1051 0.86 -27.93 44.77
CA GLU A 1051 0.84 -28.66 46.05
C GLU A 1051 1.77 -27.94 47.01
N LEU A 1052 1.20 -27.11 47.89
CA LEU A 1052 2.02 -26.36 48.84
C LEU A 1052 2.46 -27.24 50.00
N GLU A 1053 1.50 -27.87 50.67
CA GLU A 1053 1.78 -28.80 51.76
C GLU A 1053 1.13 -30.14 51.43
N ARG A 1054 1.68 -31.21 52.04
CA ARG A 1054 1.11 -32.54 51.83
C ARG A 1054 -0.32 -32.65 52.34
N GLY A 1055 -0.67 -31.93 53.41
CA GLY A 1055 -2.01 -32.07 53.97
C GLY A 1055 -3.10 -31.55 53.05
N LYS A 1056 -2.86 -30.40 52.42
CA LYS A 1056 -3.86 -29.72 51.63
C LYS A 1056 -3.47 -29.72 50.15
N THR A 1057 -4.47 -29.47 49.29
CA THR A 1057 -4.28 -29.54 47.86
C THR A 1057 -5.30 -28.65 47.18
N LEU A 1058 -4.85 -27.83 46.24
CA LEU A 1058 -5.70 -26.86 45.60
C LEU A 1058 -5.41 -26.80 44.09
N HIS A 1059 -6.47 -26.64 43.31
CA HIS A 1059 -6.39 -26.51 41.87
C HIS A 1059 -6.69 -25.06 41.48
N ILE A 1060 -6.22 -24.67 40.30
CA ILE A 1060 -6.34 -23.29 39.84
C ILE A 1060 -6.84 -23.29 38.41
N LYS A 1061 -7.70 -22.32 38.09
CA LYS A 1061 -8.17 -22.08 36.74
C LYS A 1061 -8.07 -20.60 36.41
N ALA A 1062 -7.69 -20.29 35.17
CA ALA A 1062 -7.59 -18.93 34.69
C ALA A 1062 -8.82 -18.63 33.85
N LEU A 1063 -9.64 -17.67 34.30
CA LEU A 1063 -10.93 -17.41 33.65
C LEU A 1063 -10.83 -16.28 32.63
N ALA A 1064 -10.49 -15.07 33.08
CA ALA A 1064 -10.44 -13.90 32.21
C ALA A 1064 -9.88 -12.73 33.02
N VAL A 1065 -9.64 -11.63 32.32
CA VAL A 1065 -9.12 -10.41 32.92
C VAL A 1065 -10.01 -9.25 32.49
N SER A 1066 -10.35 -8.38 33.43
CA SER A 1066 -11.16 -7.20 33.14
C SER A 1066 -10.30 -6.12 32.52
N ASP A 1067 -10.82 -4.91 32.41
CA ASP A 1067 -10.10 -3.77 31.86
C ASP A 1067 -9.83 -2.73 32.94
N LEU A 1068 -9.05 -1.73 32.58
CA LEU A 1068 -8.60 -0.72 33.52
C LEU A 1068 -9.78 0.14 33.96
N ASN A 1069 -10.03 0.19 35.26
CA ASN A 1069 -11.16 0.94 35.79
C ASN A 1069 -10.75 2.06 36.74
N ARG A 1070 -9.89 1.76 37.72
CA ARG A 1070 -9.55 2.69 38.79
C ARG A 1070 -8.11 3.14 38.61
N ALA A 1071 -7.91 4.17 37.78
CA ALA A 1071 -6.61 4.81 37.60
C ALA A 1071 -5.54 3.78 37.22
N GLY A 1072 -5.91 2.84 36.37
CA GLY A 1072 -4.97 1.82 35.94
C GLY A 1072 -4.89 0.64 36.89
N GLN A 1073 -6.03 -0.01 37.16
CA GLN A 1073 -6.09 -1.15 38.07
C GLN A 1073 -7.02 -2.20 37.47
N ARG A 1074 -6.45 -3.13 36.71
CA ARG A 1074 -7.26 -4.21 36.14
C ARG A 1074 -7.61 -5.23 37.21
N GLN A 1075 -8.55 -6.10 36.87
CA GLN A 1075 -9.03 -7.14 37.77
C GLN A 1075 -9.03 -8.47 37.04
N VAL A 1076 -8.80 -9.55 37.79
CA VAL A 1076 -8.68 -10.89 37.24
C VAL A 1076 -9.61 -11.82 37.98
N PHE A 1077 -10.04 -12.88 37.32
CA PHE A 1077 -10.95 -13.87 37.89
C PHE A 1077 -10.33 -15.26 37.78
N PHE A 1078 -10.31 -15.98 38.90
CA PHE A 1078 -9.77 -17.33 38.96
C PHE A 1078 -10.78 -18.26 39.61
N GLU A 1079 -10.62 -19.56 39.37
CA GLU A 1079 -11.46 -20.58 39.98
C GLU A 1079 -10.59 -21.44 40.90
N LEU A 1080 -10.96 -21.48 42.18
CA LEU A 1080 -10.37 -22.36 43.16
C LEU A 1080 -11.37 -23.44 43.51
N ASN A 1081 -10.90 -24.54 44.09
CA ASN A 1081 -11.77 -25.65 44.44
C ASN A 1081 -12.88 -25.19 45.39
N GLY A 1082 -14.12 -25.17 44.89
CA GLY A 1082 -15.28 -24.88 45.69
C GLY A 1082 -15.80 -23.45 45.57
N GLN A 1083 -15.00 -22.51 45.10
CA GLN A 1083 -15.46 -21.13 45.01
C GLN A 1083 -14.63 -20.36 44.00
N LEU A 1084 -15.25 -19.37 43.36
CA LEU A 1084 -14.53 -18.47 42.47
C LEU A 1084 -13.93 -17.32 43.26
N ARG A 1085 -12.80 -16.80 42.78
CA ARG A 1085 -12.13 -15.68 43.42
C ARG A 1085 -11.73 -14.66 42.37
N SER A 1086 -11.60 -13.41 42.81
CA SER A 1086 -11.19 -12.31 41.94
C SER A 1086 -10.17 -11.44 42.66
N ILE A 1087 -9.19 -10.95 41.90
CA ILE A 1087 -8.08 -10.17 42.44
C ILE A 1087 -7.92 -8.91 41.62
N LEU A 1088 -7.74 -7.79 42.31
CA LEU A 1088 -7.39 -6.52 41.67
C LEU A 1088 -5.88 -6.45 41.52
N VAL A 1089 -5.42 -6.13 40.32
CA VAL A 1089 -3.99 -6.06 40.02
C VAL A 1089 -3.68 -4.65 39.52
N LYS A 1090 -2.68 -4.03 40.13
CA LYS A 1090 -2.28 -2.68 39.77
C LYS A 1090 -1.40 -2.74 38.52
N ASP A 1091 -1.87 -2.13 37.44
CA ASP A 1091 -1.06 -2.02 36.23
C ASP A 1091 0.11 -1.09 36.49
N THR A 1092 1.30 -1.52 36.07
CA THR A 1092 2.50 -0.71 36.21
C THR A 1092 2.67 0.30 35.09
N GLN A 1093 1.83 0.25 34.05
CA GLN A 1093 1.87 1.18 32.95
C GLN A 1093 0.80 2.26 33.06
N ALA A 1094 0.33 2.53 34.28
CA ALA A 1094 -0.68 3.57 34.46
C ALA A 1094 -0.04 4.95 34.55
N ASN B 495 -36.64 -18.69 40.50
CA ASN B 495 -36.06 -17.38 40.75
C ASN B 495 -36.37 -16.48 39.58
N ARG B 496 -36.38 -15.16 39.83
CA ARG B 496 -36.67 -14.17 38.81
C ARG B 496 -35.46 -13.35 38.43
N ALA B 497 -34.63 -12.97 39.40
CA ALA B 497 -33.46 -12.16 39.09
C ALA B 497 -32.50 -12.89 38.16
N GLN B 498 -32.26 -14.17 38.42
CA GLN B 498 -31.37 -14.94 37.56
C GLN B 498 -31.87 -14.93 36.12
N LYS B 499 -33.18 -14.96 35.92
CA LYS B 499 -33.75 -14.96 34.58
C LYS B 499 -33.43 -13.66 33.84
N LEU B 500 -33.61 -12.52 34.52
CA LEU B 500 -33.35 -11.25 33.85
C LEU B 500 -31.87 -11.02 33.64
N LEU B 501 -31.02 -11.49 34.56
CA LEU B 501 -29.59 -11.46 34.32
C LEU B 501 -29.23 -12.34 33.12
N HIS B 502 -29.90 -13.48 32.97
CA HIS B 502 -29.68 -14.33 31.81
C HIS B 502 -30.02 -13.59 30.52
N TYR B 503 -31.15 -12.89 30.51
CA TYR B 503 -31.51 -12.10 29.34
C TYR B 503 -30.48 -11.00 29.08
N LEU B 504 -30.00 -10.36 30.14
CA LEU B 504 -29.00 -9.31 29.98
C LEU B 504 -27.71 -9.87 29.38
N GLY B 505 -27.28 -11.04 29.85
CA GLY B 505 -26.10 -11.67 29.27
C GLY B 505 -26.31 -12.06 27.82
N HIS B 506 -27.50 -12.54 27.48
CA HIS B 506 -27.79 -12.87 26.09
C HIS B 506 -27.72 -11.61 25.21
N VAL B 507 -28.22 -10.49 25.72
CA VAL B 507 -28.10 -9.23 25.00
C VAL B 507 -26.63 -8.84 24.86
N MET B 508 -25.84 -9.10 25.90
CA MET B 508 -24.41 -8.81 25.85
C MET B 508 -23.73 -9.59 24.72
N VAL B 509 -23.74 -10.92 24.82
CA VAL B 509 -22.97 -11.74 23.89
C VAL B 509 -23.53 -11.64 22.48
N ASN B 510 -24.84 -11.82 22.34
CA ASN B 510 -25.48 -11.82 21.03
C ASN B 510 -25.94 -10.40 20.69
N GLY B 511 -26.61 -10.27 19.55
CA GLY B 511 -27.21 -9.00 19.18
C GLY B 511 -28.64 -8.92 19.65
N PRO B 512 -29.22 -7.72 19.59
CA PRO B 512 -30.63 -7.57 19.96
C PRO B 512 -31.53 -8.41 19.06
N THR B 513 -32.57 -8.98 19.66
CA THR B 513 -33.46 -9.87 18.93
C THR B 513 -34.19 -9.14 17.81
N THR B 514 -34.69 -7.94 18.08
CA THR B 514 -35.41 -7.19 17.07
C THR B 514 -34.46 -6.68 16.01
N PRO B 515 -34.91 -6.53 14.76
CA PRO B 515 -34.04 -5.99 13.72
C PRO B 515 -33.58 -4.58 14.05
N ILE B 516 -32.34 -4.28 13.70
CA ILE B 516 -31.78 -2.95 13.91
C ILE B 516 -31.46 -2.35 12.54
N PRO B 517 -32.33 -1.48 12.01
CA PRO B 517 -32.08 -0.95 10.66
C PRO B 517 -30.79 -0.14 10.54
N VAL B 518 -30.52 0.72 11.51
CA VAL B 518 -29.37 1.62 11.47
C VAL B 518 -28.50 1.34 12.69
N LYS B 519 -27.19 1.19 12.47
CA LYS B 519 -26.24 0.98 13.56
C LYS B 519 -26.07 2.31 14.30
N ALA B 520 -27.03 2.61 15.17
CA ALA B 520 -27.01 3.81 16.00
C ALA B 520 -27.36 3.41 17.43
N SER B 521 -27.11 4.33 18.36
CA SER B 521 -27.31 4.05 19.77
C SER B 521 -28.18 5.11 20.41
N PRO B 522 -28.92 4.75 21.45
CA PRO B 522 -29.68 5.77 22.19
C PRO B 522 -28.75 6.80 22.81
N SER B 523 -29.20 8.05 22.80
CA SER B 523 -28.38 9.14 23.31
C SER B 523 -28.19 8.98 24.81
N PRO B 524 -27.04 9.37 25.34
CA PRO B 524 -26.81 9.32 26.80
C PRO B 524 -27.35 10.56 27.51
N THR B 525 -28.64 10.84 27.30
CA THR B 525 -29.30 11.99 27.91
C THR B 525 -30.57 11.49 28.59
N ASP B 526 -30.66 11.74 29.89
CA ASP B 526 -31.85 11.34 30.63
C ASP B 526 -33.01 12.30 30.32
N PRO B 527 -34.25 11.81 30.35
CA PRO B 527 -35.38 12.73 30.14
C PRO B 527 -35.71 13.48 31.41
N VAL B 528 -36.26 14.68 31.25
CA VAL B 528 -36.56 15.56 32.36
C VAL B 528 -38.05 15.50 32.65
N VAL B 529 -38.40 15.10 33.86
CA VAL B 529 -39.80 15.09 34.30
C VAL B 529 -40.11 16.44 34.95
N PRO B 530 -41.08 17.19 34.43
CA PRO B 530 -41.37 18.52 34.98
C PRO B 530 -42.10 18.41 36.32
N ALA B 531 -42.17 19.55 37.00
CA ALA B 531 -42.81 19.61 38.31
C ALA B 531 -44.32 19.39 38.20
N VAL B 532 -44.89 18.82 39.25
CA VAL B 532 -46.32 18.51 39.28
C VAL B 532 -46.88 19.01 40.60
N PRO B 533 -48.18 19.31 40.64
CA PRO B 533 -48.82 19.65 41.92
C PRO B 533 -49.00 18.42 42.80
N ILE B 534 -49.48 18.61 44.02
CA ILE B 534 -49.64 17.52 44.97
C ILE B 534 -51.12 17.18 45.20
N GLY B 535 -52.01 18.12 44.91
CA GLY B 535 -53.42 17.93 45.18
C GLY B 535 -54.08 17.01 44.18
N PRO B 536 -55.39 16.80 44.35
CA PRO B 536 -56.11 15.93 43.42
C PRO B 536 -56.19 16.56 42.03
N PRO B 537 -56.28 15.75 40.99
CA PRO B 537 -56.39 16.30 39.64
C PRO B 537 -57.73 16.98 39.44
N PRO B 538 -57.81 17.93 38.51
CA PRO B 538 -59.09 18.61 38.27
C PRO B 538 -60.10 17.72 37.57
N ALA B 539 -61.25 18.28 37.22
CA ALA B 539 -62.35 17.53 36.64
C ALA B 539 -62.48 17.87 35.15
N GLY B 540 -62.70 16.84 34.33
CA GLY B 540 -62.84 17.02 32.91
C GLY B 540 -64.16 16.52 32.36
N PHE B 541 -64.10 15.57 31.43
CA PHE B 541 -65.29 15.03 30.79
C PHE B 541 -65.65 13.63 31.25
N ARG B 542 -64.72 12.92 31.89
CA ARG B 542 -65.01 11.56 32.34
C ARG B 542 -66.13 11.54 33.37
N ASP B 543 -66.19 12.58 34.22
CA ASP B 543 -67.25 12.65 35.21
C ASP B 543 -68.62 12.74 34.57
N ILE B 544 -68.70 13.37 33.39
CA ILE B 544 -69.97 13.44 32.67
C ILE B 544 -70.42 12.03 32.27
N LEU B 545 -69.51 11.23 31.74
CA LEU B 545 -69.85 9.85 31.39
C LEU B 545 -70.22 9.05 32.62
N LEU B 546 -69.50 9.25 33.73
CA LEU B 546 -69.82 8.53 34.96
C LEU B 546 -71.18 8.95 35.52
N ARG B 547 -71.61 10.18 35.23
CA ARG B 547 -72.82 10.74 35.80
C ARG B 547 -74.01 10.72 34.84
N GLU B 548 -73.76 10.72 33.54
CA GLU B 548 -74.84 10.75 32.55
C GLU B 548 -74.56 9.67 31.51
N GLY B 549 -75.38 9.66 30.46
CA GLY B 549 -75.20 8.72 29.38
C GLY B 549 -74.36 9.31 28.26
N PRO B 550 -74.01 8.49 27.27
CA PRO B 550 -73.29 9.02 26.11
C PRO B 550 -74.04 10.11 25.39
N GLU B 551 -75.37 10.03 25.35
CA GLU B 551 -76.17 11.08 24.72
C GLU B 551 -75.97 12.41 25.44
N GLY B 552 -75.96 12.39 26.78
CA GLY B 552 -75.76 13.62 27.52
C GLY B 552 -74.37 14.21 27.28
N PHE B 553 -73.35 13.36 27.23
CA PHE B 553 -72.00 13.85 26.96
C PHE B 553 -71.91 14.45 25.56
N ALA B 554 -72.51 13.80 24.56
CA ALA B 554 -72.50 14.34 23.22
C ALA B 554 -73.23 15.67 23.16
N ARG B 555 -74.36 15.78 23.88
CA ARG B 555 -75.10 17.02 23.93
C ARG B 555 -74.28 18.14 24.56
N ALA B 556 -73.57 17.81 25.66
CA ALA B 556 -72.72 18.81 26.31
C ALA B 556 -71.60 19.27 25.38
N VAL B 557 -70.98 18.32 24.66
CA VAL B 557 -69.92 18.68 23.74
C VAL B 557 -70.44 19.58 22.63
N ARG B 558 -71.61 19.23 22.08
CA ARG B 558 -72.19 20.05 21.02
C ARG B 558 -72.54 21.44 21.52
N ASN B 559 -73.09 21.54 22.74
CA ASN B 559 -73.50 22.83 23.28
C ASN B 559 -72.34 23.62 23.85
N HIS B 560 -71.18 23.00 24.04
CA HIS B 560 -70.03 23.68 24.62
C HIS B 560 -69.55 24.78 23.69
N PRO B 561 -69.42 26.01 24.15
CA PRO B 561 -68.95 27.10 23.30
C PRO B 561 -67.42 27.11 23.21
N GLY B 562 -66.89 27.03 22.00
CA GLY B 562 -65.46 27.06 21.81
C GLY B 562 -64.94 25.90 20.98
N LEU B 563 -63.71 25.49 21.26
CA LEU B 563 -63.07 24.39 20.54
C LEU B 563 -62.52 23.39 21.55
N LEU B 564 -62.44 22.13 21.14
CA LEU B 564 -61.93 21.06 21.98
C LEU B 564 -60.83 20.31 21.25
N LEU B 565 -59.92 19.71 22.02
CA LEU B 565 -58.81 18.96 21.49
C LEU B 565 -58.75 17.58 22.13
N MET B 566 -58.21 16.61 21.39
CA MET B 566 -57.91 15.29 21.93
C MET B 566 -56.54 14.88 21.44
N ASP B 567 -55.73 14.32 22.34
CA ASP B 567 -54.34 14.03 22.04
C ASP B 567 -54.20 12.67 21.36
N THR B 568 -53.29 12.60 20.40
CA THR B 568 -53.04 11.38 19.65
C THR B 568 -51.55 11.03 19.64
N THR B 569 -50.76 11.69 20.47
CA THR B 569 -49.33 11.43 20.52
C THR B 569 -49.00 10.10 21.20
N PHE B 570 -50.00 9.30 21.52
CA PHE B 570 -49.80 7.98 22.08
C PHE B 570 -50.11 6.85 21.11
N ARG B 571 -50.83 7.12 20.03
CA ARG B 571 -51.16 6.05 19.10
C ARG B 571 -50.66 6.30 17.68
N ASP B 572 -50.95 7.46 17.10
CA ASP B 572 -50.76 7.66 15.67
C ASP B 572 -49.38 8.17 15.31
N ALA B 573 -48.82 9.08 16.12
CA ALA B 573 -47.45 9.53 15.88
C ALA B 573 -46.47 8.38 15.95
N HIS B 574 -46.80 7.32 16.70
CA HIS B 574 -45.91 6.17 16.84
C HIS B 574 -45.55 5.59 15.48
N GLN B 575 -46.54 5.03 14.77
CA GLN B 575 -46.23 4.47 13.47
C GLN B 575 -46.11 5.54 12.40
N SER B 576 -46.57 6.76 12.68
CA SER B 576 -46.39 7.83 11.70
C SER B 576 -44.92 8.20 11.55
N LEU B 577 -44.18 8.26 12.66
CA LEU B 577 -42.78 8.65 12.62
C LEU B 577 -41.81 7.53 12.98
N LEU B 578 -42.23 6.61 13.83
CA LEU B 578 -41.45 5.44 14.19
C LEU B 578 -42.13 4.21 13.60
N ALA B 579 -41.62 3.03 13.93
CA ALA B 579 -42.32 1.79 13.65
C ALA B 579 -43.11 1.31 14.86
N THR B 580 -43.50 2.24 15.73
CA THR B 580 -44.22 1.95 16.97
C THR B 580 -43.43 0.98 17.84
N ARG B 581 -42.28 1.47 18.30
CA ARG B 581 -41.45 0.75 19.26
C ARG B 581 -41.29 1.54 20.55
N VAL B 582 -42.34 2.23 20.98
CA VAL B 582 -42.28 3.02 22.21
C VAL B 582 -42.76 2.16 23.37
N ARG B 583 -41.89 1.95 24.34
CA ARG B 583 -42.21 1.11 25.48
C ARG B 583 -43.14 1.84 26.46
N THR B 584 -43.86 1.05 27.26
CA THR B 584 -44.73 1.62 28.28
C THR B 584 -43.93 2.23 29.41
N HIS B 585 -42.70 1.75 29.63
CA HIS B 585 -41.87 2.28 30.71
C HIS B 585 -41.59 3.76 30.49
N ASP B 586 -41.29 4.15 29.26
CA ASP B 586 -41.14 5.57 28.95
C ASP B 586 -42.49 6.28 28.97
N LEU B 587 -43.56 5.58 28.62
CA LEU B 587 -44.89 6.17 28.56
C LEU B 587 -45.49 6.42 29.93
N LYS B 588 -45.02 5.72 30.96
CA LYS B 588 -45.61 5.78 32.30
C LYS B 588 -44.97 6.86 33.15
N LYS B 589 -44.45 7.92 32.51
CA LYS B 589 -43.82 9.01 33.24
C LYS B 589 -44.45 10.36 32.93
N ILE B 590 -45.47 10.40 32.09
CA ILE B 590 -46.20 11.64 31.81
C ILE B 590 -47.61 11.62 32.34
N ALA B 591 -48.24 10.46 32.48
CA ALA B 591 -49.60 10.38 32.99
C ALA B 591 -49.81 11.14 34.30
N PRO B 592 -48.92 11.10 35.29
CA PRO B 592 -49.10 11.99 36.45
C PRO B 592 -49.14 13.45 36.06
N TYR B 593 -48.38 13.85 35.04
CA TYR B 593 -48.32 15.26 34.67
C TYR B 593 -49.56 15.70 33.91
N VAL B 594 -49.92 14.97 32.85
CA VAL B 594 -50.97 15.44 31.94
C VAL B 594 -52.31 15.51 32.66
N ALA B 595 -52.60 14.53 33.54
CA ALA B 595 -53.85 14.53 34.27
C ALA B 595 -54.00 15.72 35.20
N HIS B 596 -52.92 16.15 35.85
CA HIS B 596 -52.95 17.29 36.75
C HIS B 596 -52.96 18.63 36.02
N ASN B 597 -52.45 18.67 34.79
CA ASN B 597 -52.37 19.93 34.06
C ASN B 597 -53.40 20.03 32.95
N PHE B 598 -53.40 19.06 32.03
CA PHE B 598 -54.34 19.05 30.91
C PHE B 598 -55.65 18.45 31.41
N SER B 599 -56.69 19.28 31.47
CA SER B 599 -58.01 18.84 31.92
C SER B 599 -59.12 19.06 30.92
N LYS B 600 -58.87 19.79 29.82
CA LYS B 600 -59.91 20.09 28.85
C LYS B 600 -59.90 19.15 27.67
N LEU B 601 -59.03 18.13 27.67
CA LEU B 601 -58.92 17.25 26.52
C LEU B 601 -60.21 16.47 26.30
N PHE B 602 -60.54 16.28 25.02
CA PHE B 602 -61.74 15.52 24.68
C PHE B 602 -61.58 14.05 25.05
N SER B 603 -60.46 13.45 24.66
CA SER B 603 -60.19 12.05 24.93
C SER B 603 -58.72 11.77 24.64
N MET B 604 -58.32 10.51 24.81
CA MET B 604 -56.94 10.09 24.57
C MET B 604 -56.94 8.82 23.75
N GLU B 605 -55.96 8.71 22.84
CA GLU B 605 -55.84 7.57 21.93
C GLU B 605 -54.76 6.64 22.46
N ASN B 606 -55.17 5.49 22.99
CA ASN B 606 -54.23 4.50 23.52
C ASN B 606 -54.00 3.34 22.56
N TRP B 607 -55.07 2.64 22.17
CA TRP B 607 -54.89 1.53 21.25
C TRP B 607 -55.20 1.96 19.82
N GLY B 608 -54.77 1.12 18.88
CA GLY B 608 -55.01 1.38 17.48
C GLY B 608 -54.75 0.14 16.67
N GLY B 609 -54.62 0.35 15.36
CA GLY B 609 -54.38 -0.76 14.45
C GLY B 609 -53.04 -1.42 14.67
N ALA B 610 -51.95 -0.70 14.40
CA ALA B 610 -50.61 -1.22 14.60
C ALA B 610 -50.20 -1.07 16.08
N THR B 611 -50.98 -1.74 16.93
CA THR B 611 -50.75 -1.67 18.37
C THR B 611 -50.75 -3.04 19.05
N PHE B 612 -51.44 -4.03 18.52
CA PHE B 612 -51.44 -5.35 19.13
C PHE B 612 -50.29 -6.21 18.65
N ASP B 613 -50.16 -6.40 17.33
CA ASP B 613 -49.12 -7.27 16.80
C ASP B 613 -47.73 -6.74 17.15
N VAL B 614 -47.52 -5.44 16.99
CA VAL B 614 -46.21 -4.87 17.27
C VAL B 614 -45.89 -4.95 18.76
N ALA B 615 -46.90 -4.88 19.62
CA ALA B 615 -46.69 -5.05 21.05
C ALA B 615 -46.56 -6.51 21.46
N MET B 616 -46.41 -7.42 20.49
CA MET B 616 -46.14 -8.82 20.78
C MET B 616 -45.07 -9.41 19.87
N ARG B 617 -44.73 -8.75 18.77
CA ARG B 617 -43.77 -9.27 17.81
C ARG B 617 -42.38 -8.68 17.98
N PHE B 618 -42.29 -7.37 18.17
CA PHE B 618 -41.02 -6.69 18.39
C PHE B 618 -40.88 -6.16 19.81
N LEU B 619 -41.98 -5.76 20.43
CA LEU B 619 -42.00 -5.34 21.82
C LEU B 619 -42.68 -6.46 22.60
N TYR B 620 -41.90 -7.19 23.39
CA TYR B 620 -42.40 -8.38 24.06
C TYR B 620 -43.20 -7.92 25.28
N GLU B 621 -44.45 -7.51 25.02
CA GLU B 621 -45.28 -6.86 26.02
C GLU B 621 -46.72 -7.34 25.86
N CYS B 622 -47.61 -6.79 26.67
CA CYS B 622 -49.04 -7.12 26.64
C CYS B 622 -49.86 -5.86 26.52
N PRO B 623 -50.60 -5.65 25.42
CA PRO B 623 -51.45 -4.46 25.33
C PRO B 623 -52.49 -4.37 26.43
N TRP B 624 -53.03 -5.51 26.88
CA TRP B 624 -53.96 -5.49 28.01
C TRP B 624 -53.30 -4.93 29.25
N ARG B 625 -52.08 -5.40 29.54
CA ARG B 625 -51.34 -4.86 30.67
C ARG B 625 -51.04 -3.38 30.47
N ARG B 626 -50.68 -3.00 29.24
CA ARG B 626 -50.39 -1.60 28.93
C ARG B 626 -51.58 -0.70 29.25
N LEU B 627 -52.78 -1.13 28.85
CA LEU B 627 -53.98 -0.36 29.15
C LEU B 627 -54.33 -0.40 30.62
N GLN B 628 -54.03 -1.51 31.30
CA GLN B 628 -54.53 -1.72 32.66
C GLN B 628 -54.03 -0.69 33.65
N GLU B 629 -52.73 -0.36 33.64
CA GLU B 629 -52.22 0.56 34.64
C GLU B 629 -52.41 2.03 34.28
N LEU B 630 -52.69 2.34 33.02
CA LEU B 630 -52.89 3.74 32.66
C LEU B 630 -54.21 4.28 33.18
N ARG B 631 -55.22 3.43 33.34
CA ARG B 631 -56.52 3.90 33.79
C ARG B 631 -56.45 4.46 35.22
N GLU B 632 -55.61 3.87 36.06
CA GLU B 632 -55.40 4.38 37.41
C GLU B 632 -54.56 5.64 37.43
N LEU B 633 -53.99 6.04 36.29
CA LEU B 633 -53.18 7.24 36.23
C LEU B 633 -53.91 8.44 35.65
N ILE B 634 -54.95 8.22 34.86
CA ILE B 634 -55.73 9.32 34.28
C ILE B 634 -57.20 9.12 34.59
N PRO B 635 -57.65 9.35 35.83
CA PRO B 635 -59.09 9.32 36.09
C PRO B 635 -59.73 10.66 35.80
N ASN B 636 -59.33 11.28 34.70
CA ASN B 636 -59.81 12.59 34.30
C ASN B 636 -60.29 12.63 32.85
N ILE B 637 -59.61 11.93 31.96
CA ILE B 637 -59.86 12.02 30.52
C ILE B 637 -60.33 10.66 30.03
N PRO B 638 -61.43 10.58 29.30
CA PRO B 638 -61.83 9.30 28.71
C PRO B 638 -60.83 8.85 27.65
N PHE B 639 -60.69 7.54 27.52
CA PHE B 639 -59.80 6.97 26.53
C PHE B 639 -60.56 6.61 25.26
N GLN B 640 -59.83 6.53 24.14
CA GLN B 640 -60.42 6.19 22.86
C GLN B 640 -59.51 5.20 22.14
N MET B 641 -60.14 4.23 21.48
CA MET B 641 -59.42 3.20 20.75
C MET B 641 -59.96 3.12 19.32
N LEU B 642 -59.08 2.71 18.41
CA LEU B 642 -59.42 2.62 17.00
C LEU B 642 -59.75 1.17 16.66
N LEU B 643 -60.99 0.94 16.24
CA LEU B 643 -61.48 -0.40 15.91
C LEU B 643 -61.98 -0.43 14.48
N ARG B 644 -61.72 -1.53 13.79
CA ARG B 644 -62.22 -1.75 12.44
C ARG B 644 -63.41 -2.71 12.49
N GLY B 645 -64.34 -2.53 11.55
CA GLY B 645 -65.61 -3.21 11.61
C GLY B 645 -65.54 -4.74 11.48
N ALA B 646 -65.19 -5.23 10.30
CA ALA B 646 -65.16 -6.67 10.08
C ALA B 646 -63.98 -7.29 10.82
N ASN B 647 -62.76 -6.93 10.43
CA ASN B 647 -61.57 -7.33 11.17
C ASN B 647 -61.41 -6.43 12.38
N ALA B 648 -61.19 -7.03 13.55
CA ALA B 648 -61.07 -6.24 14.76
C ALA B 648 -59.80 -5.40 14.73
N VAL B 649 -58.64 -6.05 14.72
CA VAL B 649 -57.36 -5.35 14.65
C VAL B 649 -56.48 -6.00 13.60
N GLY B 650 -56.99 -7.04 12.95
CA GLY B 650 -56.21 -7.83 12.01
C GLY B 650 -56.44 -7.43 10.57
N TYR B 651 -56.41 -8.44 9.69
CA TYR B 651 -56.50 -8.23 8.26
C TYR B 651 -57.63 -8.99 7.59
N THR B 652 -58.29 -9.90 8.31
CA THR B 652 -59.34 -10.74 7.74
C THR B 652 -60.61 -10.64 8.58
N ASN B 653 -61.74 -10.89 7.94
CA ASN B 653 -63.01 -10.85 8.64
C ASN B 653 -63.08 -11.97 9.67
N TYR B 654 -63.83 -11.75 10.73
CA TYR B 654 -63.90 -12.66 11.87
C TYR B 654 -65.35 -12.91 12.24
N PRO B 655 -65.63 -13.99 12.95
CA PRO B 655 -66.99 -14.20 13.46
C PRO B 655 -67.42 -13.04 14.37
N ASP B 656 -68.69 -12.65 14.23
CA ASP B 656 -69.17 -11.46 14.91
C ASP B 656 -69.14 -11.59 16.43
N ASN B 657 -69.48 -12.76 16.96
CA ASN B 657 -69.53 -12.93 18.40
C ASN B 657 -68.15 -12.72 19.02
N VAL B 658 -67.09 -13.04 18.27
CA VAL B 658 -65.74 -12.76 18.74
C VAL B 658 -65.56 -11.28 18.95
N VAL B 659 -66.01 -10.47 17.99
CA VAL B 659 -65.94 -9.01 18.12
C VAL B 659 -66.79 -8.55 19.30
N PHE B 660 -67.92 -9.22 19.52
CA PHE B 660 -68.77 -8.87 20.66
C PHE B 660 -68.02 -9.06 21.98
N LYS B 661 -67.42 -10.23 22.18
CA LYS B 661 -66.65 -10.44 23.41
C LYS B 661 -65.49 -9.47 23.50
N PHE B 662 -64.84 -9.20 22.37
CA PHE B 662 -63.70 -8.27 22.37
C PHE B 662 -64.11 -6.90 22.87
N CYS B 663 -65.18 -6.34 22.30
CA CYS B 663 -65.63 -5.02 22.71
C CYS B 663 -66.13 -5.02 24.14
N GLU B 664 -66.82 -6.09 24.55
CA GLU B 664 -67.30 -6.16 25.93
C GLU B 664 -66.14 -6.13 26.92
N VAL B 665 -65.10 -6.93 26.66
CA VAL B 665 -63.96 -6.97 27.57
C VAL B 665 -63.20 -5.65 27.54
N ALA B 666 -63.07 -5.04 26.35
CA ALA B 666 -62.38 -3.76 26.26
C ALA B 666 -63.10 -2.69 27.07
N LYS B 667 -64.42 -2.64 26.97
CA LYS B 667 -65.19 -1.70 27.79
C LYS B 667 -65.04 -2.03 29.27
N GLU B 668 -65.05 -3.31 29.62
CA GLU B 668 -64.95 -3.69 31.03
C GLU B 668 -63.61 -3.27 31.62
N ASN B 669 -62.54 -3.33 30.82
CA ASN B 669 -61.23 -3.00 31.35
C ASN B 669 -61.05 -1.50 31.57
N GLY B 670 -61.82 -0.67 30.89
CA GLY B 670 -61.75 0.76 31.14
C GLY B 670 -61.82 1.64 29.92
N MET B 671 -61.91 1.04 28.74
CA MET B 671 -62.02 1.83 27.51
C MET B 671 -63.36 2.57 27.49
N ASP B 672 -63.33 3.82 27.02
CA ASP B 672 -64.48 4.70 27.12
C ASP B 672 -65.12 5.01 25.77
N VAL B 673 -64.33 5.40 24.78
CA VAL B 673 -64.85 5.84 23.50
C VAL B 673 -64.35 4.89 22.41
N PHE B 674 -65.23 4.53 21.49
CA PHE B 674 -64.91 3.60 20.41
C PHE B 674 -65.03 4.31 19.07
N ARG B 675 -64.02 4.16 18.22
CA ARG B 675 -64.07 4.65 16.86
C ARG B 675 -64.27 3.47 15.92
N VAL B 676 -65.33 3.52 15.11
CA VAL B 676 -65.72 2.44 14.23
C VAL B 676 -65.43 2.86 12.80
N PHE B 677 -64.78 1.99 12.04
CA PHE B 677 -64.34 2.35 10.69
C PHE B 677 -64.09 1.07 9.92
N ASP B 678 -64.13 1.17 8.59
CA ASP B 678 -63.84 0.06 7.71
C ASP B 678 -63.00 0.53 6.54
N SER B 679 -62.18 -0.39 6.00
CA SER B 679 -61.31 -0.05 4.89
C SER B 679 -62.10 0.44 3.69
N LEU B 680 -63.09 -0.32 3.28
CA LEU B 680 -64.00 0.10 2.23
C LEU B 680 -65.23 0.74 2.87
N ASN B 681 -66.21 1.10 2.06
CA ASN B 681 -67.45 1.68 2.54
C ASN B 681 -68.58 0.64 2.54
N TYR B 682 -68.23 -0.60 2.86
CA TYR B 682 -69.21 -1.67 2.92
C TYR B 682 -70.13 -1.44 4.12
N LEU B 683 -71.35 -1.00 3.85
CA LEU B 683 -72.27 -0.60 4.92
C LEU B 683 -72.48 -1.65 5.98
N PRO B 684 -72.69 -2.93 5.66
CA PRO B 684 -72.89 -3.92 6.74
C PRO B 684 -71.74 -3.99 7.73
N ASN B 685 -70.50 -3.74 7.27
CA ASN B 685 -69.36 -3.74 8.19
C ASN B 685 -69.53 -2.66 9.25
N MET B 686 -69.81 -1.42 8.83
CA MET B 686 -70.05 -0.37 9.80
C MET B 686 -71.25 -0.67 10.67
N LEU B 687 -72.31 -1.22 10.08
CA LEU B 687 -73.51 -1.52 10.87
C LEU B 687 -73.20 -2.51 11.97
N LEU B 688 -72.41 -3.54 11.66
CA LEU B 688 -71.96 -4.48 12.69
C LEU B 688 -71.09 -3.78 13.72
N GLY B 689 -70.23 -2.87 13.27
CA GLY B 689 -69.38 -2.16 14.21
C GLY B 689 -70.17 -1.35 15.23
N MET B 690 -71.14 -0.56 14.75
CA MET B 690 -71.97 0.20 15.68
C MET B 690 -72.85 -0.71 16.52
N GLU B 691 -73.33 -1.83 15.97
CA GLU B 691 -74.12 -2.76 16.77
C GLU B 691 -73.30 -3.29 17.93
N ALA B 692 -72.05 -3.70 17.66
CA ALA B 692 -71.18 -4.19 18.73
C ALA B 692 -70.87 -3.09 19.73
N ALA B 693 -70.59 -1.88 19.26
CA ALA B 693 -70.26 -0.80 20.18
C ALA B 693 -71.43 -0.47 21.09
N GLY B 694 -72.65 -0.42 20.53
CA GLY B 694 -73.82 -0.16 21.34
C GLY B 694 -74.12 -1.29 22.31
N SER B 695 -73.94 -2.53 21.86
CA SER B 695 -74.19 -3.66 22.75
C SER B 695 -73.22 -3.65 23.92
N ALA B 696 -71.95 -3.33 23.66
CA ALA B 696 -70.97 -3.26 24.75
C ALA B 696 -71.33 -2.16 25.73
N GLY B 697 -71.76 -1.01 25.24
CA GLY B 697 -72.12 0.10 26.10
C GLY B 697 -71.04 1.15 26.16
N GLY B 698 -71.22 2.24 25.43
CA GLY B 698 -70.22 3.29 25.40
C GLY B 698 -70.46 4.21 24.24
N VAL B 699 -69.68 5.29 24.21
CA VAL B 699 -69.80 6.27 23.13
C VAL B 699 -69.40 5.61 21.82
N VAL B 700 -70.27 5.71 20.82
CA VAL B 700 -70.04 5.14 19.50
C VAL B 700 -69.71 6.28 18.55
N GLU B 701 -68.57 6.18 17.89
CA GLU B 701 -68.11 7.21 16.97
C GLU B 701 -67.98 6.60 15.59
N ALA B 702 -68.56 7.25 14.59
CA ALA B 702 -68.50 6.79 13.22
C ALA B 702 -67.57 7.68 12.40
N ALA B 703 -66.82 7.06 11.50
CA ALA B 703 -65.86 7.76 10.68
C ALA B 703 -66.06 7.38 9.22
N ILE B 704 -65.77 8.33 8.33
CA ILE B 704 -65.88 8.13 6.90
C ILE B 704 -64.54 8.46 6.27
N SER B 705 -63.92 7.49 5.62
CA SER B 705 -62.68 7.74 4.92
C SER B 705 -62.92 8.70 3.76
N TYR B 706 -62.00 9.65 3.59
CA TYR B 706 -62.10 10.66 2.55
C TYR B 706 -60.97 10.44 1.55
N THR B 707 -61.30 10.48 0.26
CA THR B 707 -60.32 10.26 -0.79
C THR B 707 -60.66 11.14 -1.98
N GLY B 708 -59.62 11.57 -2.70
CA GLY B 708 -59.80 12.46 -3.82
C GLY B 708 -60.14 13.87 -3.39
N ASP B 709 -60.40 14.73 -4.36
CA ASP B 709 -60.80 16.10 -4.11
C ASP B 709 -62.30 16.23 -4.29
N VAL B 710 -62.99 16.58 -3.21
CA VAL B 710 -64.45 16.70 -3.23
C VAL B 710 -64.90 18.00 -3.87
N ALA B 711 -63.99 18.94 -4.10
CA ALA B 711 -64.33 20.20 -4.75
C ALA B 711 -64.01 20.23 -6.24
N ASP B 712 -63.29 19.25 -6.75
CA ASP B 712 -62.96 19.22 -8.18
C ASP B 712 -64.15 18.70 -8.96
N PRO B 713 -64.69 19.47 -9.91
CA PRO B 713 -65.77 18.94 -10.76
C PRO B 713 -65.37 17.71 -11.56
N SER B 714 -64.09 17.57 -11.90
CA SER B 714 -63.65 16.44 -12.70
C SER B 714 -63.89 15.12 -11.98
N ARG B 715 -63.70 15.11 -10.66
CA ARG B 715 -63.94 13.90 -9.88
C ARG B 715 -65.41 13.48 -10.02
N THR B 716 -65.61 12.20 -10.32
CA THR B 716 -66.94 11.66 -10.51
C THR B 716 -67.20 10.37 -9.76
N LYS B 717 -66.17 9.57 -9.48
CA LYS B 717 -66.37 8.31 -8.79
C LYS B 717 -66.93 8.52 -7.39
N TYR B 718 -66.41 9.50 -6.66
CA TYR B 718 -66.89 9.84 -5.32
C TYR B 718 -67.55 11.22 -5.42
N SER B 719 -68.83 11.22 -5.75
CA SER B 719 -69.57 12.44 -5.98
C SER B 719 -69.83 13.15 -4.67
N LEU B 720 -70.31 14.39 -4.78
CA LEU B 720 -70.68 15.15 -3.59
C LEU B 720 -71.79 14.46 -2.82
N GLN B 721 -72.89 14.13 -3.49
CA GLN B 721 -74.04 13.57 -2.81
C GLN B 721 -73.74 12.19 -2.24
N TYR B 722 -72.65 11.57 -2.70
CA TYR B 722 -72.26 10.27 -2.16
C TYR B 722 -71.93 10.38 -0.68
N TYR B 723 -71.15 11.39 -0.30
CA TYR B 723 -70.79 11.58 1.10
C TYR B 723 -72.00 11.91 1.95
N MET B 724 -72.88 12.80 1.48
CA MET B 724 -74.05 13.14 2.28
C MET B 724 -75.01 11.96 2.39
N GLY B 725 -75.13 11.15 1.34
CA GLY B 725 -75.94 9.95 1.45
C GLY B 725 -75.37 8.98 2.47
N LEU B 726 -74.06 8.79 2.46
CA LEU B 726 -73.43 7.95 3.47
C LEU B 726 -73.67 8.49 4.87
N ALA B 727 -73.55 9.82 5.02
CA ALA B 727 -73.78 10.43 6.33
C ALA B 727 -75.22 10.24 6.78
N GLU B 728 -76.18 10.37 5.87
CA GLU B 728 -77.57 10.16 6.22
C GLU B 728 -77.81 8.73 6.66
N GLU B 729 -77.23 7.77 5.94
CA GLU B 729 -77.37 6.37 6.35
C GLU B 729 -76.74 6.14 7.72
N LEU B 730 -75.57 6.71 7.96
CA LEU B 730 -74.90 6.55 9.24
C LEU B 730 -75.72 7.12 10.38
N VAL B 731 -76.27 8.32 10.21
CA VAL B 731 -77.05 8.93 11.27
C VAL B 731 -78.37 8.20 11.45
N ARG B 732 -78.93 7.63 10.37
CA ARG B 732 -80.12 6.82 10.50
C ARG B 732 -79.84 5.57 11.32
N ALA B 733 -78.66 4.97 11.13
CA ALA B 733 -78.28 3.82 11.93
C ALA B 733 -78.23 4.17 13.41
N GLY B 734 -77.87 5.42 13.72
CA GLY B 734 -77.84 5.88 15.10
C GLY B 734 -76.43 5.93 15.67
N THR B 735 -75.85 7.12 15.71
CA THR B 735 -74.51 7.33 16.22
C THR B 735 -74.54 8.46 17.24
N HIS B 736 -73.35 8.88 17.66
CA HIS B 736 -73.19 9.99 18.58
C HIS B 736 -72.36 11.13 18.02
N ILE B 737 -71.25 10.82 17.36
CA ILE B 737 -70.37 11.82 16.77
C ILE B 737 -69.97 11.33 15.39
N LEU B 738 -69.90 12.25 14.42
CA LEU B 738 -69.45 11.93 13.08
C LEU B 738 -68.01 12.38 12.89
N CYS B 739 -67.21 11.53 12.26
CA CYS B 739 -65.80 11.81 12.00
C CYS B 739 -65.51 11.65 10.52
N ILE B 740 -64.45 12.31 10.07
CA ILE B 740 -64.00 12.25 8.69
C ILE B 740 -62.52 11.88 8.72
N LYS B 741 -62.23 10.59 8.61
CA LYS B 741 -60.85 10.13 8.58
C LYS B 741 -60.16 10.60 7.31
N ASP B 742 -58.97 11.18 7.47
CA ASP B 742 -58.13 11.58 6.33
C ASP B 742 -56.75 10.99 6.57
N MET B 743 -56.56 9.75 6.12
CA MET B 743 -55.33 9.03 6.38
C MET B 743 -54.17 9.56 5.53
N ALA B 744 -54.46 10.11 4.36
CA ALA B 744 -53.40 10.57 3.47
C ALA B 744 -53.12 12.06 3.62
N GLY B 745 -54.05 12.81 4.20
CA GLY B 745 -53.86 14.24 4.34
C GLY B 745 -54.17 14.98 3.06
N LEU B 746 -55.35 14.76 2.51
CA LEU B 746 -55.76 15.35 1.24
C LEU B 746 -56.84 16.41 1.43
N LEU B 747 -56.99 16.93 2.64
CA LEU B 747 -58.08 17.83 2.97
C LEU B 747 -57.68 19.26 2.56
N LYS B 748 -58.21 19.71 1.42
CA LYS B 748 -57.96 21.07 0.99
C LYS B 748 -58.80 22.04 1.81
N PRO B 749 -58.33 23.29 1.97
CA PRO B 749 -59.13 24.27 2.72
C PRO B 749 -60.50 24.51 2.12
N THR B 750 -60.61 24.56 0.79
CA THR B 750 -61.91 24.70 0.15
C THR B 750 -62.78 23.47 0.42
N ALA B 751 -62.19 22.27 0.27
CA ALA B 751 -62.92 21.06 0.57
C ALA B 751 -63.35 21.02 2.03
N CYS B 752 -62.42 21.35 2.93
CA CYS B 752 -62.76 21.57 4.34
C CYS B 752 -64.02 22.42 4.51
N THR B 753 -63.96 23.66 4.04
CA THR B 753 -65.05 24.59 4.37
C THR B 753 -66.36 24.14 3.76
N MET B 754 -66.34 23.68 2.50
CA MET B 754 -67.60 23.34 1.85
C MET B 754 -68.20 22.07 2.44
N LEU B 755 -67.36 21.06 2.71
CA LEU B 755 -67.87 19.82 3.28
C LEU B 755 -68.42 20.04 4.69
N VAL B 756 -67.68 20.79 5.51
CA VAL B 756 -68.15 21.01 6.88
C VAL B 756 -69.42 21.85 6.87
N SER B 757 -69.50 22.82 5.96
CA SER B 757 -70.74 23.58 5.84
C SER B 757 -71.90 22.68 5.44
N SER B 758 -71.68 21.78 4.49
CA SER B 758 -72.75 20.90 4.04
C SER B 758 -73.22 19.97 5.15
N LEU B 759 -72.29 19.41 5.93
CA LEU B 759 -72.70 18.56 7.04
C LEU B 759 -73.45 19.34 8.11
N ARG B 760 -72.90 20.48 8.54
CA ARG B 760 -73.56 21.30 9.53
C ARG B 760 -74.86 21.89 9.04
N ASP B 761 -75.00 22.11 7.73
CA ASP B 761 -76.23 22.70 7.20
C ASP B 761 -77.42 21.79 7.47
N ARG B 762 -77.27 20.48 7.29
CA ARG B 762 -78.40 19.57 7.37
C ARG B 762 -78.35 18.70 8.62
N PHE B 763 -77.44 18.99 9.55
CA PHE B 763 -77.34 18.26 10.81
C PHE B 763 -76.83 19.20 11.90
N PRO B 764 -77.68 20.11 12.38
CA PRO B 764 -77.26 20.99 13.47
C PRO B 764 -77.47 20.35 14.83
N ASP B 765 -77.15 19.08 14.96
CA ASP B 765 -77.24 18.38 16.24
C ASP B 765 -76.00 17.56 16.56
N LEU B 766 -75.40 16.92 15.55
CA LEU B 766 -74.31 16.00 15.81
C LEU B 766 -72.99 16.76 15.95
N PRO B 767 -72.24 16.53 17.02
CA PRO B 767 -70.88 17.09 17.08
C PRO B 767 -70.02 16.53 15.96
N LEU B 768 -69.14 17.38 15.44
CA LEU B 768 -68.26 17.01 14.34
C LEU B 768 -66.88 16.65 14.88
N HIS B 769 -66.32 15.58 14.35
CA HIS B 769 -64.96 15.15 14.69
C HIS B 769 -64.13 15.15 13.41
N ILE B 770 -62.83 15.41 13.55
CA ILE B 770 -61.93 15.50 12.40
C ILE B 770 -60.62 14.80 12.75
N HIS B 771 -59.91 14.37 11.71
CA HIS B 771 -58.62 13.70 11.90
C HIS B 771 -57.88 13.74 10.57
N THR B 772 -56.63 14.21 10.59
CA THR B 772 -55.84 14.31 9.37
C THR B 772 -54.37 14.09 9.70
N HIS B 773 -53.60 13.77 8.67
CA HIS B 773 -52.16 13.57 8.79
C HIS B 773 -51.46 14.67 8.01
N ASP B 774 -50.55 15.38 8.67
CA ASP B 774 -49.87 16.53 8.07
C ASP B 774 -48.69 16.05 7.24
N THR B 775 -49.02 15.45 6.09
CA THR B 775 -48.01 14.93 5.17
C THR B 775 -47.65 15.94 4.09
N SER B 776 -48.64 16.52 3.43
CA SER B 776 -48.36 17.50 2.37
C SER B 776 -47.75 18.76 2.95
N GLY B 777 -48.09 19.09 4.18
CA GLY B 777 -47.63 20.31 4.83
C GLY B 777 -48.68 21.37 5.01
N ALA B 778 -49.92 21.13 4.57
CA ALA B 778 -51.00 22.10 4.68
C ALA B 778 -52.06 21.66 5.67
N GLY B 779 -51.68 20.87 6.67
CA GLY B 779 -52.65 20.38 7.63
C GLY B 779 -53.23 21.49 8.50
N VAL B 780 -52.38 22.41 8.95
CA VAL B 780 -52.83 23.43 9.90
C VAL B 780 -53.84 24.37 9.27
N ALA B 781 -53.62 24.78 8.01
CA ALA B 781 -54.55 25.69 7.36
C ALA B 781 -55.92 25.05 7.19
N ALA B 782 -55.94 23.80 6.70
CA ALA B 782 -57.21 23.10 6.56
C ALA B 782 -57.87 22.90 7.91
N MET B 783 -57.09 22.65 8.95
CA MET B 783 -57.68 22.45 10.27
C MET B 783 -58.30 23.73 10.79
N LEU B 784 -57.63 24.87 10.59
CA LEU B 784 -58.23 26.14 10.98
C LEU B 784 -59.51 26.41 10.22
N ALA B 785 -59.52 26.11 8.92
CA ALA B 785 -60.74 26.30 8.14
C ALA B 785 -61.88 25.42 8.67
N CYS B 786 -61.58 24.15 8.96
CA CYS B 786 -62.60 23.25 9.47
C CYS B 786 -63.13 23.72 10.82
N ALA B 787 -62.23 24.17 11.69
CA ALA B 787 -62.65 24.68 12.99
C ALA B 787 -63.53 25.91 12.84
N GLN B 788 -63.16 26.80 11.91
CA GLN B 788 -63.96 28.00 11.68
C GLN B 788 -65.35 27.65 11.19
N ALA B 789 -65.46 26.73 10.23
CA ALA B 789 -66.76 26.43 9.66
C ALA B 789 -67.71 25.81 10.68
N GLY B 790 -67.45 24.58 11.10
CA GLY B 790 -68.32 23.94 12.07
C GLY B 790 -67.70 22.93 13.01
N ALA B 791 -66.39 22.77 13.00
CA ALA B 791 -65.77 21.67 13.71
C ALA B 791 -65.91 21.83 15.22
N ASP B 792 -65.91 20.70 15.92
CA ASP B 792 -66.02 20.67 17.37
C ASP B 792 -64.83 20.01 18.04
N VAL B 793 -64.39 18.86 17.54
CA VAL B 793 -63.28 18.11 18.12
C VAL B 793 -62.15 18.06 17.10
N VAL B 794 -60.92 18.15 17.60
CA VAL B 794 -59.73 18.22 16.77
C VAL B 794 -58.70 17.21 17.28
N ASP B 795 -58.07 16.49 16.35
CA ASP B 795 -57.02 15.55 16.69
C ASP B 795 -55.66 16.24 16.63
N VAL B 796 -54.91 16.15 17.72
CA VAL B 796 -53.67 16.91 17.88
C VAL B 796 -52.61 16.01 18.49
N ALA B 797 -51.38 16.13 17.99
CA ALA B 797 -50.22 15.50 18.60
C ALA B 797 -49.29 16.57 19.16
N ALA B 798 -48.34 16.13 19.98
CA ALA B 798 -47.37 17.04 20.56
C ALA B 798 -46.44 17.59 19.48
N ASP B 799 -45.73 18.67 19.82
CA ASP B 799 -44.87 19.32 18.84
C ASP B 799 -43.71 18.43 18.44
N SER B 800 -43.13 17.71 19.40
CA SER B 800 -41.97 16.87 19.13
C SER B 800 -42.25 15.75 18.14
N MET B 801 -43.50 15.35 17.97
CA MET B 801 -43.89 14.37 16.97
C MET B 801 -44.93 14.96 16.04
N SER B 802 -44.67 16.16 15.54
CA SER B 802 -45.54 16.84 14.60
C SER B 802 -44.81 17.01 13.28
N GLY B 803 -45.54 17.48 12.27
CA GLY B 803 -44.93 17.68 10.98
C GLY B 803 -44.63 16.35 10.30
N MET B 804 -43.75 16.44 9.29
CA MET B 804 -43.30 15.27 8.54
C MET B 804 -44.48 14.51 7.94
N THR B 805 -44.88 13.42 8.59
CA THR B 805 -46.09 12.69 8.22
C THR B 805 -47.02 12.51 9.41
N SER B 806 -46.78 13.22 10.51
CA SER B 806 -47.60 13.10 11.70
C SER B 806 -48.72 14.13 11.66
N GLN B 807 -49.38 14.32 12.78
CA GLN B 807 -50.51 15.22 12.89
C GLN B 807 -50.06 16.62 13.29
N PRO B 808 -50.90 17.64 13.06
CA PRO B 808 -50.49 19.02 13.35
C PRO B 808 -50.17 19.23 14.82
N SER B 809 -49.25 20.17 15.06
CA SER B 809 -48.74 20.41 16.40
C SER B 809 -49.75 21.15 17.27
N MET B 810 -49.63 20.95 18.58
CA MET B 810 -50.51 21.65 19.52
C MET B 810 -50.19 23.13 19.59
N GLY B 811 -48.89 23.47 19.51
CA GLY B 811 -48.49 24.86 19.71
C GLY B 811 -49.10 25.82 18.70
N ALA B 812 -49.11 25.42 17.43
CA ALA B 812 -49.65 26.29 16.39
C ALA B 812 -51.14 26.56 16.61
N LEU B 813 -51.91 25.52 16.92
CA LEU B 813 -53.33 25.70 17.16
C LEU B 813 -53.59 26.55 18.40
N VAL B 814 -52.84 26.31 19.47
CA VAL B 814 -53.04 27.08 20.70
C VAL B 814 -52.71 28.55 20.45
N ALA B 815 -51.61 28.82 19.76
CA ALA B 815 -51.18 30.20 19.55
C ALA B 815 -52.10 30.93 18.58
N CYS B 816 -52.52 30.27 17.50
CA CYS B 816 -53.33 30.95 16.50
C CYS B 816 -54.74 31.23 17.01
N THR B 817 -55.25 30.37 17.88
CA THR B 817 -56.58 30.56 18.46
C THR B 817 -56.47 31.27 19.81
N ARG B 818 -55.77 32.40 19.80
CA ARG B 818 -55.54 33.16 21.02
C ARG B 818 -56.57 34.29 21.20
N GLY B 819 -56.61 35.22 20.26
CA GLY B 819 -57.61 36.27 20.26
C GLY B 819 -58.77 35.90 19.36
N THR B 820 -59.38 34.75 19.63
CA THR B 820 -60.37 34.15 18.76
C THR B 820 -61.63 33.84 19.54
N PRO B 821 -62.80 33.99 18.93
CA PRO B 821 -64.05 33.60 19.62
C PRO B 821 -64.06 32.15 20.06
N LEU B 822 -63.30 31.27 19.40
CA LEU B 822 -63.21 29.88 19.87
C LEU B 822 -62.60 29.81 21.26
N ASP B 823 -61.47 30.49 21.48
CA ASP B 823 -60.88 30.67 22.80
C ASP B 823 -60.65 29.32 23.50
N THR B 824 -59.71 28.56 22.94
CA THR B 824 -59.29 27.31 23.56
C THR B 824 -58.96 27.52 25.04
N GLU B 825 -58.22 28.58 25.34
CA GLU B 825 -57.96 29.02 26.71
C GLU B 825 -57.33 27.90 27.53
N VAL B 826 -56.12 27.53 27.13
CA VAL B 826 -55.31 26.55 27.84
C VAL B 826 -53.94 27.18 28.07
N PRO B 827 -53.39 27.10 29.28
CA PRO B 827 -52.06 27.71 29.51
C PRO B 827 -51.00 27.03 28.66
N MET B 828 -50.46 27.79 27.71
CA MET B 828 -49.51 27.24 26.75
C MET B 828 -48.11 27.16 27.30
N GLU B 829 -47.87 27.65 28.52
CA GLU B 829 -46.58 27.44 29.16
C GLU B 829 -46.35 25.96 29.43
N ARG B 830 -47.39 25.25 29.87
CA ARG B 830 -47.27 23.81 30.10
C ARG B 830 -47.03 23.04 28.81
N VAL B 831 -47.55 23.57 27.69
CA VAL B 831 -47.31 22.94 26.39
C VAL B 831 -45.82 22.88 26.11
N PHE B 832 -45.09 23.92 26.49
CA PHE B 832 -43.66 23.98 26.22
C PHE B 832 -42.92 22.84 26.89
N ASP B 833 -43.20 22.61 28.19
CA ASP B 833 -42.52 21.53 28.89
C ASP B 833 -43.01 20.17 28.42
N TYR B 834 -44.28 20.05 28.06
CA TYR B 834 -44.78 18.80 27.51
C TYR B 834 -44.04 18.43 26.23
N SER B 835 -43.83 19.42 25.36
CA SER B 835 -43.04 19.19 24.16
C SER B 835 -41.58 18.91 24.47
N GLU B 836 -41.04 19.58 25.49
CA GLU B 836 -39.64 19.36 25.85
C GLU B 836 -39.38 17.94 26.30
N TYR B 837 -40.30 17.38 27.08
CA TYR B 837 -40.15 15.99 27.52
C TYR B 837 -40.03 15.05 26.34
N TRP B 838 -40.95 15.20 25.37
CA TRP B 838 -40.94 14.29 24.24
C TRP B 838 -39.75 14.54 23.33
N GLU B 839 -39.27 15.78 23.25
CA GLU B 839 -38.05 16.05 22.50
C GLU B 839 -36.87 15.33 23.12
N GLY B 840 -36.79 15.34 24.45
CA GLY B 840 -35.75 14.58 25.12
C GLY B 840 -35.90 13.08 24.93
N ALA B 841 -37.14 12.58 24.99
CA ALA B 841 -37.37 11.14 24.98
C ALA B 841 -37.20 10.56 23.57
N ARG B 842 -37.39 11.39 22.54
CA ARG B 842 -37.33 10.87 21.17
C ARG B 842 -35.93 10.37 20.82
N GLY B 843 -34.90 10.94 21.44
CA GLY B 843 -33.53 10.52 21.13
C GLY B 843 -33.22 9.09 21.49
N LEU B 844 -33.99 8.50 22.41
CA LEU B 844 -33.76 7.11 22.79
C LEU B 844 -33.97 6.18 21.61
N TYR B 845 -35.03 6.40 20.84
CA TYR B 845 -35.34 5.55 19.69
C TYR B 845 -34.71 6.09 18.40
N ALA B 846 -33.40 6.35 18.46
CA ALA B 846 -32.68 6.83 17.29
C ALA B 846 -32.20 5.70 16.40
N ALA B 847 -32.31 4.45 16.85
CA ALA B 847 -31.84 3.33 16.06
C ALA B 847 -32.63 3.15 14.77
N PHE B 848 -33.86 3.64 14.73
CA PHE B 848 -34.72 3.50 13.55
C PHE B 848 -35.70 4.67 13.54
N ASP B 849 -35.61 5.49 12.50
CA ASP B 849 -36.45 6.68 12.38
C ASP B 849 -36.64 7.02 10.93
N CYS B 850 -37.75 7.72 10.64
CA CYS B 850 -38.05 8.13 9.27
C CYS B 850 -37.10 9.22 8.77
N THR B 851 -36.28 9.79 9.65
CA THR B 851 -35.37 10.85 9.24
C THR B 851 -34.23 10.32 8.36
N ALA B 852 -34.25 9.03 8.03
CA ALA B 852 -33.18 8.46 7.21
C ALA B 852 -33.14 9.07 5.82
N THR B 853 -34.19 8.84 5.02
CA THR B 853 -34.22 9.34 3.64
C THR B 853 -35.31 10.39 3.44
N MET B 854 -36.50 10.18 3.98
CA MET B 854 -37.53 11.22 3.95
C MET B 854 -37.10 12.26 4.97
N LYS B 855 -36.28 13.20 4.52
CA LYS B 855 -35.69 14.17 5.42
C LYS B 855 -36.70 15.24 5.81
N SER B 856 -37.64 15.53 4.91
CA SER B 856 -38.69 16.51 5.18
C SER B 856 -40.01 15.95 4.68
N GLY B 857 -41.07 16.73 4.89
CA GLY B 857 -42.40 16.38 4.41
C GLY B 857 -42.47 16.21 2.91
N ASN B 858 -43.19 15.19 2.44
CA ASN B 858 -43.24 14.87 1.03
C ASN B 858 -44.59 15.24 0.43
N SER B 859 -44.53 15.91 -0.72
CA SER B 859 -45.71 16.12 -1.55
C SER B 859 -45.91 14.93 -2.47
N ASP B 860 -46.70 15.13 -3.53
CA ASP B 860 -47.03 14.07 -4.50
C ASP B 860 -47.84 12.98 -3.80
N VAL B 861 -48.48 13.34 -2.70
CA VAL B 861 -49.48 12.45 -2.10
C VAL B 861 -50.82 12.63 -2.79
N TYR B 862 -51.07 13.79 -3.39
CA TYR B 862 -52.30 14.00 -4.12
C TYR B 862 -52.38 13.12 -5.36
N GLU B 863 -51.23 12.60 -5.80
CA GLU B 863 -51.21 11.67 -6.92
C GLU B 863 -50.92 10.25 -6.46
N ASN B 864 -50.26 10.10 -5.32
CA ASN B 864 -49.93 8.76 -4.83
C ASN B 864 -51.01 8.22 -3.90
N GLU B 865 -51.54 9.08 -3.03
CA GLU B 865 -52.61 8.72 -2.10
C GLU B 865 -52.21 7.54 -1.21
N ILE B 866 -50.92 7.43 -0.92
CA ILE B 866 -50.40 6.39 -0.05
C ILE B 866 -50.64 6.81 1.40
N PRO B 867 -51.14 5.92 2.25
CA PRO B 867 -51.37 6.28 3.66
C PRO B 867 -50.08 6.64 4.38
N GLY B 868 -50.19 7.50 5.39
CA GLY B 868 -49.00 7.92 6.13
C GLY B 868 -48.31 6.77 6.83
N GLY B 869 -49.09 5.91 7.50
CA GLY B 869 -48.50 4.79 8.21
C GLY B 869 -47.84 3.75 7.33
N GLN B 870 -48.28 3.63 6.08
CA GLN B 870 -47.67 2.72 5.12
C GLN B 870 -46.50 3.36 4.39
N TYR B 871 -46.49 4.67 4.25
CA TYR B 871 -45.39 5.34 3.57
C TYR B 871 -44.09 5.17 4.36
N THR B 872 -44.18 5.23 5.68
CA THR B 872 -43.00 5.00 6.52
C THR B 872 -42.50 3.57 6.40
N ASN B 873 -43.40 2.61 6.33
CA ASN B 873 -42.96 1.23 6.18
C ASN B 873 -42.33 1.00 4.81
N LEU B 874 -42.82 1.71 3.80
CA LEU B 874 -42.18 1.64 2.48
C LEU B 874 -40.80 2.27 2.50
N HIS B 875 -40.66 3.36 3.23
CA HIS B 875 -39.35 3.93 3.56
C HIS B 875 -38.43 2.89 4.19
N PHE B 876 -38.95 2.18 5.19
CA PHE B 876 -38.22 1.10 5.85
C PHE B 876 -37.74 0.05 4.85
N GLN B 877 -38.64 -0.42 3.99
CA GLN B 877 -38.28 -1.45 3.03
C GLN B 877 -37.31 -0.92 1.98
N ALA B 878 -37.42 0.36 1.63
CA ALA B 878 -36.50 0.96 0.69
C ALA B 878 -35.08 0.95 1.24
N HIS B 879 -34.92 1.26 2.52
CA HIS B 879 -33.60 1.08 3.13
C HIS B 879 -33.21 -0.38 3.23
N SER B 880 -34.17 -1.25 3.53
CA SER B 880 -33.86 -2.68 3.67
C SER B 880 -33.26 -3.26 2.39
N MET B 881 -33.83 -2.93 1.22
CA MET B 881 -33.24 -3.33 -0.04
C MET B 881 -32.34 -2.26 -0.65
N GLY B 882 -32.06 -1.18 0.06
CA GLY B 882 -31.21 -0.14 -0.48
C GLY B 882 -31.78 0.52 -1.71
N LEU B 883 -33.08 0.79 -1.72
CA LEU B 883 -33.77 1.35 -2.88
C LEU B 883 -33.40 2.81 -3.05
N GLY B 884 -32.80 3.15 -4.19
CA GLY B 884 -32.46 4.51 -4.49
C GLY B 884 -33.44 5.14 -5.46
N SER B 885 -32.98 5.38 -6.70
CA SER B 885 -33.88 5.88 -7.74
C SER B 885 -34.94 4.84 -8.08
N LYS B 886 -34.66 3.57 -7.80
CA LYS B 886 -35.63 2.51 -8.03
C LYS B 886 -36.83 2.63 -7.10
N PHE B 887 -36.69 3.37 -5.99
CA PHE B 887 -37.83 3.65 -5.14
C PHE B 887 -38.85 4.52 -5.86
N LYS B 888 -38.39 5.38 -6.76
CA LYS B 888 -39.31 6.21 -7.53
C LYS B 888 -40.21 5.33 -8.40
N GLU B 889 -39.65 4.28 -9.00
CA GLU B 889 -40.47 3.37 -9.80
C GLU B 889 -41.45 2.59 -8.94
N VAL B 890 -41.10 2.34 -7.68
CA VAL B 890 -41.98 1.60 -6.79
C VAL B 890 -43.30 2.34 -6.62
N LYS B 891 -43.23 3.63 -6.32
CA LYS B 891 -44.43 4.45 -6.21
C LYS B 891 -45.02 4.78 -7.57
N LYS B 892 -44.20 4.74 -8.63
CA LYS B 892 -44.74 4.87 -9.98
C LYS B 892 -45.62 3.67 -10.33
N ALA B 893 -45.34 2.51 -9.75
CA ALA B 893 -46.11 1.30 -9.98
C ALA B 893 -47.34 1.20 -9.10
N TYR B 894 -47.47 2.06 -8.09
CA TYR B 894 -48.61 1.98 -7.18
C TYR B 894 -49.88 2.49 -7.84
N VAL B 895 -49.79 3.61 -8.54
CA VAL B 895 -50.96 4.27 -9.10
C VAL B 895 -51.58 3.44 -10.22
N GLU B 896 -50.75 2.81 -11.05
CA GLU B 896 -51.29 1.99 -12.14
C GLU B 896 -51.99 0.76 -11.60
N ALA B 897 -51.43 0.16 -10.54
CA ALA B 897 -52.07 -0.98 -9.91
C ALA B 897 -53.40 -0.59 -9.30
N ASN B 898 -53.45 0.56 -8.62
CA ASN B 898 -54.72 1.05 -8.09
C ASN B 898 -55.73 1.28 -9.20
N GLN B 899 -55.29 1.87 -10.31
CA GLN B 899 -56.19 2.10 -11.43
C GLN B 899 -56.73 0.80 -11.99
N MET B 900 -55.87 -0.19 -12.18
CA MET B 900 -56.31 -1.47 -12.74
C MET B 900 -57.28 -2.18 -11.81
N LEU B 901 -57.01 -2.16 -10.51
CA LEU B 901 -57.98 -2.68 -9.56
C LEU B 901 -59.13 -1.73 -9.32
N GLY B 902 -59.07 -0.53 -9.91
CA GLY B 902 -60.10 0.48 -9.71
C GLY B 902 -59.77 1.40 -8.55
N ASP B 903 -60.12 2.67 -8.72
CA ASP B 903 -59.85 3.66 -7.68
C ASP B 903 -60.67 3.33 -6.44
N LEU B 904 -59.99 2.87 -5.38
CA LEU B 904 -60.66 2.46 -4.16
C LEU B 904 -59.96 3.07 -2.96
N ILE B 905 -60.72 3.23 -1.88
CA ILE B 905 -60.17 3.79 -0.65
C ILE B 905 -59.27 2.76 0.04
N LYS B 906 -58.12 3.23 0.51
CA LYS B 906 -57.06 2.36 1.01
C LYS B 906 -56.68 2.80 2.41
N VAL B 907 -56.92 1.96 3.42
CA VAL B 907 -56.43 2.35 4.74
C VAL B 907 -55.50 1.31 5.36
N THR B 908 -56.07 0.26 5.97
CA THR B 908 -55.17 -0.78 6.46
C THR B 908 -55.01 -1.95 5.49
N PRO B 909 -56.09 -2.71 5.18
CA PRO B 909 -55.91 -3.91 4.36
C PRO B 909 -55.63 -3.62 2.90
N SER B 910 -56.49 -2.79 2.30
CA SER B 910 -56.43 -2.56 0.87
C SER B 910 -55.19 -1.78 0.48
N SER B 911 -54.71 -0.89 1.35
CA SER B 911 -53.44 -0.22 1.10
C SER B 911 -52.31 -1.24 1.02
N LYS B 912 -52.30 -2.19 1.96
CA LYS B 912 -51.29 -3.25 1.94
C LYS B 912 -51.43 -4.11 0.68
N ILE B 913 -52.66 -4.39 0.26
CA ILE B 913 -52.87 -5.21 -0.92
C ILE B 913 -52.33 -4.52 -2.16
N VAL B 914 -52.64 -3.23 -2.34
CA VAL B 914 -52.09 -2.51 -3.47
C VAL B 914 -50.57 -2.44 -3.37
N GLY B 915 -50.05 -2.25 -2.16
CA GLY B 915 -48.62 -2.14 -1.99
C GLY B 915 -47.87 -3.40 -2.38
N ASP B 916 -48.34 -4.56 -1.89
CA ASP B 916 -47.60 -5.79 -2.20
C ASP B 916 -47.89 -6.27 -3.62
N LEU B 917 -49.05 -5.92 -4.18
CA LEU B 917 -49.25 -6.15 -5.61
C LEU B 917 -48.24 -5.36 -6.43
N ALA B 918 -48.04 -4.09 -6.10
CA ALA B 918 -47.05 -3.29 -6.81
C ALA B 918 -45.65 -3.84 -6.61
N GLN B 919 -45.35 -4.29 -5.38
CA GLN B 919 -44.06 -4.91 -5.10
C GLN B 919 -43.82 -6.12 -6.00
N PHE B 920 -44.82 -7.00 -6.07
CA PHE B 920 -44.72 -8.19 -6.91
C PHE B 920 -44.50 -7.81 -8.37
N MET B 921 -45.33 -6.90 -8.90
CA MET B 921 -45.23 -6.57 -10.31
C MET B 921 -43.87 -5.95 -10.63
N VAL B 922 -43.37 -5.07 -9.76
CA VAL B 922 -42.10 -4.40 -10.06
C VAL B 922 -40.93 -5.36 -9.90
N GLN B 923 -40.98 -6.28 -8.93
CA GLN B 923 -39.86 -7.21 -8.77
C GLN B 923 -39.83 -8.19 -9.93
N ASN B 924 -40.99 -8.49 -10.52
CA ASN B 924 -40.96 -9.26 -11.76
C ASN B 924 -40.49 -8.45 -12.96
N GLY B 925 -40.48 -7.12 -12.86
CA GLY B 925 -40.08 -6.30 -13.98
C GLY B 925 -41.03 -6.41 -15.16
N LEU B 926 -42.32 -6.31 -14.89
CA LEU B 926 -43.38 -6.51 -15.87
C LEU B 926 -44.02 -5.17 -16.21
N SER B 927 -44.69 -5.14 -17.37
CA SER B 927 -45.45 -3.97 -17.80
C SER B 927 -46.94 -4.26 -17.71
N ARG B 928 -47.73 -3.20 -17.91
CA ARG B 928 -49.16 -3.28 -17.64
C ARG B 928 -49.89 -4.11 -18.71
N ALA B 929 -49.68 -3.78 -19.99
CA ALA B 929 -50.52 -4.35 -21.03
C ALA B 929 -50.34 -5.87 -21.13
N GLU B 930 -49.09 -6.33 -21.12
CA GLU B 930 -48.85 -7.77 -21.17
C GLU B 930 -49.36 -8.47 -19.92
N ALA B 931 -49.29 -7.80 -18.76
CA ALA B 931 -49.87 -8.38 -17.55
C ALA B 931 -51.37 -8.54 -17.69
N GLU B 932 -52.03 -7.57 -18.33
CA GLU B 932 -53.44 -7.68 -18.65
C GLU B 932 -53.71 -8.84 -19.60
N ALA B 933 -52.85 -9.02 -20.61
CA ALA B 933 -53.07 -10.08 -21.59
C ALA B 933 -52.99 -11.46 -20.95
N GLN B 934 -51.83 -11.81 -20.39
CA GLN B 934 -51.59 -13.13 -19.84
C GLN B 934 -51.69 -13.05 -18.31
N ALA B 935 -52.91 -13.20 -17.79
CA ALA B 935 -53.14 -13.21 -16.36
C ALA B 935 -53.57 -14.57 -15.84
N GLU B 936 -53.98 -15.49 -16.71
CA GLU B 936 -54.36 -16.83 -16.26
C GLU B 936 -53.13 -17.65 -15.89
N GLU B 937 -52.17 -17.75 -16.81
CA GLU B 937 -50.96 -18.50 -16.54
C GLU B 937 -50.11 -17.81 -15.47
N LEU B 938 -50.15 -16.48 -15.43
CA LEU B 938 -49.36 -15.74 -14.46
C LEU B 938 -49.86 -15.98 -13.04
N SER B 939 -48.93 -16.19 -12.13
CA SER B 939 -49.24 -16.40 -10.73
C SER B 939 -49.28 -15.06 -10.00
N PHE B 940 -50.24 -14.90 -9.11
CA PHE B 940 -50.41 -13.68 -8.34
C PHE B 940 -50.24 -13.95 -6.85
N PRO B 941 -49.85 -12.93 -6.08
CA PRO B 941 -49.71 -13.12 -4.63
C PRO B 941 -51.03 -13.50 -3.98
N ARG B 942 -50.93 -14.28 -2.90
CA ARG B 942 -52.12 -14.81 -2.24
C ARG B 942 -53.05 -13.71 -1.76
N SER B 943 -52.50 -12.55 -1.38
CA SER B 943 -53.33 -11.47 -0.87
C SER B 943 -54.25 -10.91 -1.95
N VAL B 944 -53.72 -10.80 -3.18
CA VAL B 944 -54.55 -10.33 -4.29
C VAL B 944 -55.70 -11.28 -4.54
N VAL B 945 -55.42 -12.59 -4.49
CA VAL B 945 -56.47 -13.59 -4.66
C VAL B 945 -57.50 -13.48 -3.54
N GLU B 946 -57.04 -13.28 -2.30
CA GLU B 946 -57.96 -13.12 -1.19
C GLU B 946 -58.87 -11.92 -1.38
N PHE B 947 -58.30 -10.80 -1.84
CA PHE B 947 -59.11 -9.62 -2.10
C PHE B 947 -60.12 -9.87 -3.20
N LEU B 948 -59.68 -10.46 -4.30
CA LEU B 948 -60.59 -10.69 -5.44
C LEU B 948 -61.66 -11.70 -5.09
N GLN B 949 -61.40 -12.58 -4.12
CA GLN B 949 -62.41 -13.53 -3.69
C GLN B 949 -63.58 -12.82 -3.02
N GLY B 950 -63.29 -11.87 -2.13
CA GLY B 950 -64.35 -11.06 -1.53
C GLY B 950 -64.52 -11.22 -0.05
N TYR B 951 -63.43 -11.51 0.68
CA TYR B 951 -63.53 -11.61 2.13
C TYR B 951 -63.74 -10.25 2.79
N ILE B 952 -63.04 -9.22 2.31
CA ILE B 952 -63.15 -7.91 2.95
C ILE B 952 -64.50 -7.28 2.66
N GLY B 953 -64.99 -7.42 1.44
CA GLY B 953 -66.26 -6.83 1.05
C GLY B 953 -66.19 -6.32 -0.37
N VAL B 954 -67.35 -5.87 -0.85
CA VAL B 954 -67.49 -5.38 -2.22
C VAL B 954 -67.22 -3.88 -2.26
N PRO B 955 -66.45 -3.39 -3.20
CA PRO B 955 -66.24 -1.94 -3.34
C PRO B 955 -67.49 -1.26 -3.88
N HIS B 956 -67.48 0.06 -3.84
CA HIS B 956 -68.62 0.88 -4.24
C HIS B 956 -68.92 0.76 -5.72
N GLY B 957 -67.91 0.98 -6.56
CA GLY B 957 -68.09 0.99 -7.99
C GLY B 957 -67.90 -0.35 -8.67
N GLY B 958 -67.85 -1.44 -7.92
CA GLY B 958 -67.59 -2.75 -8.50
C GLY B 958 -66.13 -2.96 -8.80
N PHE B 959 -65.82 -4.18 -9.23
CA PHE B 959 -64.46 -4.60 -9.52
C PHE B 959 -64.47 -5.37 -10.83
N PRO B 960 -63.38 -5.30 -11.59
CA PRO B 960 -63.38 -5.87 -12.95
C PRO B 960 -63.65 -7.37 -12.93
N GLU B 961 -64.49 -7.81 -13.87
CA GLU B 961 -64.80 -9.21 -14.06
C GLU B 961 -63.73 -9.99 -14.82
N PRO B 962 -63.09 -9.45 -15.88
CA PRO B 962 -62.12 -10.28 -16.61
C PRO B 962 -60.94 -10.70 -15.76
N PHE B 963 -60.40 -9.79 -14.94
CA PHE B 963 -59.24 -10.13 -14.13
C PHE B 963 -59.59 -11.18 -13.08
N ARG B 964 -60.71 -11.02 -12.39
CA ARG B 964 -61.09 -12.00 -11.38
C ARG B 964 -61.42 -13.35 -12.01
N SER B 965 -62.05 -13.34 -13.19
CA SER B 965 -62.32 -14.59 -13.88
C SER B 965 -61.02 -15.28 -14.28
N LYS B 966 -60.05 -14.52 -14.77
CA LYS B 966 -58.81 -15.09 -15.28
C LYS B 966 -57.83 -15.49 -14.17
N VAL B 967 -57.98 -14.93 -12.96
CA VAL B 967 -57.09 -15.25 -11.86
C VAL B 967 -57.70 -16.27 -10.92
N LEU B 968 -58.96 -16.09 -10.54
CA LEU B 968 -59.62 -16.97 -9.58
C LEU B 968 -59.76 -18.40 -10.11
N LYS B 969 -59.78 -18.59 -11.42
CA LYS B 969 -59.99 -19.90 -12.03
C LYS B 969 -61.29 -20.51 -11.53
N ASP B 970 -61.20 -21.43 -10.58
CA ASP B 970 -62.37 -22.11 -10.02
C ASP B 970 -62.30 -22.10 -8.49
N LEU B 971 -61.78 -21.02 -7.94
CA LEU B 971 -61.72 -20.94 -6.49
C LEU B 971 -63.09 -20.58 -5.91
N PRO B 972 -63.38 -21.00 -4.68
CA PRO B 972 -64.65 -20.64 -4.06
C PRO B 972 -64.76 -19.14 -3.85
N ARG B 973 -65.99 -18.64 -3.88
CA ARG B 973 -66.28 -17.23 -3.70
C ARG B 973 -67.27 -17.04 -2.56
N VAL B 974 -67.12 -15.96 -1.80
CA VAL B 974 -68.01 -15.62 -0.70
C VAL B 974 -68.92 -14.50 -1.15
N GLU B 975 -70.23 -14.67 -0.91
CA GLU B 975 -71.23 -13.72 -1.34
C GLU B 975 -71.95 -13.13 -0.13
N GLY B 976 -72.54 -11.95 -0.32
CA GLY B 976 -73.21 -11.26 0.76
C GLY B 976 -72.23 -10.66 1.75
N ARG B 977 -72.58 -10.67 3.03
CA ARG B 977 -71.67 -10.21 4.07
C ARG B 977 -70.76 -11.35 4.49
N PRO B 978 -69.46 -11.25 4.26
CA PRO B 978 -68.56 -12.36 4.66
C PRO B 978 -68.59 -12.65 6.14
N GLY B 979 -68.83 -11.63 6.98
CA GLY B 979 -68.94 -11.89 8.41
C GLY B 979 -70.14 -12.76 8.75
N ALA B 980 -71.29 -12.48 8.12
CA ALA B 980 -72.45 -13.31 8.33
C ALA B 980 -72.24 -14.71 7.76
N SER B 981 -71.60 -14.80 6.59
CA SER B 981 -71.38 -16.09 5.95
C SER B 981 -70.33 -16.92 6.69
N LEU B 982 -69.43 -16.30 7.43
CA LEU B 982 -68.39 -17.04 8.13
C LEU B 982 -68.99 -17.79 9.32
N PRO B 983 -68.74 -19.08 9.45
CA PRO B 983 -69.31 -19.83 10.58
C PRO B 983 -68.72 -19.37 11.89
N PRO B 984 -69.55 -19.19 12.92
CA PRO B 984 -69.03 -18.85 14.24
C PRO B 984 -68.13 -19.95 14.78
N LEU B 985 -67.07 -19.54 15.47
CA LEU B 985 -66.12 -20.48 16.05
C LEU B 985 -66.27 -20.52 17.56
N ASP B 986 -65.84 -21.64 18.15
CA ASP B 986 -65.86 -21.82 19.59
C ASP B 986 -64.57 -21.30 20.20
N LEU B 987 -64.69 -20.32 21.08
CA LEU B 987 -63.55 -19.81 21.84
C LEU B 987 -63.33 -20.56 23.13
N GLN B 988 -64.26 -21.42 23.53
CA GLN B 988 -64.11 -22.20 24.76
C GLN B 988 -63.04 -23.27 24.61
N ALA B 989 -62.94 -23.88 23.43
CA ALA B 989 -61.91 -24.89 23.21
C ALA B 989 -60.51 -24.28 23.26
N LEU B 990 -60.39 -23.02 22.84
CA LEU B 990 -59.09 -22.35 22.89
C LEU B 990 -58.58 -22.22 24.32
N GLU B 991 -59.46 -21.86 25.26
CA GLU B 991 -59.05 -21.68 26.64
C GLU B 991 -58.53 -22.99 27.24
N LYS B 992 -59.30 -24.07 27.09
CA LYS B 992 -58.87 -25.35 27.62
C LYS B 992 -57.62 -25.86 26.91
N GLU B 993 -57.50 -25.61 25.61
CA GLU B 993 -56.32 -26.02 24.87
C GLU B 993 -55.08 -25.33 25.40
N LEU B 994 -55.15 -24.01 25.61
CA LEU B 994 -54.01 -23.28 26.13
C LEU B 994 -53.69 -23.67 27.57
N VAL B 995 -54.73 -23.91 28.39
CA VAL B 995 -54.50 -24.35 29.75
C VAL B 995 -53.79 -25.70 29.77
N ASP B 996 -54.21 -26.61 28.90
CA ASP B 996 -53.56 -27.91 28.80
C ASP B 996 -52.12 -27.75 28.32
N ARG B 997 -51.87 -26.86 27.36
CA ARG B 997 -50.53 -26.77 26.77
C ARG B 997 -49.55 -26.07 27.70
N HIS B 998 -49.80 -24.78 28.00
CA HIS B 998 -48.89 -24.03 28.85
C HIS B 998 -49.61 -23.02 29.73
N GLY B 999 -50.90 -23.21 29.99
CA GLY B 999 -51.72 -22.24 30.69
C GLY B 999 -52.07 -22.72 32.09
N GLU B 1000 -51.86 -21.83 33.06
CA GLU B 1000 -52.21 -22.15 34.44
C GLU B 1000 -52.99 -21.02 35.11
N GLU B 1001 -52.85 -19.78 34.64
CA GLU B 1001 -53.78 -18.73 35.05
C GLU B 1001 -54.17 -17.82 33.87
N VAL B 1002 -54.38 -18.42 32.69
CA VAL B 1002 -54.74 -17.64 31.52
C VAL B 1002 -56.04 -16.88 31.75
N THR B 1003 -56.06 -15.62 31.37
CA THR B 1003 -57.19 -14.72 31.55
C THR B 1003 -57.95 -14.56 30.24
N PRO B 1004 -59.23 -14.21 30.31
CA PRO B 1004 -60.02 -14.07 29.06
C PRO B 1004 -59.42 -13.10 28.07
N GLU B 1005 -58.81 -12.02 28.54
CA GLU B 1005 -58.10 -11.13 27.63
C GLU B 1005 -57.01 -11.89 26.90
N ASP B 1006 -56.23 -12.69 27.62
CA ASP B 1006 -55.22 -13.53 26.99
C ASP B 1006 -55.85 -14.56 26.07
N VAL B 1007 -57.01 -15.11 26.45
CA VAL B 1007 -57.68 -16.11 25.62
C VAL B 1007 -58.02 -15.52 24.25
N LEU B 1008 -58.67 -14.35 24.25
CA LEU B 1008 -59.07 -13.77 22.98
C LEU B 1008 -57.87 -13.20 22.24
N SER B 1009 -56.82 -12.80 22.97
CA SER B 1009 -55.60 -12.35 22.32
C SER B 1009 -54.96 -13.49 21.54
N ALA B 1010 -54.89 -14.68 22.14
CA ALA B 1010 -54.40 -15.84 21.41
C ALA B 1010 -55.33 -16.23 20.28
N ALA B 1011 -56.65 -16.13 20.51
CA ALA B 1011 -57.60 -16.36 19.44
C ALA B 1011 -57.43 -15.37 18.29
N MET B 1012 -56.81 -14.21 18.55
CA MET B 1012 -56.57 -13.25 17.49
C MET B 1012 -55.44 -13.71 16.59
N TYR B 1013 -54.23 -13.87 17.15
CA TYR B 1013 -53.11 -14.51 16.48
C TYR B 1013 -52.53 -15.56 17.41
N PRO B 1014 -52.77 -16.84 17.14
CA PRO B 1014 -52.22 -17.88 18.02
C PRO B 1014 -50.70 -17.99 17.97
N ASP B 1015 -50.12 -17.87 16.78
CA ASP B 1015 -48.69 -18.11 16.63
C ASP B 1015 -47.85 -17.11 17.41
N VAL B 1016 -48.10 -15.81 17.22
CA VAL B 1016 -47.30 -14.82 17.92
C VAL B 1016 -47.61 -14.82 19.41
N PHE B 1017 -48.84 -15.14 19.81
CA PHE B 1017 -49.13 -15.26 21.23
C PHE B 1017 -48.33 -16.37 21.87
N ALA B 1018 -48.28 -17.54 21.22
CA ALA B 1018 -47.48 -18.64 21.74
C ALA B 1018 -46.01 -18.27 21.79
N HIS B 1019 -45.50 -17.63 20.73
CA HIS B 1019 -44.11 -17.24 20.70
C HIS B 1019 -43.78 -16.27 21.83
N PHE B 1020 -44.62 -15.25 22.01
CA PHE B 1020 -44.38 -14.26 23.06
C PHE B 1020 -44.45 -14.89 24.45
N LYS B 1021 -45.44 -15.76 24.66
CA LYS B 1021 -45.57 -16.39 25.97
C LYS B 1021 -44.38 -17.29 26.27
N ASP B 1022 -43.92 -18.05 25.28
CA ASP B 1022 -42.74 -18.89 25.49
C ASP B 1022 -41.51 -18.03 25.76
N PHE B 1023 -41.35 -16.93 25.03
CA PHE B 1023 -40.21 -16.04 25.28
C PHE B 1023 -40.25 -15.49 26.69
N THR B 1024 -41.43 -15.05 27.15
CA THR B 1024 -41.56 -14.54 28.51
C THR B 1024 -41.25 -15.61 29.54
N ALA B 1025 -41.71 -16.85 29.30
CA ALA B 1025 -41.38 -17.94 30.19
C ALA B 1025 -39.90 -18.33 30.07
N THR B 1026 -39.20 -17.79 29.07
CA THR B 1026 -37.80 -18.14 28.88
C THR B 1026 -36.87 -17.11 29.55
N PHE B 1027 -37.07 -15.82 29.26
CA PHE B 1027 -36.15 -14.81 29.75
C PHE B 1027 -36.71 -14.00 30.91
N GLY B 1028 -38.02 -14.05 31.16
CA GLY B 1028 -38.59 -13.38 32.29
C GLY B 1028 -39.56 -12.27 31.92
N PRO B 1029 -40.02 -11.51 32.93
CA PRO B 1029 -40.97 -10.42 32.69
C PRO B 1029 -40.24 -9.19 32.15
N LEU B 1030 -40.67 -8.73 30.97
CA LEU B 1030 -40.11 -7.54 30.34
C LEU B 1030 -40.90 -6.30 30.80
N ASP B 1031 -40.73 -5.19 30.08
CA ASP B 1031 -41.44 -3.92 30.32
C ASP B 1031 -41.27 -3.45 31.76
N SER B 1032 -40.15 -3.81 32.38
CA SER B 1032 -39.73 -3.23 33.63
C SER B 1032 -38.36 -2.55 33.53
N LEU B 1033 -37.77 -2.51 32.35
CA LEU B 1033 -36.42 -2.02 32.14
C LEU B 1033 -36.41 -0.75 31.30
N ASN B 1034 -35.29 -0.05 31.34
CA ASN B 1034 -35.13 1.18 30.59
C ASN B 1034 -35.01 0.88 29.10
N THR B 1035 -35.16 1.94 28.29
CA THR B 1035 -35.06 1.76 26.84
C THR B 1035 -33.65 1.38 26.42
N ARG B 1036 -32.65 2.11 26.93
CA ARG B 1036 -31.26 1.78 26.57
C ARG B 1036 -30.86 0.41 27.10
N LEU B 1037 -31.36 0.03 28.28
CA LEU B 1037 -31.10 -1.31 28.80
C LEU B 1037 -31.74 -2.37 27.91
N PHE B 1038 -32.98 -2.14 27.48
CA PHE B 1038 -33.66 -3.14 26.67
C PHE B 1038 -33.04 -3.27 25.29
N LEU B 1039 -32.60 -2.16 24.70
CA LEU B 1039 -32.10 -2.18 23.33
C LEU B 1039 -30.58 -2.39 23.27
N GLN B 1040 -29.81 -1.52 23.93
CA GLN B 1040 -28.36 -1.55 23.80
C GLN B 1040 -27.73 -2.53 24.78
N GLY B 1041 -28.02 -2.37 26.06
CA GLY B 1041 -27.41 -3.19 27.08
C GLY B 1041 -26.49 -2.38 27.97
N PRO B 1042 -26.18 -2.90 29.16
CA PRO B 1042 -25.35 -2.15 30.10
C PRO B 1042 -23.90 -2.19 29.67
N LYS B 1043 -23.34 -1.02 29.34
CA LYS B 1043 -21.96 -0.97 28.88
C LYS B 1043 -21.01 -1.41 29.98
N ILE B 1044 -19.89 -2.02 29.56
CA ILE B 1044 -18.94 -2.59 30.50
C ILE B 1044 -18.33 -1.49 31.36
N ALA B 1045 -17.84 -1.88 32.54
CA ALA B 1045 -17.21 -0.96 33.48
C ALA B 1045 -18.16 0.18 33.86
N GLU B 1046 -19.44 -0.14 33.98
CA GLU B 1046 -20.47 0.84 34.32
C GLU B 1046 -21.44 0.22 35.30
N GLU B 1047 -21.85 1.00 36.29
CA GLU B 1047 -22.79 0.56 37.31
C GLU B 1047 -24.14 1.21 37.07
N PHE B 1048 -25.19 0.40 37.06
CA PHE B 1048 -26.55 0.87 36.92
C PHE B 1048 -27.40 0.34 38.06
N GLU B 1049 -28.56 0.97 38.25
CA GLU B 1049 -29.49 0.61 39.31
C GLU B 1049 -30.84 0.29 38.69
N VAL B 1050 -31.45 -0.82 39.13
CA VAL B 1050 -32.76 -1.24 38.65
C VAL B 1050 -33.64 -1.47 39.87
N GLU B 1051 -34.83 -0.86 39.87
CA GLU B 1051 -35.80 -1.02 40.93
C GLU B 1051 -37.01 -1.79 40.41
N LEU B 1052 -37.49 -2.72 41.23
CA LEU B 1052 -38.67 -3.50 40.88
C LEU B 1052 -39.87 -3.15 41.74
N GLU B 1053 -39.71 -3.10 43.06
CA GLU B 1053 -40.77 -2.70 43.97
C GLU B 1053 -40.28 -1.64 44.94
N ARG B 1054 -41.11 -1.29 45.93
CA ARG B 1054 -40.69 -0.32 46.94
C ARG B 1054 -39.48 -0.81 47.72
N GLY B 1055 -39.37 -2.12 47.93
CA GLY B 1055 -38.24 -2.67 48.64
C GLY B 1055 -37.30 -3.43 47.72
N LYS B 1056 -37.84 -3.97 46.63
CA LYS B 1056 -37.03 -4.70 45.67
C LYS B 1056 -36.22 -3.73 44.83
N THR B 1057 -35.07 -3.30 45.36
CA THR B 1057 -34.16 -2.40 44.67
C THR B 1057 -32.80 -3.08 44.60
N LEU B 1058 -32.21 -3.11 43.41
CA LEU B 1058 -30.98 -3.85 43.17
C LEU B 1058 -30.07 -3.04 42.28
N HIS B 1059 -28.77 -3.36 42.36
CA HIS B 1059 -27.75 -2.70 41.57
C HIS B 1059 -27.07 -3.72 40.66
N ILE B 1060 -26.70 -3.27 39.47
CA ILE B 1060 -26.06 -4.12 38.48
C ILE B 1060 -24.74 -3.49 38.06
N LYS B 1061 -23.71 -4.32 37.93
CA LYS B 1061 -22.43 -3.92 37.39
C LYS B 1061 -21.88 -5.03 36.52
N ALA B 1062 -21.32 -4.66 35.37
CA ALA B 1062 -20.79 -5.61 34.41
C ALA B 1062 -19.28 -5.69 34.57
N LEU B 1063 -18.76 -6.91 34.77
CA LEU B 1063 -17.34 -7.09 35.01
C LEU B 1063 -16.56 -7.38 33.73
N ALA B 1064 -16.87 -8.48 33.05
CA ALA B 1064 -16.14 -8.89 31.84
C ALA B 1064 -16.86 -10.09 31.24
N VAL B 1065 -16.36 -10.52 30.09
CA VAL B 1065 -16.89 -11.69 29.38
C VAL B 1065 -15.71 -12.56 28.95
N SER B 1066 -15.85 -13.87 29.13
CA SER B 1066 -14.81 -14.83 28.78
C SER B 1066 -14.84 -15.09 27.28
N ASP B 1067 -14.12 -16.12 26.84
CA ASP B 1067 -14.04 -16.50 25.43
C ASP B 1067 -14.60 -17.89 25.23
N LEU B 1068 -14.75 -18.27 23.96
CA LEU B 1068 -15.38 -19.53 23.60
C LEU B 1068 -14.51 -20.70 24.08
N ASN B 1069 -15.03 -21.46 25.04
CA ASN B 1069 -14.23 -22.52 25.65
C ASN B 1069 -14.25 -23.80 24.83
N ARG B 1070 -15.41 -24.46 24.71
CA ARG B 1070 -15.46 -25.70 23.97
C ARG B 1070 -16.61 -25.79 22.97
N ALA B 1071 -17.76 -25.17 23.22
CA ALA B 1071 -18.92 -25.29 22.35
C ALA B 1071 -19.59 -23.94 22.14
N GLY B 1072 -18.80 -22.90 21.90
CA GLY B 1072 -19.34 -21.57 21.75
C GLY B 1072 -20.02 -21.06 23.01
N GLN B 1073 -19.44 -21.37 24.16
CA GLN B 1073 -20.00 -21.01 25.45
C GLN B 1073 -19.17 -19.91 26.07
N ARG B 1074 -19.82 -18.89 26.62
CA ARG B 1074 -19.16 -17.76 27.23
C ARG B 1074 -19.47 -17.69 28.71
N GLN B 1075 -18.52 -17.16 29.47
CA GLN B 1075 -18.68 -16.92 30.90
C GLN B 1075 -18.74 -15.43 31.12
N VAL B 1076 -19.80 -14.95 31.78
CA VAL B 1076 -20.03 -13.54 32.00
C VAL B 1076 -20.16 -13.30 33.50
N PHE B 1077 -19.42 -12.31 34.00
CA PHE B 1077 -19.38 -12.02 35.43
C PHE B 1077 -20.17 -10.76 35.72
N PHE B 1078 -21.16 -10.89 36.60
CA PHE B 1078 -22.01 -9.76 36.99
C PHE B 1078 -21.89 -9.54 38.49
N GLU B 1079 -21.98 -8.27 38.90
CA GLU B 1079 -21.90 -7.89 40.30
C GLU B 1079 -23.26 -7.35 40.74
N LEU B 1080 -23.86 -7.99 41.72
CA LEU B 1080 -25.05 -7.47 42.38
C LEU B 1080 -24.62 -6.55 43.52
N ASN B 1081 -25.53 -6.26 44.44
CA ASN B 1081 -25.27 -5.33 45.54
C ASN B 1081 -23.98 -5.68 46.27
N GLY B 1082 -23.77 -6.95 46.57
CA GLY B 1082 -22.54 -7.37 47.23
C GLY B 1082 -22.03 -8.71 46.80
N GLN B 1083 -22.61 -9.28 45.76
CA GLN B 1083 -22.28 -10.63 45.30
C GLN B 1083 -21.73 -10.60 43.89
N LEU B 1084 -21.19 -11.74 43.46
CA LEU B 1084 -20.69 -11.92 42.11
C LEU B 1084 -21.28 -13.22 41.55
N ARG B 1085 -21.82 -13.14 40.33
CA ARG B 1085 -22.44 -14.29 39.70
C ARG B 1085 -21.92 -14.45 38.29
N SER B 1086 -21.82 -15.70 37.85
CA SER B 1086 -21.35 -16.04 36.51
C SER B 1086 -22.45 -16.78 35.77
N ILE B 1087 -22.73 -16.33 34.55
CA ILE B 1087 -23.80 -16.91 33.74
C ILE B 1087 -23.20 -17.37 32.41
N LEU B 1088 -23.64 -18.55 31.96
CA LEU B 1088 -23.19 -19.14 30.71
C LEU B 1088 -24.12 -18.71 29.59
N VAL B 1089 -23.55 -18.27 28.48
CA VAL B 1089 -24.30 -17.80 27.31
C VAL B 1089 -23.89 -18.64 26.11
N LYS B 1090 -24.88 -19.18 25.42
CA LYS B 1090 -24.64 -19.99 24.22
C LYS B 1090 -24.61 -19.08 23.01
N ASP B 1091 -23.43 -18.89 22.44
CA ASP B 1091 -23.30 -18.08 21.23
C ASP B 1091 -23.99 -18.76 20.06
N THR B 1092 -24.56 -17.95 19.16
CA THR B 1092 -25.31 -18.46 18.03
C THR B 1092 -24.46 -18.76 16.81
N GLN B 1093 -23.20 -18.33 16.79
CA GLN B 1093 -22.35 -18.57 15.64
C GLN B 1093 -21.64 -19.92 15.69
N ALA B 1094 -21.86 -20.70 16.74
CA ALA B 1094 -21.26 -22.03 16.89
C ALA B 1094 -19.74 -21.98 16.75
N GLU C 33 43.13 -1.18 -42.47
CA GLU C 33 44.39 -1.77 -42.93
C GLU C 33 45.16 -2.36 -41.77
N TYR C 34 44.99 -1.77 -40.59
CA TYR C 34 45.77 -2.11 -39.41
C TYR C 34 44.88 -2.83 -38.40
N LYS C 35 45.43 -3.02 -37.21
CA LYS C 35 44.79 -3.86 -36.21
C LYS C 35 43.39 -3.34 -35.89
N PRO C 36 42.35 -4.16 -36.04
CA PRO C 36 41.00 -3.73 -35.69
C PRO C 36 40.80 -3.71 -34.18
N ILE C 37 39.74 -3.00 -33.76
CA ILE C 37 39.36 -2.89 -32.36
C ILE C 37 38.18 -3.80 -32.09
N LYS C 38 38.24 -4.56 -30.99
CA LYS C 38 37.17 -5.48 -30.63
C LYS C 38 36.36 -5.02 -29.44
N LYS C 39 36.87 -4.09 -28.63
CA LYS C 39 36.17 -3.64 -27.44
C LYS C 39 36.60 -2.22 -27.12
N VAL C 40 35.66 -1.40 -26.68
CA VAL C 40 35.89 0.02 -26.42
C VAL C 40 35.27 0.38 -25.08
N MET C 41 35.96 1.21 -24.31
CA MET C 41 35.48 1.72 -23.04
C MET C 41 35.44 3.24 -23.06
N VAL C 42 34.49 3.82 -22.33
CA VAL C 42 34.32 5.27 -22.27
C VAL C 42 34.62 5.74 -20.86
N ALA C 43 35.16 6.95 -20.74
CA ALA C 43 35.56 7.52 -19.46
C ALA C 43 34.69 8.68 -19.02
N ASN C 44 33.47 8.79 -19.55
CA ASN C 44 32.57 9.90 -19.22
C ASN C 44 31.25 9.34 -18.69
N ARG C 45 30.30 10.25 -18.52
CA ARG C 45 28.94 9.91 -18.13
C ARG C 45 27.98 10.83 -18.86
N GLY C 46 26.74 10.37 -19.01
CA GLY C 46 25.68 11.20 -19.56
C GLY C 46 25.42 10.88 -21.03
N GLU C 47 25.31 11.93 -21.85
CA GLU C 47 24.90 11.75 -23.24
C GLU C 47 26.03 11.19 -24.09
N ILE C 48 27.28 11.53 -23.78
CA ILE C 48 28.39 11.06 -24.59
C ILE C 48 28.50 9.54 -24.52
N ALA C 49 28.31 8.98 -23.34
CA ALA C 49 28.34 7.52 -23.21
C ALA C 49 27.31 6.88 -24.13
N ILE C 50 26.09 7.41 -24.14
CA ILE C 50 25.03 6.85 -24.98
C ILE C 50 25.41 6.97 -26.46
N ARG C 51 25.90 8.14 -26.86
CA ARG C 51 26.24 8.35 -28.27
C ARG C 51 27.33 7.38 -28.72
N VAL C 52 28.38 7.25 -27.91
CA VAL C 52 29.48 6.36 -28.28
C VAL C 52 29.03 4.90 -28.28
N PHE C 53 28.16 4.53 -27.33
CA PHE C 53 27.66 3.16 -27.31
C PHE C 53 26.85 2.85 -28.55
N ARG C 54 26.00 3.78 -28.98
CA ARG C 54 25.25 3.58 -30.22
C ARG C 54 26.19 3.44 -31.41
N ALA C 55 27.20 4.30 -31.49
CA ALA C 55 28.13 4.24 -32.61
C ALA C 55 28.87 2.91 -32.64
N CYS C 56 29.31 2.42 -31.47
CA CYS C 56 30.02 1.15 -31.42
C CYS C 56 29.10 -0.02 -31.75
N THR C 57 27.87 0.00 -31.25
CA THR C 57 26.94 -1.09 -31.54
C THR C 57 26.59 -1.14 -33.02
N GLU C 58 26.59 0.02 -33.69
CA GLU C 58 26.42 0.02 -35.14
C GLU C 58 27.52 -0.75 -35.85
N LEU C 59 28.71 -0.83 -35.27
CA LEU C 59 29.84 -1.50 -35.89
C LEU C 59 30.13 -2.86 -35.26
N GLY C 60 29.24 -3.37 -34.42
CA GLY C 60 29.43 -4.68 -33.83
C GLY C 60 30.63 -4.78 -32.91
N ILE C 61 30.80 -3.79 -32.03
CA ILE C 61 31.91 -3.74 -31.10
C ILE C 61 31.35 -3.81 -29.69
N ARG C 62 31.96 -4.65 -28.85
CA ARG C 62 31.53 -4.74 -27.46
C ARG C 62 31.79 -3.42 -26.74
N THR C 63 30.96 -3.13 -25.73
CA THR C 63 31.01 -1.87 -25.02
C THR C 63 31.21 -2.10 -23.53
N VAL C 64 32.07 -1.28 -22.93
CA VAL C 64 32.35 -1.31 -21.49
C VAL C 64 32.15 0.09 -20.93
N ALA C 65 31.42 0.18 -19.82
CA ALA C 65 31.09 1.46 -19.20
C ALA C 65 31.61 1.49 -17.77
N ILE C 66 31.83 2.70 -17.26
CA ILE C 66 32.27 2.92 -15.89
C ILE C 66 31.31 3.85 -15.19
N TYR C 67 31.21 3.73 -13.88
CA TYR C 67 30.32 4.56 -13.10
C TYR C 67 30.84 4.66 -11.67
N SER C 68 30.40 5.70 -10.97
CA SER C 68 30.75 5.93 -9.58
C SER C 68 29.62 5.45 -8.67
N GLU C 69 29.91 5.40 -7.38
CA GLU C 69 28.93 4.88 -6.43
C GLU C 69 27.69 5.76 -6.37
N GLN C 70 27.87 7.08 -6.35
CA GLN C 70 26.73 7.98 -6.34
C GLN C 70 25.97 7.91 -7.65
N ASP C 71 26.67 7.77 -8.77
CA ASP C 71 26.06 7.73 -10.10
C ASP C 71 25.59 6.33 -10.45
N THR C 72 24.78 5.74 -9.58
CA THR C 72 24.35 4.35 -9.75
C THR C 72 22.96 4.21 -10.37
N GLY C 73 22.16 5.27 -10.39
CA GLY C 73 20.82 5.22 -10.94
C GLY C 73 20.67 5.79 -12.32
N GLN C 74 21.77 6.11 -13.01
CA GLN C 74 21.67 6.74 -14.31
C GLN C 74 21.33 5.70 -15.38
N MET C 75 20.94 6.22 -16.55
CA MET C 75 20.52 5.38 -17.67
C MET C 75 21.68 5.03 -18.60
N HIS C 76 22.88 5.58 -18.36
CA HIS C 76 23.99 5.36 -19.26
C HIS C 76 24.71 4.03 -19.02
N ARG C 77 24.32 3.28 -17.99
CA ARG C 77 24.91 1.97 -17.75
C ARG C 77 24.04 0.81 -18.23
N GLN C 78 22.75 1.05 -18.47
CA GLN C 78 21.90 -0.01 -19.01
C GLN C 78 22.10 -0.19 -20.51
N LYS C 79 22.78 0.77 -21.15
CA LYS C 79 23.01 0.73 -22.63
C LYS C 79 24.42 0.24 -22.95
N ALA C 80 25.06 -0.48 -22.02
CA ALA C 80 26.40 -1.01 -22.23
C ALA C 80 26.41 -2.50 -21.94
N ASP C 81 27.29 -3.22 -22.62
CA ASP C 81 27.39 -4.66 -22.41
C ASP C 81 27.83 -4.98 -20.99
N GLU C 82 28.82 -4.27 -20.47
CA GLU C 82 29.31 -4.47 -19.11
C GLU C 82 29.65 -3.12 -18.50
N ALA C 83 29.36 -2.98 -17.21
CA ALA C 83 29.63 -1.76 -16.47
C ALA C 83 30.32 -2.12 -15.16
N TYR C 84 31.35 -1.34 -14.80
CA TYR C 84 32.15 -1.62 -13.63
C TYR C 84 32.21 -0.39 -12.72
N LEU C 85 32.33 -0.63 -11.40
CA LEU C 85 32.39 0.50 -10.43
C LEU C 85 33.82 1.04 -10.31
N ILE C 86 33.98 2.35 -10.08
CA ILE C 86 35.34 2.96 -9.89
C ILE C 86 35.23 3.99 -8.75
N GLY C 87 36.36 4.47 -8.23
CA GLY C 87 36.34 5.53 -7.20
C GLY C 87 35.48 5.16 -6.00
N ARG C 88 35.69 3.96 -5.44
CA ARG C 88 34.83 3.48 -4.31
C ARG C 88 34.94 4.41 -3.10
N GLY C 89 36.14 4.86 -2.76
CA GLY C 89 36.33 5.70 -1.56
C GLY C 89 36.77 7.11 -1.90
N LEU C 90 36.27 7.67 -3.01
CA LEU C 90 36.66 9.00 -3.44
C LEU C 90 35.47 9.94 -3.46
N ALA C 91 35.74 11.19 -3.83
CA ALA C 91 34.69 12.19 -3.93
C ALA C 91 33.80 11.91 -5.14
N PRO C 92 32.55 12.36 -5.11
CA PRO C 92 31.64 12.10 -6.23
C PRO C 92 32.11 12.66 -7.55
N VAL C 93 32.89 13.74 -7.54
CA VAL C 93 33.36 14.36 -8.78
C VAL C 93 34.77 13.91 -9.08
N GLN C 94 35.54 13.56 -8.07
CA GLN C 94 36.91 13.12 -8.25
C GLN C 94 37.03 11.62 -8.48
N ALA C 95 35.93 10.87 -8.38
CA ALA C 95 35.98 9.45 -8.69
C ALA C 95 36.28 9.21 -10.17
N TYR C 96 35.76 10.07 -11.04
CA TYR C 96 36.01 9.95 -12.48
C TYR C 96 37.39 10.47 -12.89
N LEU C 97 38.18 10.97 -11.95
CA LEU C 97 39.49 11.52 -12.24
C LEU C 97 40.64 10.65 -11.75
N HIS C 98 40.35 9.43 -11.30
CA HIS C 98 41.38 8.54 -10.78
C HIS C 98 41.93 7.70 -11.92
N ILE C 99 43.12 8.07 -12.42
CA ILE C 99 43.72 7.34 -13.53
C ILE C 99 44.04 5.89 -13.19
N PRO C 100 44.73 5.57 -12.08
CA PRO C 100 45.13 4.17 -11.87
C PRO C 100 43.98 3.19 -11.85
N ASP C 101 42.85 3.57 -11.27
CA ASP C 101 41.70 2.67 -11.24
C ASP C 101 41.18 2.40 -12.64
N ILE C 102 41.11 3.45 -13.48
CA ILE C 102 40.65 3.28 -14.85
C ILE C 102 41.59 2.37 -15.62
N ILE C 103 42.90 2.57 -15.45
CA ILE C 103 43.88 1.73 -16.14
C ILE C 103 43.74 0.28 -15.69
N LYS C 104 43.58 0.06 -14.39
CA LYS C 104 43.42 -1.31 -13.89
C LYS C 104 42.17 -1.97 -14.45
N VAL C 105 41.07 -1.21 -14.54
CA VAL C 105 39.86 -1.77 -15.13
C VAL C 105 40.09 -2.13 -16.59
N ALA C 106 40.79 -1.26 -17.33
CA ALA C 106 41.04 -1.52 -18.74
C ALA C 106 41.89 -2.78 -18.91
N LYS C 107 42.88 -2.98 -18.04
CA LYS C 107 43.79 -4.11 -18.21
C LYS C 107 43.07 -5.45 -18.04
N GLU C 108 42.19 -5.55 -17.04
CA GLU C 108 41.62 -6.85 -16.70
C GLU C 108 40.48 -7.29 -17.62
N ASN C 109 39.98 -6.40 -18.49
CA ASN C 109 38.85 -6.75 -19.35
C ASN C 109 39.22 -6.79 -20.82
N ASN C 110 40.51 -6.83 -21.15
CA ASN C 110 40.99 -6.96 -22.53
C ASN C 110 40.41 -5.86 -23.42
N VAL C 111 40.50 -4.64 -22.93
CA VAL C 111 40.03 -3.47 -23.67
C VAL C 111 41.10 -3.05 -24.65
N ASP C 112 40.69 -2.67 -25.86
CA ASP C 112 41.61 -2.31 -26.92
C ASP C 112 41.76 -0.80 -27.09
N ALA C 113 40.68 -0.05 -26.90
CA ALA C 113 40.71 1.40 -27.03
C ALA C 113 39.79 2.02 -25.99
N VAL C 114 40.10 3.26 -25.63
CA VAL C 114 39.34 4.00 -24.62
C VAL C 114 38.95 5.35 -25.21
N HIS C 115 37.69 5.74 -25.00
CA HIS C 115 37.18 7.00 -25.53
C HIS C 115 37.16 8.04 -24.43
N PRO C 116 37.76 9.23 -24.64
CA PRO C 116 37.85 10.22 -23.56
C PRO C 116 36.66 11.15 -23.45
N GLY C 117 35.75 11.12 -24.43
CA GLY C 117 34.60 12.05 -24.43
C GLY C 117 35.05 13.49 -24.32
N TYR C 118 34.30 14.32 -23.58
CA TYR C 118 34.70 15.73 -23.36
C TYR C 118 34.59 16.11 -21.88
N GLY C 119 35.61 16.77 -21.32
CA GLY C 119 35.52 17.27 -19.94
C GLY C 119 35.80 16.23 -18.87
N PHE C 120 36.20 15.02 -19.24
CA PHE C 120 36.55 13.98 -18.22
C PHE C 120 37.90 13.35 -18.56
N LEU C 121 39.02 14.04 -18.28
CA LEU C 121 40.40 13.53 -18.55
C LEU C 121 40.71 13.70 -20.04
N SER C 122 39.79 14.29 -20.80
CA SER C 122 39.98 14.49 -22.26
C SER C 122 41.14 15.46 -22.51
N GLU C 123 41.23 16.53 -21.71
CA GLU C 123 42.29 17.56 -21.93
C GLU C 123 43.43 17.38 -20.93
N ARG C 124 43.71 16.14 -20.52
CA ARG C 124 44.85 15.88 -19.59
C ARG C 124 45.91 15.08 -20.35
N ALA C 125 47.07 15.69 -20.62
CA ALA C 125 48.07 15.01 -21.43
C ALA C 125 48.61 13.77 -20.74
N ASP C 126 48.63 13.75 -19.40
CA ASP C 126 49.17 12.61 -18.68
C ASP C 126 48.32 11.37 -18.88
N PHE C 127 47.00 11.53 -18.96
CA PHE C 127 46.11 10.38 -19.13
C PHE C 127 46.36 9.68 -20.46
N ALA C 128 46.58 10.46 -21.54
CA ALA C 128 46.88 9.87 -22.82
C ALA C 128 48.20 9.10 -22.78
N GLN C 129 49.20 9.66 -22.09
CA GLN C 129 50.48 8.97 -21.95
C GLN C 129 50.31 7.66 -21.18
N ALA C 130 49.50 7.68 -20.11
CA ALA C 130 49.27 6.46 -19.35
C ALA C 130 48.56 5.41 -20.20
N CYS C 131 47.57 5.84 -20.99
CA CYS C 131 46.88 4.89 -21.87
C CYS C 131 47.83 4.30 -22.90
N GLN C 132 48.69 5.13 -23.49
CA GLN C 132 49.65 4.64 -24.46
C GLN C 132 50.63 3.66 -23.83
N ASP C 133 51.07 3.93 -22.60
CA ASP C 133 52.04 3.06 -21.95
C ASP C 133 51.46 1.69 -21.59
N ALA C 134 50.14 1.56 -21.58
CA ALA C 134 49.49 0.30 -21.22
C ALA C 134 49.11 -0.54 -22.44
N GLY C 135 49.50 -0.12 -23.64
CA GLY C 135 49.17 -0.84 -24.84
C GLY C 135 47.79 -0.57 -25.40
N VAL C 136 47.05 0.35 -24.80
CA VAL C 136 45.69 0.67 -25.23
C VAL C 136 45.74 1.92 -26.10
N ARG C 137 45.07 1.87 -27.25
CA ARG C 137 44.97 3.05 -28.09
C ARG C 137 44.13 4.12 -27.41
N PHE C 138 44.44 5.38 -27.72
CA PHE C 138 43.73 6.53 -27.19
C PHE C 138 43.00 7.20 -28.33
N ILE C 139 41.68 7.34 -28.20
CA ILE C 139 40.85 7.90 -29.26
C ILE C 139 40.99 9.41 -29.20
N GLY C 140 41.84 9.97 -30.05
CA GLY C 140 42.07 11.39 -30.09
C GLY C 140 43.46 11.75 -30.58
N PRO C 141 43.89 12.97 -30.32
CA PRO C 141 45.21 13.41 -30.75
C PRO C 141 46.30 12.83 -29.86
N SER C 142 47.54 12.91 -30.36
CA SER C 142 48.69 12.42 -29.63
C SER C 142 48.95 13.30 -28.41
N PRO C 143 49.56 12.74 -27.36
CA PRO C 143 49.82 13.53 -26.15
C PRO C 143 50.68 14.76 -26.40
N GLU C 144 51.59 14.71 -27.36
CA GLU C 144 52.40 15.89 -27.66
C GLU C 144 51.53 17.05 -28.13
N VAL C 145 50.55 16.77 -28.99
CA VAL C 145 49.67 17.84 -29.48
C VAL C 145 48.82 18.39 -28.34
N VAL C 146 48.35 17.50 -27.46
CA VAL C 146 47.56 17.95 -26.31
C VAL C 146 48.39 18.86 -25.41
N ARG C 147 49.64 18.48 -25.16
CA ARG C 147 50.51 19.32 -24.34
C ARG C 147 50.79 20.66 -25.02
N LYS C 148 50.96 20.64 -26.35
CA LYS C 148 51.15 21.89 -27.09
C LYS C 148 49.92 22.79 -26.93
N MET C 149 48.73 22.21 -26.98
CA MET C 149 47.52 22.94 -26.69
C MET C 149 47.38 23.07 -25.17
N GLY C 150 46.26 23.59 -24.70
CA GLY C 150 46.09 23.80 -23.27
C GLY C 150 46.52 25.20 -22.86
N ASP C 151 47.75 25.33 -22.39
CA ASP C 151 48.26 26.64 -22.02
C ASP C 151 48.26 27.57 -23.23
N LYS C 152 47.97 28.85 -22.98
CA LYS C 152 47.71 29.80 -24.05
C LYS C 152 48.96 30.36 -24.69
N VAL C 153 50.10 30.33 -24.01
CA VAL C 153 51.31 30.95 -24.54
C VAL C 153 51.77 30.23 -25.80
N GLU C 154 51.86 28.90 -25.75
CA GLU C 154 52.29 28.14 -26.92
C GLU C 154 51.29 28.27 -28.06
N ALA C 155 49.99 28.27 -27.74
CA ALA C 155 48.98 28.41 -28.78
C ALA C 155 49.11 29.76 -29.48
N ARG C 156 49.29 30.84 -28.71
CA ARG C 156 49.46 32.15 -29.32
C ARG C 156 50.73 32.21 -30.15
N ALA C 157 51.82 31.62 -29.64
CA ALA C 157 53.07 31.63 -30.40
C ALA C 157 52.91 30.87 -31.72
N ILE C 158 52.23 29.73 -31.69
CA ILE C 158 52.00 28.97 -32.91
C ILE C 158 51.14 29.76 -33.89
N ALA C 159 50.07 30.39 -33.39
CA ALA C 159 49.18 31.15 -34.26
C ALA C 159 49.90 32.32 -34.92
N ILE C 160 50.68 33.08 -34.14
CA ILE C 160 51.43 34.19 -34.70
C ILE C 160 52.54 33.72 -35.62
N ALA C 161 53.01 32.47 -35.42
CA ALA C 161 54.06 31.92 -36.33
C ALA C 161 53.67 32.15 -37.79
N ALA C 162 52.54 31.60 -38.24
CA ALA C 162 52.11 31.86 -39.65
C ALA C 162 50.64 32.32 -39.73
N GLY C 163 50.39 33.54 -40.23
CA GLY C 163 49.02 34.03 -40.47
C GLY C 163 48.12 33.99 -39.25
N VAL C 164 46.83 33.68 -39.44
CA VAL C 164 45.87 33.52 -38.30
C VAL C 164 46.03 34.64 -37.25
N PRO C 165 45.77 35.92 -37.58
CA PRO C 165 46.02 37.04 -36.65
C PRO C 165 45.24 36.93 -35.32
N VAL C 166 45.87 37.32 -34.22
CA VAL C 166 45.23 37.19 -32.87
C VAL C 166 44.87 38.58 -32.33
N VAL C 167 44.16 38.66 -31.20
CA VAL C 167 43.78 39.94 -30.59
C VAL C 167 45.03 40.65 -30.06
N PRO C 168 45.11 41.97 -30.13
CA PRO C 168 46.23 42.66 -29.49
C PRO C 168 46.24 42.40 -28.00
N GLY C 169 47.44 42.24 -27.45
CA GLY C 169 47.57 41.95 -26.04
C GLY C 169 48.98 41.55 -25.70
N THR C 170 49.19 41.33 -24.40
CA THR C 170 50.50 40.93 -23.91
C THR C 170 50.82 39.49 -24.31
N ASP C 171 52.11 39.21 -24.48
CA ASP C 171 52.55 37.84 -24.73
C ASP C 171 52.76 37.09 -23.41
N ALA C 172 53.64 37.62 -22.57
CA ALA C 172 53.87 37.04 -21.25
C ALA C 172 52.76 37.42 -20.28
N PRO C 173 52.52 36.60 -19.26
CA PRO C 173 51.53 36.97 -18.25
C PRO C 173 51.90 38.27 -17.54
N ILE C 174 50.88 39.02 -17.15
CA ILE C 174 51.03 40.32 -16.51
C ILE C 174 50.65 40.20 -15.04
N THR C 175 51.54 40.67 -14.16
CA THR C 175 51.28 40.65 -12.73
C THR C 175 51.47 42.01 -12.05
N SER C 176 51.73 43.06 -12.82
CA SER C 176 52.04 44.37 -12.26
C SER C 176 51.07 45.43 -12.75
N LEU C 177 50.75 46.36 -11.86
CA LEU C 177 49.87 47.47 -12.22
C LEU C 177 50.53 48.39 -13.23
N HIS C 178 51.83 48.66 -13.06
CA HIS C 178 52.51 49.63 -13.91
C HIS C 178 52.55 49.16 -15.37
N GLU C 179 53.01 47.94 -15.62
CA GLU C 179 53.06 47.44 -16.98
C GLU C 179 51.66 47.39 -17.59
N ALA C 180 50.65 47.05 -16.78
CA ALA C 180 49.27 47.16 -17.22
C ALA C 180 48.96 48.58 -17.66
N HIS C 181 49.51 49.57 -16.95
CA HIS C 181 49.27 50.97 -17.34
C HIS C 181 49.88 51.29 -18.69
N GLU C 182 51.12 50.85 -18.95
CA GLU C 182 51.65 51.12 -20.29
C GLU C 182 50.88 50.40 -21.39
N PHE C 183 50.51 49.14 -21.18
CA PHE C 183 49.73 48.47 -22.22
C PHE C 183 48.34 49.07 -22.37
N SER C 184 47.78 49.63 -21.30
CA SER C 184 46.54 50.40 -21.43
C SER C 184 46.76 51.65 -22.25
N ASN C 185 47.87 52.34 -22.01
CA ASN C 185 48.13 53.62 -22.67
C ASN C 185 48.42 53.42 -24.16
N THR C 186 49.08 52.32 -24.51
CA THR C 186 49.52 52.13 -25.89
C THR C 186 48.35 51.83 -26.82
N TYR C 187 47.64 50.73 -26.56
CA TYR C 187 46.63 50.26 -27.52
C TYR C 187 45.32 51.03 -27.38
N GLY C 188 44.67 50.93 -26.22
CA GLY C 188 43.39 51.57 -26.04
C GLY C 188 42.95 51.49 -24.60
N PHE C 189 41.90 52.26 -24.28
CA PHE C 189 41.47 52.45 -22.91
C PHE C 189 40.64 51.27 -22.39
N PRO C 190 39.59 50.81 -23.08
CA PRO C 190 38.80 49.70 -22.53
C PRO C 190 39.58 48.39 -22.61
N ILE C 191 39.75 47.74 -21.46
CA ILE C 191 40.52 46.51 -21.37
C ILE C 191 39.74 45.49 -20.53
N ILE C 192 40.11 44.22 -20.71
CA ILE C 192 39.57 43.11 -19.94
C ILE C 192 40.73 42.35 -19.33
N PHE C 193 40.60 41.98 -18.07
CA PHE C 193 41.57 41.11 -17.41
C PHE C 193 41.22 39.67 -17.69
N LYS C 194 42.15 38.94 -18.30
CA LYS C 194 41.97 37.52 -18.61
C LYS C 194 42.91 36.70 -17.75
N ALA C 195 42.35 35.74 -17.02
CA ALA C 195 43.12 34.96 -16.07
C ALA C 195 43.61 33.66 -16.68
N ALA C 196 44.50 32.99 -15.95
CA ALA C 196 44.94 31.65 -16.29
C ALA C 196 44.42 30.68 -15.24
N TYR C 197 44.84 29.43 -15.31
CA TYR C 197 44.38 28.39 -14.39
C TYR C 197 42.86 28.24 -14.50
N GLY C 198 42.44 27.80 -15.69
CA GLY C 198 41.03 27.63 -15.97
C GLY C 198 40.56 28.46 -17.14
N GLY C 199 40.04 27.79 -18.18
CA GLY C 199 39.56 28.52 -19.35
C GLY C 199 38.25 29.23 -19.10
N GLY C 200 37.70 29.02 -17.89
CA GLY C 200 36.40 29.61 -17.49
C GLY C 200 36.40 31.11 -17.31
N GLY C 201 35.23 31.69 -17.04
CA GLY C 201 35.12 33.16 -16.88
C GLY C 201 36.15 33.72 -15.92
N ARG C 202 36.27 33.12 -14.73
CA ARG C 202 37.24 33.60 -13.70
C ARG C 202 36.96 35.07 -13.42
N GLY C 203 38.01 35.90 -13.40
CA GLY C 203 37.82 37.36 -13.22
C GLY C 203 37.60 38.06 -14.55
N MET C 204 36.45 37.85 -15.17
CA MET C 204 36.17 38.46 -16.50
C MET C 204 35.55 39.84 -16.30
N ARG C 205 36.35 40.81 -15.86
CA ARG C 205 35.84 42.15 -15.62
C ARG C 205 36.49 43.15 -16.57
N VAL C 206 35.79 44.23 -16.84
CA VAL C 206 36.18 45.21 -17.84
C VAL C 206 36.47 46.53 -17.15
N VAL C 207 37.43 47.26 -17.68
CA VAL C 207 37.84 48.55 -17.13
C VAL C 207 37.45 49.66 -18.10
N HIS C 208 36.72 50.65 -17.59
CA HIS C 208 36.37 51.85 -18.35
C HIS C 208 36.93 53.12 -17.75
N SER C 209 37.61 53.05 -16.60
CA SER C 209 38.12 54.24 -15.94
C SER C 209 39.53 53.99 -15.42
N TYR C 210 40.04 54.87 -14.57
CA TYR C 210 41.30 54.64 -13.88
C TYR C 210 41.11 54.44 -12.37
N GLU C 211 40.24 55.25 -11.75
CA GLU C 211 39.95 55.05 -10.34
C GLU C 211 39.44 53.64 -10.07
N GLU C 212 38.49 53.18 -10.89
CA GLU C 212 38.05 51.79 -10.77
C GLU C 212 39.12 50.84 -11.30
N LEU C 213 40.00 51.32 -12.18
CA LEU C 213 41.04 50.45 -12.74
C LEU C 213 41.97 49.93 -11.64
N GLU C 214 42.47 50.83 -10.78
CA GLU C 214 43.42 50.38 -9.76
C GLU C 214 42.76 49.40 -8.79
N GLU C 215 41.55 49.71 -8.32
CA GLU C 215 40.92 48.83 -7.34
C GLU C 215 40.51 47.51 -7.98
N ASN C 216 40.08 47.53 -9.25
CA ASN C 216 39.74 46.29 -9.93
C ASN C 216 40.96 45.43 -10.16
N TYR C 217 42.09 46.04 -10.52
CA TYR C 217 43.33 45.28 -10.66
C TYR C 217 43.72 44.64 -9.33
N THR C 218 43.63 45.41 -8.23
CA THR C 218 43.97 44.85 -6.92
C THR C 218 43.06 43.70 -6.56
N ARG C 219 41.76 43.87 -6.76
CA ARG C 219 40.80 42.82 -6.43
C ARG C 219 41.03 41.57 -7.28
N ALA C 220 41.23 41.74 -8.59
CA ALA C 220 41.43 40.60 -9.47
C ALA C 220 42.73 39.88 -9.15
N TYR C 221 43.80 40.64 -8.88
CA TYR C 221 45.06 40.01 -8.52
C TYR C 221 44.94 39.23 -7.21
N SER C 222 44.25 39.80 -6.23
CA SER C 222 44.04 39.10 -4.96
C SER C 222 43.23 37.83 -5.17
N GLU C 223 42.17 37.90 -5.98
CA GLU C 223 41.35 36.72 -6.25
C GLU C 223 42.16 35.64 -6.96
N ALA C 224 42.98 36.05 -7.94
CA ALA C 224 43.80 35.09 -8.66
C ALA C 224 44.82 34.42 -7.75
N LEU C 225 45.45 35.19 -6.87
CA LEU C 225 46.45 34.59 -5.99
C LEU C 225 45.82 33.73 -4.89
N ALA C 226 44.61 34.07 -4.45
CA ALA C 226 44.01 33.37 -3.32
C ALA C 226 43.15 32.19 -3.78
N ALA C 227 42.09 32.46 -4.54
CA ALA C 227 41.17 31.40 -4.91
C ALA C 227 41.77 30.46 -5.95
N PHE C 228 42.78 30.92 -6.68
CA PHE C 228 43.36 30.17 -7.79
C PHE C 228 44.85 29.95 -7.53
N GLY C 229 45.54 29.44 -8.54
CA GLY C 229 46.96 29.17 -8.45
C GLY C 229 47.79 30.31 -8.98
N ASN C 230 48.33 30.15 -10.19
CA ASN C 230 49.12 31.20 -10.81
C ASN C 230 48.31 32.48 -10.95
N GLY C 231 48.92 33.60 -10.58
CA GLY C 231 48.29 34.90 -10.74
C GLY C 231 48.58 35.48 -12.11
N ALA C 232 48.43 34.66 -13.15
CA ALA C 232 48.72 35.07 -14.51
C ALA C 232 47.52 35.80 -15.09
N LEU C 233 47.71 37.08 -15.44
CA LEU C 233 46.66 37.89 -16.03
C LEU C 233 47.19 38.51 -17.32
N PHE C 234 46.28 38.91 -18.20
CA PHE C 234 46.65 39.52 -19.46
C PHE C 234 45.87 40.81 -19.66
N VAL C 235 46.49 41.75 -20.36
CA VAL C 235 45.89 43.02 -20.72
C VAL C 235 45.62 43.01 -22.21
N GLU C 236 44.33 43.01 -22.58
CA GLU C 236 43.95 42.96 -24.02
C GLU C 236 42.68 43.79 -24.21
N LYS C 237 42.39 44.19 -25.45
CA LYS C 237 41.21 45.06 -25.72
C LYS C 237 39.93 44.22 -25.71
N PHE C 238 38.86 44.77 -25.12
CA PHE C 238 37.55 44.06 -25.13
C PHE C 238 36.80 44.44 -26.41
N ILE C 239 36.61 43.48 -27.32
CA ILE C 239 35.82 43.76 -28.57
C ILE C 239 34.42 44.21 -28.13
N GLU C 240 33.97 45.38 -28.59
CA GLU C 240 32.68 45.87 -28.11
C GLU C 240 31.54 44.97 -28.58
N LYS C 241 31.63 44.46 -29.80
CA LYS C 241 30.53 43.72 -30.42
C LYS C 241 31.06 42.38 -30.92
N PRO C 242 31.28 41.43 -30.02
CA PRO C 242 31.85 40.15 -30.41
C PRO C 242 30.88 39.27 -31.20
N ARG C 243 31.44 38.40 -32.06
CA ARG C 243 30.65 37.42 -32.79
C ARG C 243 31.61 36.32 -33.21
N HIS C 244 31.53 35.16 -32.57
CA HIS C 244 32.54 34.13 -32.72
C HIS C 244 32.04 32.95 -33.54
N ILE C 245 32.94 32.39 -34.34
CA ILE C 245 32.64 31.32 -35.29
C ILE C 245 33.50 30.12 -34.94
N GLU C 246 32.87 28.94 -34.95
CA GLU C 246 33.57 27.68 -34.70
C GLU C 246 33.69 26.89 -36.00
N VAL C 247 34.74 26.08 -36.10
CA VAL C 247 34.96 25.19 -37.24
C VAL C 247 35.36 23.81 -36.73
N GLN C 248 34.76 22.78 -37.31
CA GLN C 248 35.09 21.40 -36.98
C GLN C 248 36.21 20.91 -37.89
N ILE C 249 37.25 20.34 -37.29
CA ILE C 249 38.43 19.87 -38.00
C ILE C 249 38.54 18.37 -37.83
N LEU C 250 38.73 17.67 -38.94
CA LEU C 250 38.89 16.22 -38.96
C LEU C 250 40.12 15.86 -39.77
N GLY C 251 41.01 15.07 -39.19
CA GLY C 251 42.25 14.69 -39.85
C GLY C 251 42.59 13.24 -39.58
N ASP C 252 43.43 12.69 -40.47
CA ASP C 252 43.81 11.29 -40.39
C ASP C 252 45.27 11.16 -40.00
N GLN C 253 45.71 9.90 -39.90
CA GLN C 253 47.09 9.59 -39.56
C GLN C 253 48.05 9.72 -40.73
N TYR C 254 47.53 9.99 -41.93
CA TYR C 254 48.34 10.08 -43.14
C TYR C 254 48.52 11.52 -43.63
N GLY C 255 48.29 12.49 -42.76
CA GLY C 255 48.41 13.89 -43.13
C GLY C 255 47.36 14.38 -44.11
N ASN C 256 46.12 13.95 -43.96
CA ASN C 256 44.99 14.47 -44.73
C ASN C 256 43.98 15.03 -43.75
N ILE C 257 43.63 16.31 -43.92
CA ILE C 257 42.80 17.03 -42.96
C ILE C 257 41.54 17.52 -43.67
N LEU C 258 40.40 17.30 -43.04
CA LEU C 258 39.10 17.67 -43.60
C LEU C 258 38.34 18.55 -42.62
N HIS C 259 37.99 19.74 -43.06
CA HIS C 259 37.12 20.63 -42.29
C HIS C 259 35.67 20.35 -42.65
N LEU C 260 34.79 20.40 -41.64
CA LEU C 260 33.39 20.15 -41.94
C LEU C 260 32.70 21.41 -42.46
N TYR C 261 32.47 22.38 -41.58
CA TYR C 261 31.92 23.70 -41.93
C TYR C 261 31.93 24.55 -40.65
N GLU C 262 31.35 25.74 -40.73
CA GLU C 262 31.37 26.70 -39.63
C GLU C 262 30.12 26.59 -38.77
N ARG C 263 30.10 27.39 -37.70
CA ARG C 263 28.97 27.45 -36.78
C ARG C 263 28.91 28.85 -36.18
N ASP C 264 27.76 29.16 -35.56
CA ASP C 264 27.59 30.40 -34.82
C ASP C 264 26.87 30.06 -33.51
N CYS C 265 27.42 30.51 -32.40
CA CYS C 265 26.80 30.34 -31.08
C CYS C 265 26.94 31.62 -30.26
N SER C 266 26.64 32.77 -30.88
CA SER C 266 26.89 34.04 -30.23
C SER C 266 26.04 34.24 -28.97
N ILE C 267 24.93 33.53 -28.84
CA ILE C 267 24.04 33.69 -27.70
C ILE C 267 24.71 33.15 -26.45
N GLN C 268 25.13 34.04 -25.55
CA GLN C 268 25.78 33.66 -24.30
C GLN C 268 25.14 34.39 -23.14
N ARG C 269 24.74 33.63 -22.11
CA ARG C 269 24.10 34.23 -20.94
C ARG C 269 25.04 35.19 -20.24
N ARG C 270 26.12 34.69 -19.68
CA ARG C 270 27.21 35.53 -19.20
C ARG C 270 28.51 35.24 -19.94
N HIS C 271 29.01 34.00 -19.88
CA HIS C 271 30.10 33.59 -20.75
C HIS C 271 29.95 32.14 -21.20
N GLN C 272 28.76 31.56 -21.07
CA GLN C 272 28.50 30.16 -21.42
C GLN C 272 27.60 30.09 -22.64
N LYS C 273 27.79 29.06 -23.46
CA LYS C 273 26.98 28.88 -24.66
C LYS C 273 25.53 28.60 -24.27
N VAL C 274 24.61 29.10 -25.10
CA VAL C 274 23.18 28.91 -24.85
C VAL C 274 22.52 28.21 -26.04
N VAL C 275 22.56 28.86 -27.20
CA VAL C 275 21.90 28.36 -28.41
C VAL C 275 22.86 28.45 -29.57
N GLU C 276 22.89 27.40 -30.39
CA GLU C 276 23.80 27.30 -31.51
C GLU C 276 23.02 27.22 -32.82
N ILE C 277 23.55 27.87 -33.86
CA ILE C 277 22.99 27.83 -35.20
C ILE C 277 23.98 27.11 -36.10
N ALA C 278 23.51 26.07 -36.80
CA ALA C 278 24.44 25.21 -37.54
C ALA C 278 25.17 25.96 -38.64
N PRO C 279 24.49 26.59 -39.60
CA PRO C 279 25.23 27.38 -40.59
C PRO C 279 25.46 28.80 -40.10
N ALA C 280 26.32 29.51 -40.82
CA ALA C 280 26.58 30.90 -40.51
C ALA C 280 25.33 31.73 -40.77
N ALA C 281 25.02 32.64 -39.86
CA ALA C 281 23.84 33.49 -39.99
C ALA C 281 23.95 34.39 -41.22
N HIS C 282 24.94 35.28 -41.21
CA HIS C 282 25.18 36.19 -42.34
C HIS C 282 26.69 36.45 -42.40
N LEU C 283 27.38 35.66 -43.22
CA LEU C 283 28.82 35.77 -43.37
C LEU C 283 29.17 35.96 -44.84
N ASP C 284 30.13 36.83 -45.09
CA ASP C 284 30.61 37.04 -46.45
C ASP C 284 31.28 35.77 -46.97
N PRO C 285 30.99 35.35 -48.20
CA PRO C 285 31.64 34.13 -48.73
C PRO C 285 33.16 34.21 -48.73
N GLN C 286 33.72 35.38 -49.04
CA GLN C 286 35.17 35.54 -48.96
C GLN C 286 35.66 35.33 -47.54
N LEU C 287 34.95 35.87 -46.56
CA LEU C 287 35.29 35.62 -45.17
C LEU C 287 35.16 34.14 -44.84
N ARG C 288 34.12 33.50 -45.35
CA ARG C 288 33.92 32.07 -45.11
C ARG C 288 35.14 31.27 -45.58
N THR C 289 35.54 31.47 -46.84
CA THR C 289 36.65 30.69 -47.37
C THR C 289 37.98 31.07 -46.73
N ARG C 290 38.17 32.34 -46.38
CA ARG C 290 39.40 32.74 -45.71
C ARG C 290 39.51 32.07 -44.34
N LEU C 291 38.41 32.07 -43.58
CA LEU C 291 38.44 31.47 -42.26
C LEU C 291 38.65 29.95 -42.36
N THR C 292 37.99 29.32 -43.34
CA THR C 292 38.17 27.88 -43.52
C THR C 292 39.61 27.54 -43.88
N SER C 293 40.21 28.30 -44.79
CA SER C 293 41.59 28.05 -45.19
C SER C 293 42.55 28.28 -44.03
N ASP C 294 42.30 29.32 -43.24
CA ASP C 294 43.15 29.57 -42.07
C ASP C 294 43.06 28.44 -41.06
N SER C 295 41.84 27.93 -40.83
CA SER C 295 41.69 26.80 -39.90
C SER C 295 42.42 25.57 -40.41
N VAL C 296 42.30 25.28 -41.71
CA VAL C 296 42.99 24.13 -42.28
C VAL C 296 44.50 24.29 -42.17
N LYS C 297 45.01 25.49 -42.46
CA LYS C 297 46.43 25.74 -42.37
C LYS C 297 46.94 25.56 -40.94
N LEU C 298 46.22 26.10 -39.97
CA LEU C 298 46.63 25.96 -38.58
C LEU C 298 46.61 24.50 -38.15
N ALA C 299 45.60 23.74 -38.58
CA ALA C 299 45.57 22.32 -38.25
C ALA C 299 46.74 21.59 -38.88
N LYS C 300 47.09 21.94 -40.11
CA LYS C 300 48.22 21.30 -40.79
C LYS C 300 49.54 21.60 -40.10
N GLN C 301 49.76 22.86 -39.69
CA GLN C 301 51.06 23.23 -39.15
C GLN C 301 51.38 22.46 -37.87
N VAL C 302 50.41 22.35 -36.97
CA VAL C 302 50.62 21.57 -35.76
C VAL C 302 50.64 20.08 -36.08
N GLY C 303 50.12 19.69 -37.25
CA GLY C 303 50.02 18.29 -37.59
C GLY C 303 48.96 17.58 -36.77
N TYR C 304 47.77 18.20 -36.69
CA TYR C 304 46.68 17.64 -35.85
C TYR C 304 46.09 16.37 -36.44
N GLU C 305 45.59 15.43 -35.63
CA GLU C 305 45.17 14.13 -36.24
C GLU C 305 43.89 13.53 -35.64
N ASN C 306 42.87 14.33 -35.30
CA ASN C 306 41.60 13.73 -34.80
C ASN C 306 40.45 14.75 -34.84
N ALA C 307 39.27 14.37 -34.33
CA ALA C 307 38.15 15.34 -34.23
C ALA C 307 38.61 16.52 -33.38
N GLY C 308 38.69 17.72 -33.97
CA GLY C 308 39.21 18.90 -33.24
C GLY C 308 38.41 20.15 -33.57
N THR C 309 38.47 21.17 -32.70
CA THR C 309 37.67 22.37 -32.89
C THR C 309 38.58 23.59 -32.91
N VAL C 310 38.34 24.50 -33.85
CA VAL C 310 39.06 25.76 -33.95
C VAL C 310 38.07 26.89 -33.79
N GLU C 311 38.31 27.76 -32.81
CA GLU C 311 37.42 28.87 -32.52
C GLU C 311 37.97 30.16 -33.13
N PHE C 312 37.11 31.17 -33.22
CA PHE C 312 37.48 32.45 -33.82
C PHE C 312 36.71 33.57 -33.12
N LEU C 313 36.77 34.75 -33.69
CA LEU C 313 36.10 35.93 -33.15
C LEU C 313 36.08 37.00 -34.24
N VAL C 314 34.90 37.57 -34.49
CA VAL C 314 34.70 38.49 -35.61
C VAL C 314 34.18 39.82 -35.08
N ASP C 315 34.70 40.92 -35.62
CA ASP C 315 34.28 42.27 -35.30
C ASP C 315 33.30 42.76 -36.36
N ARG C 316 32.71 43.93 -36.11
CA ARG C 316 31.69 44.46 -37.02
C ARG C 316 32.27 44.87 -38.37
N HIS C 317 33.37 45.62 -38.36
CA HIS C 317 34.03 45.93 -39.62
C HIS C 317 34.55 44.68 -40.30
N GLY C 318 34.81 43.63 -39.53
CA GLY C 318 35.30 42.36 -40.03
C GLY C 318 36.74 42.15 -39.65
N LYS C 319 36.95 41.40 -38.56
CA LYS C 319 38.30 41.09 -38.08
C LYS C 319 38.24 39.71 -37.44
N HIS C 320 38.85 38.73 -38.09
CA HIS C 320 38.87 37.36 -37.57
C HIS C 320 40.03 37.25 -36.59
N TYR C 321 39.72 37.15 -35.30
CA TYR C 321 40.72 37.08 -34.26
C TYR C 321 40.69 35.69 -33.65
N PHE C 322 41.83 35.00 -33.69
CA PHE C 322 41.92 33.65 -33.16
C PHE C 322 41.84 33.68 -31.64
N ILE C 323 41.14 32.70 -31.07
CA ILE C 323 40.94 32.61 -29.63
C ILE C 323 41.68 31.43 -29.03
N GLU C 324 41.33 30.21 -29.44
CA GLU C 324 41.95 29.01 -28.89
C GLU C 324 41.61 27.84 -29.80
N VAL C 325 42.18 26.69 -29.48
CA VAL C 325 41.93 25.45 -30.20
C VAL C 325 41.50 24.39 -29.19
N ASN C 326 40.37 23.75 -29.44
CA ASN C 326 39.87 22.67 -28.61
C ASN C 326 40.33 21.34 -29.19
N SER C 327 40.98 20.53 -28.36
CA SER C 327 41.55 19.27 -28.79
C SER C 327 40.56 18.11 -28.73
N ARG C 328 39.35 18.34 -28.27
CA ARG C 328 38.36 17.28 -28.11
C ARG C 328 37.18 17.53 -29.04
N LEU C 329 36.22 16.62 -29.02
CA LEU C 329 34.97 16.80 -29.74
C LEU C 329 34.02 17.64 -28.91
N GLN C 330 33.42 18.65 -29.55
CA GLN C 330 32.59 19.62 -28.84
C GLN C 330 31.16 19.09 -28.66
N VAL C 331 30.50 19.59 -27.62
CA VAL C 331 29.15 19.15 -27.30
C VAL C 331 28.14 19.63 -28.33
N GLU C 332 28.45 20.66 -29.10
CA GLU C 332 27.56 21.15 -30.16
C GLU C 332 27.94 20.63 -31.53
N HIS C 333 28.48 19.41 -31.61
CA HIS C 333 28.79 18.79 -32.89
C HIS C 333 27.57 18.26 -33.61
N THR C 334 26.44 18.07 -32.90
CA THR C 334 25.28 17.43 -33.51
C THR C 334 24.71 18.27 -34.64
N VAL C 335 24.70 19.60 -34.51
CA VAL C 335 24.14 20.44 -35.55
C VAL C 335 24.99 20.35 -36.83
N THR C 336 26.31 20.31 -36.68
CA THR C 336 27.16 20.09 -37.85
C THR C 336 26.95 18.69 -38.41
N GLU C 337 26.67 17.72 -37.55
CA GLU C 337 26.45 16.34 -37.96
C GLU C 337 25.24 16.17 -38.87
N GLU C 338 24.27 17.08 -38.82
CA GLU C 338 23.04 16.92 -39.59
C GLU C 338 23.03 17.70 -40.90
N ILE C 339 23.72 18.85 -40.95
CA ILE C 339 23.80 19.58 -42.22
C ILE C 339 24.60 18.78 -43.24
N THR C 340 25.71 18.18 -42.80
CA THR C 340 26.55 17.38 -43.67
C THR C 340 26.07 15.93 -43.78
N ASP C 341 25.30 15.45 -42.80
CA ASP C 341 24.83 14.07 -42.75
C ASP C 341 26.02 13.10 -42.77
N VAL C 342 27.06 13.46 -42.03
CA VAL C 342 28.25 12.63 -41.86
C VAL C 342 28.41 12.34 -40.38
N ASP C 343 28.42 11.06 -40.02
CA ASP C 343 28.52 10.66 -38.63
C ASP C 343 29.94 10.86 -38.15
N LEU C 344 30.11 11.70 -37.11
CA LEU C 344 31.45 12.04 -36.64
C LEU C 344 32.08 10.93 -35.82
N VAL C 345 31.30 10.24 -34.99
CA VAL C 345 31.88 9.19 -34.14
C VAL C 345 32.33 8.01 -34.99
N HIS C 346 31.57 7.69 -36.04
CA HIS C 346 31.99 6.62 -36.96
C HIS C 346 33.33 6.94 -37.59
N ALA C 347 33.48 8.17 -38.10
CA ALA C 347 34.74 8.56 -38.72
C ALA C 347 35.87 8.58 -37.69
N GLN C 348 35.57 9.01 -36.47
CA GLN C 348 36.58 9.03 -35.42
C GLN C 348 37.09 7.63 -35.12
N ILE C 349 36.18 6.67 -34.96
CA ILE C 349 36.59 5.29 -34.70
C ILE C 349 37.36 4.72 -35.88
N HIS C 350 36.88 4.99 -37.10
CA HIS C 350 37.55 4.45 -38.28
C HIS C 350 38.96 4.99 -38.42
N VAL C 351 39.16 6.29 -38.15
CA VAL C 351 40.49 6.86 -38.23
C VAL C 351 41.35 6.43 -37.05
N ALA C 352 40.73 6.05 -35.93
CA ALA C 352 41.50 5.42 -34.86
C ALA C 352 41.98 4.03 -35.29
N GLU C 353 41.17 3.31 -36.08
CA GLU C 353 41.60 2.02 -36.59
C GLU C 353 42.83 2.16 -37.48
N GLY C 354 42.84 3.15 -38.36
CA GLY C 354 43.96 3.37 -39.24
C GLY C 354 43.54 3.62 -40.68
N ARG C 355 42.25 3.42 -40.97
CA ARG C 355 41.76 3.64 -42.33
C ARG C 355 41.85 5.11 -42.70
N SER C 356 42.31 5.36 -43.92
CA SER C 356 42.45 6.73 -44.40
C SER C 356 41.11 7.29 -44.87
N LEU C 357 41.06 8.60 -44.99
CA LEU C 357 39.81 9.26 -45.41
C LEU C 357 39.32 8.82 -46.78
N PRO C 358 40.15 8.77 -47.83
CA PRO C 358 39.60 8.35 -49.14
C PRO C 358 38.97 6.98 -49.13
N ASP C 359 39.50 6.04 -48.33
CA ASP C 359 38.86 4.74 -48.21
C ASP C 359 37.47 4.85 -47.63
N LEU C 360 37.30 5.71 -46.62
CA LEU C 360 35.98 5.93 -46.05
C LEU C 360 35.04 6.62 -47.03
N GLY C 361 35.59 7.28 -48.04
CA GLY C 361 34.78 7.99 -49.01
C GLY C 361 34.43 9.39 -48.57
N LEU C 362 35.41 10.11 -48.04
CA LEU C 362 35.21 11.45 -47.49
C LEU C 362 36.18 12.40 -48.16
N ARG C 363 35.65 13.32 -48.96
CA ARG C 363 36.44 14.34 -49.63
C ARG C 363 35.78 15.70 -49.45
N GLN C 364 36.62 16.75 -49.43
CA GLN C 364 36.09 18.10 -49.23
C GLN C 364 35.22 18.53 -50.40
N GLU C 365 35.35 17.88 -51.55
CA GLU C 365 34.47 18.12 -52.68
C GLU C 365 33.24 17.23 -52.65
N ASN C 366 33.14 16.30 -51.70
CA ASN C 366 32.03 15.35 -51.66
C ASN C 366 30.93 15.74 -50.70
N ILE C 367 31.21 16.61 -49.73
CA ILE C 367 30.18 17.01 -48.78
C ILE C 367 29.58 18.35 -49.19
N ARG C 368 28.35 18.61 -48.73
CA ARG C 368 27.64 19.82 -49.11
C ARG C 368 26.62 20.17 -48.03
N ILE C 369 26.16 21.41 -48.09
CA ILE C 369 25.21 21.96 -47.13
C ILE C 369 23.80 21.52 -47.50
N ASN C 370 22.99 21.21 -46.49
CA ASN C 370 21.60 20.80 -46.72
C ASN C 370 20.76 21.30 -45.55
N GLY C 371 20.15 22.46 -45.71
CA GLY C 371 19.21 22.97 -44.73
C GLY C 371 19.89 23.74 -43.61
N CYS C 372 19.17 23.84 -42.49
CA CYS C 372 19.63 24.54 -41.30
C CYS C 372 19.21 23.76 -40.07
N ALA C 373 19.91 23.97 -38.98
CA ALA C 373 19.64 23.28 -37.72
C ALA C 373 19.86 24.22 -36.54
N ILE C 374 19.16 23.93 -35.45
CA ILE C 374 19.24 24.71 -34.22
C ILE C 374 19.29 23.73 -33.05
N GLN C 375 20.12 24.03 -32.06
CA GLN C 375 20.27 23.20 -30.88
C GLN C 375 19.97 24.03 -29.63
N CYS C 376 19.26 23.43 -28.68
CA CYS C 376 18.97 24.07 -27.40
C CYS C 376 19.23 23.08 -26.29
N ARG C 377 19.85 23.55 -25.22
CA ARG C 377 20.21 22.73 -24.07
C ARG C 377 19.20 22.97 -22.95
N VAL C 378 18.53 21.90 -22.52
CA VAL C 378 17.50 21.99 -21.49
C VAL C 378 18.15 21.66 -20.15
N THR C 379 18.10 22.61 -19.23
CA THR C 379 18.74 22.50 -17.92
C THR C 379 17.70 22.70 -16.82
N THR C 380 18.18 22.63 -15.57
CA THR C 380 17.37 22.84 -14.39
C THR C 380 17.72 24.15 -13.69
N GLU C 381 17.97 25.19 -14.45
CA GLU C 381 18.39 26.48 -13.92
C GLU C 381 17.19 27.42 -13.85
N ASP C 382 16.94 27.99 -12.68
CA ASP C 382 15.85 28.93 -12.51
C ASP C 382 16.14 30.17 -13.35
N PRO C 383 15.38 30.44 -14.41
CA PRO C 383 15.71 31.56 -15.31
C PRO C 383 15.32 32.92 -14.78
N ALA C 384 14.93 33.04 -13.51
CA ALA C 384 14.50 34.31 -12.94
C ALA C 384 15.49 34.84 -11.91
N ARG C 385 15.80 34.06 -10.87
CA ARG C 385 16.61 34.58 -9.78
C ARG C 385 18.04 34.93 -10.20
N SER C 386 18.88 33.95 -10.53
CA SER C 386 20.23 34.22 -10.99
C SER C 386 20.72 33.19 -12.00
N PHE C 387 19.81 32.50 -12.69
CA PHE C 387 20.12 31.24 -13.35
C PHE C 387 20.72 30.24 -12.35
N GLN C 388 20.19 30.23 -11.14
CA GLN C 388 20.72 29.36 -10.08
C GLN C 388 20.26 27.93 -10.31
N PRO C 389 21.14 26.95 -10.18
CA PRO C 389 20.72 25.56 -10.37
C PRO C 389 19.67 25.14 -9.35
N ASP C 390 18.75 24.28 -9.77
CA ASP C 390 17.71 23.74 -8.92
C ASP C 390 17.78 22.23 -8.91
N THR C 391 17.52 21.64 -7.74
CA THR C 391 17.59 20.20 -7.55
C THR C 391 16.28 19.70 -6.98
N GLY C 392 15.93 18.46 -7.33
CA GLY C 392 14.68 17.90 -6.87
C GLY C 392 14.42 16.56 -7.52
N ARG C 393 13.15 16.21 -7.59
CA ARG C 393 12.71 14.94 -8.18
C ARG C 393 11.73 15.21 -9.30
N ILE C 394 11.97 14.59 -10.45
CA ILE C 394 11.10 14.73 -11.61
C ILE C 394 9.87 13.86 -11.42
N GLU C 395 8.69 14.46 -11.55
CA GLU C 395 7.43 13.76 -11.36
C GLU C 395 6.70 13.45 -12.66
N VAL C 396 6.83 14.32 -13.66
CA VAL C 396 6.20 14.13 -14.96
C VAL C 396 7.24 14.37 -16.03
N PHE C 397 7.35 13.43 -16.97
CA PHE C 397 8.24 13.60 -18.12
C PHE C 397 7.52 13.14 -19.38
N ARG C 398 7.75 13.88 -20.47
CA ARG C 398 7.16 13.56 -21.75
C ARG C 398 8.08 14.09 -22.84
N SER C 399 7.92 13.57 -24.06
CA SER C 399 8.79 13.91 -25.17
C SER C 399 7.98 14.23 -26.40
N GLY C 400 8.57 15.03 -27.29
CA GLY C 400 7.95 15.39 -28.54
C GLY C 400 8.84 15.11 -29.73
N GLU C 401 8.40 14.23 -30.61
CA GLU C 401 9.18 13.80 -31.77
C GLU C 401 8.34 13.99 -33.03
N GLY C 402 8.90 14.71 -34.00
CA GLY C 402 8.18 15.04 -35.21
C GLY C 402 9.04 14.82 -36.45
N MET C 403 8.73 15.60 -37.49
CA MET C 403 9.45 15.47 -38.76
C MET C 403 10.93 15.80 -38.60
N GLY C 404 11.24 16.95 -38.03
CA GLY C 404 12.62 17.39 -37.97
C GLY C 404 13.16 17.54 -36.57
N ILE C 405 12.82 16.61 -35.68
CA ILE C 405 13.22 16.66 -34.29
C ILE C 405 14.07 15.43 -33.99
N ARG C 406 15.29 15.66 -33.51
CA ARG C 406 16.16 14.61 -33.03
C ARG C 406 16.40 14.83 -31.54
N LEU C 407 16.27 13.76 -30.77
CA LEU C 407 16.30 13.84 -29.32
C LEU C 407 17.44 12.99 -28.78
N ASP C 408 18.12 13.50 -27.76
CA ASP C 408 19.24 12.79 -27.11
C ASP C 408 18.98 12.80 -25.60
N ASN C 409 18.22 11.83 -25.12
CA ASN C 409 17.84 11.76 -23.71
C ASN C 409 19.05 11.33 -22.90
N ALA C 410 19.58 12.25 -22.08
CA ALA C 410 20.73 11.93 -21.24
C ALA C 410 20.31 11.23 -19.96
N SER C 411 19.55 11.92 -19.11
CA SER C 411 19.18 11.38 -17.81
C SER C 411 17.76 11.78 -17.44
N ALA C 412 16.89 11.94 -18.44
CA ALA C 412 15.53 12.41 -18.22
C ALA C 412 14.58 11.25 -18.39
N PHE C 413 13.90 10.87 -17.31
CA PHE C 413 12.92 9.79 -17.34
C PHE C 413 12.00 9.94 -16.14
N GLN C 414 10.91 9.20 -16.16
CA GLN C 414 9.92 9.27 -15.10
C GLN C 414 10.54 8.89 -13.76
N GLY C 415 10.27 9.72 -12.75
CA GLY C 415 10.78 9.45 -11.41
C GLY C 415 12.28 9.48 -11.28
N ALA C 416 12.93 10.45 -11.92
CA ALA C 416 14.37 10.60 -11.87
C ALA C 416 14.76 11.63 -10.81
N VAL C 417 15.90 11.42 -10.19
CA VAL C 417 16.43 12.34 -9.18
C VAL C 417 17.66 13.04 -9.76
N ILE C 418 17.64 14.36 -9.77
CA ILE C 418 18.75 15.15 -10.28
C ILE C 418 19.66 15.52 -9.12
N SER C 419 20.96 15.22 -9.26
CA SER C 419 21.98 15.43 -8.24
C SER C 419 22.64 16.79 -8.39
N PRO C 420 23.07 17.38 -7.28
CA PRO C 420 23.77 18.68 -7.35
C PRO C 420 25.28 18.56 -7.51
N HIS C 421 25.81 17.37 -7.78
CA HIS C 421 27.26 17.20 -7.89
C HIS C 421 27.77 17.32 -9.31
N TYR C 422 26.93 17.09 -10.31
CA TYR C 422 27.39 17.03 -11.70
C TYR C 422 26.73 18.13 -12.52
N ASP C 423 26.92 18.09 -13.83
CA ASP C 423 26.26 19.05 -14.71
C ASP C 423 24.75 18.89 -14.62
N SER C 424 24.04 19.93 -15.06
CA SER C 424 22.59 20.01 -14.91
C SER C 424 21.89 19.96 -16.27
N LEU C 425 22.34 19.06 -17.15
CA LEU C 425 21.73 18.90 -18.45
C LEU C 425 20.70 17.78 -18.42
N LEU C 426 19.49 18.08 -18.88
CA LEU C 426 18.42 17.09 -18.94
C LEU C 426 18.32 16.43 -20.32
N VAL C 427 18.06 17.22 -21.35
CA VAL C 427 17.88 16.71 -22.71
C VAL C 427 18.54 17.69 -23.68
N LYS C 428 19.14 17.14 -24.72
CA LYS C 428 19.69 17.92 -25.83
C LYS C 428 18.75 17.75 -27.00
N VAL C 429 18.05 18.82 -27.37
CA VAL C 429 17.04 18.80 -28.43
C VAL C 429 17.59 19.52 -29.65
N ILE C 430 17.47 18.90 -30.81
CA ILE C 430 17.95 19.44 -32.07
C ILE C 430 16.78 19.47 -33.06
N ALA C 431 16.65 20.58 -33.78
CA ALA C 431 15.60 20.76 -34.76
C ALA C 431 16.24 21.06 -36.11
N HIS C 432 15.75 20.40 -37.16
CA HIS C 432 16.25 20.57 -38.51
C HIS C 432 15.11 20.93 -39.46
N GLY C 433 15.38 21.86 -40.36
CA GLY C 433 14.41 22.28 -41.35
C GLY C 433 15.11 22.84 -42.56
N LYS C 434 14.32 23.20 -43.58
CA LYS C 434 14.90 23.73 -44.81
C LYS C 434 15.29 25.20 -44.69
N ASP C 435 14.83 25.89 -43.66
CA ASP C 435 15.14 27.30 -43.47
C ASP C 435 15.20 27.62 -41.98
N HIS C 436 15.83 28.76 -41.69
CA HIS C 436 15.97 29.18 -40.29
C HIS C 436 14.63 29.41 -39.59
N PRO C 437 13.70 30.21 -40.14
CA PRO C 437 12.42 30.39 -39.43
C PRO C 437 11.64 29.10 -39.27
N THR C 438 11.68 28.22 -40.27
CA THR C 438 10.96 26.95 -40.17
C THR C 438 11.53 26.09 -39.05
N ALA C 439 12.86 26.02 -38.95
CA ALA C 439 13.49 25.26 -37.88
C ALA C 439 13.16 25.87 -36.52
N ALA C 440 13.16 27.20 -36.44
CA ALA C 440 12.83 27.85 -35.17
C ALA C 440 11.40 27.54 -34.74
N THR C 441 10.45 27.60 -35.70
CA THR C 441 9.07 27.30 -35.36
C THR C 441 8.90 25.84 -34.95
N LYS C 442 9.59 24.92 -35.64
CA LYS C 442 9.54 23.52 -35.26
C LYS C 442 10.07 23.31 -33.86
N MET C 443 11.18 23.98 -33.52
CA MET C 443 11.73 23.85 -32.18
C MET C 443 10.78 24.44 -31.13
N SER C 444 10.13 25.55 -31.46
CA SER C 444 9.15 26.11 -30.53
C SER C 444 8.01 25.13 -30.28
N ARG C 445 7.52 24.51 -31.34
CA ARG C 445 6.47 23.50 -31.19
C ARG C 445 6.94 22.34 -30.33
N ALA C 446 8.16 21.86 -30.58
CA ALA C 446 8.69 20.75 -29.81
C ALA C 446 8.83 21.10 -28.33
N LEU C 447 9.33 22.30 -28.04
CA LEU C 447 9.46 22.73 -26.64
C LEU C 447 8.10 22.84 -25.98
N ALA C 448 7.11 23.37 -26.71
CA ALA C 448 5.76 23.42 -26.15
C ALA C 448 5.22 22.03 -25.90
N GLU C 449 5.60 21.05 -26.72
CA GLU C 449 5.10 19.69 -26.52
C GLU C 449 5.74 19.01 -25.32
N PHE C 450 6.96 19.40 -24.96
CA PHE C 450 7.59 18.83 -23.77
C PHE C 450 6.79 19.18 -22.52
N ARG C 451 6.91 18.34 -21.50
CA ARG C 451 6.26 18.58 -20.22
C ARG C 451 7.16 18.05 -19.11
N VAL C 452 7.70 18.96 -18.31
CA VAL C 452 8.55 18.61 -17.17
C VAL C 452 7.93 19.23 -15.93
N ARG C 453 7.51 18.39 -14.99
CA ARG C 453 6.86 18.84 -13.77
C ARG C 453 7.66 18.37 -12.56
N GLY C 454 7.69 19.21 -11.53
CA GLY C 454 8.35 18.86 -10.29
C GLY C 454 9.64 19.61 -10.03
N VAL C 455 10.42 19.82 -11.07
CA VAL C 455 11.68 20.54 -10.99
C VAL C 455 11.59 21.75 -11.91
N LYS C 456 11.76 22.94 -11.36
CA LYS C 456 11.68 24.15 -12.17
C LYS C 456 12.82 24.19 -13.16
N THR C 457 12.50 24.56 -14.41
CA THR C 457 13.45 24.56 -15.50
C THR C 457 13.28 25.82 -16.36
N ASN C 458 13.91 25.85 -17.52
CA ASN C 458 14.03 27.08 -18.30
C ASN C 458 13.50 26.94 -19.73
N ILE C 459 12.35 26.27 -19.91
CA ILE C 459 11.74 26.27 -21.24
C ILE C 459 11.24 27.67 -21.59
N ALA C 460 10.69 28.38 -20.61
CA ALA C 460 10.07 29.68 -20.89
C ALA C 460 11.07 30.68 -21.42
N PHE C 461 12.29 30.69 -20.87
CA PHE C 461 13.31 31.62 -21.36
C PHE C 461 13.66 31.33 -22.82
N LEU C 462 13.80 30.05 -23.16
CA LEU C 462 14.08 29.69 -24.55
C LEU C 462 12.90 30.05 -25.45
N GLN C 463 11.67 29.90 -24.95
CA GLN C 463 10.51 30.30 -25.72
C GLN C 463 10.54 31.79 -26.02
N ASN C 464 10.89 32.60 -25.03
CA ASN C 464 11.03 34.03 -25.26
C ASN C 464 12.13 34.33 -26.25
N VAL C 465 13.25 33.59 -26.18
CA VAL C 465 14.34 33.80 -27.13
C VAL C 465 13.86 33.51 -28.55
N LEU C 466 13.16 32.39 -28.74
CA LEU C 466 12.70 32.02 -30.07
C LEU C 466 11.55 32.90 -30.55
N ASN C 467 10.85 33.58 -29.64
CA ASN C 467 9.77 34.47 -30.03
C ASN C 467 10.23 35.87 -30.37
N ASN C 468 11.51 36.19 -30.14
CA ASN C 468 12.01 37.51 -30.48
C ASN C 468 12.07 37.69 -31.99
N GLN C 469 11.74 38.89 -32.46
CA GLN C 469 11.75 39.16 -33.89
C GLN C 469 13.17 39.34 -34.41
N GLN C 470 14.06 39.96 -33.62
CA GLN C 470 15.43 40.17 -34.07
C GLN C 470 16.18 38.85 -34.15
N PHE C 471 15.90 37.93 -33.24
CA PHE C 471 16.49 36.59 -33.33
C PHE C 471 16.05 35.87 -34.61
N LEU C 472 14.77 35.96 -34.95
CA LEU C 472 14.29 35.33 -36.17
C LEU C 472 14.78 36.06 -37.41
N ALA C 473 15.16 37.34 -37.27
CA ALA C 473 15.68 38.09 -38.40
C ALA C 473 16.96 37.45 -38.93
N GLY C 474 17.83 36.99 -38.04
CA GLY C 474 19.02 36.30 -38.45
C GLY C 474 20.29 36.77 -37.77
N THR C 475 20.38 38.06 -37.44
CA THR C 475 21.59 38.64 -36.88
C THR C 475 21.42 38.87 -35.38
N VAL C 476 22.37 38.35 -34.59
CA VAL C 476 22.44 38.59 -33.16
C VAL C 476 23.90 38.83 -32.80
N ASP C 477 24.12 39.46 -31.66
CA ASP C 477 25.45 39.78 -31.17
C ASP C 477 25.70 39.10 -29.83
N THR C 478 26.91 39.28 -29.30
CA THR C 478 27.25 38.69 -28.01
C THR C 478 26.55 39.44 -26.88
N GLN C 479 26.41 40.75 -27.01
CA GLN C 479 25.73 41.57 -26.02
C GLN C 479 24.21 41.48 -26.11
N PHE C 480 23.69 40.54 -26.91
CA PHE C 480 22.26 40.50 -27.20
C PHE C 480 21.44 40.30 -25.93
N ILE C 481 21.85 39.36 -25.08
CA ILE C 481 21.10 39.12 -23.85
C ILE C 481 21.30 40.27 -22.86
N ASP C 482 22.42 40.99 -22.96
CA ASP C 482 22.73 42.02 -21.99
C ASP C 482 21.86 43.26 -22.20
N GLU C 483 21.50 43.55 -23.44
CA GLU C 483 20.77 44.77 -23.78
C GLU C 483 19.27 44.56 -23.90
N ASN C 484 18.75 43.38 -23.54
CA ASN C 484 17.32 43.09 -23.61
C ASN C 484 16.85 42.52 -22.27
N PRO C 485 16.64 43.36 -21.26
CA PRO C 485 16.16 42.87 -19.95
C PRO C 485 14.64 42.71 -19.92
N GLU C 486 14.12 41.90 -20.83
CA GLU C 486 12.69 41.59 -20.86
C GLU C 486 12.50 40.09 -20.96
N LEU C 487 13.50 39.40 -21.52
CA LEU C 487 13.43 37.95 -21.66
C LEU C 487 13.33 37.28 -20.30
N PHE C 488 14.13 37.76 -19.33
CA PHE C 488 14.10 37.19 -17.98
C PHE C 488 12.75 37.43 -17.32
N GLN C 489 12.27 38.67 -17.36
CA GLN C 489 11.09 39.05 -16.59
C GLN C 489 9.83 38.42 -17.17
N LEU C 490 9.66 38.48 -18.48
CA LEU C 490 8.45 37.95 -19.11
C LEU C 490 8.44 36.43 -19.03
N ARG C 491 7.55 35.88 -18.21
CA ARG C 491 7.47 34.43 -18.02
C ARG C 491 6.02 34.05 -17.72
N PRO C 492 5.36 33.35 -18.63
CA PRO C 492 4.00 32.86 -18.36
C PRO C 492 4.06 31.51 -17.66
N ALA C 493 3.30 31.37 -16.56
CA ALA C 493 3.32 30.11 -15.78
C ALA C 493 1.96 29.81 -15.13
N GLN C 494 1.26 28.77 -15.60
CA GLN C 494 -0.07 28.41 -15.02
C GLN C 494 0.08 27.27 -13.99
N ASN C 495 0.76 26.18 -14.33
CA ASN C 495 1.04 25.06 -13.36
C ASN C 495 -0.23 24.63 -12.60
N ARG C 496 -1.30 24.22 -13.30
CA ARG C 496 -2.59 23.93 -12.60
C ARG C 496 -2.76 22.46 -12.22
N ALA C 497 -3.04 21.59 -13.20
CA ALA C 497 -3.35 20.16 -12.92
C ALA C 497 -2.52 19.54 -11.80
N GLN C 498 -1.21 19.84 -11.71
CA GLN C 498 -0.35 19.15 -10.72
C GLN C 498 -0.90 19.44 -9.31
N LYS C 499 -1.16 20.70 -9.00
CA LYS C 499 -1.69 21.12 -7.67
C LYS C 499 -2.94 20.30 -7.31
N LEU C 500 -3.80 20.00 -8.29
CA LEU C 500 -5.06 19.26 -7.98
C LEU C 500 -4.73 17.89 -7.39
N LEU C 501 -3.73 17.20 -7.93
CA LEU C 501 -3.35 15.85 -7.44
C LEU C 501 -2.92 15.97 -5.97
N HIS C 502 -2.18 17.03 -5.62
CA HIS C 502 -1.71 17.21 -4.25
C HIS C 502 -2.87 17.26 -3.28
N TYR C 503 -3.95 17.96 -3.64
CA TYR C 503 -5.08 18.08 -2.72
C TYR C 503 -5.73 16.73 -2.47
N LEU C 504 -5.91 15.93 -3.53
CA LEU C 504 -6.54 14.62 -3.36
C LEU C 504 -5.69 13.73 -2.46
N GLY C 505 -4.38 13.72 -2.67
CA GLY C 505 -3.51 12.97 -1.77
C GLY C 505 -3.54 13.51 -0.36
N HIS C 506 -3.55 14.84 -0.21
CA HIS C 506 -3.58 15.44 1.11
C HIS C 506 -4.85 15.06 1.87
N VAL C 507 -5.99 15.05 1.18
CA VAL C 507 -7.23 14.63 1.81
C VAL C 507 -7.17 13.17 2.21
N MET C 508 -6.62 12.33 1.32
CA MET C 508 -6.52 10.91 1.62
C MET C 508 -5.61 10.65 2.82
N VAL C 509 -4.50 11.37 2.91
CA VAL C 509 -3.50 11.08 3.93
C VAL C 509 -3.88 11.71 5.25
N ASN C 510 -4.03 13.03 5.27
CA ASN C 510 -4.24 13.77 6.51
C ASN C 510 -5.70 14.00 6.84
N GLY C 511 -6.63 13.44 6.07
CA GLY C 511 -8.04 13.60 6.33
C GLY C 511 -8.59 14.88 5.73
N PRO C 512 -9.83 15.21 6.09
CA PRO C 512 -10.45 16.42 5.54
C PRO C 512 -9.75 17.68 6.03
N THR C 513 -9.76 18.72 5.18
CA THR C 513 -9.11 20.01 5.54
C THR C 513 -10.16 20.96 6.10
N THR C 514 -11.44 20.73 5.78
CA THR C 514 -12.53 21.61 6.27
C THR C 514 -13.04 21.07 7.60
N PRO C 515 -13.48 21.92 8.55
CA PRO C 515 -14.06 21.43 9.81
C PRO C 515 -15.33 20.60 9.57
N ILE C 516 -15.37 19.39 10.14
CA ILE C 516 -16.57 18.51 9.97
C ILE C 516 -17.38 18.49 11.29
N PRO C 517 -18.55 19.15 11.46
CA PRO C 517 -19.24 19.12 12.77
C PRO C 517 -19.61 17.72 13.24
N VAL C 518 -20.23 16.92 12.37
CA VAL C 518 -20.69 15.58 12.73
C VAL C 518 -19.99 14.57 11.84
N LYS C 519 -19.58 13.45 12.42
CA LYS C 519 -18.85 12.41 11.69
C LYS C 519 -19.84 11.58 10.90
N ALA C 520 -20.04 11.96 9.63
CA ALA C 520 -20.92 11.26 8.72
C ALA C 520 -20.30 11.23 7.34
N SER C 521 -20.83 10.36 6.48
CA SER C 521 -20.28 10.19 5.15
C SER C 521 -21.35 10.36 4.09
N PRO C 522 -21.03 10.98 2.96
CA PRO C 522 -22.02 11.14 1.89
C PRO C 522 -22.46 9.79 1.33
N SER C 523 -23.73 9.71 0.96
CA SER C 523 -24.26 8.47 0.40
C SER C 523 -23.77 8.29 -1.02
N PRO C 524 -23.55 7.05 -1.45
CA PRO C 524 -23.07 6.79 -2.83
C PRO C 524 -24.20 6.71 -3.85
N THR C 525 -24.92 7.81 -4.01
CA THR C 525 -26.00 7.89 -5.00
C THR C 525 -25.90 9.25 -5.70
N ASP C 526 -25.75 9.21 -7.01
CA ASP C 526 -25.64 10.44 -7.80
C ASP C 526 -27.02 11.06 -7.96
N PRO C 527 -27.17 12.36 -7.72
CA PRO C 527 -28.50 12.98 -7.82
C PRO C 527 -29.11 12.82 -9.20
N VAL C 528 -30.43 12.64 -9.22
CA VAL C 528 -31.18 12.36 -10.45
C VAL C 528 -31.54 13.68 -11.11
N VAL C 529 -30.83 14.03 -12.16
CA VAL C 529 -31.13 15.24 -12.92
C VAL C 529 -32.21 14.91 -13.95
N PRO C 530 -33.33 15.62 -13.96
CA PRO C 530 -34.39 15.33 -14.92
C PRO C 530 -34.04 15.80 -16.33
N ALA C 531 -34.91 15.46 -17.27
CA ALA C 531 -34.70 15.83 -18.66
C ALA C 531 -35.09 17.28 -18.90
N VAL C 532 -34.53 17.85 -19.97
CA VAL C 532 -34.78 19.25 -20.33
C VAL C 532 -35.08 19.31 -21.82
N PRO C 533 -35.80 20.34 -22.25
CA PRO C 533 -36.03 20.51 -23.70
C PRO C 533 -34.78 21.00 -24.41
N ILE C 534 -34.89 21.28 -25.71
CA ILE C 534 -33.75 21.66 -26.54
C ILE C 534 -33.73 23.15 -26.80
N GLY C 535 -34.87 23.74 -27.12
CA GLY C 535 -34.93 25.12 -27.55
C GLY C 535 -34.62 26.12 -26.45
N PRO C 536 -34.48 27.39 -26.83
CA PRO C 536 -34.19 28.42 -25.85
C PRO C 536 -35.34 28.57 -24.87
N PRO C 537 -35.06 28.99 -23.64
CA PRO C 537 -36.12 29.10 -22.63
C PRO C 537 -37.09 30.21 -22.97
N PRO C 538 -38.33 30.13 -22.49
CA PRO C 538 -39.30 31.19 -22.77
C PRO C 538 -38.97 32.48 -22.06
N ALA C 539 -39.83 33.49 -22.19
CA ALA C 539 -39.63 34.79 -21.59
C ALA C 539 -40.46 34.91 -20.33
N GLY C 540 -39.87 35.50 -19.28
CA GLY C 540 -40.57 35.69 -18.03
C GLY C 540 -40.79 37.15 -17.71
N PHE C 541 -40.47 37.56 -16.48
CA PHE C 541 -40.60 38.95 -16.07
C PHE C 541 -39.36 39.77 -16.35
N ARG C 542 -38.26 39.15 -16.77
CA ARG C 542 -37.02 39.90 -16.99
C ARG C 542 -37.15 40.85 -18.17
N ASP C 543 -37.77 40.40 -19.26
CA ASP C 543 -37.90 41.23 -20.45
C ASP C 543 -38.74 42.47 -20.16
N ILE C 544 -39.74 42.35 -19.29
CA ILE C 544 -40.52 43.50 -18.87
C ILE C 544 -39.62 44.50 -18.15
N LEU C 545 -38.73 44.01 -17.28
CA LEU C 545 -37.80 44.89 -16.59
C LEU C 545 -36.85 45.58 -17.54
N LEU C 546 -36.34 44.85 -18.55
CA LEU C 546 -35.40 45.47 -19.49
C LEU C 546 -36.09 46.49 -20.39
N ARG C 547 -37.29 46.17 -20.89
CA ARG C 547 -37.99 47.08 -21.78
C ARG C 547 -38.62 48.27 -21.07
N GLU C 548 -38.57 48.30 -19.74
CA GLU C 548 -39.22 49.36 -18.97
C GLU C 548 -38.28 49.76 -17.84
N GLY C 549 -38.83 50.50 -16.88
CA GLY C 549 -38.09 50.86 -15.70
C GLY C 549 -38.63 50.14 -14.48
N PRO C 550 -38.00 50.37 -13.32
CA PRO C 550 -38.50 49.72 -12.09
C PRO C 550 -39.94 50.09 -11.77
N GLU C 551 -40.34 51.34 -12.03
CA GLU C 551 -41.72 51.74 -11.76
C GLU C 551 -42.69 50.94 -12.63
N GLY C 552 -42.37 50.77 -13.92
CA GLY C 552 -43.23 49.99 -14.79
C GLY C 552 -43.31 48.53 -14.34
N PHE C 553 -42.19 47.96 -13.92
CA PHE C 553 -42.20 46.59 -13.44
C PHE C 553 -43.07 46.45 -12.20
N ALA C 554 -42.93 47.37 -11.25
CA ALA C 554 -43.74 47.33 -10.04
C ALA C 554 -45.23 47.47 -10.37
N ARG C 555 -45.56 48.39 -11.28
CA ARG C 555 -46.96 48.57 -11.65
C ARG C 555 -47.50 47.32 -12.34
N ALA C 556 -46.69 46.68 -13.18
CA ALA C 556 -47.12 45.45 -13.83
C ALA C 556 -47.35 44.34 -12.81
N VAL C 557 -46.49 44.25 -11.81
CA VAL C 557 -46.68 43.25 -10.75
C VAL C 557 -47.99 43.54 -10.00
N ARG C 558 -48.23 44.81 -9.69
CA ARG C 558 -49.45 45.17 -8.97
C ARG C 558 -50.69 44.84 -9.80
N ASN C 559 -50.66 45.13 -11.10
CA ASN C 559 -51.83 44.94 -11.95
C ASN C 559 -52.12 43.47 -12.22
N HIS C 560 -51.19 42.58 -11.93
CA HIS C 560 -51.40 41.17 -12.21
C HIS C 560 -52.44 40.59 -11.26
N PRO C 561 -53.52 39.99 -11.77
CA PRO C 561 -54.50 39.35 -10.89
C PRO C 561 -54.08 37.93 -10.54
N GLY C 562 -53.88 37.68 -9.25
CA GLY C 562 -53.47 36.35 -8.80
C GLY C 562 -52.39 36.38 -7.74
N LEU C 563 -51.56 35.35 -7.72
CA LEU C 563 -50.52 35.23 -6.71
C LEU C 563 -49.17 34.95 -7.39
N LEU C 564 -48.13 35.55 -6.85
CA LEU C 564 -46.77 35.35 -7.33
C LEU C 564 -45.93 34.71 -6.24
N LEU C 565 -44.92 33.94 -6.66
CA LEU C 565 -44.06 33.19 -5.76
C LEU C 565 -42.61 33.57 -6.01
N MET C 566 -41.80 33.55 -4.95
CA MET C 566 -40.37 33.76 -5.05
C MET C 566 -39.66 32.66 -4.29
N ASP C 567 -38.66 32.04 -4.93
CA ASP C 567 -37.99 30.87 -4.36
C ASP C 567 -36.62 31.28 -3.83
N THR C 568 -36.34 30.95 -2.57
CA THR C 568 -35.09 31.27 -1.90
C THR C 568 -34.42 30.04 -1.35
N THR C 569 -34.52 28.92 -2.06
CA THR C 569 -33.75 27.74 -1.73
C THR C 569 -32.27 27.93 -2.05
N PHE C 570 -31.92 29.02 -2.73
CA PHE C 570 -30.55 29.36 -3.05
C PHE C 570 -29.87 30.22 -1.99
N ARG C 571 -30.62 30.90 -1.14
CA ARG C 571 -29.95 31.71 -0.13
C ARG C 571 -30.40 31.44 1.29
N ASP C 572 -31.70 31.24 1.53
CA ASP C 572 -32.18 31.22 2.89
C ASP C 572 -32.27 29.82 3.48
N ALA C 573 -32.77 28.86 2.69
CA ALA C 573 -32.78 27.48 3.15
C ALA C 573 -31.39 26.96 3.43
N HIS C 574 -30.36 27.59 2.84
CA HIS C 574 -28.97 27.25 3.09
C HIS C 574 -28.64 27.33 4.58
N GLN C 575 -28.74 28.53 5.16
CA GLN C 575 -28.48 28.63 6.59
C GLN C 575 -29.63 28.09 7.43
N SER C 576 -30.83 27.98 6.85
CA SER C 576 -31.93 27.43 7.64
C SER C 576 -31.70 25.97 7.97
N LEU C 577 -31.33 25.15 6.99
CA LEU C 577 -31.15 23.72 7.20
C LEU C 577 -29.69 23.30 7.30
N LEU C 578 -28.79 24.02 6.64
CA LEU C 578 -27.36 23.74 6.67
C LEU C 578 -26.65 24.95 7.27
N ALA C 579 -25.32 24.96 7.17
CA ALA C 579 -24.53 26.11 7.55
C ALA C 579 -24.18 26.98 6.35
N THR C 580 -25.05 26.97 5.33
CA THR C 580 -24.78 27.62 4.04
C THR C 580 -23.45 27.11 3.47
N ARG C 581 -23.42 25.80 3.23
CA ARG C 581 -22.21 25.13 2.77
C ARG C 581 -22.39 24.48 1.41
N VAL C 582 -23.45 24.82 0.69
CA VAL C 582 -23.72 24.19 -0.60
C VAL C 582 -22.76 24.75 -1.63
N ARG C 583 -22.07 23.86 -2.34
CA ARG C 583 -21.12 24.25 -3.36
C ARG C 583 -21.85 24.76 -4.59
N THR C 584 -21.09 25.34 -5.51
CA THR C 584 -21.68 25.88 -6.73
C THR C 584 -21.79 24.82 -7.82
N HIS C 585 -20.96 23.78 -7.75
CA HIS C 585 -20.95 22.76 -8.79
C HIS C 585 -22.28 22.04 -8.87
N ASP C 586 -22.78 21.55 -7.74
CA ASP C 586 -24.09 20.93 -7.73
C ASP C 586 -25.21 21.96 -7.83
N LEU C 587 -24.90 23.23 -7.58
CA LEU C 587 -25.90 24.28 -7.80
C LEU C 587 -26.18 24.49 -9.28
N LYS C 588 -25.16 24.38 -10.12
CA LYS C 588 -25.31 24.62 -11.55
C LYS C 588 -25.65 23.34 -12.31
N LYS C 589 -26.67 22.63 -11.83
CA LYS C 589 -27.20 21.49 -12.54
C LYS C 589 -28.71 21.54 -12.71
N ILE C 590 -29.39 22.45 -12.02
CA ILE C 590 -30.81 22.67 -12.24
C ILE C 590 -31.10 24.03 -12.88
N ALA C 591 -30.14 24.95 -12.88
CA ALA C 591 -30.31 26.19 -13.61
C ALA C 591 -30.74 25.98 -15.05
N PRO C 592 -30.16 25.05 -15.83
CA PRO C 592 -30.76 24.74 -17.13
C PRO C 592 -32.19 24.24 -17.03
N TYR C 593 -32.50 23.46 -15.99
CA TYR C 593 -33.85 22.94 -15.85
C TYR C 593 -34.83 24.02 -15.38
N VAL C 594 -34.42 24.84 -14.42
CA VAL C 594 -35.32 25.88 -13.91
C VAL C 594 -35.66 26.87 -15.00
N ALA C 595 -34.67 27.27 -15.80
CA ALA C 595 -34.89 28.26 -16.85
C ALA C 595 -35.93 27.82 -17.87
N HIS C 596 -36.12 26.52 -18.05
CA HIS C 596 -37.09 26.01 -19.02
C HIS C 596 -38.46 25.74 -18.41
N ASN C 597 -38.54 25.53 -17.10
CA ASN C 597 -39.79 25.11 -16.48
C ASN C 597 -40.44 26.22 -15.66
N PHE C 598 -39.67 26.83 -14.75
CA PHE C 598 -40.20 27.87 -13.87
C PHE C 598 -39.88 29.23 -14.49
N SER C 599 -40.82 29.75 -15.28
CA SER C 599 -40.67 31.08 -15.87
C SER C 599 -41.70 32.08 -15.37
N LYS C 600 -42.89 31.61 -14.97
CA LYS C 600 -43.91 32.49 -14.40
C LYS C 600 -43.52 33.01 -13.03
N LEU C 601 -42.49 32.46 -12.41
CA LEU C 601 -42.15 32.82 -11.04
C LEU C 601 -41.57 34.23 -10.99
N PHE C 602 -41.70 34.87 -9.82
CA PHE C 602 -41.35 36.29 -9.71
C PHE C 602 -39.84 36.50 -9.86
N SER C 603 -39.05 35.99 -8.91
CA SER C 603 -37.61 36.15 -8.97
C SER C 603 -36.96 35.16 -8.02
N MET C 604 -35.67 34.90 -8.25
CA MET C 604 -34.88 34.02 -7.41
C MET C 604 -33.85 34.85 -6.68
N GLU C 605 -33.57 34.47 -5.43
CA GLU C 605 -32.64 35.17 -4.56
C GLU C 605 -31.48 34.24 -4.26
N ASN C 606 -30.26 34.67 -4.60
CA ASN C 606 -29.07 33.83 -4.43
C ASN C 606 -28.08 34.44 -3.44
N TRP C 607 -27.67 35.70 -3.63
CA TRP C 607 -26.78 36.32 -2.66
C TRP C 607 -27.56 36.73 -1.41
N GLY C 608 -26.82 36.94 -0.34
CA GLY C 608 -27.41 37.33 0.91
C GLY C 608 -26.36 37.66 1.94
N GLY C 609 -26.81 37.77 3.19
CA GLY C 609 -25.93 38.10 4.30
C GLY C 609 -24.93 37.01 4.61
N ALA C 610 -25.44 35.82 4.98
CA ALA C 610 -24.57 34.69 5.30
C ALA C 610 -24.16 33.96 4.02
N THR C 611 -23.61 34.73 3.08
CA THR C 611 -23.15 34.17 1.82
C THR C 611 -21.71 34.54 1.48
N PHE C 612 -21.26 35.75 1.78
CA PHE C 612 -19.88 36.12 1.46
C PHE C 612 -18.92 35.64 2.52
N ASP C 613 -19.32 35.68 3.79
CA ASP C 613 -18.41 35.30 4.87
C ASP C 613 -18.12 33.80 4.87
N VAL C 614 -19.00 32.99 4.28
CA VAL C 614 -18.84 31.54 4.34
C VAL C 614 -18.24 31.03 3.04
N ALA C 615 -18.67 31.58 1.90
CA ALA C 615 -18.23 31.12 0.59
C ALA C 615 -16.78 31.46 0.29
N MET C 616 -16.03 31.98 1.27
CA MET C 616 -14.60 32.17 1.13
C MET C 616 -13.85 31.74 2.39
N ARG C 617 -14.55 31.27 3.42
CA ARG C 617 -13.91 30.84 4.66
C ARG C 617 -13.84 29.33 4.76
N PHE C 618 -14.85 28.61 4.26
CA PHE C 618 -14.87 27.16 4.30
C PHE C 618 -14.94 26.54 2.92
N LEU C 619 -15.87 27.01 2.08
CA LEU C 619 -15.89 26.65 0.67
C LEU C 619 -15.00 27.65 -0.05
N TYR C 620 -13.75 27.27 -0.29
CA TYR C 620 -12.78 28.24 -0.78
C TYR C 620 -13.13 28.64 -2.21
N GLU C 621 -13.88 29.72 -2.34
CA GLU C 621 -14.45 30.15 -3.60
C GLU C 621 -14.59 31.66 -3.59
N CYS C 622 -14.80 32.23 -4.77
CA CYS C 622 -15.06 33.66 -4.91
C CYS C 622 -16.50 33.87 -5.33
N PRO C 623 -17.32 34.56 -4.52
CA PRO C 623 -18.76 34.64 -4.84
C PRO C 623 -19.06 35.24 -6.19
N TRP C 624 -18.25 36.21 -6.64
CA TRP C 624 -18.45 36.76 -7.97
C TRP C 624 -18.33 35.68 -9.03
N ARG C 625 -17.31 34.82 -8.90
CA ARG C 625 -17.12 33.71 -9.82
C ARG C 625 -18.34 32.81 -9.85
N ARG C 626 -19.03 32.66 -8.72
CA ARG C 626 -20.34 32.01 -8.75
C ARG C 626 -21.33 32.84 -9.55
N LEU C 627 -21.29 34.16 -9.40
CA LEU C 627 -22.35 35.00 -9.93
C LEU C 627 -22.36 35.00 -11.46
N GLN C 628 -21.19 35.05 -12.10
CA GLN C 628 -21.20 35.32 -13.54
C GLN C 628 -21.92 34.24 -14.33
N GLU C 629 -21.55 32.96 -14.15
CA GLU C 629 -22.09 31.95 -15.05
C GLU C 629 -23.52 31.57 -14.74
N LEU C 630 -24.01 31.85 -13.53
CA LEU C 630 -25.44 31.64 -13.27
C LEU C 630 -26.33 32.59 -14.04
N ARG C 631 -25.76 33.68 -14.58
CA ARG C 631 -26.54 34.58 -15.41
C ARG C 631 -26.97 33.92 -16.72
N GLU C 632 -26.04 33.33 -17.46
CA GLU C 632 -26.42 32.78 -18.76
C GLU C 632 -27.06 31.42 -18.65
N LEU C 633 -27.00 30.77 -17.49
CA LEU C 633 -27.77 29.57 -17.25
C LEU C 633 -29.25 29.84 -17.06
N ILE C 634 -29.59 30.96 -16.42
CA ILE C 634 -30.98 31.40 -16.30
C ILE C 634 -31.07 32.86 -16.72
N PRO C 635 -30.97 33.17 -18.01
CA PRO C 635 -31.19 34.56 -18.43
C PRO C 635 -32.66 34.85 -18.64
N ASN C 636 -33.48 34.41 -17.70
CA ASN C 636 -34.93 34.51 -17.81
C ASN C 636 -35.57 35.11 -16.56
N ILE C 637 -35.02 34.84 -15.39
CA ILE C 637 -35.62 35.22 -14.11
C ILE C 637 -34.78 36.34 -13.52
N PRO C 638 -35.39 37.42 -13.01
CA PRO C 638 -34.62 38.44 -12.30
C PRO C 638 -34.04 37.89 -11.00
N PHE C 639 -32.91 38.45 -10.59
CA PHE C 639 -32.20 37.97 -9.42
C PHE C 639 -32.27 38.99 -8.28
N GLN C 640 -32.20 38.48 -7.05
CA GLN C 640 -32.34 39.30 -5.85
C GLN C 640 -31.25 38.92 -4.84
N MET C 641 -30.83 39.89 -4.04
CA MET C 641 -29.84 39.65 -2.98
C MET C 641 -30.27 40.38 -1.72
N LEU C 642 -29.89 39.81 -0.58
CA LEU C 642 -30.26 40.36 0.72
C LEU C 642 -29.15 41.28 1.21
N LEU C 643 -29.47 42.56 1.37
CA LEU C 643 -28.51 43.58 1.77
C LEU C 643 -28.98 44.29 3.03
N ARG C 644 -28.06 44.52 3.95
CA ARG C 644 -28.34 45.30 5.14
C ARG C 644 -28.02 46.77 4.89
N GLY C 645 -28.52 47.63 5.79
CA GLY C 645 -28.48 49.06 5.57
C GLY C 645 -27.09 49.67 5.59
N ALA C 646 -26.43 49.68 6.74
CA ALA C 646 -25.11 50.29 6.82
C ALA C 646 -24.02 49.28 6.53
N ASN C 647 -23.92 48.24 7.35
CA ASN C 647 -23.00 47.14 7.08
C ASN C 647 -23.54 46.34 5.91
N ALA C 648 -22.81 46.37 4.78
CA ALA C 648 -23.31 45.71 3.57
C ALA C 648 -23.48 44.21 3.81
N VAL C 649 -22.43 43.55 4.27
CA VAL C 649 -22.53 42.14 4.66
C VAL C 649 -21.91 41.98 6.04
N GLY C 650 -21.02 42.90 6.41
CA GLY C 650 -20.29 42.83 7.66
C GLY C 650 -21.13 43.15 8.87
N TYR C 651 -20.46 43.52 9.95
CA TYR C 651 -21.13 43.83 11.20
C TYR C 651 -20.92 45.26 11.68
N THR C 652 -20.17 46.08 10.94
CA THR C 652 -19.93 47.46 11.30
C THR C 652 -20.20 48.37 10.11
N ASN C 653 -20.53 49.62 10.40
CA ASN C 653 -20.79 50.59 9.35
C ASN C 653 -19.53 50.84 8.53
N TYR C 654 -19.72 51.12 7.26
CA TYR C 654 -18.64 51.34 6.32
C TYR C 654 -18.82 52.65 5.59
N PRO C 655 -17.76 53.23 5.04
CA PRO C 655 -17.90 54.51 4.32
C PRO C 655 -18.91 54.42 3.20
N ASP C 656 -19.62 55.52 2.97
CA ASP C 656 -20.72 55.53 2.01
C ASP C 656 -20.25 55.16 0.62
N ASN C 657 -19.11 55.71 0.18
CA ASN C 657 -18.61 55.42 -1.15
C ASN C 657 -18.38 53.93 -1.34
N VAL C 658 -17.99 53.23 -0.27
CA VAL C 658 -17.81 51.78 -0.34
C VAL C 658 -19.12 51.10 -0.71
N VAL C 659 -20.20 51.42 0.01
CA VAL C 659 -21.49 50.80 -0.26
C VAL C 659 -21.98 51.18 -1.65
N PHE C 660 -21.80 52.44 -2.04
CA PHE C 660 -22.16 52.84 -3.39
C PHE C 660 -21.45 51.97 -4.43
N LYS C 661 -20.12 52.04 -4.47
CA LYS C 661 -19.36 51.29 -5.46
C LYS C 661 -19.73 49.81 -5.44
N PHE C 662 -19.99 49.26 -4.25
CA PHE C 662 -20.48 47.90 -4.14
C PHE C 662 -21.78 47.73 -4.92
N CYS C 663 -22.70 48.69 -4.78
CA CYS C 663 -23.98 48.60 -5.48
C CYS C 663 -23.81 48.66 -6.99
N GLU C 664 -23.02 49.61 -7.49
CA GLU C 664 -22.85 49.68 -8.94
C GLU C 664 -22.14 48.43 -9.47
N VAL C 665 -21.15 47.91 -8.74
CA VAL C 665 -20.46 46.72 -9.20
C VAL C 665 -21.42 45.53 -9.26
N ALA C 666 -22.22 45.34 -8.21
CA ALA C 666 -23.17 44.23 -8.20
C ALA C 666 -24.19 44.37 -9.31
N LYS C 667 -24.69 45.59 -9.52
CA LYS C 667 -25.66 45.81 -10.59
C LYS C 667 -25.06 45.52 -11.96
N GLU C 668 -23.81 45.95 -12.18
CA GLU C 668 -23.19 45.73 -13.48
C GLU C 668 -22.90 44.26 -13.73
N ASN C 669 -22.60 43.51 -12.65
CA ASN C 669 -22.27 42.10 -12.82
C ASN C 669 -23.45 41.31 -13.39
N GLY C 670 -24.66 41.83 -13.28
CA GLY C 670 -25.81 41.17 -13.87
C GLY C 670 -27.02 41.20 -12.97
N MET C 671 -26.86 41.73 -11.77
CA MET C 671 -27.95 41.73 -10.80
C MET C 671 -29.05 42.69 -11.23
N ASP C 672 -30.27 42.41 -10.76
CA ASP C 672 -31.45 43.18 -11.15
C ASP C 672 -32.16 43.80 -9.96
N VAL C 673 -32.50 43.03 -8.93
CA VAL C 673 -33.34 43.50 -7.84
C VAL C 673 -32.50 43.58 -6.57
N PHE C 674 -32.56 44.71 -5.90
CA PHE C 674 -31.80 44.94 -4.68
C PHE C 674 -32.75 45.05 -3.50
N ARG C 675 -32.41 44.40 -2.40
CA ARG C 675 -33.25 44.39 -1.20
C ARG C 675 -32.54 45.19 -0.11
N VAL C 676 -33.20 46.22 0.39
CA VAL C 676 -32.64 47.10 1.41
C VAL C 676 -33.30 46.76 2.75
N PHE C 677 -32.48 46.66 3.79
CA PHE C 677 -32.95 46.19 5.09
C PHE C 677 -32.02 46.73 6.17
N ASP C 678 -32.58 46.91 7.36
CA ASP C 678 -31.80 47.33 8.52
C ASP C 678 -32.23 46.53 9.74
N SER C 679 -31.25 46.15 10.56
CA SER C 679 -31.55 45.43 11.79
C SER C 679 -32.39 46.28 12.73
N LEU C 680 -32.05 47.57 12.83
CA LEU C 680 -32.78 48.48 13.69
C LEU C 680 -33.82 49.23 12.87
N ASN C 681 -34.65 50.03 13.54
CA ASN C 681 -35.60 50.90 12.89
C ASN C 681 -35.03 52.31 12.74
N TYR C 682 -33.70 52.40 12.80
CA TYR C 682 -33.00 53.67 12.65
C TYR C 682 -33.15 54.14 11.22
N LEU C 683 -34.01 55.13 11.01
CA LEU C 683 -34.36 55.58 9.66
C LEU C 683 -33.17 56.00 8.80
N PRO C 684 -32.18 56.75 9.29
CA PRO C 684 -31.09 57.18 8.38
C PRO C 684 -30.34 56.04 7.72
N ASN C 685 -30.20 54.89 8.38
CA ASN C 685 -29.53 53.75 7.75
C ASN C 685 -30.34 53.24 6.57
N MET C 686 -31.64 53.04 6.76
CA MET C 686 -32.52 52.67 5.65
C MET C 686 -32.43 53.68 4.53
N LEU C 687 -32.44 54.97 4.87
CA LEU C 687 -32.39 56.01 3.85
C LEU C 687 -31.09 55.94 3.05
N LEU C 688 -29.96 55.87 3.75
CA LEU C 688 -28.69 55.75 3.06
C LEU C 688 -28.68 54.56 2.12
N GLY C 689 -29.16 53.41 2.61
CA GLY C 689 -29.19 52.23 1.77
C GLY C 689 -30.05 52.41 0.53
N MET C 690 -31.24 53.00 0.71
CA MET C 690 -32.17 53.07 -0.41
C MET C 690 -31.75 54.12 -1.43
N GLU C 691 -31.24 55.27 -0.99
CA GLU C 691 -30.65 56.20 -1.97
C GLU C 691 -29.44 55.59 -2.66
N ALA C 692 -28.62 54.82 -1.95
CA ALA C 692 -27.49 54.17 -2.60
C ALA C 692 -27.96 53.21 -3.69
N ALA C 693 -28.95 52.36 -3.37
CA ALA C 693 -29.45 51.41 -4.34
C ALA C 693 -30.11 52.12 -5.52
N GLY C 694 -30.85 53.19 -5.27
CA GLY C 694 -31.43 53.95 -6.36
C GLY C 694 -30.38 54.59 -7.24
N SER C 695 -29.31 55.11 -6.64
CA SER C 695 -28.22 55.68 -7.42
C SER C 695 -27.56 54.62 -8.28
N ALA C 696 -27.46 53.39 -7.76
CA ALA C 696 -26.91 52.30 -8.56
C ALA C 696 -27.75 52.06 -9.81
N GLY C 697 -29.07 52.07 -9.67
CA GLY C 697 -29.96 51.87 -10.79
C GLY C 697 -30.54 50.47 -10.83
N GLY C 698 -31.77 50.32 -10.39
CA GLY C 698 -32.41 49.02 -10.37
C GLY C 698 -33.60 49.02 -9.43
N VAL C 699 -34.28 47.88 -9.36
CA VAL C 699 -35.45 47.75 -8.51
C VAL C 699 -35.00 47.77 -7.05
N VAL C 700 -35.56 48.69 -6.27
CA VAL C 700 -35.23 48.86 -4.86
C VAL C 700 -36.52 48.74 -4.06
N GLU C 701 -36.51 47.87 -3.06
CA GLU C 701 -37.64 47.71 -2.16
C GLU C 701 -37.13 47.53 -0.74
N ALA C 702 -37.86 48.07 0.23
CA ALA C 702 -37.45 48.02 1.62
C ALA C 702 -38.24 46.97 2.37
N ALA C 703 -37.64 46.44 3.43
CA ALA C 703 -38.26 45.42 4.26
C ALA C 703 -38.37 45.93 5.69
N ILE C 704 -39.47 45.54 6.35
CA ILE C 704 -39.73 45.93 7.73
C ILE C 704 -39.74 44.66 8.56
N SER C 705 -38.81 44.56 9.51
CA SER C 705 -38.84 43.45 10.45
C SER C 705 -40.05 43.56 11.35
N TYR C 706 -40.67 42.42 11.67
CA TYR C 706 -41.85 42.38 12.49
C TYR C 706 -41.51 41.70 13.82
N THR C 707 -41.98 42.28 14.91
CA THR C 707 -41.71 41.74 16.24
C THR C 707 -42.93 41.99 17.12
N GLY C 708 -43.17 41.06 18.05
CA GLY C 708 -44.27 41.21 18.99
C GLY C 708 -45.62 40.96 18.34
N ASP C 709 -46.66 41.15 19.13
CA ASP C 709 -48.03 40.97 18.70
C ASP C 709 -48.66 42.33 18.40
N VAL C 710 -49.19 42.48 17.20
CA VAL C 710 -49.90 43.70 16.83
C VAL C 710 -51.36 43.66 17.25
N ALA C 711 -51.91 42.48 17.50
CA ALA C 711 -53.30 42.35 17.91
C ALA C 711 -53.48 42.38 19.42
N ASP C 712 -52.43 42.13 20.19
CA ASP C 712 -52.53 42.14 21.64
C ASP C 712 -52.51 43.57 22.15
N PRO C 713 -53.56 44.03 22.85
CA PRO C 713 -53.52 45.40 23.40
C PRO C 713 -52.40 45.63 24.38
N SER C 714 -51.98 44.60 25.12
CA SER C 714 -50.91 44.77 26.10
C SER C 714 -49.61 45.20 25.44
N ARG C 715 -49.35 44.72 24.23
CA ARG C 715 -48.16 45.15 23.50
C ARG C 715 -48.28 46.61 23.12
N THR C 716 -47.37 47.43 23.67
CA THR C 716 -47.40 48.88 23.46
C THR C 716 -46.17 49.42 22.76
N LYS C 717 -45.00 48.80 22.95
CA LYS C 717 -43.78 49.29 22.31
C LYS C 717 -43.90 49.30 20.80
N TYR C 718 -44.62 48.32 20.24
CA TYR C 718 -44.82 48.22 18.80
C TYR C 718 -46.32 48.06 18.56
N SER C 719 -47.01 49.18 18.45
CA SER C 719 -48.43 49.18 18.13
C SER C 719 -48.60 49.13 16.61
N LEU C 720 -49.87 49.04 16.19
CA LEU C 720 -50.15 49.06 14.76
C LEU C 720 -49.71 50.36 14.13
N GLN C 721 -49.95 51.49 14.83
CA GLN C 721 -49.55 52.79 14.30
C GLN C 721 -48.05 52.94 14.23
N TYR C 722 -47.32 52.17 15.05
CA TYR C 722 -45.87 52.19 14.99
C TYR C 722 -45.39 51.76 13.60
N TYR C 723 -46.01 50.72 13.05
CA TYR C 723 -45.69 50.33 11.68
C TYR C 723 -46.31 51.28 10.67
N MET C 724 -47.43 51.92 11.02
CA MET C 724 -48.02 52.90 10.12
C MET C 724 -47.06 54.04 9.83
N GLY C 725 -46.44 54.59 10.87
CA GLY C 725 -45.49 55.67 10.67
C GLY C 725 -44.30 55.25 9.84
N LEU C 726 -43.76 54.06 10.11
CA LEU C 726 -42.63 53.56 9.33
C LEU C 726 -43.01 53.39 7.87
N ALA C 727 -44.18 52.82 7.60
CA ALA C 727 -44.62 52.64 6.22
C ALA C 727 -44.81 53.97 5.53
N GLU C 728 -45.40 54.95 6.22
CA GLU C 728 -45.59 56.27 5.64
C GLU C 728 -44.25 56.92 5.31
N GLU C 729 -43.30 56.84 6.22
CA GLU C 729 -41.98 57.42 5.97
C GLU C 729 -41.31 56.75 4.78
N LEU C 730 -41.37 55.41 4.72
CA LEU C 730 -40.72 54.70 3.64
C LEU C 730 -41.35 55.02 2.29
N VAL C 731 -42.68 55.07 2.23
CA VAL C 731 -43.33 55.38 0.97
C VAL C 731 -43.10 56.84 0.58
N ARG C 732 -42.94 57.73 1.56
CA ARG C 732 -42.61 59.11 1.26
C ARG C 732 -41.20 59.23 0.70
N ALA C 733 -40.28 58.42 1.22
CA ALA C 733 -38.91 58.41 0.69
C ALA C 733 -38.90 58.02 -0.78
N GLY C 734 -39.83 57.14 -1.19
CA GLY C 734 -39.94 56.74 -2.57
C GLY C 734 -39.33 55.39 -2.84
N THR C 735 -40.18 54.36 -2.91
CA THR C 735 -39.71 53.00 -3.17
C THR C 735 -40.53 52.36 -4.27
N HIS C 736 -40.31 51.07 -4.51
CA HIS C 736 -41.04 50.34 -5.54
C HIS C 736 -41.93 49.25 -4.97
N ILE C 737 -41.41 48.42 -4.08
CA ILE C 737 -42.17 47.33 -3.46
C ILE C 737 -42.02 47.45 -1.96
N LEU C 738 -43.00 46.96 -1.21
CA LEU C 738 -42.95 46.93 0.24
C LEU C 738 -42.98 45.49 0.72
N CYS C 739 -42.08 45.16 1.64
CA CYS C 739 -41.91 43.82 2.14
C CYS C 739 -41.98 43.80 3.66
N ILE C 740 -42.33 42.64 4.21
CA ILE C 740 -42.42 42.43 5.65
C ILE C 740 -41.46 41.31 6.00
N LYS C 741 -40.53 41.57 6.90
CA LYS C 741 -39.53 40.58 7.28
C LYS C 741 -39.95 39.88 8.56
N ASP C 742 -39.84 38.55 8.58
CA ASP C 742 -40.26 37.75 9.74
C ASP C 742 -39.26 36.61 9.92
N MET C 743 -38.25 36.82 10.75
CA MET C 743 -37.30 35.75 11.06
C MET C 743 -37.88 34.70 12.01
N ALA C 744 -38.62 35.12 13.03
CA ALA C 744 -39.10 34.18 14.02
C ALA C 744 -40.42 33.51 13.64
N GLY C 745 -41.05 33.97 12.57
CA GLY C 745 -42.33 33.39 12.17
C GLY C 745 -43.45 33.62 13.15
N LEU C 746 -43.57 34.85 13.67
CA LEU C 746 -44.59 35.19 14.67
C LEU C 746 -45.85 35.77 14.05
N LEU C 747 -46.17 35.41 12.81
CA LEU C 747 -47.24 36.05 12.06
C LEU C 747 -48.53 35.25 12.26
N LYS C 748 -49.36 35.69 13.20
CA LYS C 748 -50.68 35.12 13.40
C LYS C 748 -51.59 35.50 12.24
N PRO C 749 -52.48 34.60 11.81
CA PRO C 749 -53.35 34.93 10.66
C PRO C 749 -54.18 36.19 10.86
N THR C 750 -54.78 36.36 12.03
CA THR C 750 -55.57 37.57 12.29
C THR C 750 -54.69 38.80 12.24
N ALA C 751 -53.49 38.71 12.81
CA ALA C 751 -52.56 39.82 12.77
C ALA C 751 -52.24 40.21 11.33
N CYS C 752 -51.92 39.24 10.48
CA CYS C 752 -51.62 39.53 9.10
C CYS C 752 -52.80 40.17 8.37
N THR C 753 -54.00 39.60 8.54
CA THR C 753 -55.13 40.13 7.78
C THR C 753 -55.45 41.56 8.22
N MET C 754 -55.43 41.84 9.53
CA MET C 754 -55.72 43.20 9.96
C MET C 754 -54.61 44.16 9.51
N LEU C 755 -53.36 43.73 9.56
CA LEU C 755 -52.26 44.59 9.16
C LEU C 755 -52.33 44.93 7.67
N VAL C 756 -52.48 43.91 6.83
CA VAL C 756 -52.50 44.16 5.39
C VAL C 756 -53.75 44.93 5.00
N SER C 757 -54.85 44.75 5.74
CA SER C 757 -56.02 45.59 5.52
C SER C 757 -55.69 47.05 5.86
N SER C 758 -54.95 47.27 6.94
CA SER C 758 -54.56 48.63 7.30
C SER C 758 -53.63 49.24 6.25
N LEU C 759 -52.81 48.43 5.59
CA LEU C 759 -51.93 48.96 4.56
C LEU C 759 -52.62 49.13 3.21
N ARG C 760 -53.31 48.10 2.73
CA ARG C 760 -53.88 48.12 1.39
C ARG C 760 -54.87 49.25 1.16
N ASP C 761 -55.70 49.57 2.17
CA ASP C 761 -56.71 50.60 1.99
C ASP C 761 -56.10 51.96 1.71
N ARG C 762 -55.02 52.31 2.43
CA ARG C 762 -54.45 53.65 2.35
C ARG C 762 -53.29 53.73 1.35
N PHE C 763 -52.93 52.61 0.73
CA PHE C 763 -51.92 52.59 -0.32
C PHE C 763 -52.27 51.52 -1.34
N PRO C 764 -53.36 51.72 -2.10
CA PRO C 764 -53.77 50.67 -3.04
C PRO C 764 -53.03 50.75 -4.37
N ASP C 765 -51.73 50.93 -4.31
CA ASP C 765 -50.89 50.85 -5.50
C ASP C 765 -49.64 50.02 -5.29
N LEU C 766 -49.04 50.08 -4.11
CA LEU C 766 -47.77 49.38 -3.87
C LEU C 766 -48.02 47.89 -3.67
N PRO C 767 -47.36 47.02 -4.43
CA PRO C 767 -47.47 45.59 -4.18
C PRO C 767 -46.92 45.24 -2.80
N LEU C 768 -47.52 44.24 -2.18
CA LEU C 768 -47.12 43.77 -0.86
C LEU C 768 -46.28 42.51 -1.00
N HIS C 769 -45.15 42.47 -0.29
CA HIS C 769 -44.28 41.30 -0.27
C HIS C 769 -44.17 40.82 1.17
N ILE C 770 -44.12 39.50 1.34
CA ILE C 770 -44.07 38.90 2.67
C ILE C 770 -42.98 37.84 2.69
N HIS C 771 -42.19 37.85 3.77
CA HIS C 771 -41.12 36.88 3.98
C HIS C 771 -41.26 36.33 5.39
N THR C 772 -41.42 35.02 5.51
CA THR C 772 -41.64 34.37 6.78
C THR C 772 -40.81 33.10 6.89
N HIS C 773 -40.78 32.55 8.09
CA HIS C 773 -40.14 31.28 8.39
C HIS C 773 -41.13 30.39 9.12
N ASP C 774 -41.23 29.14 8.70
CA ASP C 774 -42.20 28.21 9.29
C ASP C 774 -41.57 27.46 10.45
N THR C 775 -40.96 28.23 11.35
CA THR C 775 -40.38 27.68 12.57
C THR C 775 -41.44 27.28 13.58
N SER C 776 -42.43 28.14 13.79
CA SER C 776 -43.48 27.84 14.76
C SER C 776 -44.29 26.63 14.34
N GLY C 777 -44.65 26.52 13.07
CA GLY C 777 -45.44 25.41 12.56
C GLY C 777 -46.69 25.80 11.82
N ALA C 778 -47.04 27.08 11.72
CA ALA C 778 -48.24 27.52 11.02
C ALA C 778 -47.96 28.58 9.97
N GLY C 779 -46.79 28.53 9.35
CA GLY C 779 -46.45 29.52 8.34
C GLY C 779 -47.34 29.44 7.11
N VAL C 780 -47.70 28.23 6.71
CA VAL C 780 -48.50 28.07 5.50
C VAL C 780 -49.89 28.67 5.68
N ALA C 781 -50.51 28.45 6.84
CA ALA C 781 -51.82 29.05 7.08
C ALA C 781 -51.75 30.56 7.11
N ALA C 782 -50.69 31.10 7.72
CA ALA C 782 -50.51 32.55 7.75
C ALA C 782 -50.36 33.10 6.34
N MET C 783 -49.55 32.45 5.51
CA MET C 783 -49.39 32.92 4.13
C MET C 783 -50.69 32.82 3.36
N LEU C 784 -51.46 31.76 3.58
CA LEU C 784 -52.75 31.63 2.90
C LEU C 784 -53.67 32.78 3.27
N ALA C 785 -53.76 33.10 4.57
CA ALA C 785 -54.60 34.21 5.00
C ALA C 785 -54.10 35.52 4.43
N CYS C 786 -52.77 35.72 4.44
CA CYS C 786 -52.20 36.96 3.93
C CYS C 786 -52.53 37.15 2.46
N ALA C 787 -52.38 36.08 1.66
CA ALA C 787 -52.70 36.15 0.25
C ALA C 787 -54.17 36.38 0.03
N GLN C 788 -55.03 35.77 0.86
CA GLN C 788 -56.46 35.99 0.74
C GLN C 788 -56.80 37.45 1.00
N ALA C 789 -56.13 38.08 1.96
CA ALA C 789 -56.50 39.44 2.34
C ALA C 789 -55.96 40.48 1.35
N GLY C 790 -54.64 40.67 1.32
CA GLY C 790 -54.09 41.69 0.46
C GLY C 790 -52.73 41.45 -0.17
N ALA C 791 -52.18 40.24 0.00
CA ALA C 791 -50.82 40.01 -0.46
C ALA C 791 -50.77 39.78 -1.97
N ASP C 792 -49.58 39.98 -2.54
CA ASP C 792 -49.35 39.73 -3.95
C ASP C 792 -48.22 38.74 -4.21
N VAL C 793 -47.12 38.84 -3.46
CA VAL C 793 -45.97 37.96 -3.64
C VAL C 793 -45.62 37.34 -2.29
N VAL C 794 -45.48 36.01 -2.28
CA VAL C 794 -45.13 35.26 -1.08
C VAL C 794 -43.90 34.43 -1.38
N ASP C 795 -42.91 34.47 -0.48
CA ASP C 795 -41.70 33.69 -0.68
C ASP C 795 -41.91 32.27 -0.20
N VAL C 796 -41.54 31.30 -1.04
CA VAL C 796 -41.73 29.89 -0.74
C VAL C 796 -40.50 29.14 -1.20
N ALA C 797 -39.98 28.26 -0.34
CA ALA C 797 -38.79 27.47 -0.62
C ALA C 797 -39.19 26.11 -1.19
N ALA C 798 -38.19 25.35 -1.62
CA ALA C 798 -38.41 24.06 -2.22
C ALA C 798 -38.98 23.06 -1.21
N ASP C 799 -39.68 22.07 -1.73
CA ASP C 799 -40.41 21.14 -0.86
C ASP C 799 -39.47 20.35 0.04
N SER C 800 -38.43 19.75 -0.53
CA SER C 800 -37.54 18.91 0.26
C SER C 800 -36.56 19.72 1.09
N MET C 801 -36.57 21.04 0.96
CA MET C 801 -35.71 21.94 1.70
C MET C 801 -36.56 22.98 2.44
N SER C 802 -37.64 22.52 3.04
CA SER C 802 -38.62 23.39 3.70
C SER C 802 -38.97 22.82 5.06
N GLY C 803 -39.88 23.51 5.75
CA GLY C 803 -40.27 23.08 7.07
C GLY C 803 -39.18 23.37 8.09
N MET C 804 -39.26 22.64 9.20
CA MET C 804 -38.26 22.72 10.26
C MET C 804 -38.12 24.15 10.75
N THR C 805 -37.16 24.87 10.22
CA THR C 805 -37.00 26.30 10.49
C THR C 805 -37.02 27.13 9.21
N SER C 806 -37.38 26.52 8.08
CA SER C 806 -37.33 27.20 6.79
C SER C 806 -38.72 27.65 6.35
N GLN C 807 -38.82 28.11 5.13
CA GLN C 807 -39.99 28.67 4.50
C GLN C 807 -41.01 27.57 4.18
N PRO C 808 -42.26 27.94 3.93
CA PRO C 808 -43.26 26.94 3.53
C PRO C 808 -42.90 26.29 2.20
N SER C 809 -43.40 25.08 2.00
CA SER C 809 -43.08 24.31 0.81
C SER C 809 -43.91 24.77 -0.38
N MET C 810 -43.41 24.46 -1.58
CA MET C 810 -44.11 24.82 -2.80
C MET C 810 -45.36 23.97 -3.00
N GLY C 811 -45.30 22.70 -2.58
CA GLY C 811 -46.40 21.80 -2.86
C GLY C 811 -47.71 22.25 -2.25
N ALA C 812 -47.68 22.64 -0.97
CA ALA C 812 -48.91 23.04 -0.30
C ALA C 812 -49.49 24.29 -0.94
N LEU C 813 -48.65 25.29 -1.20
CA LEU C 813 -49.14 26.53 -1.80
C LEU C 813 -49.73 26.29 -3.18
N VAL C 814 -49.05 25.50 -4.01
CA VAL C 814 -49.56 25.26 -5.36
C VAL C 814 -50.85 24.46 -5.31
N ALA C 815 -50.91 23.42 -4.47
CA ALA C 815 -52.05 22.52 -4.49
C ALA C 815 -53.28 23.17 -3.86
N CYS C 816 -53.10 23.88 -2.75
CA CYS C 816 -54.25 24.47 -2.07
C CYS C 816 -54.92 25.53 -2.93
N THR C 817 -54.13 26.32 -3.63
CA THR C 817 -54.66 27.43 -4.43
C THR C 817 -54.89 27.00 -5.87
N ARG C 818 -55.65 25.93 -6.04
CA ARG C 818 -55.99 25.42 -7.37
C ARG C 818 -57.39 25.85 -7.80
N GLY C 819 -58.41 25.47 -7.04
CA GLY C 819 -59.77 25.82 -7.39
C GLY C 819 -60.26 27.07 -6.67
N THR C 820 -59.48 28.13 -6.72
CA THR C 820 -59.76 29.39 -6.05
C THR C 820 -59.58 30.53 -7.03
N PRO C 821 -60.22 31.68 -6.76
CA PRO C 821 -60.05 32.83 -7.66
C PRO C 821 -58.62 33.33 -7.76
N LEU C 822 -57.76 33.01 -6.79
CA LEU C 822 -56.38 33.46 -6.85
C LEU C 822 -55.66 32.86 -8.05
N ASP C 823 -55.91 31.58 -8.34
CA ASP C 823 -55.49 30.94 -9.58
C ASP C 823 -53.98 31.04 -9.80
N THR C 824 -53.25 30.34 -8.92
CA THR C 824 -51.80 30.35 -8.96
C THR C 824 -51.27 30.03 -10.36
N GLU C 825 -51.80 28.96 -10.97
CA GLU C 825 -51.46 28.58 -12.34
C GLU C 825 -49.96 28.34 -12.51
N VAL C 826 -49.47 27.32 -11.81
CA VAL C 826 -48.10 26.86 -11.95
C VAL C 826 -48.15 25.35 -12.22
N PRO C 827 -47.52 24.85 -13.28
CA PRO C 827 -47.55 23.41 -13.54
C PRO C 827 -46.95 22.65 -12.37
N MET C 828 -47.80 21.88 -11.69
CA MET C 828 -47.41 21.22 -10.46
C MET C 828 -46.74 19.88 -10.69
N GLU C 829 -46.57 19.47 -11.95
CA GLU C 829 -45.80 18.27 -12.26
C GLU C 829 -44.31 18.49 -12.02
N ARG C 830 -43.76 19.59 -12.54
CA ARG C 830 -42.31 19.80 -12.48
C ARG C 830 -41.83 20.05 -11.07
N VAL C 831 -42.72 20.54 -10.20
CA VAL C 831 -42.36 20.77 -8.80
C VAL C 831 -41.92 19.47 -8.16
N PHE C 832 -42.57 18.36 -8.53
CA PHE C 832 -42.17 17.06 -8.00
C PHE C 832 -40.72 16.75 -8.34
N ASP C 833 -40.39 16.71 -9.63
CA ASP C 833 -39.04 16.30 -10.01
C ASP C 833 -37.99 17.26 -9.43
N TYR C 834 -38.34 18.53 -9.31
CA TYR C 834 -37.48 19.45 -8.57
C TYR C 834 -37.26 18.96 -7.14
N SER C 835 -38.35 18.50 -6.51
CA SER C 835 -38.26 18.03 -5.12
C SER C 835 -37.39 16.77 -5.00
N GLU C 836 -37.56 15.80 -5.89
CA GLU C 836 -36.68 14.63 -5.81
C GLU C 836 -35.22 14.99 -6.09
N TYR C 837 -34.96 15.89 -7.04
CA TYR C 837 -33.56 16.26 -7.23
C TYR C 837 -32.98 16.87 -5.97
N TRP C 838 -33.73 17.79 -5.35
CA TRP C 838 -33.20 18.44 -4.16
C TRP C 838 -33.06 17.46 -3.01
N GLU C 839 -33.99 16.51 -2.87
CA GLU C 839 -33.86 15.49 -1.84
C GLU C 839 -32.62 14.65 -2.07
N GLY C 840 -32.34 14.29 -3.32
CA GLY C 840 -31.14 13.53 -3.62
C GLY C 840 -29.88 14.30 -3.33
N ALA C 841 -29.82 15.57 -3.77
CA ALA C 841 -28.59 16.35 -3.62
C ALA C 841 -28.35 16.73 -2.16
N ARG C 842 -29.41 16.87 -1.37
CA ARG C 842 -29.23 17.19 0.04
C ARG C 842 -28.53 16.07 0.79
N GLY C 843 -28.65 14.84 0.31
CA GLY C 843 -27.97 13.73 0.95
C GLY C 843 -26.46 13.79 0.84
N LEU C 844 -25.94 14.54 -0.13
CA LEU C 844 -24.49 14.71 -0.23
C LEU C 844 -23.93 15.42 0.98
N TYR C 845 -24.62 16.45 1.46
CA TYR C 845 -24.18 17.20 2.64
C TYR C 845 -24.76 16.61 3.91
N ALA C 846 -24.59 15.30 4.09
CA ALA C 846 -25.08 14.64 5.29
C ALA C 846 -24.08 14.71 6.43
N ALA C 847 -22.88 15.23 6.18
CA ALA C 847 -21.88 15.34 7.25
C ALA C 847 -22.36 16.28 8.35
N PHE C 848 -23.22 17.22 8.01
CA PHE C 848 -23.73 18.21 8.96
C PHE C 848 -25.07 18.72 8.46
N ASP C 849 -26.11 18.54 9.26
CA ASP C 849 -27.47 18.90 8.87
C ASP C 849 -28.29 19.19 10.10
N CYS C 850 -29.36 19.98 9.91
CA CYS C 850 -30.24 20.33 11.01
C CYS C 850 -31.05 19.16 11.54
N THR C 851 -31.32 18.16 10.69
CA THR C 851 -32.20 17.06 11.11
C THR C 851 -31.56 16.23 12.21
N ALA C 852 -30.26 15.96 12.11
CA ALA C 852 -29.58 15.24 13.16
C ALA C 852 -29.65 15.99 14.48
N THR C 853 -29.87 17.31 14.41
CA THR C 853 -29.93 18.12 15.62
C THR C 853 -31.37 18.34 16.06
N MET C 854 -32.21 18.90 15.19
CA MET C 854 -33.64 19.05 15.45
C MET C 854 -34.39 17.96 14.69
N LYS C 855 -35.16 17.15 15.43
CA LYS C 855 -35.98 16.14 14.77
C LYS C 855 -37.25 16.75 14.19
N SER C 856 -37.85 17.71 14.89
CA SER C 856 -39.11 18.30 14.45
C SER C 856 -39.09 19.79 14.70
N GLY C 857 -39.93 20.51 13.95
CA GLY C 857 -40.08 21.93 14.13
C GLY C 857 -40.54 22.28 15.53
N ASN C 858 -40.08 23.42 16.05
CA ASN C 858 -40.31 23.72 17.46
C ASN C 858 -41.28 24.88 17.63
N SER C 859 -42.17 24.75 18.61
CA SER C 859 -42.96 25.85 19.14
C SER C 859 -42.08 26.64 20.10
N ASP C 860 -42.68 27.46 20.97
CA ASP C 860 -41.96 28.10 22.07
C ASP C 860 -41.08 29.24 21.53
N VAL C 861 -41.38 29.67 20.30
CA VAL C 861 -40.57 30.69 19.64
C VAL C 861 -41.10 32.10 19.87
N TYR C 862 -42.37 32.25 20.27
CA TYR C 862 -42.95 33.59 20.37
C TYR C 862 -42.28 34.43 21.45
N GLU C 863 -42.01 33.86 22.61
CA GLU C 863 -41.28 34.62 23.62
C GLU C 863 -39.79 34.69 23.30
N ASN C 864 -39.23 33.59 22.78
CA ASN C 864 -37.79 33.56 22.50
C ASN C 864 -37.44 34.50 21.35
N GLU C 865 -38.24 34.49 20.29
CA GLU C 865 -38.05 35.36 19.13
C GLU C 865 -36.67 35.16 18.49
N ILE C 866 -36.18 33.92 18.54
CA ILE C 866 -34.87 33.59 18.01
C ILE C 866 -34.96 33.61 16.48
N PRO C 867 -34.09 34.33 15.79
CA PRO C 867 -34.05 34.23 14.32
C PRO C 867 -33.73 32.82 13.87
N GLY C 868 -34.30 32.41 12.73
CA GLY C 868 -34.13 31.04 12.29
C GLY C 868 -32.69 30.65 12.03
N GLY C 869 -31.92 31.55 11.43
CA GLY C 869 -30.53 31.26 11.09
C GLY C 869 -29.59 31.14 12.26
N GLN C 870 -30.08 31.22 13.50
CA GLN C 870 -29.24 31.12 14.68
C GLN C 870 -29.75 30.11 15.70
N TYR C 871 -31.07 29.87 15.74
CA TYR C 871 -31.62 28.87 16.64
C TYR C 871 -30.99 27.51 16.38
N THR C 872 -30.86 27.15 15.10
CA THR C 872 -30.33 25.85 14.74
C THR C 872 -28.89 25.67 15.22
N ASN C 873 -28.02 26.64 14.92
CA ASN C 873 -26.62 26.46 15.28
C ASN C 873 -26.41 26.55 16.78
N LEU C 874 -27.20 27.38 17.47
CA LEU C 874 -27.10 27.45 18.92
C LEU C 874 -27.52 26.14 19.57
N HIS C 875 -28.63 25.56 19.10
CA HIS C 875 -29.07 24.27 19.60
C HIS C 875 -28.03 23.19 19.33
N PHE C 876 -27.43 23.23 18.13
CA PHE C 876 -26.37 22.29 17.80
C PHE C 876 -25.18 22.43 18.73
N GLN C 877 -24.77 23.67 19.01
CA GLN C 877 -23.65 23.88 19.93
C GLN C 877 -23.97 23.32 21.31
N ALA C 878 -25.18 23.60 21.81
CA ALA C 878 -25.56 23.10 23.12
C ALA C 878 -25.51 21.58 23.17
N HIS C 879 -26.02 20.93 22.12
CA HIS C 879 -26.02 19.47 22.12
C HIS C 879 -24.61 18.91 21.91
N SER C 880 -23.77 19.63 21.18
CA SER C 880 -22.41 19.18 20.93
C SER C 880 -21.52 19.25 22.16
N MET C 881 -21.55 20.35 22.90
CA MET C 881 -20.79 20.41 24.14
C MET C 881 -21.48 19.72 25.30
N GLY C 882 -22.50 18.90 25.02
CA GLY C 882 -23.14 18.10 26.05
C GLY C 882 -24.25 18.80 26.81
N LEU C 883 -24.52 20.08 26.52
CA LEU C 883 -25.53 20.84 27.24
C LEU C 883 -26.92 20.56 26.68
N GLY C 884 -27.29 19.27 26.62
CA GLY C 884 -28.60 18.92 26.10
C GLY C 884 -29.73 19.42 26.98
N SER C 885 -29.60 19.20 28.29
CA SER C 885 -30.58 19.68 29.26
C SER C 885 -30.28 21.09 29.73
N LYS C 886 -29.14 21.65 29.35
CA LYS C 886 -28.73 23.00 29.74
C LYS C 886 -28.98 24.01 28.62
N PHE C 887 -29.56 23.58 27.50
CA PHE C 887 -29.95 24.51 26.46
C PHE C 887 -31.14 25.36 26.91
N LYS C 888 -31.99 24.81 27.76
CA LYS C 888 -33.17 25.55 28.23
C LYS C 888 -32.75 26.77 29.03
N GLU C 889 -31.72 26.63 29.87
CA GLU C 889 -31.23 27.78 30.63
C GLU C 889 -30.68 28.87 29.72
N VAL C 890 -30.18 28.50 28.54
CA VAL C 890 -29.66 29.50 27.61
C VAL C 890 -30.78 30.43 27.16
N LYS C 891 -31.91 29.87 26.75
CA LYS C 891 -33.06 30.71 26.40
C LYS C 891 -33.77 31.25 27.63
N LYS C 892 -33.65 30.59 28.78
CA LYS C 892 -34.27 31.11 30.00
C LYS C 892 -33.70 32.47 30.38
N ALA C 893 -32.41 32.69 30.11
CA ALA C 893 -31.79 33.99 30.36
C ALA C 893 -31.83 34.90 29.15
N TYR C 894 -32.26 34.40 28.00
CA TYR C 894 -32.32 35.22 26.79
C TYR C 894 -33.32 36.36 26.97
N VAL C 895 -34.48 36.07 27.56
CA VAL C 895 -35.48 37.11 27.81
C VAL C 895 -34.94 38.14 28.78
N GLU C 896 -34.27 37.69 29.84
CA GLU C 896 -33.68 38.62 30.79
C GLU C 896 -32.60 39.48 30.14
N ALA C 897 -31.79 38.89 29.25
CA ALA C 897 -30.78 39.67 28.54
C ALA C 897 -31.43 40.73 27.67
N ASN C 898 -32.50 40.36 26.96
CA ASN C 898 -33.20 41.33 26.13
C ASN C 898 -33.79 42.45 26.98
N GLN C 899 -34.34 42.10 28.15
CA GLN C 899 -34.86 43.11 29.07
C GLN C 899 -33.74 44.02 29.54
N MET C 900 -32.58 43.46 29.86
CA MET C 900 -31.43 44.28 30.23
C MET C 900 -31.11 45.30 29.15
N LEU C 901 -31.03 44.85 27.90
CA LEU C 901 -30.73 45.76 26.80
C LEU C 901 -31.98 46.46 26.28
N GLY C 902 -33.14 46.15 26.84
CA GLY C 902 -34.39 46.77 26.41
C GLY C 902 -35.04 46.00 25.28
N ASP C 903 -36.37 46.10 25.23
CA ASP C 903 -37.15 45.40 24.21
C ASP C 903 -36.71 45.85 22.83
N LEU C 904 -36.07 44.95 22.09
CA LEU C 904 -35.37 45.31 20.87
C LEU C 904 -35.74 44.37 19.73
N ILE C 905 -35.88 44.93 18.53
CA ILE C 905 -35.98 44.13 17.33
C ILE C 905 -34.64 43.47 17.05
N LYS C 906 -34.67 42.18 16.73
CA LYS C 906 -33.45 41.37 16.62
C LYS C 906 -33.43 40.66 15.29
N VAL C 907 -32.52 41.07 14.40
CA VAL C 907 -32.31 40.24 13.21
C VAL C 907 -30.86 39.79 13.06
N THR C 908 -29.98 40.70 12.63
CA THR C 908 -28.63 40.22 12.39
C THR C 908 -27.71 40.28 13.61
N PRO C 909 -27.34 41.47 14.13
CA PRO C 909 -26.29 41.53 15.14
C PRO C 909 -26.76 41.15 16.54
N SER C 910 -27.92 41.69 16.90
CA SER C 910 -28.34 41.66 18.31
C SER C 910 -28.59 40.23 18.79
N SER C 911 -29.02 39.34 17.89
CA SER C 911 -29.22 37.96 18.29
C SER C 911 -27.92 37.34 18.78
N LYS C 912 -26.84 37.50 18.01
CA LYS C 912 -25.56 36.93 18.44
C LYS C 912 -24.99 37.69 19.62
N ILE C 913 -25.29 38.99 19.72
CA ILE C 913 -24.82 39.78 20.87
C ILE C 913 -25.42 39.25 22.16
N VAL C 914 -26.75 39.10 22.19
CA VAL C 914 -27.40 38.61 23.39
C VAL C 914 -27.06 37.16 23.64
N GLY C 915 -26.81 36.39 22.57
CA GLY C 915 -26.33 35.03 22.75
C GLY C 915 -24.99 34.97 23.44
N ASP C 916 -24.07 35.85 23.03
CA ASP C 916 -22.77 35.93 23.70
C ASP C 916 -22.93 36.33 25.16
N LEU C 917 -23.79 37.31 25.42
CA LEU C 917 -24.02 37.72 26.81
C LEU C 917 -24.57 36.57 27.64
N ALA C 918 -25.53 35.84 27.08
CA ALA C 918 -26.17 34.75 27.83
C ALA C 918 -25.21 33.59 28.05
N GLN C 919 -24.39 33.26 27.06
CA GLN C 919 -23.42 32.18 27.25
C GLN C 919 -22.37 32.59 28.28
N PHE C 920 -21.98 33.86 28.27
CA PHE C 920 -21.10 34.37 29.32
C PHE C 920 -21.74 34.21 30.69
N MET C 921 -23.02 34.58 30.81
CA MET C 921 -23.70 34.46 32.09
C MET C 921 -23.78 33.01 32.54
N VAL C 922 -24.16 32.09 31.65
CA VAL C 922 -24.33 30.70 32.07
C VAL C 922 -22.99 30.05 32.37
N GLN C 923 -21.93 30.34 31.62
CA GLN C 923 -20.64 29.75 31.92
C GLN C 923 -20.10 30.28 33.24
N ASN C 924 -20.30 31.57 33.51
CA ASN C 924 -19.89 32.11 34.80
C ASN C 924 -20.77 31.57 35.92
N GLY C 925 -21.99 31.15 35.59
CA GLY C 925 -22.90 30.60 36.58
C GLY C 925 -23.31 31.60 37.62
N LEU C 926 -23.68 32.80 37.20
CA LEU C 926 -24.02 33.88 38.11
C LEU C 926 -25.44 34.33 37.85
N SER C 927 -26.05 34.93 38.87
CA SER C 927 -27.41 35.42 38.76
C SER C 927 -27.42 36.88 38.27
N ARG C 928 -28.61 37.32 37.87
CA ARG C 928 -28.74 38.66 37.28
C ARG C 928 -28.64 39.75 38.32
N ALA C 929 -29.26 39.54 39.49
CA ALA C 929 -29.38 40.61 40.48
C ALA C 929 -28.01 41.04 40.99
N GLU C 930 -27.20 40.09 41.44
CA GLU C 930 -25.89 40.45 41.97
C GLU C 930 -24.96 40.96 40.87
N ALA C 931 -25.05 40.42 39.66
CA ALA C 931 -24.26 40.94 38.55
C ALA C 931 -24.60 42.40 38.31
N GLU C 932 -25.89 42.75 38.37
CA GLU C 932 -26.29 44.14 38.28
C GLU C 932 -25.74 44.95 39.46
N ALA C 933 -25.75 44.37 40.66
CA ALA C 933 -25.34 45.11 41.85
C ALA C 933 -23.83 45.36 41.85
N GLN C 934 -23.04 44.29 41.89
CA GLN C 934 -21.58 44.43 41.92
C GLN C 934 -21.04 44.39 40.50
N ALA C 935 -21.45 45.38 39.73
CA ALA C 935 -20.93 45.60 38.39
C ALA C 935 -19.72 46.53 38.38
N GLU C 936 -19.28 46.99 39.55
CA GLU C 936 -18.20 47.96 39.66
C GLU C 936 -16.86 47.35 39.23
N GLU C 937 -16.38 46.36 39.98
CA GLU C 937 -15.13 45.70 39.62
C GLU C 937 -15.37 44.65 38.55
N LEU C 938 -16.62 44.25 38.35
CA LEU C 938 -16.93 43.21 37.37
C LEU C 938 -16.69 43.73 35.95
N SER C 939 -15.94 42.97 35.17
CA SER C 939 -15.72 43.30 33.77
C SER C 939 -17.00 43.05 32.99
N PHE C 940 -17.14 43.78 31.89
CA PHE C 940 -18.32 43.71 31.04
C PHE C 940 -17.96 43.12 29.68
N PRO C 941 -18.85 42.32 29.09
CA PRO C 941 -18.52 41.68 27.81
C PRO C 941 -18.28 42.71 26.71
N ARG C 942 -17.38 42.36 25.80
CA ARG C 942 -16.99 43.28 24.73
C ARG C 942 -18.15 43.60 23.80
N SER C 943 -18.92 42.59 23.40
CA SER C 943 -19.99 42.81 22.44
C SER C 943 -21.06 43.75 23.00
N VAL C 944 -21.37 43.62 24.29
CA VAL C 944 -22.34 44.51 24.91
C VAL C 944 -21.86 45.94 24.84
N VAL C 945 -20.58 46.17 25.17
CA VAL C 945 -20.02 47.53 25.11
C VAL C 945 -20.05 48.06 23.68
N GLU C 946 -19.69 47.21 22.72
CA GLU C 946 -19.66 47.64 21.33
C GLU C 946 -21.04 48.04 20.83
N PHE C 947 -22.05 47.26 21.21
CA PHE C 947 -23.42 47.63 20.87
C PHE C 947 -23.83 48.93 21.56
N LEU C 948 -23.47 49.07 22.84
CA LEU C 948 -23.85 50.26 23.59
C LEU C 948 -23.22 51.51 22.99
N GLN C 949 -22.05 51.38 22.37
CA GLN C 949 -21.40 52.55 21.78
C GLN C 949 -22.27 53.17 20.69
N GLY C 950 -22.82 52.37 19.79
CA GLY C 950 -23.79 52.86 18.85
C GLY C 950 -23.31 53.01 17.41
N TYR C 951 -22.28 52.25 17.01
CA TYR C 951 -21.86 52.26 15.62
C TYR C 951 -22.98 51.77 14.70
N ILE C 952 -23.78 50.80 15.16
CA ILE C 952 -24.90 50.33 14.35
C ILE C 952 -25.97 51.40 14.26
N GLY C 953 -26.17 52.16 15.32
CA GLY C 953 -27.22 53.15 15.36
C GLY C 953 -27.72 53.32 16.77
N VAL C 954 -28.93 53.87 16.86
CA VAL C 954 -29.58 54.08 18.15
C VAL C 954 -30.93 53.36 18.14
N PRO C 955 -31.30 52.68 19.21
CA PRO C 955 -32.64 52.09 19.31
C PRO C 955 -33.69 53.17 19.54
N HIS C 956 -34.93 52.73 19.74
CA HIS C 956 -36.04 53.67 19.86
C HIS C 956 -36.04 54.34 21.24
N GLY C 957 -36.02 53.55 22.30
CA GLY C 957 -36.13 54.06 23.66
C GLY C 957 -34.83 54.29 24.38
N GLY C 958 -33.70 54.34 23.67
CA GLY C 958 -32.43 54.59 24.32
C GLY C 958 -31.86 53.36 24.99
N PHE C 959 -30.66 53.52 25.53
CA PHE C 959 -29.90 52.45 26.13
C PHE C 959 -29.40 52.88 27.50
N PRO C 960 -29.18 51.94 28.42
CA PRO C 960 -28.74 52.31 29.77
C PRO C 960 -27.40 53.04 29.76
N GLU C 961 -27.35 54.12 30.55
CA GLU C 961 -26.17 54.95 30.75
C GLU C 961 -25.10 54.38 31.69
N PRO C 962 -25.46 53.67 32.78
CA PRO C 962 -24.40 53.36 33.77
C PRO C 962 -23.32 52.44 33.23
N PHE C 963 -23.68 51.38 32.52
CA PHE C 963 -22.68 50.42 32.03
C PHE C 963 -21.72 51.10 31.06
N ARG C 964 -22.27 51.87 30.12
CA ARG C 964 -21.45 52.53 29.10
C ARG C 964 -20.57 53.60 29.72
N SER C 965 -21.09 54.31 30.74
CA SER C 965 -20.27 55.28 31.45
C SER C 965 -19.14 54.59 32.21
N LYS C 966 -19.44 53.44 32.83
CA LYS C 966 -18.44 52.70 33.59
C LYS C 966 -17.33 52.18 32.69
N VAL C 967 -17.65 51.77 31.47
CA VAL C 967 -16.60 51.15 30.60
C VAL C 967 -16.10 52.15 29.55
N LEU C 968 -16.98 52.68 28.69
CA LEU C 968 -16.53 53.56 27.60
C LEU C 968 -15.87 54.83 28.16
N LYS C 969 -16.45 55.43 29.20
CA LYS C 969 -15.81 56.62 29.84
C LYS C 969 -15.61 57.71 28.78
N ASP C 970 -14.38 58.20 28.63
CA ASP C 970 -14.09 59.31 27.69
C ASP C 970 -13.66 58.76 26.31
N LEU C 971 -13.67 57.44 26.12
CA LEU C 971 -13.20 56.84 24.85
C LEU C 971 -14.07 57.31 23.69
N PRO C 972 -13.52 57.53 22.47
CA PRO C 972 -14.27 58.04 21.31
C PRO C 972 -15.78 57.83 21.35
N ARG C 973 -16.54 58.90 21.58
CA ARG C 973 -18.00 58.80 21.66
C ARG C 973 -18.59 59.30 20.35
N VAL C 974 -19.38 58.46 19.69
CA VAL C 974 -19.92 58.77 18.37
C VAL C 974 -21.41 59.02 18.47
N GLU C 975 -21.84 60.19 18.01
CA GLU C 975 -23.25 60.58 17.98
C GLU C 975 -23.69 60.84 16.55
N GLY C 976 -25.01 60.78 16.33
CA GLY C 976 -25.56 60.96 15.01
C GLY C 976 -25.48 59.70 14.18
N ARG C 977 -25.31 59.87 12.87
CA ARG C 977 -25.14 58.73 11.99
C ARG C 977 -23.67 58.32 11.98
N PRO C 978 -23.32 57.12 12.46
CA PRO C 978 -21.91 56.72 12.44
C PRO C 978 -21.30 56.65 11.05
N GLY C 979 -22.13 56.40 10.03
CA GLY C 979 -21.59 56.35 8.68
C GLY C 979 -21.04 57.68 8.21
N ALA C 980 -21.78 58.76 8.48
CA ALA C 980 -21.33 60.08 8.06
C ALA C 980 -20.10 60.53 8.85
N SER C 981 -20.09 60.28 10.16
CA SER C 981 -18.98 60.71 11.00
C SER C 981 -17.70 59.94 10.72
N LEU C 982 -17.81 58.72 10.22
CA LEU C 982 -16.62 57.91 9.98
C LEU C 982 -15.83 58.50 8.81
N PRO C 983 -14.50 58.58 8.92
CA PRO C 983 -13.70 59.18 7.85
C PRO C 983 -13.68 58.27 6.62
N PRO C 984 -14.15 58.76 5.48
CA PRO C 984 -14.08 57.95 4.26
C PRO C 984 -12.65 57.62 3.89
N LEU C 985 -12.45 56.39 3.41
CA LEU C 985 -11.13 55.88 3.09
C LEU C 985 -11.03 55.57 1.60
N ASP C 986 -9.84 55.74 1.05
CA ASP C 986 -9.58 55.45 -0.35
C ASP C 986 -9.33 53.96 -0.55
N LEU C 987 -10.01 53.38 -1.52
CA LEU C 987 -9.80 51.99 -1.91
C LEU C 987 -8.83 51.84 -3.06
N GLN C 988 -8.33 52.94 -3.62
CA GLN C 988 -7.42 52.85 -4.76
C GLN C 988 -6.06 52.30 -4.35
N ALA C 989 -5.55 52.71 -3.19
CA ALA C 989 -4.27 52.18 -2.72
C ALA C 989 -4.36 50.72 -2.34
N LEU C 990 -5.58 50.22 -2.10
CA LEU C 990 -5.75 48.82 -1.73
C LEU C 990 -5.28 47.88 -2.82
N GLU C 991 -5.57 48.19 -4.09
CA GLU C 991 -5.09 47.32 -5.16
C GLU C 991 -3.58 47.43 -5.30
N LYS C 992 -3.03 48.62 -5.03
CA LYS C 992 -1.57 48.75 -4.99
C LYS C 992 -0.96 47.80 -3.98
N GLU C 993 -1.47 47.82 -2.74
CA GLU C 993 -0.85 47.00 -1.70
C GLU C 993 -1.11 45.52 -1.94
N LEU C 994 -2.28 45.18 -2.50
CA LEU C 994 -2.54 43.77 -2.83
C LEU C 994 -1.58 43.28 -3.92
N VAL C 995 -1.34 44.10 -4.95
CA VAL C 995 -0.38 43.72 -5.98
C VAL C 995 1.01 43.58 -5.38
N ASP C 996 1.39 44.52 -4.52
CA ASP C 996 2.71 44.49 -3.89
C ASP C 996 2.88 43.30 -2.96
N ARG C 997 1.80 42.77 -2.38
CA ARG C 997 1.92 41.67 -1.42
C ARG C 997 1.79 40.32 -2.10
N HIS C 998 0.65 40.06 -2.75
CA HIS C 998 0.49 38.77 -3.42
C HIS C 998 -0.34 38.84 -4.69
N GLY C 999 -0.52 40.03 -5.28
CA GLY C 999 -1.44 40.22 -6.37
C GLY C 999 -0.73 40.50 -7.68
N GLU C 1000 -1.22 39.86 -8.74
CA GLU C 1000 -0.85 40.23 -10.11
C GLU C 1000 -2.03 40.25 -11.08
N GLU C 1001 -3.21 39.77 -10.68
CA GLU C 1001 -4.38 39.78 -11.54
C GLU C 1001 -5.59 40.39 -10.84
N VAL C 1002 -5.34 41.17 -9.77
CA VAL C 1002 -6.41 41.61 -8.89
C VAL C 1002 -7.43 42.44 -9.67
N THR C 1003 -8.70 42.21 -9.38
CA THR C 1003 -9.83 42.87 -9.99
C THR C 1003 -10.59 43.70 -8.97
N PRO C 1004 -11.42 44.66 -9.41
CA PRO C 1004 -12.18 45.46 -8.44
C PRO C 1004 -13.03 44.63 -7.50
N GLU C 1005 -13.58 43.51 -7.97
CA GLU C 1005 -14.30 42.62 -7.06
C GLU C 1005 -13.37 42.10 -5.97
N ASP C 1006 -12.15 41.71 -6.35
CA ASP C 1006 -11.19 41.26 -5.36
C ASP C 1006 -10.82 42.38 -4.39
N VAL C 1007 -10.69 43.60 -4.91
CA VAL C 1007 -10.37 44.73 -4.05
C VAL C 1007 -11.47 44.94 -3.01
N LEU C 1008 -12.72 44.90 -3.45
CA LEU C 1008 -13.84 45.06 -2.54
C LEU C 1008 -13.88 43.93 -1.52
N SER C 1009 -13.62 42.70 -1.96
CA SER C 1009 -13.63 41.56 -1.05
C SER C 1009 -12.56 41.71 0.01
N ALA C 1010 -11.36 42.14 -0.38
CA ALA C 1010 -10.28 42.32 0.58
C ALA C 1010 -10.57 43.49 1.52
N ALA C 1011 -11.24 44.53 1.03
CA ALA C 1011 -11.54 45.68 1.87
C ALA C 1011 -12.42 45.30 3.05
N MET C 1012 -13.30 44.32 2.89
CA MET C 1012 -14.25 43.99 3.95
C MET C 1012 -13.69 42.93 4.88
N TYR C 1013 -13.11 41.87 4.33
CA TYR C 1013 -12.57 40.75 5.10
C TYR C 1013 -11.13 40.51 4.66
N PRO C 1014 -10.20 41.35 5.10
CA PRO C 1014 -8.81 41.21 4.61
C PRO C 1014 -8.14 39.91 5.00
N ASP C 1015 -8.27 39.50 6.26
CA ASP C 1015 -7.54 38.34 6.76
C ASP C 1015 -7.98 37.06 6.04
N VAL C 1016 -9.29 36.80 6.01
CA VAL C 1016 -9.75 35.57 5.39
C VAL C 1016 -9.60 35.63 3.88
N PHE C 1017 -9.63 36.83 3.28
CA PHE C 1017 -9.35 36.92 1.85
C PHE C 1017 -7.92 36.53 1.55
N ALA C 1018 -6.97 37.02 2.34
CA ALA C 1018 -5.58 36.63 2.15
C ALA C 1018 -5.39 35.14 2.35
N HIS C 1019 -6.03 34.59 3.40
CA HIS C 1019 -5.96 33.15 3.66
C HIS C 1019 -6.51 32.36 2.47
N PHE C 1020 -7.68 32.73 1.97
CA PHE C 1020 -8.30 32.03 0.86
C PHE C 1020 -7.45 32.13 -0.39
N LYS C 1021 -6.82 33.29 -0.61
CA LYS C 1021 -6.01 33.49 -1.84
C LYS C 1021 -4.85 32.50 -1.86
N ASP C 1022 -4.29 32.13 -0.69
CA ASP C 1022 -3.10 31.24 -0.69
C ASP C 1022 -3.52 29.77 -0.77
N PHE C 1023 -4.70 29.44 -0.22
CA PHE C 1023 -5.19 28.02 -0.25
C PHE C 1023 -5.44 27.61 -1.71
N THR C 1024 -6.17 28.44 -2.46
CA THR C 1024 -6.53 28.09 -3.86
C THR C 1024 -5.31 28.18 -4.79
N ALA C 1025 -4.15 28.61 -4.27
CA ALA C 1025 -2.92 28.63 -5.10
C ALA C 1025 -2.15 27.32 -4.87
N THR C 1026 -1.83 27.00 -3.62
CA THR C 1026 -1.00 25.80 -3.31
C THR C 1026 -1.73 24.53 -3.75
N PHE C 1027 -3.06 24.47 -3.57
CA PHE C 1027 -3.82 23.28 -3.88
C PHE C 1027 -4.61 23.40 -5.18
N GLY C 1028 -4.39 24.48 -5.93
CA GLY C 1028 -5.03 24.64 -7.22
C GLY C 1028 -6.49 25.02 -7.10
N PRO C 1029 -7.15 25.20 -8.25
CA PRO C 1029 -8.58 25.56 -8.23
C PRO C 1029 -9.43 24.42 -7.70
N LEU C 1030 -10.56 24.78 -7.10
CA LEU C 1030 -11.49 23.81 -6.54
C LEU C 1030 -12.89 24.05 -7.09
N ASP C 1031 -13.88 23.39 -6.51
CA ASP C 1031 -15.31 23.46 -6.81
C ASP C 1031 -15.66 22.76 -8.12
N SER C 1032 -14.68 22.25 -8.86
CA SER C 1032 -14.93 21.44 -10.05
C SER C 1032 -14.98 19.96 -9.74
N LEU C 1033 -14.87 19.58 -8.47
CA LEU C 1033 -14.82 18.19 -8.05
C LEU C 1033 -16.20 17.71 -7.61
N ASN C 1034 -16.30 16.40 -7.39
CA ASN C 1034 -17.53 15.83 -6.85
C ASN C 1034 -17.58 16.03 -5.34
N THR C 1035 -18.78 15.81 -4.78
CA THR C 1035 -18.98 15.99 -3.35
C THR C 1035 -18.10 15.05 -2.54
N ARG C 1036 -17.98 13.78 -2.98
CA ARG C 1036 -17.11 12.83 -2.30
C ARG C 1036 -15.66 13.30 -2.35
N LEU C 1037 -15.24 13.81 -3.51
CA LEU C 1037 -13.85 14.23 -3.67
C LEU C 1037 -13.50 15.39 -2.75
N PHE C 1038 -14.39 16.37 -2.64
CA PHE C 1038 -14.07 17.59 -1.89
C PHE C 1038 -13.91 17.31 -0.40
N LEU C 1039 -14.86 16.61 0.20
CA LEU C 1039 -14.86 16.42 1.64
C LEU C 1039 -14.26 15.08 2.04
N GLN C 1040 -14.64 14.00 1.34
CA GLN C 1040 -14.18 12.67 1.73
C GLN C 1040 -12.87 12.30 1.05
N GLY C 1041 -12.77 12.56 -0.25
CA GLY C 1041 -11.61 12.16 -1.02
C GLY C 1041 -11.87 10.91 -1.83
N PRO C 1042 -10.95 10.56 -2.70
CA PRO C 1042 -11.15 9.41 -3.58
C PRO C 1042 -11.02 8.09 -2.82
N LYS C 1043 -11.62 7.05 -3.39
CA LYS C 1043 -11.56 5.70 -2.87
C LYS C 1043 -10.69 4.86 -3.79
N ILE C 1044 -9.91 3.95 -3.20
CA ILE C 1044 -8.99 3.14 -3.98
C ILE C 1044 -9.77 2.21 -4.90
N ALA C 1045 -9.28 2.05 -6.14
CA ALA C 1045 -9.80 1.08 -7.09
C ALA C 1045 -11.25 1.36 -7.47
N GLU C 1046 -11.50 2.62 -7.86
CA GLU C 1046 -12.79 3.00 -8.43
C GLU C 1046 -12.59 4.31 -9.18
N GLU C 1047 -13.05 4.34 -10.43
CA GLU C 1047 -12.77 5.45 -11.32
C GLU C 1047 -13.75 6.59 -11.07
N PHE C 1048 -13.23 7.80 -11.02
CA PHE C 1048 -14.04 8.99 -10.83
C PHE C 1048 -13.64 10.03 -11.87
N GLU C 1049 -14.51 11.00 -12.08
CA GLU C 1049 -14.37 11.95 -13.18
C GLU C 1049 -14.24 13.36 -12.64
N VAL C 1050 -13.35 14.14 -13.24
CA VAL C 1050 -13.17 15.54 -12.91
C VAL C 1050 -13.38 16.36 -14.16
N GLU C 1051 -14.30 17.32 -14.10
CA GLU C 1051 -14.59 18.21 -15.22
C GLU C 1051 -13.83 19.50 -14.96
N LEU C 1052 -12.74 19.71 -15.71
CA LEU C 1052 -11.88 20.85 -15.45
C LEU C 1052 -12.44 22.12 -16.09
N GLU C 1053 -12.56 22.12 -17.40
CA GLU C 1053 -13.10 23.24 -18.16
C GLU C 1053 -14.05 22.69 -19.21
N ARG C 1054 -14.76 23.59 -19.91
CA ARG C 1054 -15.63 23.14 -20.99
C ARG C 1054 -14.83 22.40 -22.06
N GLY C 1055 -13.62 22.87 -22.36
CA GLY C 1055 -12.84 22.27 -23.43
C GLY C 1055 -12.41 20.84 -23.11
N LYS C 1056 -11.67 20.66 -22.02
CA LYS C 1056 -11.07 19.38 -21.70
C LYS C 1056 -11.64 18.80 -20.41
N THR C 1057 -11.28 17.53 -20.19
CA THR C 1057 -11.92 16.67 -19.21
C THR C 1057 -11.06 15.42 -19.05
N LEU C 1058 -10.83 14.99 -17.81
CA LEU C 1058 -9.80 14.00 -17.54
C LEU C 1058 -10.21 13.05 -16.41
N HIS C 1059 -9.63 11.86 -16.42
CA HIS C 1059 -10.01 10.75 -15.55
C HIS C 1059 -8.86 10.38 -14.62
N ILE C 1060 -9.19 9.81 -13.47
CA ILE C 1060 -8.20 9.41 -12.47
C ILE C 1060 -8.57 8.06 -11.88
N LYS C 1061 -7.57 7.23 -11.62
CA LYS C 1061 -7.63 6.13 -10.67
C LYS C 1061 -6.65 6.37 -9.53
N ALA C 1062 -7.00 5.88 -8.34
CA ALA C 1062 -6.09 5.84 -7.21
C ALA C 1062 -5.58 4.40 -7.07
N LEU C 1063 -4.27 4.24 -7.21
CA LEU C 1063 -3.70 2.90 -7.32
C LEU C 1063 -3.39 2.30 -5.95
N ALA C 1064 -2.51 2.94 -5.20
CA ALA C 1064 -2.09 2.42 -3.90
C ALA C 1064 -1.39 3.55 -3.15
N VAL C 1065 -1.26 3.35 -1.84
CA VAL C 1065 -0.62 4.32 -0.95
C VAL C 1065 0.53 3.62 -0.24
N SER C 1066 1.73 4.19 -0.36
CA SER C 1066 2.92 3.56 0.19
C SER C 1066 2.98 3.79 1.70
N ASP C 1067 4.10 3.41 2.31
CA ASP C 1067 4.31 3.56 3.74
C ASP C 1067 5.27 4.72 4.00
N LEU C 1068 5.29 5.17 5.25
CA LEU C 1068 6.08 6.33 5.63
C LEU C 1068 7.56 5.99 5.56
N ASN C 1069 8.35 6.85 4.93
CA ASN C 1069 9.74 6.51 4.67
C ASN C 1069 10.74 7.38 5.43
N ARG C 1070 10.72 8.69 5.25
CA ARG C 1070 11.77 9.58 5.76
C ARG C 1070 11.14 10.88 6.26
N ALA C 1071 11.12 11.04 7.58
CA ALA C 1071 10.66 12.27 8.22
C ALA C 1071 9.24 12.63 7.80
N GLY C 1072 8.41 11.60 7.61
CA GLY C 1072 7.01 11.81 7.34
C GLY C 1072 6.67 12.27 5.95
N GLN C 1073 7.11 11.54 4.93
CA GLN C 1073 6.80 11.88 3.54
C GLN C 1073 6.27 10.62 2.84
N ARG C 1074 4.98 10.39 2.97
CA ARG C 1074 4.33 9.26 2.33
C ARG C 1074 4.13 9.54 0.84
N GLN C 1075 4.15 8.48 0.05
CA GLN C 1075 4.01 8.58 -1.40
C GLN C 1075 2.76 7.84 -1.86
N VAL C 1076 2.02 8.46 -2.77
CA VAL C 1076 0.77 7.91 -3.28
C VAL C 1076 0.88 7.78 -4.79
N PHE C 1077 0.23 6.75 -5.33
CA PHE C 1077 0.32 6.41 -6.75
C PHE C 1077 -1.00 6.68 -7.43
N PHE C 1078 -1.01 7.65 -8.34
CA PHE C 1078 -2.17 8.03 -9.13
C PHE C 1078 -1.87 7.79 -10.59
N GLU C 1079 -2.90 7.52 -11.37
CA GLU C 1079 -2.75 7.49 -12.82
C GLU C 1079 -3.69 8.53 -13.42
N LEU C 1080 -3.15 9.44 -14.20
CA LEU C 1080 -3.94 10.38 -14.98
C LEU C 1080 -4.35 9.65 -16.24
N ASN C 1081 -5.25 10.26 -17.02
CA ASN C 1081 -5.79 9.56 -18.18
C ASN C 1081 -4.67 9.13 -19.11
N GLY C 1082 -4.41 7.83 -19.18
CA GLY C 1082 -3.43 7.27 -20.09
C GLY C 1082 -2.02 7.18 -19.57
N GLN C 1083 -1.73 7.62 -18.34
CA GLN C 1083 -0.37 7.56 -17.82
C GLN C 1083 -0.41 7.34 -16.32
N LEU C 1084 0.68 6.79 -15.78
CA LEU C 1084 0.82 6.63 -14.34
C LEU C 1084 1.62 7.79 -13.76
N ARG C 1085 1.27 8.19 -12.53
CA ARG C 1085 1.91 9.32 -11.87
C ARG C 1085 2.25 8.97 -10.43
N SER C 1086 3.17 9.73 -9.87
CA SER C 1086 3.59 9.57 -8.49
C SER C 1086 3.69 10.93 -7.82
N ILE C 1087 3.22 11.02 -6.57
CA ILE C 1087 3.17 12.27 -5.83
C ILE C 1087 3.69 12.01 -4.41
N LEU C 1088 4.48 12.94 -3.89
CA LEU C 1088 4.95 12.91 -2.52
C LEU C 1088 4.17 13.92 -1.70
N VAL C 1089 3.56 13.45 -0.61
CA VAL C 1089 2.74 14.30 0.26
C VAL C 1089 3.33 14.24 1.67
N LYS C 1090 3.40 15.40 2.32
CA LYS C 1090 3.96 15.49 3.66
C LYS C 1090 2.91 15.06 4.67
N ASP C 1091 3.20 14.00 5.42
CA ASP C 1091 2.31 13.55 6.47
C ASP C 1091 2.45 14.47 7.68
N THR C 1092 1.37 15.17 8.00
CA THR C 1092 1.38 16.13 9.09
C THR C 1092 0.74 15.60 10.36
N GLN C 1093 0.47 14.30 10.43
CA GLN C 1093 -0.24 13.71 11.57
C GLN C 1093 0.72 13.18 12.63
N ALA C 1094 2.02 13.14 12.34
CA ALA C 1094 2.95 12.55 13.30
C ALA C 1094 3.47 13.60 14.28
N MET C 1095 4.24 14.56 13.77
CA MET C 1095 4.70 15.73 14.53
C MET C 1095 5.05 15.40 15.97
N LYS C 1096 5.75 14.27 16.15
CA LYS C 1096 6.15 13.82 17.47
C LYS C 1096 7.67 13.81 17.52
N GLU C 1097 8.35 13.41 16.45
CA GLU C 1097 9.79 13.28 16.48
C GLU C 1097 10.46 14.66 16.37
N MET C 1098 11.63 14.79 16.96
CA MET C 1098 12.45 15.98 16.84
C MET C 1098 13.61 15.71 15.89
N HIS C 1099 13.49 16.22 14.67
CA HIS C 1099 14.49 16.01 13.64
C HIS C 1099 15.60 17.05 13.68
N PHE C 1100 15.54 17.99 14.61
CA PHE C 1100 16.50 19.10 14.72
C PHE C 1100 16.50 19.82 13.37
N HIS C 1101 17.66 20.00 12.72
CA HIS C 1101 17.76 20.68 11.44
C HIS C 1101 17.08 22.03 11.51
N PRO C 1102 17.61 22.97 12.29
CA PRO C 1102 16.90 24.23 12.52
C PRO C 1102 16.70 25.01 11.22
N LYS C 1103 15.54 25.66 11.12
CA LYS C 1103 15.15 26.38 9.92
C LYS C 1103 15.46 27.87 10.11
N ALA C 1104 16.30 28.41 9.23
CA ALA C 1104 16.70 29.82 9.29
C ALA C 1104 15.80 30.61 8.34
N LEU C 1105 14.77 31.25 8.89
CA LEU C 1105 13.89 32.07 8.07
C LEU C 1105 14.62 33.31 7.57
N LYS C 1106 14.42 33.63 6.29
CA LYS C 1106 15.03 34.81 5.72
C LYS C 1106 14.43 36.11 6.27
N ASP C 1107 13.20 36.05 6.77
CA ASP C 1107 12.56 37.25 7.34
C ASP C 1107 13.30 37.73 8.57
N VAL C 1108 13.82 36.81 9.38
CA VAL C 1108 14.52 37.13 10.62
C VAL C 1108 16.00 37.33 10.28
N LYS C 1109 16.54 38.49 10.64
CA LYS C 1109 17.94 38.78 10.35
C LYS C 1109 18.88 37.93 11.19
N GLY C 1110 18.49 37.61 12.42
CA GLY C 1110 19.37 36.86 13.30
C GLY C 1110 19.74 35.50 12.75
N GLN C 1111 18.75 34.76 12.26
CA GLN C 1111 19.01 33.44 11.69
C GLN C 1111 19.76 33.58 10.38
N ILE C 1112 20.72 32.68 10.15
CA ILE C 1112 21.53 32.66 8.95
C ILE C 1112 21.29 31.35 8.22
N GLY C 1113 20.87 31.43 6.96
CA GLY C 1113 20.60 30.26 6.17
C GLY C 1113 21.35 30.22 4.87
N ALA C 1114 21.52 29.03 4.30
CA ALA C 1114 22.22 28.88 3.03
C ALA C 1114 21.23 29.02 1.88
N PRO C 1115 21.40 30.00 0.99
CA PRO C 1115 20.44 30.16 -0.12
C PRO C 1115 20.44 28.98 -1.08
N MET C 1116 21.50 28.19 -1.11
CA MET C 1116 21.60 27.02 -1.97
C MET C 1116 21.94 25.80 -1.13
N PRO C 1117 21.15 24.73 -1.26
CA PRO C 1117 21.46 23.50 -0.51
C PRO C 1117 22.74 22.85 -0.99
N GLY C 1118 23.48 22.28 -0.04
CA GLY C 1118 24.74 21.65 -0.35
C GLY C 1118 25.44 21.20 0.93
N LYS C 1119 26.75 21.02 0.81
CA LYS C 1119 27.59 20.62 1.94
C LYS C 1119 28.57 21.74 2.26
N VAL C 1120 28.74 22.01 3.55
CA VAL C 1120 29.63 23.08 3.99
C VAL C 1120 31.07 22.59 3.89
N ILE C 1121 31.92 23.39 3.24
CA ILE C 1121 33.32 23.04 3.08
C ILE C 1121 34.12 23.42 4.32
N ASP C 1122 34.10 24.71 4.67
CA ASP C 1122 34.83 25.19 5.84
C ASP C 1122 34.10 26.39 6.43
N ILE C 1123 34.36 26.63 7.71
CA ILE C 1123 33.82 27.78 8.43
C ILE C 1123 35.00 28.55 9.00
N LYS C 1124 35.06 29.84 8.71
CA LYS C 1124 36.17 30.70 9.15
C LYS C 1124 35.85 31.48 10.41
N VAL C 1125 34.69 31.24 11.03
CA VAL C 1125 34.26 32.00 12.20
C VAL C 1125 34.00 31.03 13.34
N VAL C 1126 34.54 31.35 14.51
CA VAL C 1126 34.26 30.60 15.73
C VAL C 1126 33.23 31.37 16.54
N ALA C 1127 32.39 30.64 17.27
CA ALA C 1127 31.25 31.24 17.95
C ALA C 1127 31.71 32.20 19.05
N GLY C 1128 30.95 33.28 19.22
CA GLY C 1128 31.19 34.24 20.28
C GLY C 1128 32.55 34.89 20.23
N ALA C 1129 32.99 35.31 19.05
CA ALA C 1129 34.30 35.90 18.86
C ALA C 1129 34.20 37.18 18.04
N LYS C 1130 35.30 37.91 17.97
CA LYS C 1130 35.37 39.16 17.21
C LYS C 1130 35.42 38.84 15.73
N VAL C 1131 34.53 39.46 14.96
CA VAL C 1131 34.45 39.26 13.53
C VAL C 1131 34.43 40.62 12.84
N ALA C 1132 34.70 40.63 11.55
CA ALA C 1132 34.74 41.85 10.76
C ALA C 1132 33.45 42.02 9.98
N LYS C 1133 33.26 43.24 9.46
CA LYS C 1133 32.10 43.56 8.65
C LYS C 1133 32.40 43.29 7.18
N GLY C 1134 31.54 42.52 6.53
CA GLY C 1134 31.72 42.19 5.14
C GLY C 1134 32.98 41.40 4.86
N GLN C 1135 33.17 40.29 5.57
CA GLN C 1135 34.35 39.46 5.45
C GLN C 1135 33.93 38.02 5.20
N PRO C 1136 34.76 37.25 4.49
CA PRO C 1136 34.41 35.86 4.21
C PRO C 1136 34.35 35.04 5.49
N LEU C 1137 33.24 34.33 5.68
CA LEU C 1137 32.99 33.57 6.90
C LEU C 1137 32.82 32.08 6.68
N CYS C 1138 32.34 31.66 5.52
CA CYS C 1138 32.18 30.24 5.21
C CYS C 1138 32.55 29.98 3.76
N VAL C 1139 32.95 28.75 3.47
CA VAL C 1139 33.28 28.32 2.13
C VAL C 1139 32.22 27.30 1.70
N LEU C 1140 31.59 27.56 0.55
CA LEU C 1140 30.50 26.73 0.05
C LEU C 1140 30.90 26.13 -1.28
N SER C 1141 30.43 24.91 -1.53
CA SER C 1141 30.74 24.18 -2.77
C SER C 1141 29.49 24.11 -3.64
N ALA C 1142 29.67 24.28 -4.93
CA ALA C 1142 28.60 24.21 -5.92
C ALA C 1142 28.87 23.03 -6.86
N MET C 1143 28.07 22.95 -7.92
CA MET C 1143 28.24 21.86 -8.89
C MET C 1143 29.62 21.91 -9.54
N LYS C 1144 29.99 23.04 -10.14
CA LYS C 1144 31.36 23.23 -10.63
C LYS C 1144 31.83 24.66 -10.40
N MET C 1145 31.46 25.25 -9.26
CA MET C 1145 31.91 26.60 -8.94
C MET C 1145 32.18 26.72 -7.45
N GLU C 1146 32.97 27.72 -7.09
CA GLU C 1146 33.23 28.06 -5.70
C GLU C 1146 32.39 29.26 -5.32
N THR C 1147 31.69 29.16 -4.18
CA THR C 1147 30.82 30.22 -3.70
C THR C 1147 31.39 30.77 -2.39
N VAL C 1148 31.60 32.08 -2.35
CA VAL C 1148 32.18 32.75 -1.18
C VAL C 1148 31.09 33.64 -0.58
N VAL C 1149 30.76 33.40 0.68
CA VAL C 1149 29.73 34.17 1.37
C VAL C 1149 30.37 35.37 2.05
N THR C 1150 29.72 36.53 1.93
CA THR C 1150 30.19 37.77 2.53
C THR C 1150 29.30 38.12 3.71
N SER C 1151 29.91 38.60 4.79
CA SER C 1151 29.17 38.92 6.00
C SER C 1151 28.21 40.09 5.73
N PRO C 1152 26.90 39.91 5.94
CA PRO C 1152 25.98 41.02 5.65
C PRO C 1152 26.07 42.16 6.64
N MET C 1153 26.28 41.88 7.92
CA MET C 1153 26.28 42.92 8.94
C MET C 1153 27.12 42.44 10.12
N GLU C 1154 27.40 43.36 11.04
CA GLU C 1154 28.29 43.09 12.17
C GLU C 1154 27.48 42.74 13.41
N GLY C 1155 27.87 41.67 14.08
CA GLY C 1155 27.18 41.24 15.28
C GLY C 1155 27.90 40.12 16.00
N THR C 1156 27.22 39.46 16.93
CA THR C 1156 27.80 38.39 17.73
C THR C 1156 26.96 37.13 17.58
N VAL C 1157 27.64 35.99 17.44
CA VAL C 1157 26.95 34.70 17.39
C VAL C 1157 26.98 34.07 18.77
N ARG C 1158 25.81 33.65 19.25
CA ARG C 1158 25.68 33.14 20.61
C ARG C 1158 26.12 31.68 20.71
N LYS C 1159 25.42 30.79 19.99
CA LYS C 1159 25.72 29.38 20.06
C LYS C 1159 25.45 28.74 18.70
N VAL C 1160 26.35 27.86 18.28
CA VAL C 1160 26.24 27.17 17.00
C VAL C 1160 26.03 25.69 17.28
N HIS C 1161 24.98 25.12 16.68
CA HIS C 1161 24.65 23.71 16.86
C HIS C 1161 25.32 22.84 15.80
N VAL C 1162 25.06 23.14 14.53
CA VAL C 1162 25.68 22.40 13.43
C VAL C 1162 27.09 22.90 13.22
N THR C 1163 28.07 21.99 13.34
CA THR C 1163 29.47 22.40 13.26
C THR C 1163 30.05 22.24 11.85
N LYS C 1164 30.07 21.01 11.33
CA LYS C 1164 30.77 20.74 10.09
C LYS C 1164 30.50 19.30 9.68
N ASP C 1165 30.69 19.02 8.38
CA ASP C 1165 30.68 17.65 7.84
C ASP C 1165 29.31 17.00 8.01
N MET C 1166 28.28 17.75 7.60
CA MET C 1166 26.91 17.25 7.59
C MET C 1166 26.11 17.99 6.53
N THR C 1167 25.09 17.32 6.00
CA THR C 1167 24.35 17.81 4.85
C THR C 1167 23.21 18.72 5.31
N LEU C 1168 23.13 19.91 4.71
CA LEU C 1168 22.06 20.86 4.98
C LEU C 1168 21.33 21.18 3.69
N GLU C 1169 20.05 21.50 3.80
CA GLU C 1169 19.27 21.97 2.67
C GLU C 1169 19.22 23.50 2.68
N GLY C 1170 18.45 24.05 1.75
CA GLY C 1170 18.37 25.49 1.58
C GLY C 1170 17.89 26.25 2.81
N ASP C 1171 18.63 27.30 3.18
CA ASP C 1171 18.24 28.21 4.26
C ASP C 1171 18.07 27.46 5.59
N ASP C 1172 19.16 26.90 6.08
CA ASP C 1172 19.19 26.18 7.35
C ASP C 1172 20.05 26.93 8.37
N LEU C 1173 19.62 26.88 9.62
CA LEU C 1173 20.29 27.62 10.68
C LEU C 1173 21.56 26.91 11.12
N ILE C 1174 22.71 27.55 10.93
CA ILE C 1174 23.99 27.08 11.44
C ILE C 1174 24.55 28.12 12.39
N LEU C 1175 24.40 29.39 12.04
CA LEU C 1175 24.87 30.50 12.87
C LEU C 1175 23.71 31.47 13.09
N GLU C 1176 23.65 32.04 14.29
CA GLU C 1176 22.67 33.06 14.63
C GLU C 1176 23.41 34.35 14.96
N ILE C 1177 23.14 35.40 14.19
CA ILE C 1177 23.82 36.67 14.34
C ILE C 1177 22.99 37.57 15.24
N GLU C 1178 23.67 38.46 15.97
CA GLU C 1178 22.98 39.42 16.84
C GLU C 1178 23.41 40.85 16.50
N LEU D 32 -5.69 32.66 -55.29
CA LEU D 32 -6.54 33.80 -55.60
C LEU D 32 -7.61 33.99 -54.53
N GLU D 33 -8.20 32.90 -54.09
CA GLU D 33 -9.22 32.91 -53.04
C GLU D 33 -8.61 32.39 -51.76
N TYR D 34 -8.76 33.17 -50.68
CA TYR D 34 -8.16 32.84 -49.40
C TYR D 34 -9.21 32.94 -48.31
N LYS D 35 -9.37 31.86 -47.55
CA LYS D 35 -10.28 31.84 -46.40
C LYS D 35 -9.52 31.22 -45.23
N PRO D 36 -8.99 32.05 -44.32
CA PRO D 36 -8.19 31.51 -43.21
C PRO D 36 -8.99 30.55 -42.35
N ILE D 37 -8.30 29.53 -41.85
CA ILE D 37 -8.90 28.49 -41.01
C ILE D 37 -8.55 28.78 -39.57
N LYS D 38 -9.55 28.80 -38.70
CA LYS D 38 -9.31 29.12 -37.29
C LYS D 38 -9.05 27.87 -36.47
N LYS D 39 -9.80 26.80 -36.71
CA LYS D 39 -9.58 25.54 -36.02
C LYS D 39 -9.95 24.39 -36.93
N VAL D 40 -9.41 23.21 -36.62
CA VAL D 40 -9.58 22.01 -37.41
C VAL D 40 -9.89 20.85 -36.48
N MET D 41 -10.83 20.00 -36.87
CA MET D 41 -11.18 18.81 -36.12
C MET D 41 -10.84 17.58 -36.93
N VAL D 42 -10.19 16.61 -36.28
CA VAL D 42 -9.73 15.38 -36.92
C VAL D 42 -10.72 14.26 -36.61
N ALA D 43 -11.00 13.42 -37.61
CA ALA D 43 -11.99 12.37 -37.52
C ALA D 43 -11.35 10.98 -37.56
N ASN D 44 -10.24 10.82 -36.85
CA ASN D 44 -9.52 9.55 -36.81
C ASN D 44 -8.96 9.36 -35.41
N ARG D 45 -8.07 8.38 -35.27
CA ARG D 45 -7.40 8.11 -34.02
C ARG D 45 -6.04 7.47 -34.32
N GLY D 46 -5.16 7.52 -33.34
CA GLY D 46 -3.86 6.89 -33.45
C GLY D 46 -2.78 7.90 -33.85
N GLU D 47 -1.82 7.44 -34.65
CA GLU D 47 -0.65 8.27 -34.95
C GLU D 47 -0.98 9.36 -35.97
N ILE D 48 -1.94 9.11 -36.86
CA ILE D 48 -2.28 10.11 -37.86
C ILE D 48 -2.88 11.34 -37.21
N ALA D 49 -3.71 11.15 -36.18
CA ALA D 49 -4.26 12.28 -35.45
C ALA D 49 -3.15 13.08 -34.78
N ILE D 50 -2.15 12.40 -34.21
CA ILE D 50 -1.04 13.08 -33.58
C ILE D 50 -0.26 13.90 -34.60
N ARG D 51 -0.02 13.31 -35.78
CA ARG D 51 0.70 14.01 -36.83
C ARG D 51 -0.04 15.28 -37.26
N VAL D 52 -1.35 15.16 -37.48
CA VAL D 52 -2.14 16.32 -37.89
C VAL D 52 -2.16 17.37 -36.78
N PHE D 53 -2.27 16.93 -35.52
CA PHE D 53 -2.26 17.89 -34.41
C PHE D 53 -0.95 18.66 -34.38
N ARG D 54 0.17 17.97 -34.53
CA ARG D 54 1.46 18.65 -34.53
C ARG D 54 1.55 19.65 -35.68
N ALA D 55 1.11 19.23 -36.88
CA ALA D 55 1.18 20.12 -38.03
C ALA D 55 0.33 21.37 -37.83
N CYS D 56 -0.87 21.21 -37.25
CA CYS D 56 -1.74 22.35 -37.02
C CYS D 56 -1.17 23.26 -35.94
N THR D 57 -0.68 22.70 -34.84
CA THR D 57 -0.11 23.52 -33.78
C THR D 57 1.10 24.30 -34.28
N GLU D 58 1.87 23.73 -35.19
CA GLU D 58 2.99 24.46 -35.77
C GLU D 58 2.54 25.70 -36.54
N LEU D 59 1.28 25.73 -37.00
CA LEU D 59 0.73 26.88 -37.71
C LEU D 59 -0.16 27.75 -36.83
N GLY D 60 -0.18 27.52 -35.52
CA GLY D 60 -1.00 28.33 -34.64
C GLY D 60 -2.49 28.19 -34.89
N ILE D 61 -2.97 26.96 -35.04
CA ILE D 61 -4.38 26.68 -35.30
C ILE D 61 -4.92 25.84 -34.15
N ARG D 62 -6.07 26.24 -33.63
CA ARG D 62 -6.70 25.47 -32.56
C ARG D 62 -7.10 24.09 -33.06
N THR D 63 -7.08 23.12 -32.15
CA THR D 63 -7.33 21.72 -32.49
C THR D 63 -8.50 21.19 -31.70
N VAL D 64 -9.40 20.48 -32.37
CA VAL D 64 -10.55 19.83 -31.75
C VAL D 64 -10.47 18.34 -32.05
N ALA D 65 -10.59 17.52 -31.01
CA ALA D 65 -10.46 16.08 -31.15
C ALA D 65 -11.74 15.38 -30.71
N ILE D 66 -11.95 14.19 -31.27
CA ILE D 66 -13.09 13.35 -30.95
C ILE D 66 -12.57 12.00 -30.50
N TYR D 67 -13.34 11.32 -29.65
CA TYR D 67 -12.94 10.01 -29.17
C TYR D 67 -14.19 9.22 -28.78
N SER D 68 -14.04 7.90 -28.78
CA SER D 68 -15.11 6.99 -28.42
C SER D 68 -15.03 6.65 -26.94
N GLU D 69 -16.08 5.99 -26.45
CA GLU D 69 -16.12 5.63 -25.04
C GLU D 69 -15.03 4.65 -24.66
N GLN D 70 -14.85 3.59 -25.47
CA GLN D 70 -13.82 2.61 -25.17
C GLN D 70 -12.42 3.21 -25.28
N ASP D 71 -12.19 4.03 -26.29
CA ASP D 71 -10.88 4.64 -26.52
C ASP D 71 -10.72 5.92 -25.70
N THR D 72 -10.75 5.77 -24.38
CA THR D 72 -10.66 6.92 -23.48
C THR D 72 -9.28 7.14 -22.90
N GLY D 73 -8.44 6.10 -22.84
CA GLY D 73 -7.09 6.22 -22.35
C GLY D 73 -6.04 6.45 -23.41
N GLN D 74 -6.44 6.73 -24.64
CA GLN D 74 -5.49 6.93 -25.73
C GLN D 74 -4.78 8.27 -25.56
N MET D 75 -3.64 8.39 -26.22
CA MET D 75 -2.83 9.61 -26.16
C MET D 75 -3.22 10.65 -27.19
N HIS D 76 -4.06 10.31 -28.17
CA HIS D 76 -4.44 11.29 -29.19
C HIS D 76 -5.36 12.36 -28.65
N ARG D 77 -6.19 12.05 -27.65
CA ARG D 77 -7.11 13.01 -27.07
C ARG D 77 -6.43 13.91 -26.04
N GLN D 78 -5.17 13.64 -25.71
CA GLN D 78 -4.45 14.42 -24.72
C GLN D 78 -3.53 15.47 -25.32
N LYS D 79 -3.26 15.40 -26.63
CA LYS D 79 -2.40 16.36 -27.30
C LYS D 79 -3.22 17.35 -28.12
N ALA D 80 -4.49 17.51 -27.79
CA ALA D 80 -5.39 18.41 -28.50
C ALA D 80 -6.06 19.35 -27.51
N ASP D 81 -6.37 20.55 -27.99
CA ASP D 81 -6.97 21.56 -27.12
C ASP D 81 -8.39 21.18 -26.71
N GLU D 82 -9.11 20.48 -27.60
CA GLU D 82 -10.51 20.18 -27.37
C GLU D 82 -10.75 18.69 -27.57
N ALA D 83 -11.57 18.11 -26.69
CA ALA D 83 -11.92 16.70 -26.78
C ALA D 83 -13.40 16.51 -26.44
N TYR D 84 -14.10 15.75 -27.28
CA TYR D 84 -15.51 15.49 -27.09
C TYR D 84 -15.81 14.01 -27.29
N LEU D 85 -16.86 13.52 -26.63
CA LEU D 85 -17.25 12.09 -26.75
C LEU D 85 -18.19 11.91 -27.96
N ILE D 86 -18.06 10.78 -28.68
CA ILE D 86 -18.95 10.48 -29.85
C ILE D 86 -19.33 9.00 -29.82
N GLY D 87 -20.38 8.62 -30.56
CA GLY D 87 -20.82 7.20 -30.60
C GLY D 87 -21.00 6.64 -29.21
N ARG D 88 -21.92 7.22 -28.43
CA ARG D 88 -22.12 6.78 -27.02
C ARG D 88 -22.53 5.31 -26.96
N GLY D 89 -23.70 4.96 -27.53
CA GLY D 89 -24.19 3.60 -27.42
C GLY D 89 -23.79 2.69 -28.57
N LEU D 90 -23.09 3.23 -29.56
CA LEU D 90 -22.77 2.47 -30.75
C LEU D 90 -21.65 1.46 -30.48
N ALA D 91 -21.42 0.60 -31.46
CA ALA D 91 -20.32 -0.35 -31.38
C ALA D 91 -18.98 0.37 -31.48
N PRO D 92 -17.94 -0.13 -30.80
CA PRO D 92 -16.67 0.60 -30.77
C PRO D 92 -16.04 0.83 -32.13
N VAL D 93 -16.16 -0.13 -33.05
CA VAL D 93 -15.52 0.01 -34.35
C VAL D 93 -16.26 1.01 -35.23
N GLN D 94 -17.59 1.05 -35.12
CA GLN D 94 -18.39 1.92 -35.97
C GLN D 94 -18.77 3.22 -35.29
N ALA D 95 -18.23 3.50 -34.10
CA ALA D 95 -18.45 4.78 -33.46
C ALA D 95 -17.88 5.91 -34.30
N TYR D 96 -16.73 5.69 -34.92
CA TYR D 96 -16.11 6.68 -35.80
C TYR D 96 -16.74 6.72 -37.19
N LEU D 97 -17.88 6.08 -37.37
CA LEU D 97 -18.50 5.99 -38.70
C LEU D 97 -19.88 6.65 -38.73
N HIS D 98 -20.25 7.37 -37.68
CA HIS D 98 -21.56 8.02 -37.59
C HIS D 98 -21.41 9.45 -38.09
N ILE D 99 -21.79 9.68 -39.35
CA ILE D 99 -21.68 11.02 -39.92
C ILE D 99 -22.52 12.05 -39.18
N PRO D 100 -23.80 11.81 -38.86
CA PRO D 100 -24.59 12.86 -38.19
C PRO D 100 -23.99 13.36 -36.89
N ASP D 101 -23.45 12.45 -36.07
CA ASP D 101 -22.85 12.88 -34.80
C ASP D 101 -21.63 13.75 -35.02
N ILE D 102 -20.77 13.37 -35.97
CA ILE D 102 -19.59 14.17 -36.27
C ILE D 102 -19.99 15.55 -36.79
N ILE D 103 -21.00 15.60 -37.66
CA ILE D 103 -21.47 16.87 -38.20
C ILE D 103 -22.01 17.75 -37.07
N LYS D 104 -22.81 17.16 -36.17
CA LYS D 104 -23.38 17.94 -35.08
C LYS D 104 -22.29 18.47 -34.16
N VAL D 105 -21.28 17.66 -33.87
CA VAL D 105 -20.18 18.12 -33.01
C VAL D 105 -19.41 19.24 -33.69
N ALA D 106 -19.10 19.08 -34.98
CA ALA D 106 -18.30 20.09 -35.67
C ALA D 106 -19.04 21.41 -35.81
N LYS D 107 -20.35 21.35 -36.11
CA LYS D 107 -21.10 22.57 -36.33
C LYS D 107 -21.20 23.41 -35.06
N GLU D 108 -21.35 22.75 -33.92
CA GLU D 108 -21.60 23.47 -32.67
C GLU D 108 -20.37 24.25 -32.21
N ASN D 109 -19.18 23.65 -32.31
CA ASN D 109 -17.96 24.23 -31.77
C ASN D 109 -17.24 25.15 -32.75
N ASN D 110 -17.93 25.62 -33.79
CA ASN D 110 -17.38 26.60 -34.73
C ASN D 110 -16.13 26.07 -35.42
N VAL D 111 -16.22 24.86 -35.94
CA VAL D 111 -15.11 24.23 -36.66
C VAL D 111 -15.12 24.72 -38.10
N ASP D 112 -13.93 24.87 -38.68
CA ASP D 112 -13.78 25.38 -40.04
C ASP D 112 -13.50 24.28 -41.06
N ALA D 113 -12.62 23.34 -40.75
CA ALA D 113 -12.25 22.29 -41.69
C ALA D 113 -12.03 20.99 -40.94
N VAL D 114 -12.10 19.88 -41.69
CA VAL D 114 -11.94 18.54 -41.12
C VAL D 114 -10.89 17.79 -41.93
N HIS D 115 -10.02 17.09 -41.22
CA HIS D 115 -9.05 16.20 -41.86
C HIS D 115 -9.48 14.76 -41.66
N PRO D 116 -9.83 14.04 -42.71
CA PRO D 116 -10.35 12.67 -42.53
C PRO D 116 -9.28 11.68 -42.13
N GLY D 117 -8.05 11.87 -42.63
CA GLY D 117 -6.96 10.95 -42.36
C GLY D 117 -6.95 9.78 -43.33
N TYR D 118 -6.96 8.56 -42.81
CA TYR D 118 -7.02 7.38 -43.67
C TYR D 118 -7.70 6.25 -42.93
N GLY D 119 -8.32 5.35 -43.68
CA GLY D 119 -8.79 4.09 -43.13
C GLY D 119 -10.25 4.06 -42.73
N PHE D 120 -10.75 5.14 -42.11
CA PHE D 120 -12.08 5.12 -41.53
C PHE D 120 -13.13 5.73 -42.46
N LEU D 121 -12.91 6.97 -42.92
CA LEU D 121 -13.90 7.65 -43.74
C LEU D 121 -13.28 8.39 -44.92
N SER D 122 -12.06 8.05 -45.32
CA SER D 122 -11.43 8.76 -46.43
C SER D 122 -12.13 8.45 -47.76
N GLU D 123 -12.50 7.19 -47.98
CA GLU D 123 -13.10 6.78 -49.24
C GLU D 123 -14.58 7.08 -49.33
N ARG D 124 -15.25 7.36 -48.22
CA ARG D 124 -16.70 7.54 -48.25
C ARG D 124 -17.06 8.87 -48.90
N ALA D 125 -17.82 8.81 -49.98
CA ALA D 125 -18.24 10.01 -50.69
C ALA D 125 -19.39 10.73 -50.01
N ASP D 126 -20.25 10.01 -49.28
CA ASP D 126 -21.35 10.65 -48.58
C ASP D 126 -20.86 11.57 -47.47
N PHE D 127 -19.79 11.19 -46.77
CA PHE D 127 -19.26 12.02 -45.69
C PHE D 127 -18.76 13.35 -46.22
N ALA D 128 -18.05 13.34 -47.36
CA ALA D 128 -17.58 14.58 -47.95
C ALA D 128 -18.74 15.47 -48.37
N GLN D 129 -19.78 14.88 -48.94
CA GLN D 129 -20.95 15.65 -49.34
C GLN D 129 -21.65 16.26 -48.12
N ALA D 130 -21.77 15.49 -47.04
CA ALA D 130 -22.38 16.02 -45.82
C ALA D 130 -21.57 17.17 -45.25
N CYS D 131 -20.23 17.04 -45.26
CA CYS D 131 -19.39 18.13 -44.79
C CYS D 131 -19.56 19.37 -45.66
N GLN D 132 -19.65 19.18 -46.98
CA GLN D 132 -19.87 20.32 -47.87
C GLN D 132 -21.23 20.96 -47.62
N ASP D 133 -22.23 20.17 -47.23
CA ASP D 133 -23.57 20.71 -47.04
C ASP D 133 -23.69 21.55 -45.78
N ALA D 134 -22.87 21.30 -44.76
CA ALA D 134 -22.96 22.02 -43.50
C ALA D 134 -22.04 23.23 -43.45
N GLY D 135 -21.39 23.57 -44.54
CA GLY D 135 -20.48 24.71 -44.56
C GLY D 135 -19.09 24.43 -44.03
N VAL D 136 -18.81 23.21 -43.61
CA VAL D 136 -17.50 22.86 -43.10
C VAL D 136 -16.62 22.42 -44.26
N ARG D 137 -15.38 22.91 -44.26
CA ARG D 137 -14.45 22.56 -45.32
C ARG D 137 -13.95 21.13 -45.16
N PHE D 138 -13.75 20.45 -46.28
CA PHE D 138 -13.23 19.09 -46.31
C PHE D 138 -11.87 19.10 -46.97
N ILE D 139 -10.86 18.59 -46.26
CA ILE D 139 -9.49 18.60 -46.76
C ILE D 139 -9.28 17.36 -47.60
N GLY D 140 -9.13 17.54 -48.91
CA GLY D 140 -8.95 16.45 -49.83
C GLY D 140 -9.55 16.75 -51.20
N PRO D 141 -9.76 15.71 -51.99
CA PRO D 141 -10.39 15.91 -53.30
C PRO D 141 -11.90 16.06 -53.17
N SER D 142 -12.50 16.57 -54.24
CA SER D 142 -13.95 16.77 -54.27
C SER D 142 -14.66 15.42 -54.24
N PRO D 143 -15.90 15.38 -53.72
CA PRO D 143 -16.62 14.10 -53.66
C PRO D 143 -16.84 13.46 -55.02
N GLU D 144 -17.00 14.26 -56.07
CA GLU D 144 -17.15 13.69 -57.40
C GLU D 144 -15.92 12.90 -57.82
N VAL D 145 -14.73 13.44 -57.54
CA VAL D 145 -13.50 12.72 -57.88
C VAL D 145 -13.39 11.43 -57.08
N VAL D 146 -13.75 11.47 -55.80
CA VAL D 146 -13.70 10.27 -54.97
C VAL D 146 -14.63 9.20 -55.52
N ARG D 147 -15.85 9.59 -55.90
CA ARG D 147 -16.78 8.63 -56.48
C ARG D 147 -16.26 8.11 -57.83
N LYS D 148 -15.61 8.98 -58.60
CA LYS D 148 -15.02 8.56 -59.87
C LYS D 148 -13.97 7.48 -59.65
N MET D 149 -13.13 7.66 -58.62
CA MET D 149 -12.23 6.58 -58.23
C MET D 149 -13.02 5.34 -57.83
N GLY D 150 -13.78 5.44 -56.74
CA GLY D 150 -14.84 4.50 -56.39
C GLY D 150 -14.56 3.04 -56.63
N ASP D 151 -15.34 2.42 -57.51
CA ASP D 151 -15.21 1.01 -57.81
C ASP D 151 -14.14 0.81 -58.90
N LYS D 152 -13.96 -0.43 -59.34
CA LYS D 152 -12.84 -0.75 -60.21
C LYS D 152 -13.15 -0.57 -61.69
N VAL D 153 -14.40 -0.72 -62.11
CA VAL D 153 -14.71 -0.67 -63.53
C VAL D 153 -14.52 0.73 -64.09
N GLU D 154 -14.87 1.76 -63.31
CA GLU D 154 -14.66 3.13 -63.77
C GLU D 154 -13.18 3.45 -63.90
N ALA D 155 -12.37 3.00 -62.93
CA ALA D 155 -10.93 3.19 -63.04
C ALA D 155 -10.37 2.44 -64.24
N ARG D 156 -10.86 1.22 -64.49
CA ARG D 156 -10.50 0.47 -65.68
C ARG D 156 -10.74 1.31 -66.93
N ALA D 157 -11.97 1.84 -67.06
CA ALA D 157 -12.34 2.59 -68.25
C ALA D 157 -11.50 3.86 -68.39
N ILE D 158 -11.25 4.55 -67.29
CA ILE D 158 -10.48 5.80 -67.34
C ILE D 158 -9.05 5.51 -67.76
N ALA D 159 -8.46 4.44 -67.22
CA ALA D 159 -7.09 4.06 -67.65
C ALA D 159 -7.05 3.90 -69.17
N ILE D 160 -7.94 3.07 -69.74
CA ILE D 160 -7.91 2.80 -71.21
C ILE D 160 -8.23 4.06 -72.02
N ALA D 161 -9.24 4.84 -71.62
CA ALA D 161 -9.65 6.02 -72.43
C ALA D 161 -8.53 7.06 -72.51
N ALA D 162 -7.88 7.35 -71.39
CA ALA D 162 -6.76 8.32 -71.35
C ALA D 162 -5.89 7.89 -70.17
N GLY D 163 -4.70 7.36 -70.43
CA GLY D 163 -3.93 6.78 -69.32
C GLY D 163 -2.85 5.83 -69.78
N VAL D 164 -2.28 5.06 -68.85
CA VAL D 164 -1.16 4.12 -69.17
C VAL D 164 -1.74 2.72 -69.47
N PRO D 165 -1.04 1.75 -70.13
CA PRO D 165 -1.62 0.41 -70.31
C PRO D 165 -1.94 -0.24 -68.96
N VAL D 166 -2.80 -1.25 -69.02
CA VAL D 166 -3.25 -1.96 -67.84
C VAL D 166 -3.16 -3.45 -68.13
N VAL D 167 -3.07 -4.24 -67.05
CA VAL D 167 -2.96 -5.69 -67.18
C VAL D 167 -4.19 -6.23 -67.91
N PRO D 168 -4.04 -7.13 -68.88
CA PRO D 168 -5.21 -7.69 -69.54
C PRO D 168 -6.12 -8.41 -68.55
N GLY D 169 -7.43 -8.27 -68.77
CA GLY D 169 -8.41 -8.84 -67.86
C GLY D 169 -9.80 -8.54 -68.35
N THR D 170 -10.77 -9.08 -67.62
CA THR D 170 -12.18 -8.92 -67.99
C THR D 170 -12.73 -7.64 -67.37
N ASP D 171 -13.29 -6.77 -68.20
CA ASP D 171 -13.88 -5.53 -67.69
C ASP D 171 -15.12 -5.81 -66.86
N ALA D 172 -16.03 -6.60 -67.38
CA ALA D 172 -17.25 -6.90 -66.65
C ALA D 172 -16.99 -7.94 -65.56
N PRO D 173 -17.79 -7.93 -64.50
CA PRO D 173 -17.69 -9.02 -63.51
C PRO D 173 -18.05 -10.36 -64.12
N ILE D 174 -17.46 -11.42 -63.57
CA ILE D 174 -17.60 -12.77 -64.10
C ILE D 174 -18.47 -13.59 -63.15
N THR D 175 -19.51 -14.21 -63.70
CA THR D 175 -20.35 -15.14 -62.95
C THR D 175 -20.63 -16.44 -63.69
N SER D 176 -20.08 -16.63 -64.89
CA SER D 176 -20.36 -17.80 -65.70
C SER D 176 -19.13 -18.71 -65.81
N LEU D 177 -19.39 -20.01 -65.79
CA LEU D 177 -18.32 -20.99 -66.04
C LEU D 177 -17.78 -20.83 -67.46
N HIS D 178 -18.66 -20.57 -68.43
CA HIS D 178 -18.22 -20.38 -69.80
C HIS D 178 -17.29 -19.17 -69.92
N GLU D 179 -17.59 -18.09 -69.19
CA GLU D 179 -16.72 -16.92 -69.24
C GLU D 179 -15.32 -17.25 -68.74
N ALA D 180 -15.22 -17.92 -67.59
CA ALA D 180 -13.92 -18.29 -67.05
C ALA D 180 -13.19 -19.23 -68.00
N HIS D 181 -13.89 -20.23 -68.53
CA HIS D 181 -13.27 -21.16 -69.46
C HIS D 181 -12.75 -20.44 -70.71
N GLU D 182 -13.55 -19.53 -71.25
CA GLU D 182 -13.16 -18.85 -72.48
C GLU D 182 -11.97 -17.93 -72.26
N PHE D 183 -11.98 -17.15 -71.18
CA PHE D 183 -10.87 -16.24 -70.96
C PHE D 183 -9.62 -16.98 -70.47
N SER D 184 -9.79 -18.19 -69.93
CA SER D 184 -8.62 -19.03 -69.70
C SER D 184 -8.06 -19.54 -71.02
N ASN D 185 -8.94 -19.90 -71.95
CA ASN D 185 -8.50 -20.35 -73.27
C ASN D 185 -7.78 -19.24 -74.02
N THR D 186 -8.27 -18.01 -73.93
CA THR D 186 -7.81 -16.95 -74.83
C THR D 186 -6.42 -16.45 -74.49
N TYR D 187 -6.25 -15.85 -73.31
CA TYR D 187 -4.99 -15.19 -72.99
C TYR D 187 -3.96 -16.18 -72.46
N GLY D 188 -4.25 -16.84 -71.35
CA GLY D 188 -3.27 -17.73 -70.75
C GLY D 188 -3.88 -18.53 -69.62
N PHE D 189 -3.08 -19.48 -69.15
CA PHE D 189 -3.51 -20.45 -68.15
C PHE D 189 -3.47 -19.90 -66.73
N PRO D 190 -2.39 -19.24 -66.28
CA PRO D 190 -2.39 -18.71 -64.91
C PRO D 190 -3.25 -17.46 -64.82
N ILE D 191 -4.31 -17.52 -64.02
CA ILE D 191 -5.25 -16.41 -63.85
C ILE D 191 -5.51 -16.22 -62.37
N ILE D 192 -5.91 -15.01 -62.00
CA ILE D 192 -6.19 -14.65 -60.62
C ILE D 192 -7.66 -14.25 -60.50
N PHE D 193 -8.31 -14.71 -59.44
CA PHE D 193 -9.68 -14.31 -59.15
C PHE D 193 -9.67 -13.14 -58.18
N LYS D 194 -10.27 -12.03 -58.56
CA LYS D 194 -10.31 -10.82 -57.75
C LYS D 194 -11.77 -10.46 -57.47
N ALA D 195 -12.05 -10.07 -56.23
CA ALA D 195 -13.40 -9.74 -55.79
C ALA D 195 -13.59 -8.23 -55.78
N ALA D 196 -14.67 -7.77 -56.40
CA ALA D 196 -15.02 -6.36 -56.40
C ALA D 196 -16.00 -6.05 -55.27
N TYR D 197 -16.18 -4.76 -55.01
CA TYR D 197 -17.05 -4.27 -53.94
C TYR D 197 -16.65 -4.88 -52.59
N GLY D 198 -15.34 -4.94 -52.36
CA GLY D 198 -14.81 -5.46 -51.11
C GLY D 198 -13.35 -5.13 -50.93
N GLY D 199 -12.95 -4.88 -49.69
CA GLY D 199 -11.57 -4.56 -49.39
C GLY D 199 -10.79 -5.73 -48.83
N GLY D 200 -11.49 -6.78 -48.43
CA GLY D 200 -10.83 -7.95 -47.88
C GLY D 200 -10.03 -8.68 -48.94
N GLY D 201 -8.90 -9.27 -48.51
CA GLY D 201 -8.08 -10.05 -49.44
C GLY D 201 -8.57 -11.49 -49.54
N ARG D 202 -9.75 -11.77 -48.98
CA ARG D 202 -10.31 -13.15 -48.99
C ARG D 202 -10.56 -13.58 -50.44
N GLY D 203 -11.08 -12.68 -51.28
CA GLY D 203 -11.33 -12.99 -52.70
C GLY D 203 -10.08 -12.80 -53.54
N MET D 204 -9.12 -13.71 -53.42
CA MET D 204 -7.84 -13.62 -54.19
C MET D 204 -7.19 -15.00 -54.28
N ARG D 205 -7.64 -15.84 -55.23
CA ARG D 205 -7.08 -17.18 -55.34
C ARG D 205 -6.44 -17.33 -56.71
N VAL D 206 -5.53 -18.30 -56.81
CA VAL D 206 -4.69 -18.48 -57.98
C VAL D 206 -5.11 -19.77 -58.69
N VAL D 207 -5.04 -19.75 -60.02
CA VAL D 207 -5.37 -20.90 -60.85
C VAL D 207 -4.17 -21.23 -61.72
N HIS D 208 -3.83 -22.52 -61.79
CA HIS D 208 -2.74 -23.00 -62.62
C HIS D 208 -3.18 -23.92 -63.74
N SER D 209 -4.21 -24.76 -63.52
CA SER D 209 -4.62 -25.74 -64.50
C SER D 209 -6.13 -25.88 -64.50
N TYR D 210 -6.65 -26.53 -65.55
CA TYR D 210 -8.08 -26.74 -65.72
C TYR D 210 -8.70 -27.40 -64.48
N GLU D 211 -8.10 -28.50 -64.02
CA GLU D 211 -8.63 -29.21 -62.86
C GLU D 211 -8.66 -28.32 -61.63
N GLU D 212 -7.58 -27.57 -61.41
CA GLU D 212 -7.58 -26.61 -60.31
C GLU D 212 -8.50 -25.43 -60.62
N LEU D 213 -8.64 -25.07 -61.90
CA LEU D 213 -9.45 -23.92 -62.27
C LEU D 213 -10.90 -24.12 -61.86
N GLU D 214 -11.46 -25.30 -62.12
CA GLU D 214 -12.87 -25.53 -61.81
C GLU D 214 -13.15 -25.38 -60.32
N GLU D 215 -12.37 -26.07 -59.48
CA GLU D 215 -12.62 -26.04 -58.05
C GLU D 215 -12.32 -24.66 -57.47
N ASN D 216 -11.28 -23.99 -57.97
CA ASN D 216 -11.00 -22.63 -57.53
C ASN D 216 -12.15 -21.70 -57.84
N TYR D 217 -12.70 -21.80 -59.05
CA TYR D 217 -13.86 -21.00 -59.41
C TYR D 217 -15.03 -21.28 -58.49
N THR D 218 -15.28 -22.56 -58.21
CA THR D 218 -16.41 -22.92 -57.34
C THR D 218 -16.25 -22.30 -55.96
N ARG D 219 -15.10 -22.54 -55.31
CA ARG D 219 -14.92 -22.03 -53.95
C ARG D 219 -14.89 -20.50 -53.92
N ALA D 220 -14.22 -19.87 -54.90
CA ALA D 220 -14.13 -18.43 -54.90
C ALA D 220 -15.49 -17.79 -55.09
N TYR D 221 -16.29 -18.32 -56.01
CA TYR D 221 -17.63 -17.78 -56.23
C TYR D 221 -18.48 -17.96 -54.99
N SER D 222 -18.43 -19.15 -54.37
CA SER D 222 -19.23 -19.38 -53.18
C SER D 222 -18.84 -18.45 -52.04
N GLU D 223 -17.53 -18.29 -51.80
CA GLU D 223 -17.11 -17.46 -50.68
C GLU D 223 -17.38 -15.98 -50.96
N ALA D 224 -17.26 -15.55 -52.22
CA ALA D 224 -17.56 -14.16 -52.55
C ALA D 224 -19.04 -13.85 -52.36
N LEU D 225 -19.92 -14.78 -52.78
CA LEU D 225 -21.34 -14.55 -52.58
C LEU D 225 -21.75 -14.69 -51.11
N ALA D 226 -21.02 -15.47 -50.33
CA ALA D 226 -21.39 -15.72 -48.94
C ALA D 226 -20.89 -14.64 -48.00
N ALA D 227 -19.58 -14.39 -47.99
CA ALA D 227 -18.99 -13.45 -47.03
C ALA D 227 -19.48 -12.03 -47.28
N PHE D 228 -19.63 -11.65 -48.55
CA PHE D 228 -20.03 -10.31 -48.95
C PHE D 228 -21.34 -10.37 -49.72
N GLY D 229 -21.71 -9.25 -50.33
CA GLY D 229 -22.97 -9.18 -51.05
C GLY D 229 -22.80 -9.61 -52.49
N ASN D 230 -22.85 -8.67 -53.43
CA ASN D 230 -22.69 -9.03 -54.84
C ASN D 230 -21.31 -9.64 -55.10
N GLY D 231 -21.30 -10.74 -55.84
CA GLY D 231 -20.08 -11.48 -56.11
C GLY D 231 -19.41 -11.11 -57.42
N ALA D 232 -19.06 -9.84 -57.58
CA ALA D 232 -18.43 -9.37 -58.82
C ALA D 232 -16.98 -9.83 -58.82
N LEU D 233 -16.77 -11.07 -59.28
CA LEU D 233 -15.43 -11.63 -59.37
C LEU D 233 -14.77 -11.22 -60.69
N PHE D 234 -13.44 -11.14 -60.66
CA PHE D 234 -12.68 -10.68 -61.81
C PHE D 234 -11.65 -11.73 -62.22
N VAL D 235 -11.35 -11.75 -63.51
CA VAL D 235 -10.37 -12.66 -64.10
C VAL D 235 -9.24 -11.84 -64.68
N GLU D 236 -8.01 -12.09 -64.24
CA GLU D 236 -6.84 -11.38 -64.71
C GLU D 236 -5.63 -12.30 -64.68
N LYS D 237 -4.73 -12.11 -65.65
CA LYS D 237 -3.53 -12.93 -65.73
C LYS D 237 -2.58 -12.61 -64.59
N PHE D 238 -1.98 -13.65 -64.03
CA PHE D 238 -0.97 -13.51 -63.00
C PHE D 238 0.37 -13.14 -63.61
N ILE D 239 1.16 -12.37 -62.86
CA ILE D 239 2.50 -11.97 -63.28
C ILE D 239 3.49 -12.68 -62.36
N GLU D 240 4.52 -13.27 -62.97
CA GLU D 240 5.38 -14.23 -62.27
C GLU D 240 6.01 -13.62 -61.01
N LYS D 241 6.87 -12.62 -61.20
CA LYS D 241 7.53 -11.93 -60.09
C LYS D 241 7.09 -10.48 -60.13
N PRO D 242 5.93 -10.17 -59.56
CA PRO D 242 5.45 -8.78 -59.58
C PRO D 242 6.30 -7.89 -58.69
N ARG D 243 6.31 -6.61 -59.04
CA ARG D 243 7.13 -5.62 -58.30
C ARG D 243 6.46 -4.27 -58.52
N HIS D 244 5.72 -3.80 -57.52
CA HIS D 244 4.84 -2.65 -57.69
C HIS D 244 5.50 -1.38 -57.17
N ILE D 245 5.23 -0.26 -57.86
CA ILE D 245 5.85 1.02 -57.58
C ILE D 245 4.74 2.01 -57.24
N GLU D 246 4.90 2.73 -56.14
CA GLU D 246 3.95 3.76 -55.73
C GLU D 246 4.54 5.13 -56.03
N VAL D 247 3.76 5.98 -56.67
CA VAL D 247 4.15 7.35 -57.02
C VAL D 247 3.23 8.30 -56.28
N GLN D 248 3.82 9.32 -55.66
CA GLN D 248 3.08 10.26 -54.83
C GLN D 248 2.72 11.50 -55.65
N ILE D 249 1.45 11.89 -55.61
CA ILE D 249 0.91 12.94 -56.45
C ILE D 249 0.37 14.04 -55.54
N LEU D 250 0.74 15.28 -55.83
CA LEU D 250 0.25 16.46 -55.12
C LEU D 250 -0.30 17.45 -56.13
N GLY D 251 -1.46 18.03 -55.84
CA GLY D 251 -2.10 18.97 -56.74
C GLY D 251 -2.92 19.99 -55.99
N ASP D 252 -3.06 21.16 -56.61
CA ASP D 252 -3.79 22.28 -56.03
C ASP D 252 -5.05 22.55 -56.84
N GLN D 253 -5.72 23.65 -56.49
CA GLN D 253 -7.03 23.98 -57.06
C GLN D 253 -6.93 24.78 -58.37
N TYR D 254 -5.72 25.09 -58.84
CA TYR D 254 -5.54 25.87 -60.06
C TYR D 254 -4.92 25.02 -61.17
N GLY D 255 -5.12 23.72 -61.13
CA GLY D 255 -4.59 22.83 -62.16
C GLY D 255 -3.09 22.74 -62.20
N ASN D 256 -2.43 22.74 -61.05
CA ASN D 256 -1.00 22.52 -60.94
C ASN D 256 -0.76 21.25 -60.13
N ILE D 257 -0.05 20.30 -60.72
CA ILE D 257 0.16 18.99 -60.12
C ILE D 257 1.66 18.76 -59.98
N LEU D 258 2.08 18.36 -58.78
CA LEU D 258 3.49 18.11 -58.48
C LEU D 258 3.62 16.71 -57.91
N HIS D 259 4.34 15.85 -58.63
CA HIS D 259 4.67 14.53 -58.11
C HIS D 259 5.89 14.61 -57.20
N LEU D 260 5.90 13.82 -56.13
CA LEU D 260 7.02 13.88 -55.21
C LEU D 260 8.19 13.04 -55.70
N TYR D 261 8.00 11.71 -55.74
CA TYR D 261 8.82 10.66 -56.36
C TYR D 261 8.25 9.27 -56.06
N GLU D 262 8.85 8.26 -56.67
CA GLU D 262 8.38 6.89 -56.57
C GLU D 262 8.65 6.31 -55.18
N ARG D 263 8.29 5.04 -55.01
CA ARG D 263 8.49 4.31 -53.76
C ARG D 263 8.60 2.83 -54.08
N ASP D 264 9.07 2.06 -53.11
CA ASP D 264 9.19 0.61 -53.26
C ASP D 264 8.58 -0.05 -52.03
N CYS D 265 7.67 -1.00 -52.26
CA CYS D 265 7.13 -1.79 -51.18
C CYS D 265 7.01 -3.25 -51.60
N SER D 266 8.02 -3.75 -52.32
CA SER D 266 7.95 -5.11 -52.84
C SER D 266 7.91 -6.17 -51.74
N ILE D 267 8.30 -5.81 -50.52
CA ILE D 267 8.21 -6.74 -49.40
C ILE D 267 6.73 -6.92 -49.09
N GLN D 268 6.18 -8.08 -49.45
CA GLN D 268 4.74 -8.29 -49.43
C GLN D 268 4.47 -9.61 -48.73
N ARG D 269 3.88 -9.57 -47.54
CA ARG D 269 3.75 -10.78 -46.73
C ARG D 269 2.86 -11.78 -47.46
N ARG D 270 1.57 -11.48 -47.62
CA ARG D 270 0.81 -12.05 -48.73
C ARG D 270 0.25 -10.95 -49.62
N HIS D 271 -0.52 -10.00 -49.07
CA HIS D 271 -0.98 -8.85 -49.82
C HIS D 271 -1.03 -7.59 -48.95
N GLN D 272 -0.46 -7.64 -47.76
CA GLN D 272 -0.46 -6.51 -46.83
C GLN D 272 0.98 -6.08 -46.56
N LYS D 273 1.22 -4.77 -46.65
CA LYS D 273 2.57 -4.23 -46.62
C LYS D 273 3.21 -4.40 -45.24
N VAL D 274 4.54 -4.59 -45.23
CA VAL D 274 5.30 -4.66 -43.99
C VAL D 274 6.46 -3.69 -43.98
N VAL D 275 7.23 -3.59 -45.07
CA VAL D 275 8.45 -2.79 -45.11
C VAL D 275 8.47 -2.01 -46.42
N GLU D 276 8.93 -0.76 -46.36
CA GLU D 276 8.95 0.13 -47.51
C GLU D 276 10.31 0.81 -47.65
N ILE D 277 10.75 0.98 -48.89
CA ILE D 277 11.99 1.66 -49.23
C ILE D 277 11.66 2.78 -50.20
N ALA D 278 12.17 4.00 -49.92
CA ALA D 278 11.78 5.14 -50.76
C ALA D 278 12.44 5.10 -52.14
N PRO D 279 13.78 5.13 -52.27
CA PRO D 279 14.37 5.21 -53.61
C PRO D 279 14.13 3.91 -54.37
N ALA D 280 14.06 4.01 -55.69
CA ALA D 280 14.02 2.80 -56.52
C ALA D 280 15.30 2.01 -56.34
N ALA D 281 15.15 0.72 -56.03
CA ALA D 281 16.32 -0.13 -55.80
C ALA D 281 17.18 -0.24 -57.05
N HIS D 282 16.65 -0.85 -58.09
CA HIS D 282 17.31 -0.94 -59.39
C HIS D 282 16.27 -0.68 -60.46
N LEU D 283 16.07 0.60 -60.79
CA LEU D 283 15.12 1.00 -61.81
C LEU D 283 15.81 1.92 -62.79
N ASP D 284 15.62 1.68 -64.08
CA ASP D 284 16.23 2.53 -65.09
C ASP D 284 15.66 3.95 -65.02
N PRO D 285 16.50 4.97 -65.24
CA PRO D 285 15.98 6.35 -65.22
C PRO D 285 14.87 6.58 -66.24
N GLN D 286 14.96 5.93 -67.40
CA GLN D 286 13.91 6.07 -68.39
C GLN D 286 12.58 5.55 -67.86
N LEU D 287 12.59 4.44 -67.12
CA LEU D 287 11.34 3.88 -66.61
C LEU D 287 10.73 4.77 -65.54
N ARG D 288 11.57 5.32 -64.66
CA ARG D 288 11.02 6.22 -63.63
C ARG D 288 10.49 7.50 -64.26
N THR D 289 11.15 8.01 -65.30
CA THR D 289 10.62 9.16 -66.01
C THR D 289 9.28 8.83 -66.67
N ARG D 290 9.17 7.63 -67.24
CA ARG D 290 7.92 7.21 -67.85
C ARG D 290 6.81 7.12 -66.82
N LEU D 291 7.12 6.56 -65.64
CA LEU D 291 6.13 6.50 -64.58
C LEU D 291 5.69 7.90 -64.14
N THR D 292 6.65 8.81 -63.99
CA THR D 292 6.32 10.19 -63.66
C THR D 292 5.38 10.80 -64.68
N SER D 293 5.72 10.68 -65.95
CA SER D 293 4.90 11.28 -67.01
C SER D 293 3.50 10.68 -67.02
N ASP D 294 3.41 9.36 -66.91
CA ASP D 294 2.09 8.71 -66.95
C ASP D 294 1.24 9.09 -65.74
N SER D 295 1.85 9.14 -64.55
CA SER D 295 1.09 9.51 -63.36
C SER D 295 0.61 10.95 -63.44
N VAL D 296 1.46 11.86 -63.92
CA VAL D 296 1.05 13.25 -64.04
C VAL D 296 -0.06 13.39 -65.06
N LYS D 297 0.04 12.68 -66.19
CA LYS D 297 -1.01 12.72 -67.20
C LYS D 297 -2.32 12.21 -66.65
N LEU D 298 -2.27 11.09 -65.92
CA LEU D 298 -3.50 10.54 -65.35
C LEU D 298 -4.12 11.51 -64.34
N ALA D 299 -3.29 12.13 -63.50
CA ALA D 299 -3.82 13.07 -62.52
C ALA D 299 -4.46 14.28 -63.20
N LYS D 300 -3.82 14.81 -64.24
CA LYS D 300 -4.36 15.99 -64.92
C LYS D 300 -5.63 15.65 -65.67
N GLN D 301 -5.71 14.45 -66.25
CA GLN D 301 -6.90 14.09 -67.02
C GLN D 301 -8.14 14.06 -66.13
N VAL D 302 -8.04 13.46 -64.95
CA VAL D 302 -9.19 13.41 -64.05
C VAL D 302 -9.47 14.79 -63.47
N GLY D 303 -8.43 15.51 -63.06
CA GLY D 303 -8.61 16.77 -62.38
C GLY D 303 -8.52 16.61 -60.87
N TYR D 304 -7.46 15.94 -60.41
CA TYR D 304 -7.28 15.64 -58.96
C TYR D 304 -7.07 16.92 -58.11
N GLU D 305 -7.32 16.87 -56.79
CA GLU D 305 -7.27 18.14 -56.01
C GLU D 305 -6.40 18.10 -54.75
N ASN D 306 -5.83 16.96 -54.35
CA ASN D 306 -5.09 16.93 -53.06
C ASN D 306 -4.04 15.80 -53.04
N ALA D 307 -3.63 15.39 -51.83
CA ALA D 307 -2.68 14.27 -51.70
C ALA D 307 -3.17 13.07 -52.52
N GLY D 308 -2.45 12.70 -53.57
CA GLY D 308 -2.85 11.60 -54.46
C GLY D 308 -1.81 10.51 -54.46
N THR D 309 -2.18 9.31 -54.88
CA THR D 309 -1.24 8.16 -54.81
C THR D 309 -1.56 7.20 -55.96
N VAL D 310 -0.62 7.00 -56.88
CA VAL D 310 -0.90 6.18 -58.06
C VAL D 310 -0.04 4.92 -57.96
N GLU D 311 -0.68 3.76 -58.07
CA GLU D 311 -0.03 2.48 -57.87
C GLU D 311 0.16 1.77 -59.20
N PHE D 312 1.36 1.22 -59.41
CA PHE D 312 1.72 0.55 -60.65
C PHE D 312 2.12 -0.89 -60.36
N LEU D 313 2.60 -1.57 -61.41
CA LEU D 313 3.06 -2.96 -61.30
C LEU D 313 3.93 -3.24 -62.51
N VAL D 314 5.22 -3.54 -62.29
CA VAL D 314 6.17 -3.68 -63.37
C VAL D 314 6.63 -5.12 -63.47
N ASP D 315 6.99 -5.53 -64.68
CA ASP D 315 7.37 -6.91 -64.98
C ASP D 315 8.89 -7.03 -65.07
N ARG D 316 9.38 -8.26 -65.16
CA ARG D 316 10.83 -8.48 -65.27
C ARG D 316 11.39 -7.89 -66.55
N HIS D 317 10.68 -8.07 -67.66
CA HIS D 317 11.17 -7.56 -68.95
C HIS D 317 11.19 -6.04 -69.01
N GLY D 318 10.57 -5.35 -68.05
CA GLY D 318 10.55 -3.91 -68.05
C GLY D 318 9.26 -3.35 -68.59
N LYS D 319 8.14 -3.98 -68.23
CA LYS D 319 6.82 -3.56 -68.68
C LYS D 319 5.94 -3.32 -67.47
N HIS D 320 5.41 -2.11 -67.35
CA HIS D 320 4.56 -1.75 -66.22
C HIS D 320 3.08 -1.93 -66.58
N TYR D 321 2.27 -2.11 -65.55
CA TYR D 321 0.83 -2.29 -65.71
C TYR D 321 0.10 -1.56 -64.59
N PHE D 322 -0.85 -0.71 -64.96
CA PHE D 322 -1.60 0.06 -63.98
C PHE D 322 -2.49 -0.86 -63.14
N ILE D 323 -2.71 -0.47 -61.89
CA ILE D 323 -3.51 -1.26 -60.95
C ILE D 323 -4.70 -0.44 -60.42
N GLU D 324 -4.43 0.65 -59.71
CA GLU D 324 -5.48 1.44 -59.10
C GLU D 324 -4.90 2.77 -58.65
N VAL D 325 -5.79 3.64 -58.16
CA VAL D 325 -5.40 4.96 -57.68
C VAL D 325 -6.04 5.16 -56.32
N ASN D 326 -5.22 5.56 -55.33
CA ASN D 326 -5.73 5.85 -54.00
C ASN D 326 -5.99 7.35 -53.86
N SER D 327 -7.12 7.69 -53.25
CA SER D 327 -7.57 9.08 -53.17
C SER D 327 -7.20 9.76 -51.86
N ARG D 328 -6.50 9.08 -50.95
CA ARG D 328 -6.16 9.66 -49.66
C ARG D 328 -4.65 9.78 -49.53
N LEU D 329 -4.21 10.17 -48.33
CA LEU D 329 -2.81 10.25 -47.98
C LEU D 329 -2.38 8.94 -47.35
N GLN D 330 -1.38 8.29 -47.94
CA GLN D 330 -1.01 6.93 -47.56
C GLN D 330 -0.21 6.93 -46.26
N VAL D 331 -0.15 5.73 -45.65
CA VAL D 331 0.58 5.57 -44.41
C VAL D 331 2.08 5.76 -44.62
N GLU D 332 2.61 5.26 -45.74
CA GLU D 332 4.05 5.33 -46.02
C GLU D 332 4.46 6.68 -46.60
N HIS D 333 3.64 7.71 -46.42
CA HIS D 333 4.01 9.04 -46.90
C HIS D 333 5.22 9.59 -46.17
N THR D 334 5.38 9.24 -44.90
CA THR D 334 6.47 9.79 -44.11
C THR D 334 7.84 9.46 -44.70
N VAL D 335 7.93 8.35 -45.42
CA VAL D 335 9.22 7.92 -45.96
C VAL D 335 9.62 8.82 -47.13
N THR D 336 8.68 9.10 -48.03
CA THR D 336 8.92 10.08 -49.08
C THR D 336 9.11 11.48 -48.49
N GLU D 337 8.51 11.72 -47.32
CA GLU D 337 8.60 13.02 -46.67
C GLU D 337 10.02 13.39 -46.30
N GLU D 338 10.91 12.41 -46.13
CA GLU D 338 12.28 12.69 -45.69
C GLU D 338 13.28 12.80 -46.83
N ILE D 339 13.06 12.10 -47.94
CA ILE D 339 14.01 12.17 -49.04
C ILE D 339 13.99 13.55 -49.68
N THR D 340 12.82 14.17 -49.78
CA THR D 340 12.70 15.51 -50.34
C THR D 340 12.58 16.59 -49.28
N ASP D 341 12.41 16.22 -48.01
CA ASP D 341 12.27 17.18 -46.91
C ASP D 341 11.14 18.17 -47.17
N VAL D 342 9.99 17.64 -47.58
CA VAL D 342 8.79 18.43 -47.84
C VAL D 342 7.69 17.92 -46.94
N ASP D 343 7.07 18.83 -46.19
CA ASP D 343 6.00 18.46 -45.26
C ASP D 343 4.69 18.35 -46.02
N LEU D 344 4.08 17.15 -46.01
CA LEU D 344 2.87 16.93 -46.77
C LEU D 344 1.64 17.55 -46.11
N VAL D 345 1.53 17.47 -44.79
CA VAL D 345 0.36 18.01 -44.11
C VAL D 345 0.32 19.53 -44.25
N HIS D 346 1.48 20.17 -44.20
CA HIS D 346 1.55 21.61 -44.42
C HIS D 346 0.99 21.98 -45.79
N ALA D 347 1.40 21.26 -46.83
CA ALA D 347 0.89 21.52 -48.17
C ALA D 347 -0.59 21.21 -48.25
N GLN D 348 -1.05 20.16 -47.58
CA GLN D 348 -2.48 19.84 -47.57
C GLN D 348 -3.29 21.00 -47.02
N ILE D 349 -2.90 21.52 -45.86
CA ILE D 349 -3.66 22.60 -45.25
C ILE D 349 -3.55 23.88 -46.07
N HIS D 350 -2.36 24.14 -46.62
CA HIS D 350 -2.19 25.34 -47.45
C HIS D 350 -3.07 25.29 -48.69
N VAL D 351 -3.19 24.12 -49.31
CA VAL D 351 -4.11 23.96 -50.43
C VAL D 351 -5.55 24.09 -49.95
N ALA D 352 -5.84 23.60 -48.74
CA ALA D 352 -7.19 23.72 -48.20
C ALA D 352 -7.61 25.17 -48.04
N GLU D 353 -6.70 26.04 -47.61
CA GLU D 353 -7.01 27.47 -47.60
C GLU D 353 -7.25 27.98 -49.01
N GLY D 354 -6.46 27.50 -49.97
CA GLY D 354 -6.58 27.93 -51.35
C GLY D 354 -5.30 28.47 -51.96
N ARG D 355 -4.19 28.45 -51.24
CA ARG D 355 -2.94 28.97 -51.78
C ARG D 355 -2.43 28.09 -52.91
N SER D 356 -1.95 28.72 -53.97
CA SER D 356 -1.36 27.98 -55.08
C SER D 356 0.04 27.51 -54.71
N LEU D 357 0.45 26.40 -55.34
CA LEU D 357 1.76 25.81 -55.04
C LEU D 357 2.93 26.76 -55.30
N PRO D 358 2.99 27.51 -56.42
CA PRO D 358 4.14 28.40 -56.61
C PRO D 358 4.31 29.44 -55.52
N ASP D 359 3.23 29.88 -54.87
CA ASP D 359 3.36 30.80 -53.75
C ASP D 359 4.01 30.12 -52.54
N LEU D 360 3.91 28.81 -52.45
CA LEU D 360 4.57 28.05 -51.39
C LEU D 360 6.00 27.67 -51.75
N GLY D 361 6.47 28.03 -52.94
CA GLY D 361 7.81 27.68 -53.36
C GLY D 361 8.03 26.20 -53.55
N LEU D 362 7.07 25.49 -54.13
CA LEU D 362 7.18 24.06 -54.39
C LEU D 362 7.04 23.84 -55.89
N ARG D 363 8.15 23.54 -56.55
CA ARG D 363 8.14 23.28 -57.99
C ARG D 363 8.96 22.02 -58.27
N GLN D 364 8.92 21.60 -59.53
CA GLN D 364 9.66 20.41 -59.92
C GLN D 364 11.16 20.60 -59.76
N GLU D 365 11.66 21.78 -60.12
CA GLU D 365 13.10 22.02 -60.09
C GLU D 365 13.65 22.07 -58.67
N ASN D 366 12.82 22.46 -57.70
CA ASN D 366 13.30 22.65 -56.34
C ASN D 366 13.19 21.39 -55.49
N ILE D 367 12.80 20.26 -56.07
CA ILE D 367 12.70 19.00 -55.33
C ILE D 367 13.84 18.10 -55.76
N ARG D 368 14.56 17.54 -54.79
CA ARG D 368 15.74 16.73 -55.08
C ARG D 368 15.78 15.53 -54.15
N ILE D 369 16.51 14.51 -54.57
CA ILE D 369 16.73 13.30 -53.79
C ILE D 369 17.94 13.53 -52.88
N ASN D 370 17.84 13.06 -51.64
CA ASN D 370 18.97 13.16 -50.71
C ASN D 370 18.87 12.00 -49.72
N GLY D 371 19.66 10.96 -49.97
CA GLY D 371 19.77 9.85 -49.05
C GLY D 371 18.82 8.72 -49.36
N CYS D 372 18.64 7.85 -48.37
CA CYS D 372 17.74 6.71 -48.47
C CYS D 372 17.06 6.51 -47.13
N ALA D 373 15.86 5.94 -47.16
CA ALA D 373 15.06 5.75 -45.97
C ALA D 373 14.43 4.36 -45.98
N ILE D 374 14.15 3.86 -44.79
CA ILE D 374 13.53 2.54 -44.61
C ILE D 374 12.42 2.67 -43.57
N GLN D 375 11.31 1.98 -43.82
CA GLN D 375 10.13 2.05 -42.96
C GLN D 375 9.83 0.67 -42.40
N CYS D 376 9.53 0.61 -41.10
CA CYS D 376 9.06 -0.61 -40.48
C CYS D 376 7.97 -0.26 -39.48
N ARG D 377 7.01 -1.16 -39.30
CA ARG D 377 5.90 -0.97 -38.37
C ARG D 377 5.99 -2.05 -37.30
N VAL D 378 6.02 -1.63 -36.04
CA VAL D 378 6.04 -2.57 -34.92
C VAL D 378 4.59 -2.91 -34.60
N THR D 379 4.25 -4.19 -34.64
CA THR D 379 2.89 -4.67 -34.49
C THR D 379 2.87 -5.82 -33.50
N THR D 380 1.79 -5.93 -32.73
CA THR D 380 1.62 -7.01 -31.76
C THR D 380 1.07 -8.26 -32.44
N GLU D 381 1.78 -8.70 -33.47
CA GLU D 381 1.47 -9.92 -34.20
C GLU D 381 2.53 -10.96 -33.93
N ASP D 382 2.12 -12.22 -33.88
CA ASP D 382 3.02 -13.31 -33.57
C ASP D 382 3.54 -13.91 -34.88
N PRO D 383 4.77 -13.59 -35.30
CA PRO D 383 5.25 -14.07 -36.60
C PRO D 383 5.40 -15.59 -36.68
N ALA D 384 5.31 -16.29 -35.56
CA ALA D 384 5.55 -17.73 -35.58
C ALA D 384 4.33 -18.50 -36.11
N ARG D 385 3.22 -18.46 -35.37
CA ARG D 385 2.08 -19.28 -35.75
C ARG D 385 1.41 -18.84 -37.06
N SER D 386 0.73 -17.69 -37.07
CA SER D 386 0.03 -17.24 -38.27
C SER D 386 0.01 -15.72 -38.39
N PHE D 387 0.94 -15.02 -37.74
CA PHE D 387 0.83 -13.57 -37.54
C PHE D 387 -0.49 -13.23 -36.86
N GLN D 388 -0.89 -14.06 -35.91
CA GLN D 388 -2.11 -13.82 -35.15
C GLN D 388 -1.90 -12.67 -34.17
N PRO D 389 -2.73 -11.64 -34.20
CA PRO D 389 -2.54 -10.51 -33.27
C PRO D 389 -2.68 -10.94 -31.82
N ASP D 390 -1.90 -10.29 -30.96
CA ASP D 390 -1.89 -10.58 -29.53
C ASP D 390 -2.37 -9.35 -28.75
N THR D 391 -3.01 -9.62 -27.62
CA THR D 391 -3.55 -8.57 -26.76
C THR D 391 -3.01 -8.71 -25.35
N GLY D 392 -2.87 -7.58 -24.67
CA GLY D 392 -2.35 -7.60 -23.31
C GLY D 392 -1.97 -6.22 -22.85
N ARG D 393 -1.16 -6.18 -21.81
CA ARG D 393 -0.73 -4.93 -21.17
C ARG D 393 0.78 -4.80 -21.29
N ILE D 394 1.23 -3.63 -21.71
CA ILE D 394 2.65 -3.33 -21.84
C ILE D 394 3.21 -3.06 -20.45
N GLU D 395 4.27 -3.76 -20.09
CA GLU D 395 4.86 -3.64 -18.75
C GLU D 395 6.07 -2.73 -18.71
N VAL D 396 6.93 -2.76 -19.72
CA VAL D 396 8.06 -1.85 -19.81
C VAL D 396 8.20 -1.40 -21.25
N PHE D 397 8.47 -0.11 -21.44
CA PHE D 397 8.66 0.47 -22.76
C PHE D 397 9.89 1.36 -22.75
N ARG D 398 10.63 1.35 -23.85
CA ARG D 398 11.79 2.22 -23.99
C ARG D 398 11.91 2.63 -25.45
N SER D 399 12.53 3.79 -25.66
CA SER D 399 12.68 4.37 -26.99
C SER D 399 14.10 4.17 -27.49
N GLY D 400 14.26 4.27 -28.80
CA GLY D 400 15.54 4.02 -29.44
C GLY D 400 15.98 5.12 -30.39
N GLU D 401 15.71 6.37 -30.02
CA GLU D 401 16.08 7.49 -30.86
C GLU D 401 17.61 7.58 -31.01
N GLY D 402 18.05 8.04 -32.16
CA GLY D 402 19.47 8.10 -32.46
C GLY D 402 19.79 9.19 -33.44
N MET D 403 20.81 8.93 -34.27
CA MET D 403 21.27 9.94 -35.23
C MET D 403 20.24 10.18 -36.32
N GLY D 404 19.95 9.14 -37.11
CA GLY D 404 19.02 9.29 -38.22
C GLY D 404 17.73 8.54 -37.99
N ILE D 405 17.20 8.59 -36.77
CA ILE D 405 16.01 7.86 -36.38
C ILE D 405 14.90 8.87 -36.14
N ARG D 406 13.77 8.67 -36.81
CA ARG D 406 12.55 9.41 -36.56
C ARG D 406 11.50 8.48 -35.98
N LEU D 407 10.81 8.94 -34.94
CA LEU D 407 9.87 8.10 -34.21
C LEU D 407 8.50 8.75 -34.22
N ASP D 408 7.48 7.93 -34.48
CA ASP D 408 6.08 8.38 -34.47
C ASP D 408 5.32 7.44 -33.52
N ASN D 409 5.32 7.79 -32.24
CA ASN D 409 4.69 6.96 -31.21
C ASN D 409 3.18 7.17 -31.26
N ALA D 410 2.46 6.13 -31.67
CA ALA D 410 1.00 6.21 -31.69
C ALA D 410 0.43 6.03 -30.30
N SER D 411 0.64 4.86 -29.69
CA SER D 411 0.21 4.60 -28.32
C SER D 411 1.18 3.57 -27.73
N ALA D 412 2.20 4.07 -27.04
CA ALA D 412 3.19 3.19 -26.42
C ALA D 412 3.71 3.88 -25.17
N PHE D 413 3.45 3.28 -24.02
CA PHE D 413 3.79 3.87 -22.73
C PHE D 413 3.64 2.80 -21.65
N GLN D 414 4.21 3.08 -20.48
CA GLN D 414 4.13 2.15 -19.38
C GLN D 414 2.68 1.87 -19.00
N GLY D 415 2.35 0.60 -18.80
CA GLY D 415 1.02 0.23 -18.39
C GLY D 415 -0.05 0.49 -19.43
N ALA D 416 0.31 0.49 -20.71
CA ALA D 416 -0.66 0.64 -21.78
C ALA D 416 -1.41 -0.67 -21.99
N VAL D 417 -2.62 -0.56 -22.51
CA VAL D 417 -3.46 -1.71 -22.81
C VAL D 417 -3.78 -1.70 -24.29
N ILE D 418 -3.58 -2.84 -24.95
CA ILE D 418 -3.84 -2.99 -26.37
C ILE D 418 -5.24 -3.53 -26.56
N SER D 419 -6.06 -2.80 -27.31
CA SER D 419 -7.45 -3.15 -27.58
C SER D 419 -7.52 -4.35 -28.52
N PRO D 420 -8.41 -5.30 -28.23
CA PRO D 420 -8.56 -6.47 -29.11
C PRO D 420 -9.45 -6.22 -30.32
N HIS D 421 -9.96 -5.00 -30.49
CA HIS D 421 -10.95 -4.73 -31.54
C HIS D 421 -10.54 -3.61 -32.49
N TYR D 422 -9.58 -2.77 -32.11
CA TYR D 422 -9.06 -1.77 -33.02
C TYR D 422 -7.79 -2.31 -33.68
N ASP D 423 -7.10 -1.46 -34.44
CA ASP D 423 -5.87 -1.86 -35.11
C ASP D 423 -4.78 -2.15 -34.08
N SER D 424 -3.71 -2.79 -34.52
CA SER D 424 -2.67 -3.31 -33.64
C SER D 424 -1.31 -2.67 -33.91
N LEU D 425 -1.30 -1.40 -34.28
CA LEU D 425 -0.06 -0.67 -34.52
C LEU D 425 0.46 -0.11 -33.20
N LEU D 426 1.71 -0.41 -32.88
CA LEU D 426 2.34 0.10 -31.66
C LEU D 426 3.16 1.36 -31.92
N VAL D 427 4.20 1.26 -32.75
CA VAL D 427 5.10 2.37 -33.03
C VAL D 427 5.48 2.33 -34.51
N LYS D 428 5.52 3.50 -35.13
CA LYS D 428 5.99 3.65 -36.50
C LYS D 428 7.42 4.17 -36.46
N VAL D 429 8.38 3.34 -36.87
CA VAL D 429 9.80 3.63 -36.77
C VAL D 429 10.34 3.90 -38.16
N ILE D 430 11.08 4.99 -38.30
CA ILE D 430 11.67 5.40 -39.57
C ILE D 430 13.16 5.60 -39.38
N ALA D 431 13.96 5.06 -40.30
CA ALA D 431 15.40 5.21 -40.26
C ALA D 431 15.87 5.85 -41.56
N HIS D 432 16.75 6.84 -41.44
CA HIS D 432 17.24 7.58 -42.60
C HIS D 432 18.76 7.49 -42.63
N GLY D 433 19.31 7.31 -43.82
CA GLY D 433 20.74 7.21 -43.99
C GLY D 433 21.19 7.64 -45.37
N LYS D 434 22.50 7.75 -45.58
CA LYS D 434 23.05 8.18 -46.86
C LYS D 434 23.03 7.08 -47.92
N ASP D 435 22.92 5.81 -47.51
CA ASP D 435 22.87 4.70 -48.44
C ASP D 435 22.05 3.58 -47.83
N HIS D 436 21.62 2.65 -48.70
CA HIS D 436 20.75 1.57 -48.25
C HIS D 436 21.38 0.70 -47.17
N PRO D 437 22.61 0.19 -47.31
CA PRO D 437 23.19 -0.60 -46.21
C PRO D 437 23.34 0.19 -44.92
N THR D 438 23.69 1.47 -45.01
CA THR D 438 23.81 2.29 -43.80
C THR D 438 22.47 2.44 -43.11
N ALA D 439 21.41 2.68 -43.88
CA ALA D 439 20.07 2.78 -43.30
C ALA D 439 19.66 1.46 -42.66
N ALA D 440 19.98 0.33 -43.32
CA ALA D 440 19.65 -0.96 -42.76
C ALA D 440 20.37 -1.19 -41.43
N THR D 441 21.66 -0.83 -41.36
CA THR D 441 22.39 -0.98 -40.13
C THR D 441 21.83 -0.10 -39.02
N LYS D 442 21.50 1.16 -39.35
CA LYS D 442 20.93 2.06 -38.36
C LYS D 442 19.61 1.52 -37.83
N MET D 443 18.76 1.04 -38.74
CA MET D 443 17.43 0.48 -38.37
C MET D 443 17.62 -0.75 -37.48
N SER D 444 18.61 -1.58 -37.80
CA SER D 444 18.89 -2.82 -37.01
C SER D 444 19.29 -2.46 -35.59
N ARG D 445 20.18 -1.46 -35.43
CA ARG D 445 20.66 -1.03 -34.10
C ARG D 445 19.50 -0.36 -33.34
N ALA D 446 18.67 0.42 -34.04
CA ALA D 446 17.53 1.12 -33.40
C ALA D 446 16.51 0.09 -32.89
N LEU D 447 16.27 -0.96 -33.68
CA LEU D 447 15.29 -2.02 -33.30
C LEU D 447 15.83 -2.81 -32.10
N ALA D 448 17.15 -2.97 -32.03
CA ALA D 448 17.79 -3.73 -30.92
C ALA D 448 17.71 -2.93 -29.61
N GLU D 449 17.67 -1.59 -29.72
CA GLU D 449 17.61 -0.71 -28.52
C GLU D 449 16.19 -0.75 -27.92
N PHE D 450 15.17 -0.94 -28.77
CA PHE D 450 13.76 -0.99 -28.30
C PHE D 450 13.55 -2.22 -27.40
N ARG D 451 12.94 -2.01 -26.23
CA ARG D 451 12.67 -3.10 -25.29
C ARG D 451 11.19 -3.03 -24.93
N VAL D 452 10.39 -3.93 -25.50
CA VAL D 452 8.93 -3.95 -25.18
C VAL D 452 8.56 -5.34 -24.63
N ARG D 453 8.81 -5.60 -23.35
CA ARG D 453 8.57 -6.97 -22.80
C ARG D 453 7.09 -7.18 -22.45
N GLY D 454 6.68 -8.44 -22.24
CA GLY D 454 5.30 -8.75 -21.82
C GLY D 454 4.24 -8.77 -22.93
N VAL D 455 4.19 -7.71 -23.75
CA VAL D 455 3.27 -7.75 -24.92
C VAL D 455 4.04 -8.44 -26.07
N LYS D 456 3.47 -9.51 -26.64
CA LYS D 456 4.20 -10.25 -27.71
C LYS D 456 4.42 -9.32 -28.90
N THR D 457 5.49 -9.52 -29.66
CA THR D 457 5.82 -8.56 -30.75
C THR D 457 6.52 -9.28 -31.91
N ASN D 458 6.63 -8.60 -33.06
CA ASN D 458 7.29 -9.16 -34.23
C ASN D 458 8.63 -8.48 -34.54
N ILE D 459 9.40 -8.13 -33.50
CA ILE D 459 10.71 -7.52 -33.73
C ILE D 459 11.67 -8.51 -34.37
N ALA D 460 11.66 -9.77 -33.90
CA ALA D 460 12.63 -10.75 -34.35
C ALA D 460 12.49 -11.02 -35.85
N PHE D 461 11.26 -11.11 -36.34
CA PHE D 461 11.05 -11.31 -37.76
C PHE D 461 11.61 -10.15 -38.57
N LEU D 462 11.42 -8.92 -38.09
CA LEU D 462 11.95 -7.76 -38.79
C LEU D 462 13.47 -7.77 -38.80
N GLN D 463 14.09 -8.16 -37.68
CA GLN D 463 15.54 -8.23 -37.64
C GLN D 463 16.06 -9.30 -38.60
N ASN D 464 15.38 -10.45 -38.67
CA ASN D 464 15.79 -11.48 -39.62
C ASN D 464 15.66 -10.98 -41.05
N VAL D 465 14.59 -10.24 -41.35
CA VAL D 465 14.42 -9.68 -42.69
C VAL D 465 15.54 -8.71 -43.01
N LEU D 466 15.90 -7.86 -42.04
CA LEU D 466 16.95 -6.87 -42.27
C LEU D 466 18.31 -7.54 -42.43
N ASN D 467 18.52 -8.68 -41.78
CA ASN D 467 19.84 -9.33 -41.85
C ASN D 467 20.02 -10.19 -43.09
N ASN D 468 18.95 -10.47 -43.82
CA ASN D 468 19.06 -11.30 -45.02
C ASN D 468 19.89 -10.60 -46.08
N GLN D 469 20.82 -11.34 -46.68
CA GLN D 469 21.70 -10.77 -47.69
C GLN D 469 20.96 -10.37 -48.96
N GLN D 470 19.86 -11.07 -49.28
CA GLN D 470 19.07 -10.71 -50.45
C GLN D 470 18.49 -9.31 -50.32
N PHE D 471 18.05 -8.93 -49.12
CA PHE D 471 17.53 -7.59 -48.91
C PHE D 471 18.60 -6.54 -49.20
N LEU D 472 19.81 -6.72 -48.66
CA LEU D 472 20.88 -5.78 -48.92
C LEU D 472 21.38 -5.84 -50.36
N ALA D 473 21.08 -6.93 -51.07
CA ALA D 473 21.44 -6.98 -52.49
C ALA D 473 20.70 -5.91 -53.27
N GLY D 474 19.42 -5.70 -52.98
CA GLY D 474 18.65 -4.66 -53.62
C GLY D 474 17.46 -5.17 -54.40
N THR D 475 17.64 -6.28 -55.11
CA THR D 475 16.57 -6.84 -55.93
C THR D 475 15.71 -7.77 -55.10
N VAL D 476 14.42 -7.43 -54.96
CA VAL D 476 13.46 -8.23 -54.20
C VAL D 476 12.16 -8.27 -54.98
N ASP D 477 11.52 -9.44 -55.00
CA ASP D 477 10.24 -9.64 -55.66
C ASP D 477 9.15 -9.85 -54.62
N THR D 478 7.92 -10.01 -55.09
CA THR D 478 6.77 -10.14 -54.19
C THR D 478 6.80 -11.46 -53.43
N GLN D 479 7.14 -12.56 -54.11
CA GLN D 479 7.18 -13.88 -53.46
C GLN D 479 8.46 -14.11 -52.68
N PHE D 480 9.20 -13.05 -52.37
CA PHE D 480 10.46 -13.20 -51.65
C PHE D 480 10.26 -13.84 -50.28
N ILE D 481 9.20 -13.43 -49.57
CA ILE D 481 8.91 -14.07 -48.29
C ILE D 481 8.31 -15.46 -48.48
N ASP D 482 7.66 -15.71 -49.62
CA ASP D 482 7.01 -16.99 -49.84
C ASP D 482 8.01 -18.11 -50.07
N GLU D 483 9.20 -17.80 -50.57
CA GLU D 483 10.21 -18.80 -50.91
C GLU D 483 11.28 -18.96 -49.85
N ASN D 484 11.11 -18.33 -48.68
CA ASN D 484 12.11 -18.36 -47.61
C ASN D 484 11.45 -18.80 -46.32
N PRO D 485 11.12 -20.09 -46.20
CA PRO D 485 10.62 -20.59 -44.91
C PRO D 485 11.65 -20.52 -43.80
N GLU D 486 12.93 -20.41 -44.14
CA GLU D 486 13.98 -20.29 -43.14
C GLU D 486 14.13 -18.87 -42.62
N LEU D 487 13.35 -17.93 -43.15
CA LEU D 487 13.40 -16.55 -42.65
C LEU D 487 12.86 -16.47 -41.23
N PHE D 488 12.08 -17.48 -40.84
CA PHE D 488 11.47 -17.48 -39.48
C PHE D 488 12.43 -18.13 -38.48
N GLN D 489 13.54 -17.44 -38.18
CA GLN D 489 14.52 -17.94 -37.17
C GLN D 489 13.85 -17.99 -35.80
N LEU D 490 12.97 -17.03 -35.50
CA LEU D 490 12.22 -17.01 -34.21
C LEU D 490 13.19 -17.05 -33.02
N ARG D 491 14.04 -16.02 -32.90
CA ARG D 491 15.08 -15.97 -31.82
C ARG D 491 14.43 -16.03 -30.42
N PRO D 492 15.01 -16.73 -29.41
CA PRO D 492 14.48 -16.68 -28.04
C PRO D 492 15.23 -15.64 -27.20
N ALA D 493 14.66 -15.25 -26.06
CA ALA D 493 15.35 -14.30 -25.14
C ALA D 493 15.41 -14.92 -23.75
N GLN D 494 16.56 -14.81 -23.07
CA GLN D 494 16.63 -15.31 -21.67
C GLN D 494 15.61 -14.53 -20.85
N ASN D 495 15.54 -13.20 -21.04
CA ASN D 495 14.50 -12.38 -20.37
C ASN D 495 14.54 -12.60 -18.86
N ARG D 496 15.73 -12.77 -18.28
CA ARG D 496 15.80 -13.06 -16.82
C ARG D 496 15.27 -11.85 -16.05
N ALA D 497 15.56 -10.65 -16.55
CA ALA D 497 15.10 -9.41 -15.88
C ALA D 497 13.65 -9.52 -15.42
N GLN D 498 12.70 -9.84 -16.32
CA GLN D 498 11.28 -9.78 -15.90
C GLN D 498 10.90 -11.11 -15.23
N LYS D 499 11.69 -12.15 -15.46
CA LYS D 499 11.42 -13.49 -14.86
C LYS D 499 11.81 -13.47 -13.38
N LEU D 500 12.84 -12.70 -13.03
CA LEU D 500 13.31 -12.60 -11.62
C LEU D 500 12.29 -11.83 -10.79
N LEU D 501 11.70 -10.77 -11.36
CA LEU D 501 10.71 -9.97 -10.63
C LEU D 501 9.43 -10.76 -10.38
N HIS D 502 9.06 -11.63 -11.31
CA HIS D 502 7.88 -12.47 -11.08
C HIS D 502 8.07 -13.37 -9.86
N TYR D 503 9.28 -13.92 -9.70
CA TYR D 503 9.56 -14.69 -8.50
C TYR D 503 9.55 -13.82 -7.26
N LEU D 504 10.22 -12.66 -7.33
CA LEU D 504 10.24 -11.77 -6.17
C LEU D 504 8.84 -11.33 -5.79
N GLY D 505 8.05 -10.91 -6.78
CA GLY D 505 6.66 -10.56 -6.52
C GLY D 505 5.87 -11.73 -5.99
N HIS D 506 6.16 -12.94 -6.48
CA HIS D 506 5.48 -14.13 -5.99
C HIS D 506 5.77 -14.35 -4.51
N VAL D 507 7.01 -14.13 -4.10
CA VAL D 507 7.38 -14.40 -2.71
C VAL D 507 6.70 -13.42 -1.77
N MET D 508 6.55 -12.16 -2.19
CA MET D 508 5.88 -11.18 -1.35
C MET D 508 4.43 -11.56 -1.11
N VAL D 509 3.65 -11.71 -2.19
CA VAL D 509 2.21 -11.89 -2.05
C VAL D 509 1.89 -13.23 -1.40
N ASN D 510 2.50 -14.29 -1.90
CA ASN D 510 2.29 -15.62 -1.34
C ASN D 510 3.37 -15.90 -0.29
N GLY D 511 3.45 -17.16 0.15
CA GLY D 511 4.50 -17.56 1.07
C GLY D 511 5.73 -18.05 0.34
N PRO D 512 6.82 -18.52 1.01
CA PRO D 512 7.98 -19.07 0.29
C PRO D 512 7.64 -20.33 -0.51
N THR D 513 8.00 -20.33 -1.80
CA THR D 513 7.77 -21.53 -2.66
C THR D 513 8.68 -22.67 -2.15
N THR D 514 9.92 -22.36 -1.79
CA THR D 514 10.83 -23.38 -1.21
C THR D 514 10.27 -23.83 0.13
N PRO D 515 10.05 -25.14 0.36
CA PRO D 515 9.43 -25.63 1.60
C PRO D 515 10.24 -25.20 2.83
N ILE D 516 9.69 -24.26 3.62
CA ILE D 516 10.38 -23.81 4.86
C ILE D 516 9.85 -24.66 6.03
N PRO D 517 10.71 -25.47 6.69
CA PRO D 517 10.27 -26.34 7.78
C PRO D 517 9.93 -25.54 9.05
N VAL D 518 10.95 -25.16 9.81
CA VAL D 518 10.72 -24.39 11.07
C VAL D 518 10.50 -22.91 10.72
N LYS D 519 9.48 -22.29 11.30
CA LYS D 519 9.22 -20.88 11.07
C LYS D 519 10.34 -20.04 11.71
N ALA D 520 11.14 -19.40 10.87
CA ALA D 520 12.22 -18.54 11.33
C ALA D 520 12.61 -17.61 10.18
N SER D 521 13.47 -16.65 10.49
CA SER D 521 13.89 -15.67 9.50
C SER D 521 15.40 -15.55 9.49
N PRO D 522 15.98 -15.26 8.32
CA PRO D 522 17.43 -15.07 8.25
C PRO D 522 17.88 -13.86 9.06
N SER D 523 19.08 -13.96 9.60
CA SER D 523 19.63 -12.85 10.38
C SER D 523 19.90 -11.66 9.47
N PRO D 524 19.58 -10.44 9.93
CA PRO D 524 19.82 -9.26 9.08
C PRO D 524 21.30 -9.02 8.78
N THR D 525 22.20 -9.53 9.62
CA THR D 525 23.62 -9.27 9.43
C THR D 525 24.15 -9.95 8.17
N ASP D 526 25.11 -9.31 7.53
CA ASP D 526 25.77 -9.81 6.33
C ASP D 526 27.09 -10.48 6.69
N PRO D 527 27.28 -11.75 6.33
CA PRO D 527 28.56 -12.41 6.61
C PRO D 527 29.72 -11.68 5.93
N VAL D 528 30.85 -11.64 6.62
CA VAL D 528 32.01 -10.87 6.17
C VAL D 528 32.98 -11.79 5.44
N VAL D 529 33.49 -11.32 4.31
CA VAL D 529 34.44 -12.06 3.49
C VAL D 529 35.84 -11.52 3.79
N PRO D 530 36.72 -12.33 4.37
CA PRO D 530 38.08 -11.85 4.65
C PRO D 530 38.85 -11.55 3.37
N ALA D 531 39.79 -10.63 3.49
CA ALA D 531 40.58 -10.20 2.35
C ALA D 531 41.46 -11.33 1.85
N VAL D 532 41.76 -11.31 0.55
CA VAL D 532 42.56 -12.35 -0.09
C VAL D 532 43.72 -11.69 -0.84
N PRO D 533 44.85 -12.35 -0.97
CA PRO D 533 45.96 -11.76 -1.75
C PRO D 533 45.61 -11.65 -3.22
N ILE D 534 46.17 -10.61 -3.85
CA ILE D 534 45.88 -10.36 -5.26
C ILE D 534 46.52 -11.41 -6.16
N GLY D 535 47.71 -11.88 -5.81
CA GLY D 535 48.47 -12.76 -6.67
C GLY D 535 47.83 -14.11 -6.88
N PRO D 536 48.32 -14.87 -7.86
CA PRO D 536 47.77 -16.19 -8.12
C PRO D 536 48.02 -17.13 -6.94
N PRO D 537 47.15 -18.11 -6.72
CA PRO D 537 47.35 -19.01 -5.59
C PRO D 537 48.56 -19.90 -5.82
N PRO D 538 49.20 -20.39 -4.75
CA PRO D 538 50.39 -21.23 -4.91
C PRO D 538 50.07 -22.61 -5.46
N ALA D 539 51.09 -23.43 -5.66
CA ALA D 539 50.94 -24.75 -6.25
C ALA D 539 50.67 -25.79 -5.17
N GLY D 540 49.71 -26.67 -5.44
CA GLY D 540 49.33 -27.73 -4.53
C GLY D 540 49.62 -29.10 -5.08
N PHE D 541 48.71 -30.04 -4.82
CA PHE D 541 48.88 -31.42 -5.24
C PHE D 541 48.38 -31.68 -6.66
N ARG D 542 47.65 -30.75 -7.27
CA ARG D 542 47.07 -31.01 -8.58
C ARG D 542 48.14 -31.08 -9.66
N ASP D 543 49.26 -30.37 -9.48
CA ASP D 543 50.33 -30.42 -10.48
C ASP D 543 50.89 -31.83 -10.64
N ILE D 544 50.91 -32.61 -9.56
CA ILE D 544 51.39 -33.98 -9.64
C ILE D 544 50.51 -34.80 -10.57
N LEU D 545 49.18 -34.67 -10.42
CA LEU D 545 48.27 -35.35 -11.34
C LEU D 545 48.42 -34.83 -12.76
N LEU D 546 48.67 -33.52 -12.89
CA LEU D 546 48.90 -32.96 -14.22
C LEU D 546 50.13 -33.56 -14.88
N ARG D 547 51.15 -33.89 -14.10
CA ARG D 547 52.39 -34.45 -14.63
C ARG D 547 52.43 -35.96 -14.50
N GLU D 548 52.27 -36.49 -13.29
CA GLU D 548 52.33 -37.91 -13.03
C GLU D 548 50.93 -38.50 -13.00
N GLY D 549 50.87 -39.83 -13.09
CA GLY D 549 49.61 -40.54 -13.02
C GLY D 549 49.19 -40.78 -11.59
N PRO D 550 48.06 -41.48 -11.44
CA PRO D 550 47.57 -41.80 -10.09
C PRO D 550 48.57 -42.58 -9.26
N GLU D 551 49.34 -43.48 -9.88
CA GLU D 551 50.35 -44.22 -9.12
C GLU D 551 51.41 -43.28 -8.57
N GLY D 552 51.90 -42.36 -9.39
CA GLY D 552 52.90 -41.41 -8.91
C GLY D 552 52.36 -40.52 -7.81
N PHE D 553 51.12 -40.06 -7.95
CA PHE D 553 50.51 -39.22 -6.93
C PHE D 553 50.34 -39.98 -5.62
N ALA D 554 49.90 -41.25 -5.70
CA ALA D 554 49.76 -42.05 -4.49
C ALA D 554 51.11 -42.28 -3.82
N ARG D 555 52.15 -42.55 -4.61
CA ARG D 555 53.47 -42.75 -4.04
C ARG D 555 53.98 -41.46 -3.38
N ALA D 556 53.74 -40.31 -4.02
CA ALA D 556 54.16 -39.04 -3.43
C ALA D 556 53.42 -38.78 -2.12
N VAL D 557 52.13 -39.08 -2.08
CA VAL D 557 51.35 -38.90 -0.85
C VAL D 557 51.88 -39.79 0.25
N ARG D 558 52.16 -41.07 -0.08
CA ARG D 558 52.69 -41.98 0.92
C ARG D 558 54.06 -41.52 1.43
N ASN D 559 54.92 -41.04 0.53
CA ASN D 559 56.26 -40.66 0.91
C ASN D 559 56.33 -39.35 1.69
N HIS D 560 55.23 -38.61 1.77
CA HIS D 560 55.26 -37.34 2.48
C HIS D 560 55.35 -37.57 3.98
N PRO D 561 56.32 -36.97 4.65
CA PRO D 561 56.44 -37.13 6.12
C PRO D 561 55.50 -36.18 6.84
N GLY D 562 54.56 -36.73 7.59
CA GLY D 562 53.63 -35.92 8.35
C GLY D 562 52.20 -36.37 8.23
N LEU D 563 51.26 -35.45 8.44
CA LEU D 563 49.84 -35.75 8.39
C LEU D 563 49.15 -34.86 7.37
N LEU D 564 48.16 -35.43 6.69
CA LEU D 564 47.41 -34.71 5.67
C LEU D 564 45.94 -34.68 6.05
N LEU D 565 45.29 -33.56 5.72
CA LEU D 565 43.88 -33.36 6.03
C LEU D 565 43.10 -33.10 4.75
N MET D 566 41.84 -33.52 4.75
CA MET D 566 40.92 -33.21 3.67
C MET D 566 39.71 -32.49 4.25
N ASP D 567 39.38 -31.34 3.68
CA ASP D 567 38.28 -30.54 4.20
C ASP D 567 36.96 -30.98 3.58
N THR D 568 36.00 -31.32 4.43
CA THR D 568 34.70 -31.80 3.99
C THR D 568 33.58 -30.80 4.27
N THR D 569 33.93 -29.54 4.52
CA THR D 569 32.94 -28.53 4.88
C THR D 569 31.93 -28.30 3.75
N PHE D 570 32.33 -28.50 2.50
CA PHE D 570 31.45 -28.19 1.38
C PHE D 570 30.42 -29.28 1.09
N ARG D 571 30.69 -30.54 1.44
CA ARG D 571 29.79 -31.62 1.07
C ARG D 571 29.13 -32.28 2.26
N ASP D 572 29.90 -32.83 3.21
CA ASP D 572 29.29 -33.59 4.28
C ASP D 572 28.71 -32.70 5.37
N ALA D 573 29.33 -31.54 5.61
CA ALA D 573 28.81 -30.61 6.61
C ALA D 573 27.42 -30.10 6.20
N HIS D 574 27.21 -29.88 4.90
CA HIS D 574 25.90 -29.46 4.43
C HIS D 574 24.85 -30.52 4.77
N GLN D 575 25.11 -31.77 4.41
CA GLN D 575 24.12 -32.83 4.58
C GLN D 575 23.89 -33.13 6.06
N SER D 576 24.94 -33.05 6.88
CA SER D 576 24.82 -33.41 8.29
C SER D 576 24.08 -32.33 9.08
N LEU D 577 24.64 -31.13 9.12
CA LEU D 577 24.09 -30.08 9.97
C LEU D 577 22.78 -29.54 9.40
N LEU D 578 22.83 -29.00 8.19
CA LEU D 578 21.64 -28.50 7.53
C LEU D 578 20.98 -29.63 6.75
N ALA D 579 20.00 -29.30 5.91
CA ALA D 579 19.44 -30.24 4.95
C ALA D 579 20.06 -30.03 3.57
N THR D 580 21.35 -29.69 3.56
CA THR D 580 22.15 -29.38 2.38
C THR D 580 21.36 -28.57 1.34
N ARG D 581 20.83 -27.43 1.79
CA ARG D 581 20.27 -26.44 0.89
C ARG D 581 21.22 -25.29 0.59
N VAL D 582 22.50 -25.42 0.97
CA VAL D 582 23.44 -24.32 0.73
C VAL D 582 23.62 -24.13 -0.77
N ARG D 583 23.55 -22.88 -1.21
CA ARG D 583 23.56 -22.53 -2.62
C ARG D 583 24.97 -22.23 -3.08
N THR D 584 25.14 -22.21 -4.41
CA THR D 584 26.46 -22.02 -5.00
C THR D 584 27.03 -20.63 -4.69
N HIS D 585 26.15 -19.64 -4.54
CA HIS D 585 26.61 -18.26 -4.33
C HIS D 585 27.48 -18.14 -3.08
N ASP D 586 27.04 -18.76 -1.99
CA ASP D 586 27.80 -18.67 -0.75
C ASP D 586 29.17 -19.34 -0.88
N LEU D 587 29.23 -20.46 -1.58
CA LEU D 587 30.51 -21.13 -1.81
C LEU D 587 31.42 -20.27 -2.66
N LYS D 588 30.86 -19.61 -3.68
CA LYS D 588 31.67 -18.72 -4.51
C LYS D 588 32.18 -17.54 -3.72
N LYS D 589 31.44 -17.10 -2.70
CA LYS D 589 31.89 -15.98 -1.88
C LYS D 589 33.21 -16.30 -1.17
N ILE D 590 33.44 -17.57 -0.83
CA ILE D 590 34.59 -17.93 0.02
C ILE D 590 35.65 -18.72 -0.72
N ALA D 591 35.37 -19.23 -1.92
CA ALA D 591 36.34 -20.07 -2.62
C ALA D 591 37.72 -19.44 -2.78
N PRO D 592 37.87 -18.18 -3.20
CA PRO D 592 39.23 -17.64 -3.40
C PRO D 592 40.10 -17.65 -2.16
N TYR D 593 39.51 -17.43 -0.98
CA TYR D 593 40.31 -17.45 0.24
C TYR D 593 40.88 -18.83 0.49
N VAL D 594 40.08 -19.87 0.31
CA VAL D 594 40.57 -21.24 0.47
C VAL D 594 41.64 -21.53 -0.58
N ALA D 595 41.43 -21.06 -1.81
CA ALA D 595 42.41 -21.30 -2.86
C ALA D 595 43.75 -20.67 -2.52
N HIS D 596 43.74 -19.44 -2.00
CA HIS D 596 44.99 -18.75 -1.73
C HIS D 596 45.63 -19.17 -0.42
N ASN D 597 44.88 -19.72 0.51
CA ASN D 597 45.41 -20.02 1.84
C ASN D 597 45.64 -21.51 2.07
N PHE D 598 44.60 -22.32 1.87
CA PHE D 598 44.69 -23.76 2.14
C PHE D 598 45.28 -24.49 0.94
N SER D 599 46.55 -24.21 0.67
CA SER D 599 47.26 -24.84 -0.43
C SER D 599 47.89 -26.18 -0.03
N LYS D 600 48.05 -26.43 1.26
CA LYS D 600 48.62 -27.68 1.74
C LYS D 600 47.59 -28.78 1.90
N LEU D 601 46.32 -28.49 1.62
CA LEU D 601 45.27 -29.49 1.75
C LEU D 601 45.48 -30.61 0.75
N PHE D 602 45.21 -31.84 1.18
CA PHE D 602 45.39 -32.99 0.30
C PHE D 602 44.43 -32.94 -0.88
N SER D 603 43.14 -32.72 -0.60
CA SER D 603 42.13 -32.62 -1.64
C SER D 603 40.92 -31.92 -1.04
N MET D 604 39.98 -31.58 -1.91
CA MET D 604 38.75 -30.90 -1.51
C MET D 604 37.55 -31.71 -1.98
N GLU D 605 36.59 -31.90 -1.08
CA GLU D 605 35.38 -32.67 -1.38
C GLU D 605 34.25 -31.71 -1.70
N ASN D 606 33.74 -31.77 -2.94
CA ASN D 606 32.71 -30.86 -3.40
C ASN D 606 31.40 -31.57 -3.73
N TRP D 607 31.45 -32.60 -4.57
CA TRP D 607 30.25 -33.19 -5.16
C TRP D 607 29.93 -34.51 -4.47
N GLY D 608 28.65 -34.69 -4.10
CA GLY D 608 28.22 -35.86 -3.38
C GLY D 608 26.90 -36.38 -3.90
N GLY D 609 26.45 -37.47 -3.29
CA GLY D 609 25.22 -38.12 -3.74
C GLY D 609 23.98 -37.30 -3.48
N ALA D 610 23.82 -36.77 -2.27
CA ALA D 610 22.61 -36.04 -1.93
C ALA D 610 22.57 -34.68 -2.62
N THR D 611 23.74 -34.11 -2.87
CA THR D 611 23.80 -32.79 -3.52
C THR D 611 23.20 -32.84 -4.91
N PHE D 612 23.47 -33.90 -5.67
CA PHE D 612 22.94 -33.99 -7.03
C PHE D 612 21.42 -33.97 -7.03
N ASP D 613 20.80 -34.69 -6.09
CA ASP D 613 19.34 -34.67 -6.00
C ASP D 613 18.83 -33.31 -5.53
N VAL D 614 19.42 -32.77 -4.46
CA VAL D 614 18.85 -31.59 -3.82
C VAL D 614 18.99 -30.36 -4.70
N ALA D 615 20.14 -30.20 -5.37
CA ALA D 615 20.36 -29.02 -6.19
C ALA D 615 19.36 -28.93 -7.35
N MET D 616 18.70 -30.03 -7.68
CA MET D 616 17.68 -30.03 -8.72
C MET D 616 16.27 -30.03 -8.17
N ARG D 617 16.02 -30.73 -7.06
CA ARG D 617 14.64 -30.87 -6.58
C ARG D 617 14.17 -29.60 -5.87
N PHE D 618 14.82 -29.23 -4.77
CA PHE D 618 14.38 -28.08 -3.98
C PHE D 618 14.98 -26.78 -4.49
N LEU D 619 16.30 -26.67 -4.47
CA LEU D 619 16.94 -25.60 -5.18
C LEU D 619 16.90 -25.88 -6.68
N TYR D 620 17.23 -24.87 -7.48
CA TYR D 620 17.13 -24.98 -8.94
C TYR D 620 18.46 -24.58 -9.56
N GLU D 621 19.38 -25.54 -9.66
CA GLU D 621 20.67 -25.32 -10.28
C GLU D 621 21.06 -26.56 -11.06
N CYS D 622 21.96 -26.37 -12.03
CA CYS D 622 22.57 -27.47 -12.72
C CYS D 622 23.88 -27.83 -12.03
N PRO D 623 24.00 -29.02 -11.44
CA PRO D 623 25.24 -29.34 -10.70
C PRO D 623 26.48 -29.27 -11.56
N TRP D 624 26.36 -29.57 -12.86
CA TRP D 624 27.50 -29.46 -13.75
C TRP D 624 28.02 -28.03 -13.78
N ARG D 625 27.12 -27.05 -13.79
CA ARG D 625 27.54 -25.66 -13.72
C ARG D 625 28.35 -25.42 -12.45
N ARG D 626 27.75 -25.71 -11.29
CA ARG D 626 28.43 -25.47 -10.02
C ARG D 626 29.83 -26.09 -10.02
N LEU D 627 29.93 -27.31 -10.53
CA LEU D 627 31.25 -27.93 -10.66
C LEU D 627 32.16 -27.10 -11.55
N GLN D 628 31.62 -26.55 -12.63
CA GLN D 628 32.45 -25.78 -13.56
C GLN D 628 32.99 -24.51 -12.93
N GLU D 629 32.11 -23.72 -12.27
CA GLU D 629 32.62 -22.51 -11.60
C GLU D 629 33.58 -22.86 -10.47
N LEU D 630 33.29 -23.92 -9.71
CA LEU D 630 34.20 -24.29 -8.63
C LEU D 630 35.57 -24.69 -9.16
N ARG D 631 35.60 -25.45 -10.26
CA ARG D 631 36.88 -25.81 -10.86
C ARG D 631 37.60 -24.57 -11.40
N GLU D 632 36.85 -23.64 -11.97
CA GLU D 632 37.48 -22.42 -12.47
C GLU D 632 38.09 -21.60 -11.34
N LEU D 633 37.42 -21.50 -10.20
CA LEU D 633 37.92 -20.71 -9.08
C LEU D 633 39.04 -21.42 -8.32
N ILE D 634 39.08 -22.74 -8.34
CA ILE D 634 40.06 -23.50 -7.57
C ILE D 634 40.92 -24.32 -8.53
N PRO D 635 42.04 -23.78 -9.01
CA PRO D 635 42.84 -24.52 -9.99
C PRO D 635 44.00 -25.34 -9.43
N ASN D 636 44.18 -25.39 -8.10
CA ASN D 636 45.36 -26.03 -7.54
C ASN D 636 45.05 -26.98 -6.38
N ILE D 637 43.83 -27.44 -6.24
CA ILE D 637 43.47 -28.47 -5.25
C ILE D 637 42.61 -29.52 -5.95
N PRO D 638 42.96 -30.80 -5.85
CA PRO D 638 42.14 -31.83 -6.50
C PRO D 638 40.76 -31.92 -5.89
N PHE D 639 39.80 -32.29 -6.73
CA PHE D 639 38.40 -32.42 -6.33
C PHE D 639 38.05 -33.88 -6.16
N GLN D 640 37.21 -34.17 -5.16
CA GLN D 640 36.76 -35.53 -4.90
C GLN D 640 35.25 -35.61 -4.98
N MET D 641 34.75 -36.65 -5.66
CA MET D 641 33.32 -36.88 -5.84
C MET D 641 32.96 -38.24 -5.27
N LEU D 642 31.94 -38.26 -4.41
CA LEU D 642 31.50 -39.50 -3.77
C LEU D 642 30.58 -40.27 -4.71
N LEU D 643 30.97 -41.50 -5.02
CA LEU D 643 30.24 -42.31 -5.99
C LEU D 643 29.92 -43.67 -5.38
N ARG D 644 28.66 -44.08 -5.48
CA ARG D 644 28.28 -45.42 -5.06
C ARG D 644 28.59 -46.41 -6.17
N GLY D 645 28.42 -47.70 -5.87
CA GLY D 645 28.82 -48.75 -6.78
C GLY D 645 28.02 -48.83 -8.06
N ALA D 646 26.75 -49.25 -7.96
CA ALA D 646 25.90 -49.39 -9.11
C ALA D 646 25.08 -48.14 -9.39
N ASN D 647 24.24 -47.73 -8.44
CA ASN D 647 23.53 -46.47 -8.51
C ASN D 647 24.54 -45.33 -8.37
N ALA D 648 24.80 -44.62 -9.47
CA ALA D 648 25.81 -43.57 -9.44
C ALA D 648 25.46 -42.50 -8.41
N VAL D 649 24.24 -41.97 -8.48
CA VAL D 649 23.78 -41.00 -7.50
C VAL D 649 22.39 -41.40 -7.03
N GLY D 650 21.75 -42.31 -7.76
CA GLY D 650 20.39 -42.71 -7.48
C GLY D 650 20.29 -43.76 -6.40
N TYR D 651 19.17 -44.46 -6.39
CA TYR D 651 18.90 -45.50 -5.40
C TYR D 651 18.62 -46.86 -6.05
N THR D 652 18.71 -46.95 -7.37
CA THR D 652 18.46 -48.20 -8.09
C THR D 652 19.63 -48.50 -9.00
N ASN D 653 19.84 -49.79 -9.27
CA ASN D 653 20.93 -50.20 -10.14
C ASN D 653 20.69 -49.73 -11.56
N TYR D 654 21.76 -49.48 -12.28
CA TYR D 654 21.73 -48.93 -13.63
C TYR D 654 22.62 -49.74 -14.57
N PRO D 655 22.35 -49.70 -15.87
CA PRO D 655 23.23 -50.39 -16.83
C PRO D 655 24.62 -49.80 -16.81
N ASP D 656 25.60 -50.63 -17.21
CA ASP D 656 27.00 -50.24 -17.07
C ASP D 656 27.38 -49.12 -18.02
N ASN D 657 26.77 -49.07 -19.20
CA ASN D 657 27.18 -48.09 -20.20
C ASN D 657 26.96 -46.67 -19.71
N VAL D 658 25.79 -46.40 -19.10
CA VAL D 658 25.52 -45.06 -18.61
C VAL D 658 26.45 -44.70 -17.46
N VAL D 659 26.81 -45.68 -16.62
CA VAL D 659 27.76 -45.42 -15.53
C VAL D 659 29.13 -45.04 -16.09
N PHE D 660 29.57 -45.76 -17.12
CA PHE D 660 30.86 -45.44 -17.74
C PHE D 660 30.82 -44.06 -18.37
N LYS D 661 29.73 -43.73 -19.06
CA LYS D 661 29.60 -42.40 -19.65
C LYS D 661 29.59 -41.32 -18.57
N PHE D 662 28.90 -41.58 -17.47
CA PHE D 662 28.85 -40.62 -16.36
C PHE D 662 30.24 -40.37 -15.79
N CYS D 663 31.00 -41.44 -15.56
CA CYS D 663 32.36 -41.27 -15.05
C CYS D 663 33.24 -40.52 -16.04
N GLU D 664 33.10 -40.83 -17.33
CA GLU D 664 33.89 -40.13 -18.34
C GLU D 664 33.57 -38.64 -18.37
N VAL D 665 32.29 -38.29 -18.31
CA VAL D 665 31.89 -36.89 -18.32
C VAL D 665 32.37 -36.17 -17.07
N ALA D 666 32.25 -36.83 -15.92
CA ALA D 666 32.72 -36.22 -14.68
C ALA D 666 34.22 -35.95 -14.74
N LYS D 667 34.99 -36.91 -15.28
CA LYS D 667 36.42 -36.70 -15.42
C LYS D 667 36.73 -35.55 -16.38
N GLU D 668 36.04 -35.51 -17.52
CA GLU D 668 36.35 -34.49 -18.52
C GLU D 668 35.94 -33.10 -18.04
N ASN D 669 34.98 -33.03 -17.12
CA ASN D 669 34.57 -31.73 -16.60
C ASN D 669 35.64 -31.09 -15.74
N GLY D 670 36.40 -31.88 -15.00
CA GLY D 670 37.43 -31.33 -14.12
C GLY D 670 37.58 -32.08 -12.82
N MET D 671 36.68 -33.03 -12.56
CA MET D 671 36.77 -33.85 -11.35
C MET D 671 37.98 -34.77 -11.44
N ASP D 672 38.68 -34.94 -10.33
CA ASP D 672 39.95 -35.65 -10.30
C ASP D 672 39.89 -36.94 -9.51
N VAL D 673 39.49 -36.88 -8.24
CA VAL D 673 39.51 -38.02 -7.34
C VAL D 673 38.11 -38.60 -7.24
N PHE D 674 38.01 -39.92 -7.25
CA PHE D 674 36.74 -40.63 -7.19
C PHE D 674 36.78 -41.63 -6.05
N ARG D 675 35.79 -41.59 -5.19
CA ARG D 675 35.64 -42.56 -4.11
C ARG D 675 34.47 -43.48 -4.42
N VAL D 676 34.69 -44.78 -4.33
CA VAL D 676 33.72 -45.78 -4.72
C VAL D 676 33.44 -46.69 -3.53
N PHE D 677 32.17 -46.98 -3.29
CA PHE D 677 31.77 -47.86 -2.22
C PHE D 677 30.38 -48.41 -2.52
N ASP D 678 29.97 -49.40 -1.72
CA ASP D 678 28.64 -49.96 -1.81
C ASP D 678 28.07 -50.13 -0.40
N SER D 679 26.75 -50.02 -0.30
CA SER D 679 26.10 -50.04 1.02
C SER D 679 26.30 -51.38 1.71
N LEU D 680 26.19 -52.48 0.98
CA LEU D 680 26.24 -53.81 1.55
C LEU D 680 27.54 -54.55 1.26
N ASN D 681 28.55 -53.84 0.76
CA ASN D 681 29.87 -54.43 0.50
C ASN D 681 29.80 -55.56 -0.51
N TYR D 682 29.36 -55.24 -1.73
CA TYR D 682 29.33 -56.24 -2.80
C TYR D 682 30.55 -56.07 -3.69
N LEU D 683 31.35 -57.12 -3.79
CA LEU D 683 32.62 -57.05 -4.52
C LEU D 683 32.46 -56.75 -6.01
N PRO D 684 31.53 -57.37 -6.75
CA PRO D 684 31.39 -56.98 -8.17
C PRO D 684 31.06 -55.51 -8.33
N ASN D 685 30.32 -54.92 -7.38
CA ASN D 685 30.06 -53.49 -7.45
C ASN D 685 31.36 -52.69 -7.33
N MET D 686 32.23 -53.07 -6.39
CA MET D 686 33.52 -52.41 -6.28
C MET D 686 34.32 -52.56 -7.55
N LEU D 687 34.34 -53.77 -8.12
CA LEU D 687 35.11 -54.01 -9.33
C LEU D 687 34.61 -53.15 -10.48
N LEU D 688 33.30 -53.09 -10.65
CA LEU D 688 32.73 -52.27 -11.72
C LEU D 688 33.06 -50.79 -11.50
N GLY D 689 32.92 -50.31 -10.26
CA GLY D 689 33.21 -48.92 -9.99
C GLY D 689 34.67 -48.57 -10.25
N MET D 690 35.59 -49.39 -9.75
CA MET D 690 37.00 -49.09 -9.93
C MET D 690 37.39 -49.21 -11.40
N GLU D 691 36.82 -50.18 -12.11
CA GLU D 691 37.13 -50.30 -13.53
C GLU D 691 36.62 -49.10 -14.31
N ALA D 692 35.42 -48.63 -13.98
CA ALA D 692 34.89 -47.44 -14.65
C ALA D 692 35.75 -46.23 -14.36
N ALA D 693 36.17 -46.06 -13.10
CA ALA D 693 37.01 -44.93 -12.74
C ALA D 693 38.36 -44.98 -13.47
N GLY D 694 38.96 -46.17 -13.55
CA GLY D 694 40.21 -46.31 -14.28
C GLY D 694 40.04 -46.05 -15.76
N SER D 695 38.94 -46.52 -16.34
CA SER D 695 38.67 -46.26 -17.75
C SER D 695 38.51 -44.77 -18.01
N ALA D 696 37.81 -44.07 -17.12
CA ALA D 696 37.74 -42.61 -17.22
C ALA D 696 39.11 -41.99 -17.06
N GLY D 697 39.91 -42.50 -16.13
CA GLY D 697 41.26 -42.03 -15.94
C GLY D 697 41.38 -41.07 -14.77
N GLY D 698 41.86 -41.56 -13.64
CA GLY D 698 41.99 -40.72 -12.46
C GLY D 698 42.25 -41.57 -11.25
N VAL D 699 42.45 -40.87 -10.12
CA VAL D 699 42.75 -41.55 -8.87
C VAL D 699 41.53 -42.37 -8.43
N VAL D 700 41.76 -43.64 -8.14
CA VAL D 700 40.70 -44.56 -7.71
C VAL D 700 40.89 -44.84 -6.23
N GLU D 701 39.89 -44.50 -5.43
CA GLU D 701 39.93 -44.69 -3.99
C GLU D 701 38.83 -45.65 -3.59
N ALA D 702 39.20 -46.71 -2.87
CA ALA D 702 38.27 -47.72 -2.42
C ALA D 702 38.03 -47.54 -0.92
N ALA D 703 36.76 -47.54 -0.53
CA ALA D 703 36.37 -47.32 0.85
C ALA D 703 35.72 -48.58 1.42
N ILE D 704 36.07 -48.90 2.66
CA ILE D 704 35.47 -50.01 3.39
C ILE D 704 34.57 -49.42 4.46
N SER D 705 33.30 -49.83 4.45
CA SER D 705 32.38 -49.40 5.49
C SER D 705 32.73 -50.09 6.80
N TYR D 706 32.58 -49.36 7.90
CA TYR D 706 32.89 -49.87 9.23
C TYR D 706 31.60 -50.01 10.04
N THR D 707 31.53 -51.07 10.84
CA THR D 707 30.37 -51.31 11.68
C THR D 707 30.80 -52.17 12.86
N GLY D 708 30.13 -51.98 13.99
CA GLY D 708 30.45 -52.74 15.18
C GLY D 708 31.78 -52.33 15.77
N ASP D 709 32.36 -53.24 16.55
CA ASP D 709 33.65 -53.02 17.20
C ASP D 709 34.58 -54.19 16.88
N VAL D 710 35.81 -53.85 16.49
CA VAL D 710 36.79 -54.90 16.15
C VAL D 710 37.52 -55.39 17.38
N ALA D 711 37.43 -54.68 18.49
CA ALA D 711 38.12 -55.07 19.72
C ALA D 711 37.33 -56.05 20.56
N ASP D 712 36.10 -56.37 20.18
CA ASP D 712 35.29 -57.30 20.96
C ASP D 712 35.23 -58.63 20.25
N PRO D 713 35.86 -59.69 20.78
CA PRO D 713 35.78 -61.00 20.11
C PRO D 713 34.39 -61.58 20.07
N SER D 714 33.46 -61.09 20.90
CA SER D 714 32.10 -61.62 20.90
C SER D 714 31.42 -61.42 19.56
N ARG D 715 31.62 -60.26 18.95
CA ARG D 715 31.05 -59.97 17.63
C ARG D 715 31.96 -60.55 16.57
N THR D 716 31.48 -61.57 15.85
CA THR D 716 32.25 -62.24 14.82
C THR D 716 31.65 -62.11 13.43
N LYS D 717 30.44 -61.54 13.30
CA LYS D 717 29.84 -61.39 11.99
C LYS D 717 30.69 -60.52 11.09
N TYR D 718 31.30 -59.47 11.65
CA TYR D 718 32.24 -58.61 10.94
C TYR D 718 33.51 -58.57 11.78
N SER D 719 34.36 -59.56 11.59
CA SER D 719 35.59 -59.70 12.35
C SER D 719 36.72 -58.92 11.69
N LEU D 720 37.83 -58.79 12.41
CA LEU D 720 39.02 -58.18 11.83
C LEU D 720 39.51 -58.98 10.63
N GLN D 721 39.35 -60.30 10.68
CA GLN D 721 39.72 -61.14 9.54
C GLN D 721 38.87 -60.81 8.33
N TYR D 722 37.59 -60.50 8.54
CA TYR D 722 36.72 -60.13 7.43
C TYR D 722 37.22 -58.88 6.72
N TYR D 723 37.56 -57.84 7.50
CA TYR D 723 38.09 -56.62 6.91
C TYR D 723 39.43 -56.86 6.26
N MET D 724 40.27 -57.69 6.87
CA MET D 724 41.58 -57.99 6.30
C MET D 724 41.43 -58.68 4.94
N GLY D 725 40.54 -59.66 4.86
CA GLY D 725 40.29 -60.31 3.58
C GLY D 725 39.77 -59.35 2.55
N LEU D 726 38.79 -58.52 2.93
CA LEU D 726 38.25 -57.50 2.04
C LEU D 726 39.36 -56.65 1.47
N ALA D 727 40.22 -56.11 2.34
CA ALA D 727 41.36 -55.33 1.88
C ALA D 727 42.24 -56.14 0.94
N GLU D 728 42.32 -57.46 1.17
CA GLU D 728 43.14 -58.29 0.30
C GLU D 728 42.63 -58.28 -1.14
N GLU D 729 41.33 -58.59 -1.34
CA GLU D 729 40.88 -58.61 -2.74
C GLU D 729 40.81 -57.20 -3.31
N LEU D 730 40.55 -56.19 -2.47
CA LEU D 730 40.59 -54.82 -2.96
C LEU D 730 41.98 -54.44 -3.48
N VAL D 731 43.02 -54.84 -2.76
CA VAL D 731 44.38 -54.63 -3.26
C VAL D 731 44.61 -55.42 -4.54
N ARG D 732 44.12 -56.67 -4.58
CA ARG D 732 44.29 -57.49 -5.78
C ARG D 732 43.64 -56.85 -6.99
N ALA D 733 42.54 -56.11 -6.79
CA ALA D 733 41.88 -55.45 -7.91
C ALA D 733 42.79 -54.39 -8.53
N GLY D 734 43.49 -53.62 -7.71
CA GLY D 734 44.39 -52.60 -8.21
C GLY D 734 44.02 -51.19 -7.80
N THR D 735 43.31 -51.05 -6.69
CA THR D 735 42.92 -49.74 -6.20
C THR D 735 44.14 -48.98 -5.71
N HIS D 736 44.16 -47.67 -6.00
CA HIS D 736 45.31 -46.85 -5.64
C HIS D 736 45.40 -46.63 -4.13
N ILE D 737 44.28 -46.26 -3.51
CA ILE D 737 44.26 -45.89 -2.10
C ILE D 737 43.11 -46.61 -1.41
N LEU D 738 43.40 -47.19 -0.25
CA LEU D 738 42.38 -47.82 0.57
C LEU D 738 41.91 -46.85 1.64
N CYS D 739 40.60 -46.83 1.88
CA CYS D 739 40.02 -45.91 2.84
C CYS D 739 39.06 -46.67 3.76
N ILE D 740 38.94 -46.18 4.99
CA ILE D 740 37.98 -46.70 5.97
C ILE D 740 36.92 -45.62 6.15
N LYS D 741 35.66 -45.98 5.91
CA LYS D 741 34.57 -45.03 5.92
C LYS D 741 33.63 -45.34 7.07
N ASP D 742 33.54 -44.42 8.03
CA ASP D 742 32.71 -44.58 9.22
C ASP D 742 31.58 -43.56 9.16
N MET D 743 30.34 -44.05 9.20
CA MET D 743 29.17 -43.19 9.22
C MET D 743 28.67 -42.88 10.62
N ALA D 744 28.55 -43.90 11.48
CA ALA D 744 28.03 -43.68 12.82
C ALA D 744 29.10 -43.25 13.81
N GLY D 745 30.34 -43.10 13.37
CA GLY D 745 31.41 -42.66 14.25
C GLY D 745 31.66 -43.63 15.40
N LEU D 746 31.77 -44.92 15.07
CA LEU D 746 31.90 -45.97 16.07
C LEU D 746 33.35 -46.36 16.31
N LEU D 747 34.30 -45.51 15.95
CA LEU D 747 35.72 -45.82 16.07
C LEU D 747 36.21 -45.45 17.46
N LYS D 748 36.52 -46.46 18.26
CA LYS D 748 37.22 -46.23 19.51
C LYS D 748 38.72 -46.20 19.25
N PRO D 749 39.49 -45.51 20.09
CA PRO D 749 40.94 -45.43 19.85
C PRO D 749 41.63 -46.79 19.78
N THR D 750 41.25 -47.72 20.66
CA THR D 750 41.84 -49.06 20.61
C THR D 750 41.49 -49.76 19.31
N ALA D 751 40.24 -49.66 18.88
CA ALA D 751 39.84 -50.28 17.63
C ALA D 751 40.64 -49.73 16.46
N CYS D 752 40.76 -48.40 16.39
CA CYS D 752 41.51 -47.81 15.28
C CYS D 752 42.97 -48.21 15.32
N THR D 753 43.60 -48.17 16.49
CA THR D 753 45.03 -48.49 16.50
C THR D 753 45.27 -49.94 16.12
N MET D 754 44.46 -50.87 16.63
CA MET D 754 44.65 -52.27 16.27
C MET D 754 44.39 -52.50 14.79
N LEU D 755 43.34 -51.85 14.25
CA LEU D 755 43.02 -52.05 12.84
C LEU D 755 44.10 -51.47 11.93
N VAL D 756 44.57 -50.27 12.24
CA VAL D 756 45.60 -49.65 11.40
C VAL D 756 46.90 -50.42 11.49
N SER D 757 47.23 -50.97 12.68
CA SER D 757 48.38 -51.84 12.76
C SER D 757 48.21 -53.06 11.88
N SER D 758 47.04 -53.71 11.96
CA SER D 758 46.77 -54.90 11.18
C SER D 758 46.76 -54.65 9.68
N LEU D 759 46.50 -53.41 9.26
CA LEU D 759 46.56 -53.11 7.84
C LEU D 759 47.94 -52.64 7.38
N ARG D 760 48.65 -51.85 8.19
CA ARG D 760 49.97 -51.37 7.81
C ARG D 760 51.05 -52.44 7.92
N ASP D 761 50.82 -53.49 8.68
CA ASP D 761 51.84 -54.53 8.85
C ASP D 761 52.17 -55.19 7.52
N ARG D 762 51.16 -55.47 6.71
CA ARG D 762 51.32 -56.23 5.48
C ARG D 762 51.22 -55.39 4.22
N PHE D 763 50.99 -54.08 4.34
CA PHE D 763 50.95 -53.18 3.19
C PHE D 763 51.82 -51.97 3.50
N PRO D 764 53.15 -52.14 3.45
CA PRO D 764 54.05 -51.07 3.90
C PRO D 764 54.00 -49.81 3.06
N ASP D 765 53.49 -49.85 1.84
CA ASP D 765 53.55 -48.70 0.95
C ASP D 765 52.20 -48.18 0.49
N LEU D 766 51.11 -48.90 0.76
CA LEU D 766 49.79 -48.48 0.30
C LEU D 766 49.24 -47.41 1.25
N PRO D 767 48.89 -46.23 0.76
CA PRO D 767 48.40 -45.18 1.66
C PRO D 767 47.01 -45.48 2.20
N LEU D 768 46.71 -44.91 3.37
CA LEU D 768 45.44 -45.10 4.05
C LEU D 768 44.68 -43.78 4.16
N HIS D 769 43.36 -43.91 4.31
CA HIS D 769 42.47 -42.76 4.45
C HIS D 769 41.38 -43.10 5.46
N ILE D 770 41.03 -42.12 6.29
CA ILE D 770 40.07 -42.31 7.37
C ILE D 770 38.98 -41.25 7.26
N HIS D 771 37.72 -41.66 7.42
CA HIS D 771 36.58 -40.76 7.42
C HIS D 771 35.64 -41.18 8.53
N THR D 772 35.29 -40.24 9.41
CA THR D 772 34.41 -40.54 10.53
C THR D 772 33.57 -39.33 10.87
N HIS D 773 32.54 -39.55 11.68
CA HIS D 773 31.64 -38.50 12.10
C HIS D 773 31.70 -38.37 13.62
N ASP D 774 31.62 -37.14 14.11
CA ASP D 774 31.71 -36.86 15.54
C ASP D 774 30.35 -36.86 16.22
N THR D 775 29.60 -37.94 16.01
CA THR D 775 28.27 -38.04 16.61
C THR D 775 28.36 -38.33 18.11
N SER D 776 29.25 -39.24 18.49
CA SER D 776 29.34 -39.64 19.89
C SER D 776 30.08 -38.62 20.75
N GLY D 777 30.81 -37.70 20.13
CA GLY D 777 31.55 -36.70 20.86
C GLY D 777 32.99 -37.04 21.15
N ALA D 778 33.46 -38.22 20.73
CA ALA D 778 34.84 -38.63 20.94
C ALA D 778 35.58 -38.83 19.61
N GLY D 779 35.19 -38.09 18.58
CA GLY D 779 35.80 -38.26 17.28
C GLY D 779 37.26 -37.85 17.26
N VAL D 780 37.61 -36.78 17.99
CA VAL D 780 38.96 -36.26 17.93
C VAL D 780 39.95 -37.22 18.60
N ALA D 781 39.54 -37.88 19.69
CA ALA D 781 40.43 -38.83 20.34
C ALA D 781 40.75 -40.00 19.41
N ALA D 782 39.72 -40.55 18.76
CA ALA D 782 39.95 -41.61 17.79
C ALA D 782 40.80 -41.11 16.63
N MET D 783 40.62 -39.84 16.24
CA MET D 783 41.39 -39.30 15.14
C MET D 783 42.87 -39.24 15.48
N LEU D 784 43.20 -38.76 16.68
CA LEU D 784 44.59 -38.76 17.11
C LEU D 784 45.14 -40.17 17.23
N ALA D 785 44.33 -41.11 17.73
CA ALA D 785 44.79 -42.50 17.78
C ALA D 785 45.10 -43.03 16.38
N CYS D 786 44.22 -42.73 15.42
CA CYS D 786 44.43 -43.19 14.04
C CYS D 786 45.70 -42.57 13.46
N ALA D 787 45.92 -41.28 13.69
CA ALA D 787 47.11 -40.62 13.16
C ALA D 787 48.37 -41.19 13.80
N GLN D 788 48.33 -41.48 15.11
CA GLN D 788 49.48 -42.09 15.76
C GLN D 788 49.74 -43.48 15.20
N ALA D 789 48.68 -44.23 14.90
CA ALA D 789 48.85 -45.60 14.42
C ALA D 789 49.51 -45.67 13.06
N GLY D 790 49.48 -44.60 12.28
CA GLY D 790 50.20 -44.58 11.02
C GLY D 790 49.38 -44.22 9.79
N ALA D 791 48.23 -43.57 9.99
CA ALA D 791 47.43 -43.13 8.86
C ALA D 791 48.11 -41.96 8.16
N ASP D 792 47.56 -41.60 6.98
CA ASP D 792 48.13 -40.52 6.18
C ASP D 792 47.16 -39.37 5.99
N VAL D 793 45.94 -39.64 5.54
CA VAL D 793 44.96 -38.60 5.22
C VAL D 793 43.69 -38.86 6.00
N VAL D 794 43.15 -37.78 6.60
CA VAL D 794 41.95 -37.87 7.42
C VAL D 794 41.00 -36.75 7.04
N ASP D 795 39.73 -36.93 7.41
CA ASP D 795 38.67 -35.99 7.06
C ASP D 795 38.44 -35.01 8.20
N VAL D 796 38.38 -33.72 7.86
CA VAL D 796 38.24 -32.65 8.84
C VAL D 796 37.27 -31.61 8.31
N ALA D 797 36.43 -31.07 9.18
CA ALA D 797 35.50 -30.01 8.84
C ALA D 797 35.88 -28.72 9.54
N ALA D 798 35.25 -27.62 9.11
CA ALA D 798 35.52 -26.32 9.70
C ALA D 798 35.00 -26.27 11.13
N ASP D 799 35.58 -25.34 11.91
CA ASP D 799 35.29 -25.31 13.34
C ASP D 799 33.84 -24.94 13.62
N SER D 800 33.35 -23.87 13.01
CA SER D 800 31.97 -23.43 13.27
C SER D 800 30.93 -24.37 12.68
N MET D 801 31.34 -25.32 11.82
CA MET D 801 30.42 -26.29 11.25
C MET D 801 30.77 -27.71 11.69
N SER D 802 31.45 -27.86 12.80
CA SER D 802 31.87 -29.15 13.32
C SER D 802 30.93 -29.58 14.45
N GLY D 803 31.31 -30.67 15.11
CA GLY D 803 30.54 -31.18 16.23
C GLY D 803 29.22 -31.77 15.79
N MET D 804 28.32 -31.90 16.76
CA MET D 804 26.97 -32.41 16.52
C MET D 804 27.04 -33.78 15.86
N THR D 805 26.73 -33.82 14.57
CA THR D 805 26.85 -35.03 13.76
C THR D 805 27.83 -34.87 12.62
N SER D 806 28.62 -33.81 12.61
CA SER D 806 29.55 -33.53 11.53
C SER D 806 30.95 -34.02 11.88
N GLN D 807 31.92 -33.67 11.05
CA GLN D 807 33.29 -34.11 11.22
C GLN D 807 33.96 -33.34 12.36
N PRO D 808 35.08 -33.87 12.89
CA PRO D 808 35.80 -33.16 13.95
C PRO D 808 36.34 -31.82 13.47
N SER D 809 36.48 -30.89 14.41
CA SER D 809 36.86 -29.52 14.10
C SER D 809 38.30 -29.44 13.60
N MET D 810 38.56 -28.43 12.78
CA MET D 810 39.90 -28.23 12.25
C MET D 810 40.84 -27.71 13.32
N GLY D 811 40.38 -26.76 14.14
CA GLY D 811 41.26 -26.12 15.10
C GLY D 811 41.86 -27.11 16.10
N ALA D 812 41.03 -28.00 16.63
CA ALA D 812 41.51 -28.94 17.63
C ALA D 812 42.59 -29.85 17.05
N LEU D 813 42.35 -30.39 15.85
CA LEU D 813 43.33 -31.27 15.22
C LEU D 813 44.62 -30.53 14.90
N VAL D 814 44.53 -29.30 14.40
CA VAL D 814 45.74 -28.56 14.07
C VAL D 814 46.51 -28.19 15.33
N ALA D 815 45.80 -27.86 16.42
CA ALA D 815 46.47 -27.44 17.64
C ALA D 815 47.10 -28.61 18.38
N CYS D 816 46.44 -29.77 18.40
CA CYS D 816 46.95 -30.90 19.17
C CYS D 816 48.25 -31.47 18.61
N THR D 817 48.65 -31.08 17.41
CA THR D 817 49.85 -31.61 16.77
C THR D 817 50.95 -30.56 16.62
N ARG D 818 50.97 -29.56 17.50
CA ARG D 818 51.97 -28.50 17.39
C ARG D 818 53.38 -29.03 17.65
N GLY D 819 53.55 -29.72 18.79
CA GLY D 819 54.87 -30.31 19.12
C GLY D 819 54.91 -31.78 18.75
N THR D 820 53.77 -32.32 18.33
CA THR D 820 53.68 -33.76 17.92
C THR D 820 54.46 -33.93 16.61
N PRO D 821 55.05 -35.13 16.34
CA PRO D 821 55.78 -35.39 15.10
C PRO D 821 54.88 -35.31 13.85
N LEU D 822 53.56 -35.26 14.04
CA LEU D 822 52.61 -35.17 12.90
C LEU D 822 52.89 -33.88 12.11
N ASP D 823 53.31 -32.80 12.78
CA ASP D 823 53.73 -31.56 12.06
C ASP D 823 52.70 -31.09 11.04
N THR D 824 51.45 -30.83 11.47
CA THR D 824 50.42 -30.30 10.53
C THR D 824 50.89 -28.95 9.98
N GLU D 825 51.49 -28.09 10.81
CA GLU D 825 52.08 -26.80 10.33
C GLU D 825 51.06 -25.95 9.58
N VAL D 826 49.84 -25.79 10.09
CA VAL D 826 48.83 -24.90 9.45
C VAL D 826 48.62 -23.68 10.35
N PRO D 827 48.70 -22.42 9.84
CA PRO D 827 48.59 -21.22 10.67
C PRO D 827 47.22 -21.07 11.36
N MET D 828 47.19 -20.44 12.54
CA MET D 828 45.93 -20.26 13.27
C MET D 828 45.01 -19.26 12.56
N GLU D 829 45.60 -18.23 11.93
CA GLU D 829 44.80 -17.15 11.39
C GLU D 829 43.86 -17.63 10.30
N ARG D 830 44.35 -18.52 9.42
CA ARG D 830 43.50 -19.03 8.34
C ARG D 830 42.31 -19.79 8.89
N VAL D 831 42.55 -20.66 9.87
CA VAL D 831 41.46 -21.42 10.48
C VAL D 831 40.47 -20.47 11.14
N PHE D 832 40.97 -19.46 11.84
CA PHE D 832 40.09 -18.51 12.52
C PHE D 832 39.21 -17.78 11.53
N ASP D 833 39.79 -17.28 10.44
CA ASP D 833 39.01 -16.56 9.45
C ASP D 833 37.97 -17.46 8.80
N TYR D 834 38.38 -18.68 8.43
CA TYR D 834 37.44 -19.63 7.85
C TYR D 834 36.27 -19.89 8.78
N SER D 835 36.58 -20.17 10.05
CA SER D 835 35.53 -20.50 11.01
C SER D 835 34.60 -19.32 11.23
N GLU D 836 35.14 -18.10 11.35
CA GLU D 836 34.27 -16.96 11.61
C GLU D 836 33.38 -16.66 10.41
N TYR D 837 33.93 -16.80 9.19
CA TYR D 837 33.07 -16.60 8.02
C TYR D 837 31.96 -17.63 7.98
N TRP D 838 32.27 -18.90 8.26
CA TRP D 838 31.24 -19.91 8.19
C TRP D 838 30.22 -19.73 9.29
N GLU D 839 30.65 -19.26 10.46
CA GLU D 839 29.71 -18.92 11.53
C GLU D 839 28.77 -17.80 11.09
N GLY D 840 29.31 -16.76 10.44
CA GLY D 840 28.45 -15.71 9.94
C GLY D 840 27.47 -16.20 8.89
N ALA D 841 27.93 -17.06 7.98
CA ALA D 841 27.08 -17.52 6.89
C ALA D 841 26.03 -18.51 7.36
N ARG D 842 26.31 -19.28 8.41
CA ARG D 842 25.34 -20.26 8.88
C ARG D 842 24.06 -19.62 9.39
N GLY D 843 24.15 -18.37 9.86
CA GLY D 843 22.97 -17.69 10.35
C GLY D 843 21.91 -17.45 9.28
N LEU D 844 22.33 -17.35 8.01
CA LEU D 844 21.37 -17.14 6.94
C LEU D 844 20.41 -18.31 6.82
N TYR D 845 20.92 -19.53 6.95
CA TYR D 845 20.08 -20.73 6.86
C TYR D 845 19.51 -21.12 8.22
N ALA D 846 18.90 -20.15 8.89
CA ALA D 846 18.27 -20.44 10.18
C ALA D 846 16.89 -21.03 10.03
N ALA D 847 16.31 -20.98 8.83
CA ALA D 847 14.96 -21.51 8.61
C ALA D 847 14.92 -23.03 8.68
N PHE D 848 16.05 -23.70 8.41
CA PHE D 848 16.09 -25.15 8.45
C PHE D 848 17.37 -25.67 9.08
N ASP D 849 17.92 -24.94 10.05
CA ASP D 849 19.05 -25.46 10.81
C ASP D 849 18.59 -26.49 11.82
N CYS D 850 19.40 -27.53 11.99
CA CYS D 850 19.06 -28.62 12.90
C CYS D 850 19.29 -28.28 14.36
N THR D 851 19.97 -27.16 14.65
CA THR D 851 20.26 -26.83 16.03
C THR D 851 19.01 -26.49 16.84
N ALA D 852 17.88 -26.27 16.17
CA ALA D 852 16.63 -26.05 16.89
C ALA D 852 16.23 -27.29 17.68
N THR D 853 16.46 -28.47 17.11
CA THR D 853 16.08 -29.70 17.77
C THR D 853 17.22 -30.26 18.62
N MET D 854 18.35 -30.55 18.00
CA MET D 854 19.51 -31.13 18.68
C MET D 854 20.31 -30.02 19.34
N LYS D 855 20.37 -30.07 20.68
CA LYS D 855 21.15 -29.07 21.40
C LYS D 855 22.59 -29.53 21.61
N SER D 856 22.82 -30.84 21.67
CA SER D 856 24.17 -31.38 21.82
C SER D 856 24.17 -32.81 21.31
N GLY D 857 25.35 -33.28 20.93
CA GLY D 857 25.47 -34.65 20.46
C GLY D 857 25.15 -35.65 21.56
N ASN D 858 24.74 -36.84 21.14
CA ASN D 858 24.30 -37.85 22.08
C ASN D 858 25.12 -39.12 21.90
N SER D 859 25.18 -39.92 22.95
CA SER D 859 25.93 -41.17 22.98
C SER D 859 25.10 -42.38 22.61
N ASP D 860 23.85 -42.21 22.20
CA ASP D 860 23.01 -43.34 21.83
C ASP D 860 23.28 -43.77 20.40
N VAL D 861 24.55 -44.00 20.07
CA VAL D 861 24.92 -44.45 18.74
C VAL D 861 25.33 -45.92 18.72
N TYR D 862 26.02 -46.41 19.75
CA TYR D 862 26.42 -47.81 19.78
C TYR D 862 25.23 -48.75 19.84
N GLU D 863 24.06 -48.25 20.22
CA GLU D 863 22.84 -49.03 20.15
C GLU D 863 22.03 -48.74 18.90
N ASN D 864 22.26 -47.61 18.24
CA ASN D 864 21.48 -47.20 17.08
C ASN D 864 22.25 -47.31 15.78
N GLU D 865 23.53 -46.91 15.79
CA GLU D 865 24.40 -46.99 14.62
C GLU D 865 23.80 -46.25 13.43
N ILE D 866 23.05 -45.20 13.72
CA ILE D 866 22.40 -44.42 12.67
C ILE D 866 23.45 -43.58 11.95
N PRO D 867 23.43 -43.51 10.63
CA PRO D 867 24.34 -42.60 9.91
C PRO D 867 24.01 -41.15 10.24
N GLY D 868 25.03 -40.30 10.12
CA GLY D 868 24.85 -38.90 10.49
C GLY D 868 23.79 -38.20 9.66
N GLY D 869 23.82 -38.41 8.35
CA GLY D 869 22.86 -37.76 7.47
C GLY D 869 21.43 -38.20 7.64
N GLN D 870 21.19 -39.35 8.27
CA GLN D 870 19.85 -39.90 8.45
C GLN D 870 19.45 -39.90 9.92
N TYR D 871 19.99 -38.96 10.70
CA TYR D 871 19.78 -38.91 12.13
C TYR D 871 19.11 -37.60 12.51
N THR D 872 19.62 -36.50 11.96
CA THR D 872 19.08 -35.18 12.28
C THR D 872 17.64 -35.05 11.83
N ASN D 873 17.35 -35.39 10.58
CA ASN D 873 15.99 -35.29 10.06
C ASN D 873 15.08 -36.27 10.76
N LEU D 874 15.60 -37.45 11.10
CA LEU D 874 14.80 -38.45 11.80
C LEU D 874 14.34 -37.92 13.16
N HIS D 875 15.25 -37.29 13.90
CA HIS D 875 14.85 -36.61 15.13
C HIS D 875 13.87 -35.48 14.86
N PHE D 876 14.16 -34.69 13.82
CA PHE D 876 13.38 -33.48 13.55
C PHE D 876 11.93 -33.80 13.26
N GLN D 877 11.69 -34.86 12.49
CA GLN D 877 10.33 -35.20 12.09
C GLN D 877 9.45 -35.42 13.33
N ALA D 878 9.91 -36.28 14.24
CA ALA D 878 9.12 -36.60 15.42
C ALA D 878 9.05 -35.43 16.38
N HIS D 879 10.14 -34.67 16.51
CA HIS D 879 10.13 -33.56 17.46
C HIS D 879 9.35 -32.37 16.92
N SER D 880 9.05 -32.37 15.62
CA SER D 880 8.26 -31.31 15.04
C SER D 880 6.78 -31.65 14.92
N MET D 881 6.42 -32.69 14.18
CA MET D 881 5.01 -33.02 14.02
C MET D 881 4.42 -33.57 15.31
N GLY D 882 5.24 -34.27 16.09
CA GLY D 882 4.75 -34.84 17.33
C GLY D 882 4.47 -36.33 17.23
N LEU D 883 3.89 -36.89 18.30
CA LEU D 883 3.58 -38.32 18.41
C LEU D 883 4.87 -39.11 18.57
N GLY D 884 6.00 -38.43 18.46
CA GLY D 884 7.31 -38.99 18.71
C GLY D 884 8.11 -38.08 19.62
N SER D 885 7.40 -37.34 20.47
CA SER D 885 8.04 -36.45 21.42
C SER D 885 9.04 -37.22 22.29
N LYS D 886 8.65 -38.40 22.73
CA LYS D 886 9.59 -39.36 23.29
C LYS D 886 10.15 -40.16 22.13
N PHE D 887 11.30 -39.69 21.62
CA PHE D 887 11.87 -40.29 20.41
C PHE D 887 12.45 -41.68 20.67
N LYS D 888 12.58 -42.08 21.93
CA LYS D 888 13.18 -43.37 22.24
C LYS D 888 12.43 -44.50 21.58
N GLU D 889 11.10 -44.39 21.48
CA GLU D 889 10.31 -45.43 20.84
C GLU D 889 10.61 -45.54 19.35
N VAL D 890 10.87 -44.42 18.67
CA VAL D 890 11.19 -44.48 17.25
C VAL D 890 12.49 -45.22 17.02
N LYS D 891 13.55 -44.84 17.75
CA LYS D 891 14.83 -45.51 17.62
C LYS D 891 14.80 -46.92 18.19
N LYS D 892 13.89 -47.22 19.11
CA LYS D 892 13.80 -48.57 19.66
C LYS D 892 13.45 -49.57 18.56
N ALA D 893 12.51 -49.22 17.69
CA ALA D 893 12.14 -50.09 16.58
C ALA D 893 13.27 -50.32 15.60
N TYR D 894 14.24 -49.41 15.53
CA TYR D 894 15.31 -49.51 14.54
C TYR D 894 16.15 -50.76 14.76
N VAL D 895 16.45 -51.08 16.02
CA VAL D 895 17.32 -52.22 16.32
C VAL D 895 16.69 -53.52 15.85
N GLU D 896 15.43 -53.77 16.23
CA GLU D 896 14.80 -55.01 15.83
C GLU D 896 14.47 -55.01 14.33
N ALA D 897 14.25 -53.82 13.76
CA ALA D 897 14.07 -53.75 12.32
C ALA D 897 15.32 -54.23 11.59
N ASN D 898 16.50 -53.84 12.08
CA ASN D 898 17.73 -54.41 11.53
C ASN D 898 17.84 -55.90 11.82
N GLN D 899 17.42 -56.31 13.03
CA GLN D 899 17.58 -57.71 13.43
C GLN D 899 16.79 -58.65 12.53
N MET D 900 15.53 -58.30 12.22
CA MET D 900 14.74 -59.18 11.36
C MET D 900 15.29 -59.24 9.95
N LEU D 901 15.88 -58.15 9.46
CA LEU D 901 16.47 -58.11 8.13
C LEU D 901 17.91 -58.60 8.13
N GLY D 902 18.44 -58.97 9.29
CA GLY D 902 19.81 -59.41 9.41
C GLY D 902 20.77 -58.26 9.63
N ASP D 903 21.93 -58.59 10.19
CA ASP D 903 22.95 -57.59 10.45
C ASP D 903 23.49 -57.05 9.14
N LEU D 904 23.11 -55.81 8.83
CA LEU D 904 23.43 -55.19 7.55
C LEU D 904 24.21 -53.91 7.78
N ILE D 905 25.03 -53.55 6.80
CA ILE D 905 25.83 -52.33 6.85
C ILE D 905 24.92 -51.17 6.48
N LYS D 906 24.67 -50.28 7.43
CA LYS D 906 23.67 -49.22 7.27
C LYS D 906 24.33 -47.99 6.66
N VAL D 907 24.19 -47.84 5.35
CA VAL D 907 24.56 -46.64 4.62
C VAL D 907 23.30 -46.16 3.90
N THR D 908 23.40 -45.01 3.21
CA THR D 908 22.23 -44.31 2.68
C THR D 908 21.14 -45.22 2.10
N PRO D 909 21.42 -46.16 1.17
CA PRO D 909 20.32 -47.00 0.67
C PRO D 909 19.80 -47.92 1.76
N SER D 910 20.72 -48.64 2.41
CA SER D 910 20.31 -49.54 3.48
C SER D 910 19.70 -48.78 4.63
N SER D 911 20.25 -47.61 4.96
CA SER D 911 19.70 -46.81 6.04
C SER D 911 18.27 -46.40 5.74
N LYS D 912 17.99 -45.95 4.51
CA LYS D 912 16.63 -45.54 4.19
C LYS D 912 15.69 -46.75 4.15
N ILE D 913 16.20 -47.91 3.74
CA ILE D 913 15.39 -49.13 3.78
C ILE D 913 14.97 -49.45 5.21
N VAL D 914 15.95 -49.44 6.13
CA VAL D 914 15.65 -49.75 7.53
C VAL D 914 14.72 -48.70 8.11
N GLY D 915 14.92 -47.43 7.75
CA GLY D 915 14.06 -46.38 8.25
C GLY D 915 12.63 -46.53 7.79
N ASP D 916 12.43 -46.88 6.51
CA ASP D 916 11.08 -47.11 6.00
C ASP D 916 10.44 -48.29 6.69
N LEU D 917 11.21 -49.37 6.91
CA LEU D 917 10.65 -50.52 7.61
C LEU D 917 10.26 -50.15 9.05
N ALA D 918 11.10 -49.36 9.72
CA ALA D 918 10.78 -48.93 11.07
C ALA D 918 9.54 -48.05 11.10
N GLN D 919 9.40 -47.15 10.13
CA GLN D 919 8.19 -46.33 10.03
C GLN D 919 6.96 -47.20 9.85
N PHE D 920 7.06 -48.19 8.96
CA PHE D 920 5.95 -49.12 8.74
C PHE D 920 5.57 -49.82 10.03
N MET D 921 6.57 -50.33 10.75
CA MET D 921 6.28 -51.05 11.99
C MET D 921 5.67 -50.15 13.04
N VAL D 922 6.20 -48.93 13.20
CA VAL D 922 5.69 -48.02 14.21
C VAL D 922 4.25 -47.63 13.91
N GLN D 923 3.96 -47.31 12.65
CA GLN D 923 2.59 -46.97 12.28
C GLN D 923 1.69 -48.19 12.36
N ASN D 924 2.27 -49.39 12.33
CA ASN D 924 1.50 -50.62 12.50
C ASN D 924 1.57 -51.17 13.91
N GLY D 925 2.59 -50.83 14.69
CA GLY D 925 2.65 -51.20 16.10
C GLY D 925 2.67 -52.68 16.39
N LEU D 926 3.54 -53.43 15.72
CA LEU D 926 3.64 -54.87 15.91
C LEU D 926 5.08 -55.25 16.22
N SER D 927 5.24 -56.37 16.93
CA SER D 927 6.55 -56.82 17.38
C SER D 927 7.25 -57.64 16.29
N ARG D 928 8.48 -58.05 16.58
CA ARG D 928 9.30 -58.73 15.58
C ARG D 928 8.77 -60.13 15.26
N ALA D 929 8.48 -60.93 16.29
CA ALA D 929 8.05 -62.30 16.07
C ALA D 929 6.73 -62.35 15.31
N GLU D 930 5.77 -61.50 15.71
CA GLU D 930 4.49 -61.48 15.01
C GLU D 930 4.64 -60.92 13.61
N ALA D 931 5.57 -59.96 13.43
CA ALA D 931 5.84 -59.45 12.08
C ALA D 931 6.34 -60.57 11.18
N GLU D 932 7.23 -61.43 11.69
CA GLU D 932 7.66 -62.59 10.92
C GLU D 932 6.51 -63.55 10.68
N ALA D 933 5.62 -63.70 11.67
CA ALA D 933 4.52 -64.64 11.55
C ALA D 933 3.57 -64.25 10.42
N GLN D 934 3.21 -62.98 10.32
CA GLN D 934 2.26 -62.54 9.30
C GLN D 934 2.92 -61.62 8.29
N ALA D 935 4.16 -61.95 7.90
CA ALA D 935 4.89 -61.10 6.95
C ALA D 935 4.20 -61.05 5.60
N GLU D 936 3.73 -62.20 5.10
CA GLU D 936 3.12 -62.24 3.78
C GLU D 936 1.82 -61.44 3.74
N GLU D 937 1.03 -61.52 4.81
CA GLU D 937 -0.28 -60.87 4.83
C GLU D 937 -0.14 -59.35 4.70
N LEU D 938 0.82 -58.77 5.41
CA LEU D 938 0.98 -57.32 5.38
C LEU D 938 1.58 -56.86 4.06
N SER D 939 1.29 -55.61 3.71
CA SER D 939 1.75 -55.00 2.47
C SER D 939 2.96 -54.11 2.79
N PHE D 940 4.15 -54.67 2.66
CA PHE D 940 5.37 -53.93 2.91
C PHE D 940 5.60 -52.88 1.82
N PRO D 941 6.34 -51.82 2.12
CA PRO D 941 6.56 -50.78 1.12
C PRO D 941 7.39 -51.27 -0.05
N ARG D 942 7.32 -50.52 -1.15
CA ARG D 942 7.94 -50.95 -2.39
C ARG D 942 9.46 -51.05 -2.27
N SER D 943 10.08 -50.20 -1.46
CA SER D 943 11.54 -50.19 -1.37
C SER D 943 12.06 -51.48 -0.75
N VAL D 944 11.45 -51.94 0.33
CA VAL D 944 11.97 -53.11 1.03
C VAL D 944 11.78 -54.36 0.19
N VAL D 945 10.63 -54.48 -0.48
CA VAL D 945 10.41 -55.65 -1.34
C VAL D 945 11.33 -55.59 -2.55
N GLU D 946 11.60 -54.39 -3.07
CA GLU D 946 12.57 -54.26 -4.16
C GLU D 946 13.95 -54.71 -3.72
N PHE D 947 14.36 -54.35 -2.50
CA PHE D 947 15.64 -54.80 -1.99
C PHE D 947 15.66 -56.32 -1.82
N LEU D 948 14.59 -56.87 -1.26
CA LEU D 948 14.51 -58.32 -1.08
C LEU D 948 14.52 -59.05 -2.42
N GLN D 949 14.07 -58.38 -3.49
CA GLN D 949 14.13 -58.99 -4.81
C GLN D 949 15.56 -59.26 -5.22
N GLY D 950 16.47 -58.33 -4.94
CA GLY D 950 17.88 -58.54 -5.23
C GLY D 950 18.49 -57.47 -6.11
N TYR D 951 17.76 -56.38 -6.33
CA TYR D 951 18.28 -55.29 -7.15
C TYR D 951 19.50 -54.64 -6.50
N ILE D 952 19.45 -54.42 -5.18
CA ILE D 952 20.56 -53.79 -4.49
C ILE D 952 21.79 -54.69 -4.52
N GLY D 953 21.61 -55.97 -4.26
CA GLY D 953 22.70 -56.91 -4.17
C GLY D 953 22.39 -57.95 -3.12
N VAL D 954 23.39 -58.77 -2.81
CA VAL D 954 23.26 -59.83 -1.82
C VAL D 954 24.14 -59.49 -0.63
N PRO D 955 23.61 -59.55 0.59
CA PRO D 955 24.44 -59.25 1.76
C PRO D 955 25.49 -60.33 1.98
N HIS D 956 26.51 -59.98 2.77
CA HIS D 956 27.59 -60.90 3.07
C HIS D 956 27.05 -62.16 3.75
N GLY D 957 26.18 -61.99 4.74
CA GLY D 957 25.54 -63.14 5.37
C GLY D 957 24.58 -63.85 4.44
N GLY D 958 23.87 -63.10 3.61
CA GLY D 958 22.84 -63.65 2.76
C GLY D 958 21.45 -63.28 3.25
N PHE D 959 20.50 -63.30 2.32
CA PHE D 959 19.13 -62.90 2.64
C PHE D 959 18.53 -63.83 3.70
N PRO D 960 17.64 -63.31 4.54
CA PRO D 960 16.93 -64.18 5.50
C PRO D 960 15.95 -65.07 4.75
N GLU D 961 16.28 -66.35 4.65
CA GLU D 961 15.51 -67.26 3.80
C GLU D 961 14.04 -67.39 4.21
N PRO D 962 13.67 -67.60 5.48
CA PRO D 962 12.24 -67.74 5.79
C PRO D 962 11.47 -66.45 5.55
N PHE D 963 12.04 -65.32 5.98
CA PHE D 963 11.38 -64.04 5.75
C PHE D 963 11.28 -63.73 4.26
N ARG D 964 12.36 -63.99 3.50
CA ARG D 964 12.33 -63.74 2.06
C ARG D 964 11.29 -64.61 1.38
N SER D 965 11.21 -65.89 1.75
CA SER D 965 10.20 -66.76 1.16
C SER D 965 8.79 -66.31 1.52
N LYS D 966 8.58 -65.91 2.78
CA LYS D 966 7.26 -65.46 3.19
C LYS D 966 6.84 -64.20 2.43
N VAL D 967 7.76 -63.25 2.28
CA VAL D 967 7.38 -61.97 1.70
C VAL D 967 7.31 -62.06 0.17
N LEU D 968 8.43 -62.42 -0.47
CA LEU D 968 8.46 -62.46 -1.93
C LEU D 968 7.48 -63.50 -2.48
N LYS D 969 7.57 -64.73 -1.99
CA LYS D 969 6.69 -65.82 -2.39
C LYS D 969 6.66 -65.97 -3.91
N ASP D 970 5.53 -65.57 -4.52
CA ASP D 970 5.35 -65.68 -5.96
C ASP D 970 6.07 -64.59 -6.74
N LEU D 971 6.57 -63.54 -6.08
CA LEU D 971 7.23 -62.47 -6.79
C LEU D 971 8.53 -62.95 -7.44
N PRO D 972 8.88 -62.41 -8.60
CA PRO D 972 10.11 -62.84 -9.26
C PRO D 972 11.34 -62.54 -8.42
N ARG D 973 12.35 -63.39 -8.54
CA ARG D 973 13.61 -63.23 -7.84
C ARG D 973 14.74 -63.11 -8.86
N VAL D 974 15.54 -62.07 -8.74
CA VAL D 974 16.68 -61.86 -9.62
C VAL D 974 17.96 -62.14 -8.84
N GLU D 975 18.84 -62.93 -9.43
CA GLU D 975 20.09 -63.32 -8.79
C GLU D 975 21.27 -62.94 -9.68
N GLY D 976 22.46 -62.94 -9.08
CA GLY D 976 23.62 -62.43 -9.75
C GLY D 976 23.70 -60.92 -9.67
N ARG D 977 24.62 -60.35 -10.42
CA ARG D 977 24.76 -58.90 -10.45
C ARG D 977 23.65 -58.30 -11.30
N PRO D 978 22.78 -57.46 -10.73
CA PRO D 978 21.70 -56.87 -11.54
C PRO D 978 22.19 -56.01 -12.67
N GLY D 979 23.40 -55.45 -12.58
CA GLY D 979 23.92 -54.65 -13.68
C GLY D 979 24.12 -55.46 -14.95
N ALA D 980 24.68 -56.66 -14.82
CA ALA D 980 24.85 -57.53 -15.97
C ALA D 980 23.51 -57.95 -16.55
N SER D 981 22.55 -58.28 -15.67
CA SER D 981 21.25 -58.74 -16.14
C SER D 981 20.43 -57.64 -16.79
N LEU D 982 20.57 -56.40 -16.33
CA LEU D 982 19.75 -55.32 -16.88
C LEU D 982 20.18 -54.99 -18.30
N PRO D 983 19.24 -54.88 -19.23
CA PRO D 983 19.59 -54.52 -20.60
C PRO D 983 20.18 -53.11 -20.66
N PRO D 984 21.15 -52.89 -21.54
CA PRO D 984 21.69 -51.54 -21.72
C PRO D 984 20.62 -50.59 -22.24
N LEU D 985 20.70 -49.34 -21.83
CA LEU D 985 19.71 -48.33 -22.18
C LEU D 985 20.35 -47.35 -23.15
N ASP D 986 19.66 -47.10 -24.27
CA ASP D 986 20.18 -46.19 -25.27
C ASP D 986 20.06 -44.75 -24.81
N LEU D 987 21.16 -44.00 -24.92
CA LEU D 987 21.20 -42.60 -24.54
C LEU D 987 21.07 -41.66 -25.73
N GLN D 988 20.84 -42.20 -26.92
CA GLN D 988 20.74 -41.39 -28.13
C GLN D 988 19.29 -41.07 -28.50
N ALA D 989 18.39 -42.04 -28.39
CA ALA D 989 16.98 -41.77 -28.64
C ALA D 989 16.41 -40.79 -27.62
N LEU D 990 16.77 -40.96 -26.35
CA LEU D 990 16.30 -40.03 -25.31
C LEU D 990 16.85 -38.63 -25.57
N GLU D 991 18.09 -38.53 -26.03
CA GLU D 991 18.66 -37.23 -26.35
C GLU D 991 17.85 -36.53 -27.45
N LYS D 992 17.52 -37.26 -28.51
CA LYS D 992 16.72 -36.67 -29.58
C LYS D 992 15.34 -36.28 -29.09
N GLU D 993 14.72 -37.15 -28.28
CA GLU D 993 13.38 -36.85 -27.77
C GLU D 993 13.40 -35.59 -26.91
N LEU D 994 14.40 -35.46 -26.04
CA LEU D 994 14.50 -34.25 -25.22
C LEU D 994 14.75 -33.03 -26.08
N VAL D 995 15.68 -33.12 -27.04
CA VAL D 995 16.08 -31.93 -27.78
C VAL D 995 14.96 -31.43 -28.68
N ASP D 996 14.15 -32.34 -29.26
CA ASP D 996 13.09 -31.86 -30.14
C ASP D 996 11.81 -31.60 -29.36
N ARG D 997 11.67 -32.18 -28.17
CA ARG D 997 10.50 -31.88 -27.35
C ARG D 997 10.55 -30.46 -26.82
N HIS D 998 11.70 -30.04 -26.31
CA HIS D 998 11.87 -28.68 -25.80
C HIS D 998 13.35 -28.38 -25.73
N GLY D 999 13.69 -27.09 -25.65
CA GLY D 999 15.08 -26.68 -25.57
C GLY D 999 15.79 -26.77 -26.91
N GLU D 1000 16.85 -25.98 -27.06
CA GLU D 1000 17.62 -25.94 -28.30
C GLU D 1000 19.10 -26.18 -28.07
N GLU D 1001 19.47 -26.74 -26.92
CA GLU D 1001 20.86 -26.98 -26.56
C GLU D 1001 21.12 -28.48 -26.50
N VAL D 1002 22.30 -28.88 -26.95
CA VAL D 1002 22.73 -30.27 -26.96
C VAL D 1002 23.97 -30.42 -26.10
N THR D 1003 23.90 -31.29 -25.11
CA THR D 1003 25.01 -31.59 -24.22
C THR D 1003 24.76 -32.97 -23.64
N PRO D 1004 25.80 -33.72 -23.29
CA PRO D 1004 25.57 -35.02 -22.66
C PRO D 1004 25.16 -34.90 -21.20
N GLU D 1005 25.50 -33.76 -20.58
CA GLU D 1005 25.28 -33.58 -19.15
C GLU D 1005 23.80 -33.64 -18.80
N ASP D 1006 22.98 -32.85 -19.51
CA ASP D 1006 21.55 -32.86 -19.22
C ASP D 1006 20.92 -34.20 -19.59
N VAL D 1007 21.42 -34.85 -20.64
CA VAL D 1007 20.91 -36.17 -21.02
C VAL D 1007 21.13 -37.16 -19.89
N LEU D 1008 22.35 -37.18 -19.34
CA LEU D 1008 22.64 -38.05 -18.21
C LEU D 1008 21.78 -37.70 -17.00
N SER D 1009 21.62 -36.41 -16.73
CA SER D 1009 20.82 -35.99 -15.58
C SER D 1009 19.37 -36.47 -15.73
N ALA D 1010 18.81 -36.33 -16.93
CA ALA D 1010 17.45 -36.80 -17.17
C ALA D 1010 17.38 -38.31 -17.07
N ALA D 1011 18.43 -39.01 -17.51
CA ALA D 1011 18.46 -40.46 -17.34
C ALA D 1011 18.42 -40.84 -15.86
N MET D 1012 19.13 -40.08 -15.02
CA MET D 1012 19.08 -40.33 -13.58
C MET D 1012 17.71 -40.01 -13.01
N TYR D 1013 17.18 -38.83 -13.33
CA TYR D 1013 15.94 -38.33 -12.74
C TYR D 1013 15.10 -37.69 -13.83
N PRO D 1014 14.29 -38.48 -14.53
CA PRO D 1014 13.50 -37.92 -15.65
C PRO D 1014 12.48 -36.87 -15.21
N ASP D 1015 11.62 -37.23 -14.25
CA ASP D 1015 10.55 -36.30 -13.78
C ASP D 1015 11.17 -35.03 -13.17
N VAL D 1016 12.15 -35.19 -12.29
CA VAL D 1016 12.75 -34.01 -11.58
C VAL D 1016 13.39 -33.08 -12.62
N PHE D 1017 14.09 -33.63 -13.62
CA PHE D 1017 14.73 -32.80 -14.67
C PHE D 1017 13.69 -31.89 -15.30
N ALA D 1018 12.60 -32.46 -15.82
CA ALA D 1018 11.54 -31.67 -16.49
C ALA D 1018 11.05 -30.56 -15.55
N HIS D 1019 10.71 -30.91 -14.30
CA HIS D 1019 10.17 -29.91 -13.34
C HIS D 1019 11.17 -28.76 -13.15
N PHE D 1020 12.46 -29.07 -12.97
CA PHE D 1020 13.46 -28.01 -12.69
C PHE D 1020 13.64 -27.15 -13.95
N LYS D 1021 13.58 -27.76 -15.13
CA LYS D 1021 13.69 -27.00 -16.40
C LYS D 1021 12.53 -26.00 -16.49
N ASP D 1022 11.31 -26.44 -16.18
CA ASP D 1022 10.12 -25.56 -16.27
C ASP D 1022 10.29 -24.36 -15.34
N PHE D 1023 10.70 -24.61 -14.08
CA PHE D 1023 10.84 -23.52 -13.09
C PHE D 1023 11.83 -22.46 -13.59
N THR D 1024 12.99 -22.90 -14.10
CA THR D 1024 14.05 -21.93 -14.51
C THR D 1024 13.69 -21.27 -15.85
N ALA D 1025 12.66 -21.75 -16.54
CA ALA D 1025 12.21 -21.11 -17.80
C ALA D 1025 11.04 -20.17 -17.53
N THR D 1026 10.42 -20.30 -16.35
CA THR D 1026 9.25 -19.44 -16.00
C THR D 1026 9.71 -18.32 -15.07
N PHE D 1027 10.45 -18.66 -14.01
CA PHE D 1027 10.88 -17.67 -13.04
C PHE D 1027 12.32 -17.19 -13.27
N GLY D 1028 13.03 -17.78 -14.23
CA GLY D 1028 14.35 -17.32 -14.57
C GLY D 1028 15.46 -17.99 -13.78
N PRO D 1029 16.68 -17.46 -13.89
CA PRO D 1029 17.82 -18.08 -13.22
C PRO D 1029 17.81 -17.81 -11.71
N LEU D 1030 17.73 -18.88 -10.94
CA LEU D 1030 17.81 -18.79 -9.49
C LEU D 1030 19.27 -18.88 -9.06
N ASP D 1031 19.51 -19.11 -7.76
CA ASP D 1031 20.85 -19.24 -7.18
C ASP D 1031 21.76 -18.08 -7.59
N SER D 1032 21.16 -16.92 -7.84
CA SER D 1032 21.89 -15.68 -8.02
C SER D 1032 21.45 -14.61 -7.03
N LEU D 1033 20.49 -14.91 -6.17
CA LEU D 1033 19.94 -13.99 -5.19
C LEU D 1033 20.59 -14.21 -3.83
N ASN D 1034 20.17 -13.40 -2.86
CA ASN D 1034 20.57 -13.62 -1.48
C ASN D 1034 19.71 -14.73 -0.87
N THR D 1035 20.27 -15.40 0.15
CA THR D 1035 19.53 -16.47 0.80
C THR D 1035 18.27 -15.95 1.47
N ARG D 1036 18.38 -14.84 2.21
CA ARG D 1036 17.20 -14.19 2.75
C ARG D 1036 16.30 -13.67 1.65
N LEU D 1037 16.89 -13.21 0.54
CA LEU D 1037 16.11 -12.80 -0.61
C LEU D 1037 15.39 -13.99 -1.24
N PHE D 1038 16.06 -15.14 -1.30
CA PHE D 1038 15.45 -16.33 -1.89
C PHE D 1038 14.43 -16.96 -0.95
N LEU D 1039 14.63 -16.87 0.35
CA LEU D 1039 13.73 -17.47 1.33
C LEU D 1039 12.62 -16.50 1.76
N GLN D 1040 13.00 -15.35 2.33
CA GLN D 1040 12.03 -14.42 2.87
C GLN D 1040 11.48 -13.47 1.80
N GLY D 1041 12.37 -12.85 1.03
CA GLY D 1041 11.96 -11.89 0.04
C GLY D 1041 12.38 -10.48 0.42
N PRO D 1042 12.26 -9.54 -0.52
CA PRO D 1042 12.68 -8.16 -0.24
C PRO D 1042 11.72 -7.47 0.72
N LYS D 1043 12.28 -6.85 1.76
CA LYS D 1043 11.48 -6.04 2.65
C LYS D 1043 11.20 -4.69 2.02
N ILE D 1044 9.99 -4.17 2.27
CA ILE D 1044 9.56 -2.91 1.67
C ILE D 1044 10.46 -1.77 2.11
N ALA D 1045 10.68 -0.82 1.20
CA ALA D 1045 11.47 0.38 1.48
C ALA D 1045 12.89 0.03 1.92
N GLU D 1046 13.47 -0.98 1.29
CA GLU D 1046 14.85 -1.36 1.52
C GLU D 1046 15.48 -1.79 0.21
N GLU D 1047 16.59 -1.18 -0.15
CA GLU D 1047 17.20 -1.35 -1.46
C GLU D 1047 18.35 -2.34 -1.37
N PHE D 1048 18.33 -3.34 -2.24
CA PHE D 1048 19.33 -4.40 -2.26
C PHE D 1048 19.96 -4.46 -3.65
N GLU D 1049 20.79 -5.48 -3.85
CA GLU D 1049 21.57 -5.63 -5.07
C GLU D 1049 21.71 -7.09 -5.43
N VAL D 1050 21.58 -7.40 -6.72
CA VAL D 1050 21.72 -8.76 -7.23
C VAL D 1050 22.71 -8.73 -8.39
N GLU D 1051 23.66 -9.66 -8.37
CA GLU D 1051 24.62 -9.81 -9.45
C GLU D 1051 24.17 -10.91 -10.39
N LEU D 1052 24.29 -10.67 -11.69
CA LEU D 1052 23.79 -11.58 -12.70
C LEU D 1052 24.90 -12.18 -13.54
N GLU D 1053 25.80 -11.35 -14.07
CA GLU D 1053 26.95 -11.82 -14.83
C GLU D 1053 28.14 -10.97 -14.38
N ARG D 1054 29.27 -11.04 -15.07
CA ARG D 1054 30.41 -10.21 -14.70
C ARG D 1054 30.10 -8.72 -14.88
N GLY D 1055 29.27 -8.38 -15.85
CA GLY D 1055 28.94 -6.98 -16.10
C GLY D 1055 27.53 -6.62 -15.70
N LYS D 1056 26.63 -7.60 -15.68
CA LYS D 1056 25.23 -7.35 -15.34
C LYS D 1056 25.05 -7.22 -13.83
N THR D 1057 24.97 -5.98 -13.35
CA THR D 1057 24.71 -5.69 -11.95
C THR D 1057 23.38 -4.96 -11.85
N LEU D 1058 22.52 -5.38 -10.93
CA LEU D 1058 21.19 -4.81 -10.81
C LEU D 1058 20.93 -4.36 -9.39
N HIS D 1059 20.18 -3.27 -9.27
CA HIS D 1059 19.73 -2.75 -7.99
C HIS D 1059 18.21 -2.67 -8.00
N ILE D 1060 17.60 -3.21 -6.96
CA ILE D 1060 16.14 -3.37 -6.90
C ILE D 1060 15.63 -2.75 -5.60
N LYS D 1061 14.55 -1.97 -5.72
CA LYS D 1061 13.90 -1.37 -4.56
C LYS D 1061 12.40 -1.62 -4.66
N ALA D 1062 11.79 -2.04 -3.54
CA ALA D 1062 10.35 -2.32 -3.50
C ALA D 1062 9.60 -1.04 -3.09
N LEU D 1063 8.53 -0.70 -3.81
CA LEU D 1063 7.77 0.54 -3.51
C LEU D 1063 6.53 0.21 -2.68
N ALA D 1064 5.48 -0.36 -3.28
CA ALA D 1064 4.23 -0.61 -2.53
C ALA D 1064 3.46 -1.80 -3.11
N VAL D 1065 2.59 -2.43 -2.31
CA VAL D 1065 1.75 -3.50 -2.80
C VAL D 1065 0.30 -3.04 -2.76
N SER D 1066 -0.39 -3.13 -3.89
CA SER D 1066 -1.77 -2.71 -3.99
C SER D 1066 -2.68 -3.80 -3.42
N ASP D 1067 -3.99 -3.66 -3.63
CA ASP D 1067 -4.98 -4.59 -3.11
C ASP D 1067 -5.66 -5.35 -4.24
N LEU D 1068 -6.40 -6.38 -3.86
CA LEU D 1068 -7.10 -7.22 -4.82
C LEU D 1068 -8.07 -6.39 -5.64
N ASN D 1069 -7.88 -6.39 -6.96
CA ASN D 1069 -8.72 -5.55 -7.82
C ASN D 1069 -10.05 -6.23 -8.12
N ARG D 1070 -10.04 -7.33 -8.86
CA ARG D 1070 -11.30 -8.00 -9.19
C ARG D 1070 -11.30 -9.52 -9.02
N ALA D 1071 -10.19 -10.23 -9.18
CA ALA D 1071 -10.18 -11.67 -8.99
C ALA D 1071 -8.92 -12.14 -8.27
N GLY D 1072 -8.55 -11.47 -7.20
CA GLY D 1072 -7.36 -11.86 -6.46
C GLY D 1072 -6.07 -11.65 -7.21
N GLN D 1073 -5.96 -10.55 -7.92
CA GLN D 1073 -4.72 -10.15 -8.57
C GLN D 1073 -4.23 -8.85 -7.96
N ARG D 1074 -3.01 -8.88 -7.42
CA ARG D 1074 -2.38 -7.69 -6.85
C ARG D 1074 -1.40 -7.11 -7.85
N GLN D 1075 -1.07 -5.84 -7.63
CA GLN D 1075 -0.10 -5.13 -8.44
C GLN D 1075 1.03 -4.64 -7.55
N VAL D 1076 2.26 -4.96 -7.93
CA VAL D 1076 3.45 -4.61 -7.14
C VAL D 1076 4.31 -3.68 -7.98
N PHE D 1077 4.69 -2.54 -7.40
CA PHE D 1077 5.49 -1.55 -8.08
C PHE D 1077 6.94 -1.72 -7.67
N PHE D 1078 7.79 -2.08 -8.63
CA PHE D 1078 9.22 -2.35 -8.31
C PHE D 1078 10.07 -1.25 -8.94
N GLU D 1079 11.05 -0.74 -8.17
CA GLU D 1079 11.92 0.35 -8.69
C GLU D 1079 13.23 -0.27 -9.19
N LEU D 1080 13.18 -1.00 -10.31
CA LEU D 1080 14.42 -1.56 -10.89
C LEU D 1080 15.30 -0.38 -11.32
N ASN D 1081 16.56 -0.36 -10.90
CA ASN D 1081 17.49 0.70 -11.35
C ASN D 1081 16.86 2.07 -11.07
N GLY D 1082 16.79 2.93 -12.10
CA GLY D 1082 16.21 4.27 -11.93
C GLY D 1082 14.75 4.34 -12.32
N GLN D 1083 14.23 3.31 -13.01
CA GLN D 1083 12.83 3.37 -13.51
C GLN D 1083 11.87 2.58 -12.62
N LEU D 1084 10.61 2.41 -13.07
CA LEU D 1084 9.58 1.67 -12.28
C LEU D 1084 9.04 0.54 -13.16
N ARG D 1085 8.64 -0.58 -12.55
CA ARG D 1085 8.14 -1.75 -13.32
C ARG D 1085 6.92 -2.35 -12.60
N SER D 1086 5.76 -2.32 -13.26
CA SER D 1086 4.54 -2.84 -12.66
C SER D 1086 4.35 -4.28 -13.13
N ILE D 1087 4.04 -5.17 -12.20
CA ILE D 1087 3.78 -6.57 -12.51
C ILE D 1087 2.47 -6.99 -11.83
N LEU D 1088 1.84 -8.02 -12.38
CA LEU D 1088 0.62 -8.57 -11.83
C LEU D 1088 0.87 -10.01 -11.42
N VAL D 1089 0.50 -10.34 -10.18
CA VAL D 1089 0.73 -11.66 -9.60
C VAL D 1089 -0.59 -12.20 -9.09
N LYS D 1090 -0.77 -13.52 -9.19
CA LYS D 1090 -2.01 -14.18 -8.80
C LYS D 1090 -1.93 -14.57 -7.33
N ASP D 1091 -2.79 -13.98 -6.51
CA ASP D 1091 -2.87 -14.35 -5.11
C ASP D 1091 -3.46 -15.74 -4.96
N THR D 1092 -3.01 -16.47 -3.93
CA THR D 1092 -3.51 -17.80 -3.67
C THR D 1092 -4.17 -17.94 -2.30
N GLN D 1093 -3.61 -17.34 -1.25
CA GLN D 1093 -4.27 -17.37 0.05
C GLN D 1093 -5.59 -16.63 0.06
N ALA D 1094 -5.85 -15.77 -0.93
CA ALA D 1094 -7.15 -15.15 -1.06
C ALA D 1094 -8.19 -16.18 -1.46
N MET D 1095 -9.43 -15.72 -1.66
CA MET D 1095 -10.50 -16.62 -2.05
C MET D 1095 -10.13 -17.30 -3.35
N LYS D 1096 -10.25 -18.63 -3.39
CA LYS D 1096 -9.98 -19.40 -4.59
C LYS D 1096 -11.17 -20.21 -5.06
N GLU D 1097 -12.37 -19.79 -4.68
CA GLU D 1097 -13.59 -20.46 -5.22
C GLU D 1097 -13.81 -19.95 -6.65
N MET D 1098 -14.00 -20.85 -7.61
CA MET D 1098 -14.09 -20.41 -9.02
C MET D 1098 -15.55 -20.12 -9.39
N HIS D 1099 -15.90 -18.85 -9.57
CA HIS D 1099 -17.28 -18.47 -10.00
C HIS D 1099 -17.22 -17.91 -11.42
N PHE D 1100 -16.07 -18.02 -12.08
CA PHE D 1100 -15.92 -17.43 -13.44
C PHE D 1100 -16.05 -18.52 -14.51
N HIS D 1101 -16.04 -18.12 -15.79
CA HIS D 1101 -16.16 -19.09 -16.91
C HIS D 1101 -14.91 -19.98 -16.96
N PRO D 1102 -14.98 -21.35 -16.92
CA PRO D 1102 -13.76 -22.15 -16.86
C PRO D 1102 -13.04 -22.18 -18.20
N LYS D 1103 -11.74 -22.44 -18.13
CA LYS D 1103 -10.90 -22.55 -19.32
C LYS D 1103 -11.15 -23.89 -20.01
N ALA D 1104 -11.08 -23.87 -21.34
CA ALA D 1104 -11.18 -25.10 -22.11
C ALA D 1104 -9.94 -25.95 -21.92
N LEU D 1105 -10.10 -27.26 -22.08
CA LEU D 1105 -9.03 -28.23 -21.87
C LEU D 1105 -8.32 -28.50 -23.20
N LYS D 1106 -7.00 -28.30 -23.23
CA LYS D 1106 -6.24 -28.47 -24.46
C LYS D 1106 -6.00 -29.94 -24.78
N ASP D 1107 -6.03 -30.81 -23.76
CA ASP D 1107 -5.72 -32.22 -23.99
C ASP D 1107 -6.73 -32.87 -24.93
N VAL D 1108 -8.01 -32.59 -24.73
CA VAL D 1108 -9.05 -33.16 -25.58
C VAL D 1108 -9.17 -32.30 -26.83
N LYS D 1109 -8.85 -32.89 -27.99
CA LYS D 1109 -8.98 -32.15 -29.24
C LYS D 1109 -10.44 -31.97 -29.64
N GLY D 1110 -11.32 -32.88 -29.20
CA GLY D 1110 -12.74 -32.70 -29.42
C GLY D 1110 -13.29 -31.48 -28.72
N GLN D 1111 -12.71 -31.13 -27.57
CA GLN D 1111 -13.09 -29.91 -26.88
C GLN D 1111 -12.78 -28.69 -27.73
N ILE D 1112 -13.64 -27.68 -27.64
CA ILE D 1112 -13.59 -26.53 -28.54
C ILE D 1112 -13.14 -25.31 -27.76
N GLY D 1113 -12.06 -24.69 -28.24
CA GLY D 1113 -11.55 -23.46 -27.65
C GLY D 1113 -11.29 -22.40 -28.70
N ALA D 1114 -11.44 -21.13 -28.33
CA ALA D 1114 -11.24 -20.04 -29.26
C ALA D 1114 -9.76 -19.84 -29.55
N PRO D 1115 -9.32 -19.93 -30.80
CA PRO D 1115 -7.90 -19.68 -31.10
C PRO D 1115 -7.46 -18.26 -30.76
N MET D 1116 -8.36 -17.29 -30.84
CA MET D 1116 -8.05 -15.89 -30.61
C MET D 1116 -9.02 -15.28 -29.62
N PRO D 1117 -8.60 -14.28 -28.85
CA PRO D 1117 -9.51 -13.63 -27.90
C PRO D 1117 -10.63 -12.89 -28.63
N GLY D 1118 -11.80 -12.84 -27.99
CA GLY D 1118 -12.92 -12.14 -28.56
C GLY D 1118 -14.18 -12.42 -27.77
N LYS D 1119 -15.26 -11.77 -28.19
CA LYS D 1119 -16.58 -11.95 -27.59
C LYS D 1119 -17.55 -12.46 -28.63
N VAL D 1120 -18.36 -13.45 -28.24
CA VAL D 1120 -19.31 -14.04 -29.18
C VAL D 1120 -20.50 -13.09 -29.33
N ILE D 1121 -20.80 -12.74 -30.58
CA ILE D 1121 -21.92 -11.84 -30.88
C ILE D 1121 -23.18 -12.67 -31.05
N ASP D 1122 -23.12 -13.67 -31.92
CA ASP D 1122 -24.25 -14.56 -32.17
C ASP D 1122 -23.74 -15.99 -32.31
N ILE D 1123 -24.62 -16.94 -32.03
CA ILE D 1123 -24.33 -18.35 -32.15
C ILE D 1123 -25.26 -18.94 -33.21
N LYS D 1124 -24.67 -19.57 -34.22
CA LYS D 1124 -25.46 -20.10 -35.33
C LYS D 1124 -26.39 -21.23 -34.88
N VAL D 1125 -25.94 -22.05 -33.95
CA VAL D 1125 -26.67 -23.24 -33.52
C VAL D 1125 -27.28 -22.98 -32.16
N VAL D 1126 -28.61 -22.96 -32.11
CA VAL D 1126 -29.33 -22.93 -30.84
C VAL D 1126 -29.27 -24.33 -30.23
N ALA D 1127 -29.33 -24.40 -28.91
CA ALA D 1127 -29.18 -25.67 -28.21
C ALA D 1127 -30.22 -26.68 -28.71
N GLY D 1128 -29.74 -27.86 -29.08
CA GLY D 1128 -30.60 -28.91 -29.57
C GLY D 1128 -30.63 -29.07 -31.08
N ALA D 1129 -29.56 -28.71 -31.78
CA ALA D 1129 -29.50 -28.81 -33.23
C ALA D 1129 -28.24 -29.53 -33.67
N LYS D 1130 -28.34 -30.21 -34.81
CA LYS D 1130 -27.20 -30.95 -35.36
C LYS D 1130 -26.13 -30.00 -35.89
N VAL D 1131 -24.88 -30.43 -35.79
CA VAL D 1131 -23.74 -29.68 -36.34
C VAL D 1131 -22.93 -30.61 -37.21
N ALA D 1132 -22.61 -30.16 -38.42
CA ALA D 1132 -21.80 -30.94 -39.34
C ALA D 1132 -20.40 -30.33 -39.47
N LYS D 1133 -19.53 -31.04 -40.18
CA LYS D 1133 -18.18 -30.55 -40.43
C LYS D 1133 -18.22 -29.35 -41.37
N GLY D 1134 -17.32 -28.40 -41.12
CA GLY D 1134 -17.23 -27.22 -41.97
C GLY D 1134 -18.47 -26.36 -41.95
N GLN D 1135 -19.06 -26.15 -40.78
CA GLN D 1135 -20.26 -25.35 -40.65
C GLN D 1135 -20.04 -24.22 -39.66
N PRO D 1136 -20.47 -22.99 -40.00
CA PRO D 1136 -20.30 -21.87 -39.06
C PRO D 1136 -21.04 -22.10 -37.76
N LEU D 1137 -20.40 -21.74 -36.66
CA LEU D 1137 -20.97 -21.90 -35.32
C LEU D 1137 -21.11 -20.58 -34.59
N CYS D 1138 -20.08 -19.74 -34.61
CA CYS D 1138 -20.12 -18.47 -33.89
C CYS D 1138 -19.11 -17.52 -34.52
N VAL D 1139 -19.15 -16.27 -34.07
CA VAL D 1139 -18.28 -15.22 -34.57
C VAL D 1139 -17.40 -14.74 -33.43
N LEU D 1140 -16.08 -14.70 -33.68
CA LEU D 1140 -15.11 -14.23 -32.70
C LEU D 1140 -14.48 -12.95 -33.21
N SER D 1141 -14.26 -11.99 -32.30
CA SER D 1141 -13.85 -10.64 -32.66
C SER D 1141 -12.34 -10.53 -32.60
N ALA D 1142 -11.69 -10.56 -33.77
CA ALA D 1142 -10.27 -10.25 -33.87
C ALA D 1142 -10.08 -8.78 -34.21
N MET D 1143 -8.87 -8.41 -34.62
CA MET D 1143 -8.53 -7.04 -34.96
C MET D 1143 -9.47 -6.51 -36.04
N LYS D 1144 -9.44 -7.13 -37.23
CA LYS D 1144 -10.39 -6.83 -38.29
C LYS D 1144 -10.87 -8.08 -39.04
N MET D 1145 -10.80 -9.25 -38.41
CA MET D 1145 -10.97 -10.51 -39.12
C MET D 1145 -11.86 -11.42 -38.29
N GLU D 1146 -12.65 -12.26 -38.96
CA GLU D 1146 -13.70 -13.04 -38.32
C GLU D 1146 -13.54 -14.53 -38.63
N THR D 1147 -13.67 -15.36 -37.61
CA THR D 1147 -13.51 -16.81 -37.74
C THR D 1147 -14.75 -17.52 -37.23
N VAL D 1148 -15.21 -18.52 -37.96
CA VAL D 1148 -16.26 -19.43 -37.51
C VAL D 1148 -15.63 -20.77 -37.21
N VAL D 1149 -16.01 -21.36 -36.08
CA VAL D 1149 -15.40 -22.62 -35.64
C VAL D 1149 -16.05 -23.79 -36.37
N THR D 1150 -15.22 -24.72 -36.84
CA THR D 1150 -15.70 -25.95 -37.45
C THR D 1150 -15.59 -27.10 -36.47
N SER D 1151 -16.65 -27.88 -36.38
CA SER D 1151 -16.71 -28.98 -35.42
C SER D 1151 -15.91 -30.18 -35.92
N PRO D 1152 -14.90 -30.63 -35.18
CA PRO D 1152 -14.16 -31.83 -35.61
C PRO D 1152 -15.03 -33.09 -35.64
N MET D 1153 -16.02 -33.18 -34.77
CA MET D 1153 -16.84 -34.38 -34.64
C MET D 1153 -18.29 -33.96 -34.45
N GLU D 1154 -19.20 -34.81 -34.91
CA GLU D 1154 -20.64 -34.57 -34.78
C GLU D 1154 -21.04 -34.93 -33.35
N GLY D 1155 -21.71 -34.01 -32.67
CA GLY D 1155 -22.11 -34.24 -31.29
C GLY D 1155 -23.35 -33.47 -30.94
N THR D 1156 -24.05 -33.97 -29.93
CA THR D 1156 -25.29 -33.35 -29.49
C THR D 1156 -25.01 -32.24 -28.49
N VAL D 1157 -25.68 -31.10 -28.67
CA VAL D 1157 -25.55 -29.96 -27.78
C VAL D 1157 -26.75 -29.89 -26.85
N ARG D 1158 -26.48 -29.74 -25.55
CA ARG D 1158 -27.52 -29.58 -24.54
C ARG D 1158 -27.57 -28.17 -23.96
N LYS D 1159 -26.44 -27.69 -23.44
CA LYS D 1159 -26.37 -26.37 -22.81
C LYS D 1159 -25.15 -25.65 -23.35
N VAL D 1160 -25.33 -24.38 -23.71
CA VAL D 1160 -24.24 -23.56 -24.24
C VAL D 1160 -23.47 -23.03 -23.05
N HIS D 1161 -22.22 -23.51 -22.91
CA HIS D 1161 -21.35 -23.05 -21.85
C HIS D 1161 -20.94 -21.60 -22.04
N VAL D 1162 -20.76 -21.18 -23.29
CA VAL D 1162 -20.40 -19.79 -23.59
C VAL D 1162 -21.58 -18.85 -23.37
N THR D 1163 -22.80 -19.39 -23.29
CA THR D 1163 -24.04 -18.62 -23.16
C THR D 1163 -24.11 -17.68 -24.37
N LYS D 1164 -24.36 -16.37 -24.19
CA LYS D 1164 -24.52 -15.48 -25.32
C LYS D 1164 -24.23 -14.05 -24.88
N ASP D 1165 -23.46 -13.34 -25.69
CA ASP D 1165 -23.15 -11.92 -25.49
C ASP D 1165 -22.60 -11.66 -24.08
N MET D 1166 -21.53 -12.38 -23.75
CA MET D 1166 -20.86 -12.21 -22.47
C MET D 1166 -19.37 -12.03 -22.71
N THR D 1167 -18.74 -11.24 -21.84
CA THR D 1167 -17.31 -10.99 -21.97
C THR D 1167 -16.52 -12.28 -21.76
N LEU D 1168 -15.64 -12.58 -22.71
CA LEU D 1168 -14.85 -13.80 -22.66
C LEU D 1168 -13.51 -13.55 -23.33
N GLU D 1169 -12.52 -14.38 -22.97
CA GLU D 1169 -11.18 -14.29 -23.54
C GLU D 1169 -10.86 -15.55 -24.34
N GLY D 1170 -9.66 -15.59 -24.89
CA GLY D 1170 -9.31 -16.63 -25.84
C GLY D 1170 -9.21 -18.01 -25.20
N ASP D 1171 -9.49 -19.03 -26.02
CA ASP D 1171 -9.35 -20.44 -25.63
C ASP D 1171 -10.18 -20.75 -24.39
N ASP D 1172 -11.50 -20.62 -24.56
CA ASP D 1172 -12.45 -20.92 -23.49
C ASP D 1172 -13.52 -21.88 -24.01
N LEU D 1173 -14.10 -22.65 -23.11
CA LEU D 1173 -15.10 -23.66 -23.46
C LEU D 1173 -16.36 -23.00 -24.00
N ILE D 1174 -16.65 -23.21 -25.28
CA ILE D 1174 -17.87 -22.69 -25.88
C ILE D 1174 -18.83 -23.84 -26.13
N LEU D 1175 -18.29 -25.03 -26.41
CA LEU D 1175 -19.10 -26.22 -26.63
C LEU D 1175 -18.29 -27.45 -26.25
N GLU D 1176 -18.92 -28.36 -25.52
CA GLU D 1176 -18.32 -29.62 -25.10
C GLU D 1176 -19.31 -30.73 -25.41
N ILE D 1177 -18.79 -31.87 -25.90
CA ILE D 1177 -19.61 -33.00 -26.30
C ILE D 1177 -19.29 -34.18 -25.40
N GLU D 1178 -20.30 -34.74 -24.76
CA GLU D 1178 -20.13 -35.91 -23.90
C GLU D 1178 -20.61 -37.17 -24.61
#